data_4RKD
#
_entry.id   4RKD
#
_cell.length_a   92.250
_cell.length_b   103.230
_cell.length_c   165.780
_cell.angle_alpha   90.00
_cell.angle_beta   98.58
_cell.angle_gamma   90.00
#
_symmetry.space_group_name_H-M   'P 1 21 1'
#
loop_
_entity.id
_entity.type
_entity.pdbx_description
1 polymer 'Aromatic amino acid aminotransferase'
2 non-polymer 'MAGNESIUM ION'
3 non-polymer "PYRIDOXAL-5'-PHOSPHATE"
4 non-polymer '2-[(3-HYDROXY-2-METHYL-5-PHOSPHONOOXYMETHYL-PYRIDIN-4-YLMETHYLENE)-AMINO]-SUCCINIC ACID'
5 non-polymer 'OXALOACETATE ION'
6 non-polymer "4'-DEOXY-4'-AMINOPYRIDOXAL-5'-PHOSPHATE"
7 water water
#
_entity_poly.entity_id   1
_entity_poly.type   'polypeptide(L)'
_entity_poly.pdbx_seq_one_letter_code
;MFERIDYYAGDPILGLVEKFAADNNPDKVNLGIGIYYDESGVMPVLDCVKIAEQRIADPISPRPYLPMAGLPGHRKGCQE
LLFGKDAPVLKDGLVATIATIGGSGALKVGAEFIHEWFPQSKCYVSDPTWGNHIAIFEGCDIEVGKYPYYDTATGGIKFD
EMIAFFETLNKDDVLLLHPCCHNPTGVDLTREQWDTVLNVIQERELIPFMDIAYQGFGEDMDSDAYAIRKAVDMGLPLFV
SNSFSKNLSLYGERVGGLSVVCPTVDETERVFGQLNSTVRRIYSSPPSHGGRVVDIVMNDAALHEQWVGEVYAMRDRIKS
MRTKLKSVLEAKISGRNFDYLTAQNGMFSFTGLTPEQVERLQSEFGIYMISNSRMCVAGLNSSNIDYVANAMVDVLKD
;
_entity_poly.pdbx_strand_id   A,B,C,D,E,F,G,H
#
# COMPACT_ATOMS: atom_id res chain seq x y z
N MET A 1 -17.09 36.88 43.12
CA MET A 1 -16.24 36.56 41.93
C MET A 1 -14.74 36.34 42.28
N PHE A 2 -14.23 37.21 43.14
CA PHE A 2 -12.84 37.14 43.47
C PHE A 2 -12.56 36.79 44.91
N GLU A 3 -13.42 36.02 45.58
CA GLU A 3 -13.24 35.71 47.03
C GLU A 3 -11.99 34.88 47.20
N ARG A 4 -11.65 34.24 46.11
CA ARG A 4 -10.61 33.28 46.19
C ARG A 4 -9.21 33.89 46.01
N ILE A 5 -9.12 35.15 45.57
CA ILE A 5 -7.84 35.89 45.38
C ILE A 5 -7.14 36.30 46.71
N ASP A 6 -5.82 36.10 46.83
CA ASP A 6 -5.09 36.40 48.09
C ASP A 6 -4.89 37.88 48.39
N TYR A 7 -4.86 38.27 49.67
CA TYR A 7 -4.36 39.64 50.00
C TYR A 7 -2.89 39.77 49.57
N TYR A 8 -2.50 40.89 48.95
CA TYR A 8 -1.10 41.09 48.68
C TYR A 8 -0.43 41.76 49.86
N ALA A 9 0.59 41.08 50.38
CA ALA A 9 1.25 41.45 51.63
C ALA A 9 1.74 42.88 51.52
N GLY A 10 2.30 43.22 50.38
CA GLY A 10 2.66 44.61 50.08
C GLY A 10 4.16 44.66 49.90
N ASP A 11 4.65 45.75 49.29
CA ASP A 11 6.10 45.88 49.15
C ASP A 11 6.70 46.21 50.51
N PRO A 12 7.50 45.25 51.08
CA PRO A 12 7.69 45.26 52.55
C PRO A 12 8.21 46.57 53.14
N ILE A 13 9.07 47.24 52.39
CA ILE A 13 9.66 48.49 52.85
C ILE A 13 8.73 49.72 52.89
N LEU A 14 7.76 49.80 51.96
CA LEU A 14 6.92 51.00 51.80
C LEU A 14 5.94 51.26 52.96
N GLY A 15 5.44 50.18 53.54
CA GLY A 15 4.70 50.22 54.80
C GLY A 15 5.56 50.69 55.97
N LEU A 16 6.87 50.46 55.87
CA LEU A 16 7.88 50.98 56.83
C LEU A 16 8.13 52.50 56.68
N VAL A 17 8.06 53.01 55.45
CA VAL A 17 8.05 54.46 55.19
C VAL A 17 6.87 55.11 55.89
N GLU A 18 5.73 54.40 55.85
CA GLU A 18 4.51 54.80 56.52
C GLU A 18 4.74 54.88 58.04
N LYS A 19 5.35 53.84 58.64
CA LYS A 19 5.64 53.81 60.12
C LYS A 19 6.65 54.87 60.64
N PHE A 20 7.78 55.06 59.93
CA PHE A 20 8.68 56.21 60.16
C PHE A 20 7.91 57.53 59.97
N ALA A 21 7.25 57.70 58.79
CA ALA A 21 6.38 58.86 58.51
C ALA A 21 5.41 59.11 59.67
N ALA A 22 4.81 58.03 60.18
CA ALA A 22 4.04 58.02 61.46
C ALA A 22 4.80 58.46 62.74
N ASP A 23 6.02 57.96 62.93
CA ASP A 23 6.88 58.29 64.08
C ASP A 23 6.91 59.79 64.49
N ASN A 24 6.66 60.02 65.78
CA ASN A 24 6.55 61.37 66.38
C ASN A 24 7.84 62.11 66.68
N ASN A 25 8.95 61.38 66.75
CA ASN A 25 10.22 61.88 67.26
C ASN A 25 10.83 63.02 66.42
N PRO A 26 11.32 64.10 67.08
CA PRO A 26 12.01 65.23 66.42
C PRO A 26 13.23 64.82 65.56
N ASP A 27 13.96 63.86 66.11
CA ASP A 27 15.23 63.36 65.58
C ASP A 27 15.08 62.08 64.75
N LYS A 28 13.91 61.88 64.15
CA LYS A 28 13.69 60.74 63.30
C LYS A 28 14.60 60.80 62.07
N VAL A 29 15.01 59.62 61.62
CA VAL A 29 15.86 59.45 60.45
C VAL A 29 15.35 58.22 59.69
N ASN A 30 15.33 58.29 58.37
CA ASN A 30 14.91 57.16 57.56
C ASN A 30 16.03 56.49 56.70
N LEU A 31 16.62 55.40 57.20
CA LEU A 31 17.74 54.75 56.51
C LEU A 31 17.36 53.43 55.85
N GLY A 32 16.07 53.28 55.57
CA GLY A 32 15.54 52.04 55.07
C GLY A 32 15.39 51.95 53.58
N ILE A 33 15.01 53.07 52.96
CA ILE A 33 14.68 53.08 51.52
C ILE A 33 15.95 53.27 50.73
N GLY A 34 15.90 52.95 49.43
CA GLY A 34 17.08 52.88 48.57
C GLY A 34 17.38 54.10 47.71
N ILE A 35 17.09 55.28 48.22
CA ILE A 35 17.09 56.46 47.41
C ILE A 35 18.36 57.21 47.75
N TYR A 36 19.02 57.80 46.77
CA TYR A 36 20.13 58.64 47.09
C TYR A 36 19.66 60.05 47.46
N TYR A 37 20.09 60.49 48.65
CA TYR A 37 19.96 61.85 49.16
C TYR A 37 21.29 62.66 49.24
N ASP A 38 21.24 63.95 48.92
CA ASP A 38 22.38 64.83 49.00
C ASP A 38 22.79 65.22 50.42
N GLU A 39 23.79 66.08 50.55
CA GLU A 39 24.25 66.48 51.86
C GLU A 39 23.18 67.20 52.74
N SER A 40 22.06 67.59 52.13
CA SER A 40 20.92 68.27 52.81
C SER A 40 19.77 67.32 53.05
N GLY A 41 19.95 66.06 52.64
CA GLY A 41 18.99 64.98 52.86
C GLY A 41 17.83 65.05 51.92
N VAL A 42 18.06 65.61 50.75
CA VAL A 42 16.97 65.85 49.80
C VAL A 42 17.18 65.07 48.51
N MET A 43 16.15 64.78 47.72
CA MET A 43 16.44 64.08 46.47
C MET A 43 16.88 65.05 45.39
N PRO A 44 18.06 64.84 44.83
CA PRO A 44 18.43 65.93 43.95
C PRO A 44 17.99 65.65 42.57
N VAL A 45 18.02 66.72 41.78
CA VAL A 45 17.90 66.77 40.32
C VAL A 45 19.27 67.14 39.78
N LEU A 46 19.87 66.22 39.03
CA LEU A 46 21.22 66.43 38.53
C LEU A 46 21.37 67.60 37.56
N ASP A 47 22.43 68.39 37.73
CA ASP A 47 22.65 69.59 36.90
C ASP A 47 22.58 69.33 35.41
N CYS A 48 23.22 68.26 34.96
CA CYS A 48 23.02 67.79 33.58
C CYS A 48 21.57 67.32 33.22
N VAL A 49 20.84 66.74 34.20
CA VAL A 49 19.47 66.30 34.00
C VAL A 49 18.58 67.53 33.81
N LYS A 50 18.79 68.57 34.62
CA LYS A 50 18.15 69.88 34.49
C LYS A 50 18.22 70.37 33.03
N ILE A 51 19.45 70.38 32.51
CA ILE A 51 19.72 70.90 31.17
C ILE A 51 18.93 70.09 30.15
N ALA A 52 18.90 68.80 30.35
CA ALA A 52 18.25 67.98 29.35
C ALA A 52 16.77 68.26 29.25
N GLU A 53 16.13 68.45 30.40
CA GLU A 53 14.70 68.52 30.38
C GLU A 53 14.33 69.89 29.92
N GLN A 54 15.24 70.84 30.13
CA GLN A 54 15.09 72.18 29.54
C GLN A 54 14.99 72.07 28.05
N ARG A 55 15.78 71.16 27.48
CA ARG A 55 15.76 70.96 26.04
C ARG A 55 14.50 70.28 25.58
N ILE A 56 14.06 69.24 26.33
CA ILE A 56 12.80 68.56 26.05
C ILE A 56 11.62 69.50 26.06
N ALA A 57 11.62 70.48 26.95
CA ALA A 57 10.52 71.43 27.03
C ALA A 57 10.65 72.50 25.95
N ASP A 58 11.70 72.47 25.14
CA ASP A 58 11.84 73.55 24.20
C ASP A 58 12.39 73.21 22.81
N PRO A 59 11.49 73.07 21.83
CA PRO A 59 10.01 73.14 22.00
C PRO A 59 9.37 71.85 22.63
N ILE A 60 8.22 71.97 23.27
CA ILE A 60 7.40 70.77 23.48
C ILE A 60 7.10 70.14 22.07
N SER A 61 7.48 68.89 21.84
CA SER A 61 7.45 68.29 20.48
C SER A 61 6.42 67.19 20.43
N PRO A 62 5.93 66.76 19.25
CA PRO A 62 4.92 65.69 19.28
C PRO A 62 5.41 64.44 19.97
N ARG A 63 4.52 63.60 20.47
CA ARG A 63 5.00 62.44 21.22
C ARG A 63 4.73 61.09 20.56
N PRO A 64 5.45 60.77 19.47
CA PRO A 64 5.15 59.49 18.80
C PRO A 64 5.66 58.31 19.57
N TYR A 65 5.40 57.11 19.06
CA TYR A 65 5.96 55.92 19.71
C TYR A 65 7.49 55.84 19.47
N LEU A 66 8.23 55.47 20.50
CA LEU A 66 9.62 55.11 20.35
C LEU A 66 9.64 53.71 19.68
N PRO A 67 10.76 53.31 19.03
CA PRO A 67 10.73 51.91 18.55
C PRO A 67 10.61 50.99 19.79
N MET A 68 10.23 49.74 19.57
CA MET A 68 10.21 48.74 20.63
C MET A 68 11.47 48.69 21.45
N ALA A 69 12.65 48.89 20.82
CA ALA A 69 13.94 48.81 21.47
C ALA A 69 14.33 50.14 22.19
N GLY A 70 13.45 51.15 22.15
CA GLY A 70 13.82 52.50 22.63
C GLY A 70 14.73 53.30 21.68
N LEU A 71 15.08 54.53 22.10
CA LEU A 71 15.93 55.41 21.27
C LEU A 71 17.29 54.77 20.91
N PRO A 72 17.63 54.77 19.61
CA PRO A 72 18.97 54.32 19.21
C PRO A 72 20.10 54.93 20.12
N GLY A 73 19.98 56.23 20.43
CA GLY A 73 20.87 56.88 21.39
C GLY A 73 20.91 56.35 22.84
N HIS A 74 19.77 56.14 23.49
CA HIS A 74 19.62 55.53 24.81
C HIS A 74 20.36 54.20 24.75
N ARG A 75 19.97 53.39 23.75
CA ARG A 75 20.58 52.08 23.54
C ARG A 75 22.12 52.15 23.51
N LYS A 76 22.66 53.15 22.76
CA LYS A 76 24.11 53.38 22.69
C LYS A 76 24.70 53.77 24.07
N GLY A 77 24.11 54.73 24.78
CA GLY A 77 24.64 55.13 26.07
C GLY A 77 24.80 53.96 27.00
N CYS A 78 23.78 53.09 27.10
CA CYS A 78 23.84 51.84 27.88
C CYS A 78 25.05 51.04 27.48
N GLN A 79 25.13 50.77 26.17
CA GLN A 79 26.22 49.94 25.64
C GLN A 79 27.60 50.52 25.95
N GLU A 80 27.79 51.82 25.68
CA GLU A 80 29.10 52.45 25.87
C GLU A 80 29.44 52.40 27.35
N LEU A 81 28.48 52.76 28.21
CA LEU A 81 28.75 52.86 29.64
C LEU A 81 29.17 51.50 30.15
N LEU A 82 28.46 50.48 29.74
CA LEU A 82 28.73 49.19 30.29
C LEU A 82 29.97 48.49 29.70
N PHE A 83 30.19 48.51 28.40
CA PHE A 83 31.29 47.71 27.84
C PHE A 83 32.51 48.58 27.49
N GLY A 84 32.37 49.91 27.63
CA GLY A 84 33.44 50.87 27.33
C GLY A 84 33.25 51.56 25.98
N LYS A 85 33.64 52.83 25.89
CA LYS A 85 33.51 53.58 24.63
C LYS A 85 34.22 52.87 23.47
N ASP A 86 33.53 52.74 22.34
CA ASP A 86 34.08 52.03 21.16
C ASP A 86 34.78 50.69 21.47
N ALA A 87 34.23 49.92 22.38
CA ALA A 87 34.77 48.65 22.78
C ALA A 87 34.74 47.64 21.68
N PRO A 88 35.78 46.82 21.59
CA PRO A 88 35.82 45.69 20.66
C PRO A 88 34.44 45.02 20.44
N VAL A 89 33.74 44.71 21.53
CA VAL A 89 32.46 44.00 21.44
C VAL A 89 31.38 44.81 20.69
N LEU A 90 31.50 46.14 20.75
CA LEU A 90 30.50 47.04 20.16
C LEU A 90 30.76 47.25 18.69
N LYS A 91 32.01 47.57 18.34
CA LYS A 91 32.45 47.59 16.95
C LYS A 91 32.08 46.33 16.10
N ASP A 92 32.42 45.15 16.63
CA ASP A 92 32.06 43.85 16.02
C ASP A 92 30.57 43.56 15.82
N GLY A 93 29.71 44.50 16.24
CA GLY A 93 28.25 44.28 16.35
C GLY A 93 27.73 43.06 17.13
N LEU A 94 28.30 42.72 18.29
CA LEU A 94 27.87 41.50 18.95
C LEU A 94 26.95 41.62 20.18
N VAL A 95 26.46 42.83 20.50
CA VAL A 95 25.59 43.02 21.65
C VAL A 95 24.22 43.52 21.25
N ALA A 96 23.21 42.70 21.53
CA ALA A 96 21.79 43.04 21.35
C ALA A 96 21.31 43.82 22.60
N THR A 97 20.84 45.07 22.41
CA THR A 97 20.53 45.99 23.52
C THR A 97 19.23 46.73 23.29
N ILE A 98 18.33 46.76 24.28
CA ILE A 98 17.04 47.48 24.24
C ILE A 98 16.93 48.40 25.46
N ALA A 99 16.30 49.56 25.27
CA ALA A 99 15.95 50.45 26.39
C ALA A 99 14.87 49.71 27.18
N THR A 100 14.83 49.93 28.50
CA THR A 100 13.83 49.20 29.27
C THR A 100 13.21 50.07 30.31
N ILE A 101 12.14 49.55 30.89
CA ILE A 101 11.40 50.28 31.91
C ILE A 101 12.10 49.93 33.20
N GLY A 102 13.17 50.67 33.46
CA GLY A 102 13.95 50.48 34.67
C GLY A 102 14.89 49.30 34.46
N GLY A 103 15.76 49.08 35.43
CA GLY A 103 16.41 47.80 35.50
C GLY A 103 15.34 46.72 35.60
N SER A 104 14.22 47.02 36.31
CA SER A 104 13.26 45.98 36.66
C SER A 104 12.75 45.39 35.35
N GLY A 105 12.40 46.28 34.41
CA GLY A 105 11.91 45.89 33.07
C GLY A 105 13.00 45.10 32.31
N ALA A 106 14.28 45.44 32.54
CA ALA A 106 15.39 44.65 31.96
C ALA A 106 15.42 43.20 32.51
N LEU A 107 15.39 43.08 33.84
CA LEU A 107 15.31 41.76 34.46
C LEU A 107 14.12 40.98 33.89
N LYS A 108 13.00 41.67 33.72
CA LYS A 108 11.78 41.02 33.29
C LYS A 108 11.91 40.52 31.90
N VAL A 109 12.39 41.38 30.98
CA VAL A 109 12.46 40.98 29.57
C VAL A 109 13.46 39.84 29.41
N GLY A 110 14.62 40.00 30.09
CA GLY A 110 15.67 38.99 30.12
C GLY A 110 15.07 37.65 30.59
N ALA A 111 14.36 37.70 31.71
CA ALA A 111 13.80 36.52 32.33
C ALA A 111 12.86 35.82 31.37
N GLU A 112 11.97 36.57 30.73
CA GLU A 112 11.07 35.99 29.79
C GLU A 112 11.82 35.36 28.68
N PHE A 113 12.92 35.99 28.23
CA PHE A 113 13.61 35.46 27.06
C PHE A 113 14.22 34.12 27.42
N ILE A 114 14.84 34.10 28.59
CA ILE A 114 15.33 32.83 29.14
C ILE A 114 14.23 31.76 29.25
N HIS A 115 13.08 32.16 29.74
CA HIS A 115 11.96 31.27 29.81
C HIS A 115 11.46 30.76 28.45
N GLU A 116 11.35 31.61 27.43
CA GLU A 116 10.85 31.15 26.13
C GLU A 116 11.89 30.22 25.45
N TRP A 117 13.18 30.47 25.70
CA TRP A 117 14.23 29.89 24.86
C TRP A 117 15.13 28.86 25.49
N PHE A 118 15.18 28.85 26.80
CA PHE A 118 15.97 27.93 27.60
C PHE A 118 15.05 27.43 28.71
N PRO A 119 13.93 26.79 28.33
CA PRO A 119 12.93 26.52 29.34
C PRO A 119 13.34 25.57 30.53
N GLN A 120 14.47 24.85 30.43
CA GLN A 120 14.86 24.00 31.57
C GLN A 120 15.87 24.67 32.51
N SER A 121 16.07 25.97 32.38
CA SER A 121 17.09 26.56 33.21
C SER A 121 16.45 27.01 34.47
N LYS A 122 17.17 26.75 35.55
CA LYS A 122 16.86 27.25 36.86
C LYS A 122 17.62 28.56 37.06
N CYS A 123 17.11 29.44 37.93
CA CYS A 123 17.78 30.70 38.26
C CYS A 123 18.33 30.73 39.64
N TYR A 124 19.61 31.08 39.76
CA TYR A 124 20.20 31.26 41.11
C TYR A 124 20.56 32.72 41.46
N VAL A 125 20.12 33.16 42.65
CA VAL A 125 20.39 34.48 43.22
C VAL A 125 21.13 34.44 44.55
N SER A 126 21.70 35.58 44.94
CA SER A 126 22.51 35.62 46.12
C SER A 126 21.66 35.53 47.36
N ASP A 127 22.23 34.88 48.36
CA ASP A 127 21.62 34.74 49.67
C ASP A 127 22.38 35.73 50.52
N PRO A 128 21.77 36.90 50.80
CA PRO A 128 20.50 37.29 50.22
C PRO A 128 20.78 38.21 49.05
N THR A 129 19.69 38.73 48.44
CA THR A 129 19.64 39.67 47.27
C THR A 129 18.46 40.69 47.42
N TRP A 130 18.34 41.63 46.50
CA TRP A 130 17.15 42.50 46.42
C TRP A 130 15.91 41.65 46.09
N GLY A 131 14.85 41.71 46.91
CA GLY A 131 13.69 40.81 46.80
C GLY A 131 13.05 40.62 45.42
N ASN A 132 13.01 41.70 44.68
CA ASN A 132 12.41 41.73 43.36
C ASN A 132 13.02 40.80 42.30
N HIS A 133 14.35 40.61 42.34
CA HIS A 133 15.03 39.52 41.59
C HIS A 133 14.22 38.20 41.52
N ILE A 134 13.93 37.63 42.69
CA ILE A 134 13.13 36.44 42.85
C ILE A 134 11.75 36.70 42.32
N ALA A 135 11.09 37.75 42.82
CA ALA A 135 9.71 38.01 42.42
C ALA A 135 9.53 38.03 40.87
N ILE A 136 10.49 38.66 40.18
CA ILE A 136 10.48 38.80 38.74
C ILE A 136 10.72 37.46 38.02
N PHE A 137 11.90 36.85 38.22
CA PHE A 137 12.15 35.48 37.68
C PHE A 137 11.09 34.42 38.04
N GLU A 138 10.61 34.39 39.29
CA GLU A 138 9.49 33.53 39.64
C GLU A 138 8.24 33.91 38.87
N GLY A 139 8.01 35.19 38.67
CA GLY A 139 6.85 35.59 37.90
C GLY A 139 6.77 35.15 36.44
N CYS A 140 7.90 34.72 35.86
CA CYS A 140 7.94 34.21 34.46
C CYS A 140 7.94 32.69 34.44
N ASP A 141 7.73 32.07 35.61
CA ASP A 141 7.69 30.62 35.76
C ASP A 141 9.05 29.93 35.77
N ILE A 142 10.08 30.63 36.23
CA ILE A 142 11.43 30.06 36.34
C ILE A 142 11.58 29.56 37.79
N GLU A 143 12.41 28.54 38.02
CA GLU A 143 12.49 28.09 39.38
C GLU A 143 13.67 28.85 40.00
N VAL A 144 13.46 29.62 41.07
CA VAL A 144 14.58 30.37 41.64
C VAL A 144 15.11 29.67 42.91
N GLY A 145 16.43 29.55 43.08
CA GLY A 145 17.05 29.12 44.36
C GLY A 145 18.09 30.15 44.74
N LYS A 146 18.85 29.90 45.81
CA LYS A 146 19.89 30.81 46.25
C LYS A 146 21.22 30.15 46.19
N TYR A 147 22.23 30.94 45.80
CA TYR A 147 23.60 30.55 46.03
C TYR A 147 24.18 31.17 47.31
N PRO A 148 24.97 30.34 48.07
CA PRO A 148 25.59 30.86 49.29
C PRO A 148 26.48 32.07 49.00
N TYR A 149 26.17 33.22 49.64
CA TYR A 149 26.96 34.46 49.49
C TYR A 149 27.45 35.19 50.76
N TYR A 150 26.54 35.79 51.51
CA TYR A 150 27.00 36.61 52.63
C TYR A 150 27.22 35.71 53.83
N ASP A 151 28.24 36.03 54.64
CA ASP A 151 28.63 35.24 55.81
C ASP A 151 28.35 35.97 57.11
N THR A 152 27.45 35.46 57.93
CA THR A 152 27.10 36.24 59.13
C THR A 152 28.18 36.27 60.17
N ALA A 153 29.00 35.21 60.20
CA ALA A 153 30.17 35.11 61.08
C ALA A 153 31.20 36.19 60.85
N THR A 154 31.43 36.57 59.62
CA THR A 154 32.58 37.36 59.33
C THR A 154 32.16 38.69 58.76
N GLY A 155 30.92 38.81 58.25
CA GLY A 155 30.47 39.97 57.45
C GLY A 155 31.19 39.97 56.09
N GLY A 156 31.67 38.79 55.69
CA GLY A 156 32.33 38.63 54.41
C GLY A 156 31.53 37.73 53.50
N ILE A 157 32.08 37.41 52.33
CA ILE A 157 31.55 36.37 51.42
C ILE A 157 31.82 34.93 51.92
N LYS A 158 30.90 34.03 51.71
CA LYS A 158 31.24 32.65 51.91
C LYS A 158 31.86 32.06 50.63
N PHE A 159 32.95 32.65 50.14
CA PHE A 159 33.45 32.30 48.80
C PHE A 159 33.54 30.81 48.46
N ASP A 160 34.07 30.02 49.39
CA ASP A 160 34.22 28.58 49.20
C ASP A 160 32.88 27.89 49.03
N GLU A 161 31.91 28.21 49.88
CA GLU A 161 30.57 27.60 49.83
C GLU A 161 29.93 27.91 48.48
N MET A 162 30.30 29.07 47.96
CA MET A 162 29.73 29.60 46.77
C MET A 162 30.17 28.80 45.54
N ILE A 163 31.45 28.78 45.25
CA ILE A 163 31.99 28.02 44.16
C ILE A 163 31.53 26.56 44.24
N ALA A 164 31.65 26.01 45.43
CA ALA A 164 31.18 24.68 45.70
C ALA A 164 29.71 24.49 45.27
N PHE A 165 28.87 25.49 45.50
CA PHE A 165 27.48 25.40 45.14
C PHE A 165 27.28 25.49 43.63
N PHE A 166 27.93 26.48 43.01
CA PHE A 166 28.06 26.58 41.59
C PHE A 166 28.38 25.26 40.90
N GLU A 167 29.37 24.53 41.44
CA GLU A 167 29.87 23.28 40.83
C GLU A 167 28.74 22.28 40.62
N THR A 168 27.75 22.29 41.50
CA THR A 168 26.64 21.36 41.35
C THR A 168 25.60 21.68 40.27
N LEU A 169 25.78 22.77 39.53
CA LEU A 169 24.70 23.26 38.67
C LEU A 169 24.80 22.75 37.26
N ASN A 170 23.71 22.85 36.50
CA ASN A 170 23.69 22.33 35.12
C ASN A 170 24.07 23.30 34.01
N LYS A 171 24.40 22.78 32.84
CA LYS A 171 24.55 23.64 31.68
C LYS A 171 23.35 24.59 31.52
N ASP A 172 23.66 25.86 31.24
CA ASP A 172 22.62 26.89 31.00
C ASP A 172 21.73 27.30 32.21
N ASP A 173 22.12 26.85 33.39
CA ASP A 173 21.57 27.44 34.58
C ASP A 173 22.07 28.91 34.64
N VAL A 174 21.19 29.77 35.18
CA VAL A 174 21.38 31.22 35.14
C VAL A 174 21.83 31.69 36.52
N LEU A 175 22.83 32.56 36.53
CA LEU A 175 23.26 33.12 37.77
C LEU A 175 22.98 34.58 37.72
N LEU A 176 22.27 35.04 38.74
CA LEU A 176 22.01 36.47 38.97
C LEU A 176 23.10 37.13 39.89
N LEU A 177 23.91 38.01 39.30
CA LEU A 177 25.11 38.37 39.96
C LEU A 177 25.14 39.85 40.09
N HIS A 178 25.61 40.40 41.22
CA HIS A 178 25.77 41.87 41.25
C HIS A 178 27.22 42.26 40.93
N PRO A 179 27.48 42.88 39.76
CA PRO A 179 28.89 43.02 39.37
C PRO A 179 29.71 43.88 40.33
N CYS A 180 29.02 44.72 41.11
CA CYS A 180 29.59 45.56 42.20
C CYS A 180 28.41 46.03 43.10
N CYS A 181 28.72 46.65 44.22
CA CYS A 181 27.67 47.31 44.99
C CYS A 181 26.52 46.40 45.34
N HIS A 182 26.80 45.30 46.00
CA HIS A 182 25.74 44.33 46.24
C HIS A 182 24.62 44.81 47.19
N ASN A 183 23.36 44.57 46.79
CA ASN A 183 22.17 44.85 47.58
C ASN A 183 21.56 43.53 48.07
N PRO A 184 21.41 43.37 49.40
CA PRO A 184 21.48 44.42 50.40
C PRO A 184 22.77 44.62 51.17
N THR A 185 23.81 43.80 50.96
CA THR A 185 24.88 43.76 51.95
C THR A 185 26.03 44.72 51.80
N GLY A 186 26.30 45.16 50.57
CA GLY A 186 27.36 46.15 50.34
C GLY A 186 28.68 45.43 50.20
N VAL A 187 28.63 44.11 50.35
CA VAL A 187 29.78 43.34 50.45
C VAL A 187 30.00 42.80 49.05
N ASP A 188 31.25 42.99 48.54
CA ASP A 188 31.62 42.81 47.09
C ASP A 188 32.65 41.69 46.87
N LEU A 189 32.63 41.00 45.72
CA LEU A 189 33.81 40.19 45.34
C LEU A 189 34.99 41.04 44.91
N THR A 190 36.20 40.55 45.18
CA THR A 190 37.48 41.15 44.68
C THR A 190 37.76 40.72 43.22
N ARG A 191 38.70 41.34 42.52
CA ARG A 191 38.99 40.91 41.12
C ARG A 191 39.35 39.44 40.91
N GLU A 192 40.28 38.96 41.72
CA GLU A 192 40.72 37.59 41.61
C GLU A 192 39.51 36.64 41.90
N GLN A 193 38.64 37.02 42.85
CA GLN A 193 37.45 36.23 43.16
C GLN A 193 36.52 36.21 41.97
N TRP A 194 36.42 37.36 41.31
CA TRP A 194 35.65 37.48 40.05
C TRP A 194 36.16 36.56 38.97
N ASP A 195 37.46 36.58 38.69
CA ASP A 195 38.02 35.74 37.65
C ASP A 195 37.74 34.31 38.00
N THR A 196 37.90 34.02 39.27
CA THR A 196 37.65 32.68 39.70
C THR A 196 36.19 32.29 39.47
N VAL A 197 35.22 33.17 39.76
CA VAL A 197 33.81 32.81 39.57
C VAL A 197 33.56 32.52 38.10
N LEU A 198 34.01 33.42 37.26
CA LEU A 198 33.84 33.38 35.84
C LEU A 198 34.40 32.15 35.20
N ASN A 199 35.53 31.74 35.75
CA ASN A 199 36.14 30.47 35.42
C ASN A 199 35.20 29.37 35.69
N VAL A 200 34.61 29.33 36.87
CA VAL A 200 33.67 28.23 37.13
C VAL A 200 32.43 28.32 36.27
N ILE A 201 31.93 29.54 36.09
CA ILE A 201 30.82 29.81 35.23
C ILE A 201 31.15 29.30 33.81
N GLN A 202 32.40 29.53 33.34
CA GLN A 202 32.86 28.89 32.09
C GLN A 202 32.93 27.34 32.11
N GLU A 203 33.69 26.76 32.99
CA GLU A 203 33.90 25.29 32.95
C GLU A 203 32.57 24.51 33.04
N ARG A 204 31.64 24.95 33.88
CA ARG A 204 30.29 24.37 33.97
C ARG A 204 29.22 24.90 32.99
N GLU A 205 29.59 25.86 32.14
CA GLU A 205 28.79 26.32 30.99
C GLU A 205 27.49 27.02 31.44
N LEU A 206 27.61 27.91 32.42
CA LEU A 206 26.44 28.54 33.00
C LEU A 206 26.16 29.93 32.35
N ILE A 207 24.98 30.52 32.58
CA ILE A 207 24.68 31.86 32.06
C ILE A 207 24.72 32.99 33.09
N PRO A 208 25.66 33.95 32.90
CA PRO A 208 25.76 35.03 33.89
C PRO A 208 24.80 36.10 33.49
N PHE A 209 23.97 36.46 34.44
CA PHE A 209 23.06 37.57 34.29
C PHE A 209 23.55 38.65 35.28
N MET A 210 24.20 39.68 34.76
CA MET A 210 24.74 40.72 35.57
C MET A 210 23.79 41.86 35.67
N ASP A 211 23.40 42.12 36.91
CA ASP A 211 22.40 43.11 37.22
C ASP A 211 23.06 44.28 37.88
N ILE A 212 23.21 45.35 37.12
CA ILE A 212 24.02 46.43 37.60
C ILE A 212 23.20 47.74 37.74
N ALA A 213 22.93 48.12 38.99
CA ALA A 213 22.15 49.31 39.26
C ALA A 213 22.95 50.44 39.87
N TYR A 214 24.16 50.22 40.36
CA TYR A 214 24.80 51.36 40.95
C TYR A 214 26.11 51.70 40.33
N GLN A 215 26.17 51.69 39.01
CA GLN A 215 27.45 51.92 38.38
C GLN A 215 27.92 53.30 38.71
N GLY A 216 29.16 53.36 39.14
CA GLY A 216 29.80 54.61 39.50
C GLY A 216 29.89 54.80 41.01
N PHE A 217 29.05 54.08 41.74
CA PHE A 217 28.90 54.27 43.20
C PHE A 217 29.88 53.46 44.05
N GLY A 218 30.58 52.55 43.42
CA GLY A 218 31.49 51.69 44.16
C GLY A 218 32.86 52.29 44.16
N GLU A 219 33.53 52.24 43.00
CA GLU A 219 34.91 52.69 42.82
C GLU A 219 35.02 53.74 41.73
N ASP A 220 34.69 53.38 40.48
CA ASP A 220 34.49 54.29 39.32
C ASP A 220 33.77 53.53 38.20
N MET A 221 33.35 54.20 37.13
CA MET A 221 32.54 53.54 36.09
C MET A 221 33.17 52.22 35.55
N ASP A 222 34.46 52.30 35.22
CA ASP A 222 35.16 51.19 34.60
C ASP A 222 35.31 50.02 35.53
N SER A 223 35.74 50.31 36.76
CA SER A 223 36.01 49.28 37.77
C SER A 223 34.75 48.53 38.16
N ASP A 224 33.66 49.29 38.23
CA ASP A 224 32.36 48.76 38.56
C ASP A 224 31.88 47.77 37.49
N ALA A 225 32.33 47.97 36.24
CA ALA A 225 31.99 47.10 35.07
C ALA A 225 32.97 45.92 34.87
N TYR A 226 33.92 45.80 35.77
CA TYR A 226 35.00 44.84 35.58
C TYR A 226 34.45 43.45 35.28
N ALA A 227 33.51 42.93 36.07
CA ALA A 227 33.07 41.57 35.85
C ALA A 227 32.35 41.42 34.49
N ILE A 228 31.62 42.46 34.14
CA ILE A 228 30.91 42.48 32.91
C ILE A 228 31.95 42.35 31.78
N ARG A 229 33.00 43.19 31.76
CA ARG A 229 33.95 43.19 30.62
C ARG A 229 34.78 41.92 30.57
N LYS A 230 35.11 41.41 31.73
CA LYS A 230 35.92 40.27 31.84
C LYS A 230 35.14 39.13 31.21
N ALA A 231 33.82 39.17 31.33
CA ALA A 231 33.06 37.95 31.01
C ALA A 231 33.01 37.94 29.52
N VAL A 232 32.90 39.18 29.02
CA VAL A 232 32.96 39.51 27.61
C VAL A 232 34.25 38.98 27.01
N ASP A 233 35.40 39.43 27.54
CA ASP A 233 36.72 38.92 27.11
C ASP A 233 36.80 37.40 27.24
N MET A 234 36.09 36.88 28.24
CA MET A 234 35.95 35.45 28.38
C MET A 234 35.05 34.73 27.36
N GLY A 235 34.31 35.47 26.51
CA GLY A 235 33.38 34.84 25.58
C GLY A 235 32.18 34.12 26.20
N LEU A 236 31.92 34.34 27.48
CA LEU A 236 30.63 33.89 28.03
C LEU A 236 29.38 34.64 27.40
N PRO A 237 28.20 33.96 27.37
CA PRO A 237 26.94 34.53 26.86
C PRO A 237 26.21 35.36 27.96
N LEU A 238 26.69 36.58 28.15
CA LEU A 238 26.34 37.40 29.28
C LEU A 238 25.00 38.08 29.06
N PHE A 239 24.20 38.18 30.12
CA PHE A 239 23.06 39.08 30.04
C PHE A 239 23.38 40.21 30.97
N VAL A 240 23.04 41.46 30.62
CA VAL A 240 23.29 42.53 31.53
C VAL A 240 22.08 43.45 31.62
N SER A 241 21.44 43.50 32.77
CA SER A 241 20.40 44.45 33.00
C SER A 241 21.01 45.60 33.73
N ASN A 242 20.76 46.82 33.27
CA ASN A 242 21.33 48.00 33.92
C ASN A 242 20.29 49.14 34.12
N SER A 243 20.43 49.92 35.17
CA SER A 243 19.37 50.82 35.58
C SER A 243 19.91 52.23 35.71
N PHE A 244 19.12 53.26 35.38
CA PHE A 244 19.63 54.62 35.51
C PHE A 244 18.98 55.34 36.62
N SER A 245 18.20 54.61 37.39
CA SER A 245 17.39 55.23 38.44
C SER A 245 18.23 55.94 39.49
N LYS A 246 19.23 55.25 40.02
CA LYS A 246 20.10 55.83 41.05
CA LYS A 246 20.10 55.82 41.06
C LYS A 246 21.12 56.80 40.49
N ASN A 247 21.76 56.45 39.38
CA ASN A 247 22.82 57.32 38.92
C ASN A 247 22.45 58.47 37.93
N LEU A 248 21.15 58.60 37.60
CA LEU A 248 20.66 59.77 36.92
C LEU A 248 19.65 60.41 37.83
N SER A 249 19.50 59.80 39.00
CA SER A 249 18.51 60.22 39.97
C SER A 249 17.19 60.34 39.27
N LEU A 250 16.88 59.38 38.36
CA LEU A 250 15.65 59.41 37.52
C LEU A 250 14.70 58.27 37.81
N TYR A 251 14.64 57.87 39.06
CA TYR A 251 13.87 56.72 39.49
C TYR A 251 12.50 56.67 38.88
N GLY A 252 11.74 57.74 39.07
CA GLY A 252 10.42 57.87 38.51
C GLY A 252 10.28 57.77 37.02
N GLU A 253 11.32 58.08 36.25
CA GLU A 253 11.10 58.11 34.79
C GLU A 253 11.25 56.74 34.11
N ARG A 254 11.75 55.75 34.85
CA ARG A 254 11.85 54.32 34.42
C ARG A 254 12.77 54.13 33.24
N VAL A 255 14.07 54.24 33.49
CA VAL A 255 15.05 54.16 32.39
C VAL A 255 16.10 53.15 32.78
N GLY A 256 16.15 52.11 31.96
CA GLY A 256 17.14 51.06 32.09
C GLY A 256 17.53 50.57 30.72
N GLY A 257 18.27 49.47 30.68
CA GLY A 257 18.58 48.80 29.43
C GLY A 257 18.84 47.34 29.72
N LEU A 258 18.63 46.47 28.69
CA LEU A 258 19.05 45.04 28.76
C LEU A 258 20.00 44.79 27.62
N SER A 259 21.16 44.21 27.93
CA SER A 259 22.12 43.81 26.89
C SER A 259 22.40 42.32 26.91
N VAL A 260 22.41 41.68 25.75
CA VAL A 260 22.83 40.30 25.70
C VAL A 260 24.00 40.20 24.73
N VAL A 261 25.12 39.67 25.22
CA VAL A 261 26.31 39.45 24.39
C VAL A 261 26.28 38.08 23.66
N CYS A 262 26.24 38.10 22.30
CA CYS A 262 26.25 36.87 21.45
C CYS A 262 27.55 36.64 20.60
N PRO A 263 27.79 35.39 20.10
CA PRO A 263 29.02 35.02 19.35
C PRO A 263 29.12 35.58 17.94
N THR A 264 27.98 35.71 17.29
CA THR A 264 28.00 36.09 15.90
C THR A 264 26.99 37.19 15.63
N VAL A 265 27.27 38.02 14.64
CA VAL A 265 26.32 38.99 14.12
C VAL A 265 24.93 38.39 13.87
N ASP A 266 24.94 37.20 13.31
CA ASP A 266 23.69 36.52 13.00
C ASP A 266 22.98 36.31 14.30
N GLU A 267 23.72 36.07 15.36
CA GLU A 267 23.02 35.72 16.60
C GLU A 267 22.42 36.94 17.30
N THR A 268 23.18 38.01 17.29
CA THR A 268 22.71 39.32 17.66
C THR A 268 21.35 39.63 17.00
N GLU A 269 21.27 39.51 15.69
CA GLU A 269 20.02 39.79 14.99
C GLU A 269 18.83 38.92 15.42
N ARG A 270 19.04 37.64 15.67
CA ARG A 270 18.00 36.75 16.19
C ARG A 270 17.52 37.17 17.59
N VAL A 271 18.47 37.30 18.51
CA VAL A 271 18.23 37.63 19.87
C VAL A 271 17.62 38.99 19.98
N PHE A 272 18.24 39.97 19.31
CA PHE A 272 17.76 41.32 19.38
C PHE A 272 16.35 41.26 18.88
N GLY A 273 16.14 40.48 17.82
CA GLY A 273 14.80 40.35 17.29
C GLY A 273 13.82 39.83 18.34
N GLN A 274 14.24 38.87 19.19
CA GLN A 274 13.35 38.28 20.18
C GLN A 274 13.05 39.30 21.25
N LEU A 275 14.03 40.15 21.49
CA LEU A 275 13.82 41.15 22.49
C LEU A 275 12.67 42.14 22.08
N ASN A 276 12.68 42.61 20.84
CA ASN A 276 11.60 43.55 20.45
C ASN A 276 10.24 42.86 20.55
N SER A 277 10.24 41.59 20.15
CA SER A 277 9.08 40.75 20.22
C SER A 277 8.60 40.64 21.68
N THR A 278 9.56 40.42 22.58
CA THR A 278 9.25 40.35 23.99
C THR A 278 8.70 41.68 24.55
N VAL A 279 9.33 42.80 24.16
CA VAL A 279 8.81 44.09 24.56
C VAL A 279 7.37 44.26 24.05
N ARG A 280 7.14 43.96 22.75
CA ARG A 280 5.82 44.13 22.08
CA ARG A 280 5.83 44.17 22.12
C ARG A 280 4.66 43.57 22.90
N ARG A 281 4.81 42.33 23.34
CA ARG A 281 3.72 41.68 24.06
C ARG A 281 3.63 41.95 25.57
N ILE A 282 4.56 42.71 26.15
CA ILE A 282 4.38 43.28 27.49
C ILE A 282 3.82 44.77 27.50
N TYR A 283 4.53 45.72 26.90
CA TYR A 283 4.09 47.10 26.92
C TYR A 283 4.26 47.81 25.58
N SER A 284 4.53 47.11 24.46
CA SER A 284 4.77 47.80 23.15
C SER A 284 6.06 48.63 22.97
N SER A 285 6.27 49.65 23.78
CA SER A 285 7.47 50.46 23.55
C SER A 285 7.61 51.33 24.78
N PRO A 286 8.84 51.68 25.15
CA PRO A 286 9.09 52.41 26.45
C PRO A 286 8.83 53.92 26.51
N PRO A 287 9.00 54.53 27.68
CA PRO A 287 8.57 55.97 27.75
C PRO A 287 9.52 56.97 27.04
N SER A 288 8.92 57.85 26.24
CA SER A 288 9.65 58.85 25.48
C SER A 288 10.39 59.80 26.40
N HIS A 289 9.77 60.19 27.53
CA HIS A 289 10.38 61.27 28.27
C HIS A 289 11.73 60.85 28.85
N GLY A 290 11.69 59.82 29.72
CA GLY A 290 12.91 59.23 30.27
C GLY A 290 13.95 58.92 29.18
N GLY A 291 13.45 58.32 28.11
CA GLY A 291 14.28 57.94 26.98
C GLY A 291 15.02 59.12 26.38
N ARG A 292 14.34 60.26 26.26
CA ARG A 292 15.08 61.42 25.82
C ARG A 292 16.13 61.86 26.85
N VAL A 293 15.93 61.65 28.14
CA VAL A 293 16.91 62.20 29.08
C VAL A 293 18.18 61.39 28.95
N VAL A 294 18.03 60.06 28.98
CA VAL A 294 19.16 59.17 28.81
C VAL A 294 19.87 59.45 27.46
N ASP A 295 19.14 59.56 26.37
CA ASP A 295 19.76 59.88 25.08
C ASP A 295 20.60 61.15 25.14
N ILE A 296 20.04 62.18 25.75
CA ILE A 296 20.62 63.47 25.71
C ILE A 296 21.87 63.56 26.53
N VAL A 297 21.79 63.21 27.80
CA VAL A 297 22.96 63.23 28.67
C VAL A 297 24.07 62.35 28.14
N MET A 298 23.71 61.15 27.74
CA MET A 298 24.68 60.15 27.37
C MET A 298 25.57 60.53 26.19
N ASN A 299 24.96 61.19 25.20
CA ASN A 299 25.61 61.53 23.97
C ASN A 299 25.90 63.02 23.77
N ASP A 300 25.86 63.81 24.79
CA ASP A 300 26.34 65.16 24.65
C ASP A 300 27.62 65.19 25.50
N ALA A 301 28.75 65.33 24.85
CA ALA A 301 30.02 65.06 25.54
C ALA A 301 30.18 65.94 26.78
N ALA A 302 29.74 67.20 26.70
CA ALA A 302 29.89 68.11 27.80
C ALA A 302 29.02 67.68 29.00
N LEU A 303 27.77 67.28 28.69
CA LEU A 303 26.78 66.85 29.71
C LEU A 303 27.21 65.52 30.21
N HIS A 304 27.66 64.66 29.30
CA HIS A 304 28.10 63.34 29.66
C HIS A 304 29.23 63.50 30.63
N GLU A 305 30.12 64.44 30.33
CA GLU A 305 31.31 64.59 31.14
C GLU A 305 30.92 65.18 32.49
N GLN A 306 30.00 66.16 32.47
CA GLN A 306 29.41 66.72 33.68
C GLN A 306 28.80 65.60 34.52
N TRP A 307 27.97 64.80 33.85
CA TRP A 307 27.13 63.84 34.51
C TRP A 307 28.00 62.96 35.41
N VAL A 308 29.16 62.55 34.87
CA VAL A 308 30.05 61.58 35.53
C VAL A 308 30.57 62.19 36.80
N GLY A 309 31.03 63.46 36.73
CA GLY A 309 31.45 64.23 37.95
C GLY A 309 30.42 64.16 39.08
N GLU A 310 29.15 64.31 38.67
CA GLU A 310 28.02 64.26 39.55
C GLU A 310 27.84 62.89 40.23
N VAL A 311 28.17 61.82 39.50
CA VAL A 311 28.08 60.47 40.08
C VAL A 311 29.23 60.32 41.08
N TYR A 312 30.43 60.70 40.67
CA TYR A 312 31.57 60.54 41.53
C TYR A 312 31.43 61.42 42.75
N ALA A 313 30.70 62.52 42.61
CA ALA A 313 30.41 63.36 43.75
C ALA A 313 29.61 62.48 44.68
N MET A 314 28.70 61.73 44.10
CA MET A 314 27.75 61.04 44.92
C MET A 314 28.41 59.85 45.55
N ARG A 315 29.35 59.28 44.80
CA ARG A 315 30.15 58.18 45.27
C ARG A 315 30.95 58.64 46.49
N ASP A 316 31.57 59.81 46.37
CA ASP A 316 32.40 60.39 47.43
C ASP A 316 31.65 60.71 48.74
N ARG A 317 30.44 61.28 48.61
CA ARG A 317 29.70 61.72 49.77
C ARG A 317 29.34 60.50 50.60
N ILE A 318 28.94 59.42 49.94
CA ILE A 318 28.64 58.20 50.66
C ILE A 318 29.91 57.67 51.30
N LYS A 319 31.04 57.75 50.61
CA LYS A 319 32.28 57.22 51.19
C LYS A 319 32.66 57.99 52.44
N SER A 320 32.29 59.27 52.45
CA SER A 320 32.59 60.04 53.65
C SER A 320 31.67 59.69 54.82
N MET A 321 30.40 59.43 54.59
CA MET A 321 29.50 59.08 55.69
C MET A 321 29.95 57.75 56.27
N ARG A 322 30.51 56.96 55.35
CA ARG A 322 31.03 55.64 55.62
C ARG A 322 32.18 55.76 56.59
N THR A 323 33.14 56.61 56.24
CA THR A 323 34.30 56.70 57.10
C THR A 323 33.93 57.38 58.43
N LYS A 324 33.03 58.35 58.37
CA LYS A 324 32.62 59.11 59.53
C LYS A 324 31.95 58.19 60.55
N LEU A 325 31.02 57.36 60.08
CA LEU A 325 30.35 56.42 60.95
C LEU A 325 31.35 55.50 61.64
N LYS A 326 32.33 55.03 60.89
CA LYS A 326 33.34 54.18 61.52
C LYS A 326 34.19 54.90 62.55
N SER A 327 34.56 56.15 62.29
CA SER A 327 35.38 56.93 63.22
C SER A 327 34.69 57.03 64.57
N VAL A 328 33.40 57.37 64.54
CA VAL A 328 32.58 57.58 65.74
C VAL A 328 32.52 56.29 66.54
N LEU A 329 32.16 55.21 65.85
CA LEU A 329 32.05 53.87 66.42
C LEU A 329 33.38 53.27 66.86
N GLU A 330 34.43 53.34 66.04
CA GLU A 330 35.76 52.75 66.36
C GLU A 330 36.41 53.48 67.54
N ALA A 331 36.28 54.81 67.54
CA ALA A 331 36.66 55.67 68.67
C ALA A 331 35.94 55.30 69.97
N LYS A 332 34.67 54.91 69.92
CA LYS A 332 33.87 54.70 71.16
C LYS A 332 33.59 53.25 71.71
N ILE A 333 33.84 52.23 70.89
CA ILE A 333 33.81 50.81 71.29
C ILE A 333 35.11 50.20 70.77
N SER A 334 36.10 50.13 71.66
CA SER A 334 37.50 50.01 71.27
C SER A 334 37.96 48.69 70.64
N GLY A 335 37.45 47.55 71.13
CA GLY A 335 37.96 46.20 70.80
C GLY A 335 37.51 45.57 69.49
N ARG A 336 36.19 45.51 69.29
CA ARG A 336 35.60 45.01 68.05
C ARG A 336 35.90 45.95 66.87
N ASN A 337 35.95 45.35 65.68
CA ASN A 337 36.38 45.97 64.42
C ASN A 337 35.24 46.25 63.42
N PHE A 338 35.26 47.45 62.83
CA PHE A 338 34.17 47.92 61.96
C PHE A 338 34.54 48.09 60.52
N ASP A 339 35.73 47.62 60.17
CA ASP A 339 36.29 47.76 58.83
C ASP A 339 35.30 47.44 57.76
N TYR A 340 34.27 46.65 58.10
CA TYR A 340 33.28 46.23 57.10
C TYR A 340 32.51 47.43 56.59
N LEU A 341 32.16 48.38 57.46
CA LEU A 341 31.44 49.59 57.01
C LEU A 341 32.15 50.35 55.92
N THR A 342 33.45 50.16 55.78
CA THR A 342 34.19 50.77 54.68
C THR A 342 34.79 49.73 53.74
N ALA A 343 34.78 48.47 54.17
CA ALA A 343 35.06 47.40 53.24
C ALA A 343 33.85 47.27 52.32
N GLN A 344 32.67 47.67 52.76
CA GLN A 344 31.49 47.69 51.86
C GLN A 344 31.44 48.80 50.80
N ASN A 345 30.69 48.55 49.73
CA ASN A 345 30.53 49.51 48.67
C ASN A 345 29.10 49.79 48.26
N GLY A 346 28.90 51.01 47.72
CA GLY A 346 27.63 51.48 47.19
C GLY A 346 26.71 52.04 48.26
N MET A 347 25.42 51.97 47.98
CA MET A 347 24.41 52.63 48.78
C MET A 347 24.07 51.91 50.08
N PHE A 348 24.28 50.60 50.10
CA PHE A 348 23.81 49.83 51.21
C PHE A 348 24.90 49.28 52.13
N SER A 349 24.55 49.13 53.38
CA SER A 349 25.48 48.43 54.25
C SER A 349 24.69 47.41 55.09
N PHE A 350 25.23 46.21 55.32
CA PHE A 350 24.60 45.30 56.26
C PHE A 350 25.31 45.67 57.54
N THR A 351 24.58 46.27 58.49
CA THR A 351 25.19 46.81 59.72
C THR A 351 25.48 45.72 60.76
N GLY A 352 24.74 44.59 60.73
CA GLY A 352 25.10 43.46 61.58
C GLY A 352 24.38 43.46 62.91
N LEU A 353 23.76 44.59 63.23
CA LEU A 353 22.72 44.62 64.19
C LEU A 353 21.83 43.44 63.96
N THR A 354 21.38 42.88 65.06
CA THR A 354 20.41 41.80 65.10
C THR A 354 19.04 42.46 65.00
N PRO A 355 17.98 41.68 64.72
CA PRO A 355 16.65 42.38 64.70
C PRO A 355 16.25 43.05 66.03
N GLU A 356 16.75 42.49 67.13
CA GLU A 356 16.65 43.01 68.54
C GLU A 356 17.30 44.37 68.70
N GLN A 357 18.53 44.46 68.21
CA GLN A 357 19.22 45.71 68.13
C GLN A 357 18.51 46.68 67.16
N VAL A 358 18.03 46.17 66.02
CA VAL A 358 17.38 47.00 64.96
C VAL A 358 16.07 47.62 65.45
N GLU A 359 15.19 46.80 66.05
CA GLU A 359 13.92 47.23 66.64
C GLU A 359 14.07 48.39 67.62
N ARG A 360 15.00 48.17 68.57
CA ARG A 360 15.38 49.10 69.62
C ARG A 360 15.85 50.43 69.05
N LEU A 361 16.57 50.39 67.93
CA LEU A 361 16.96 51.61 67.26
C LEU A 361 15.71 52.43 66.83
N GLN A 362 14.67 51.76 66.36
CA GLN A 362 13.42 52.44 66.01
C GLN A 362 12.60 52.85 67.24
N SER A 363 12.27 51.85 68.05
CA SER A 363 11.61 51.99 69.34
C SER A 363 12.24 53.06 70.29
N GLU A 364 13.56 53.06 70.48
CA GLU A 364 14.12 54.05 71.40
C GLU A 364 14.63 55.33 70.72
N PHE A 365 14.99 55.27 69.44
CA PHE A 365 15.66 56.41 68.76
C PHE A 365 14.95 57.01 67.54
N GLY A 366 14.03 56.28 66.93
CA GLY A 366 13.34 56.79 65.73
C GLY A 366 14.20 56.77 64.48
N ILE A 367 15.18 55.86 64.43
CA ILE A 367 16.11 55.68 63.30
C ILE A 367 15.74 54.42 62.56
N TYR A 368 15.30 54.58 61.31
CA TYR A 368 14.63 53.49 60.59
C TYR A 368 15.41 52.71 59.49
N MET A 369 15.59 51.42 59.80
CA MET A 369 16.38 50.43 59.05
C MET A 369 15.57 49.12 58.77
N ILE A 370 16.04 48.25 57.86
CA ILE A 370 15.41 46.93 57.70
C ILE A 370 15.85 45.92 58.76
N SER A 371 14.92 45.02 59.10
CA SER A 371 15.08 44.01 60.16
C SER A 371 16.35 43.13 59.98
N ASN A 372 16.72 42.91 58.71
CA ASN A 372 17.93 42.18 58.32
C ASN A 372 19.21 42.99 58.49
N SER A 373 19.11 44.22 58.99
CA SER A 373 20.26 45.17 59.28
C SER A 373 20.67 46.02 58.08
N ARG A 374 19.89 45.94 57.00
CA ARG A 374 20.21 46.75 55.85
C ARG A 374 19.91 48.22 56.11
N MET A 375 20.90 49.06 55.88
CA MET A 375 20.78 50.51 55.97
C MET A 375 21.20 51.14 54.66
N CYS A 376 20.58 52.22 54.32
CA CYS A 376 21.02 52.96 53.19
C CYS A 376 21.87 54.13 53.62
N VAL A 377 23.15 54.02 53.29
CA VAL A 377 24.14 54.97 53.74
C VAL A 377 23.84 56.38 53.23
N ALA A 378 23.26 56.53 52.01
CA ALA A 378 23.01 57.88 51.44
C ALA A 378 21.96 58.64 52.26
N GLY A 379 21.14 57.90 53.03
CA GLY A 379 20.19 58.52 53.95
C GLY A 379 20.88 59.34 55.02
N LEU A 380 22.19 59.08 55.24
CA LEU A 380 23.09 59.80 56.19
C LEU A 380 23.81 61.02 55.60
N ASN A 381 23.98 62.00 56.47
CA ASN A 381 24.60 63.26 56.12
C ASN A 381 25.05 64.03 57.37
N SER A 382 25.84 65.08 57.18
CA SER A 382 26.49 65.70 58.30
C SER A 382 25.59 66.21 59.44
N SER A 383 24.30 66.36 59.17
CA SER A 383 23.35 66.84 60.16
C SER A 383 22.80 65.72 61.09
N ASN A 384 22.83 64.47 60.67
CA ASN A 384 22.32 63.37 61.50
C ASN A 384 23.32 62.27 61.71
N ILE A 385 24.48 62.30 61.06
CA ILE A 385 25.43 61.19 61.25
C ILE A 385 25.72 61.08 62.73
N ASP A 386 25.81 62.24 63.38
CA ASP A 386 26.26 62.32 64.76
C ASP A 386 25.23 61.78 65.70
N TYR A 387 23.97 62.12 65.44
CA TYR A 387 22.83 61.45 66.08
C TYR A 387 22.78 59.92 65.86
N VAL A 388 22.65 59.49 64.60
CA VAL A 388 22.56 58.07 64.25
C VAL A 388 23.76 57.26 64.78
N ALA A 389 24.97 57.80 64.65
CA ALA A 389 26.16 57.07 65.05
C ALA A 389 26.10 56.67 66.52
N ASN A 390 25.58 57.58 67.35
CA ASN A 390 25.43 57.29 68.78
C ASN A 390 24.29 56.32 69.12
N ALA A 391 23.13 56.48 68.50
CA ALA A 391 22.06 55.51 68.68
C ALA A 391 22.58 54.09 68.48
N MET A 392 23.54 53.95 67.56
CA MET A 392 24.15 52.67 67.32
C MET A 392 25.14 52.26 68.42
N VAL A 393 26.14 53.10 68.74
CA VAL A 393 27.10 52.87 69.88
C VAL A 393 26.29 52.37 71.09
N ASP A 394 25.19 53.09 71.38
CA ASP A 394 24.23 52.75 72.43
C ASP A 394 23.59 51.38 72.34
N VAL A 395 22.77 51.14 71.31
CA VAL A 395 22.13 49.84 71.12
C VAL A 395 23.13 48.64 71.13
N LEU A 396 24.43 48.91 70.98
CA LEU A 396 25.45 47.83 70.90
C LEU A 396 26.08 47.27 72.23
N LYS A 397 26.17 48.06 73.31
CA LYS A 397 26.50 47.49 74.64
C LYS A 397 25.24 47.13 75.51
N ASP A 398 24.31 46.39 74.89
CA ASP A 398 23.04 45.94 75.52
C ASP A 398 23.12 44.52 76.08
N MET B 1 25.62 29.74 20.90
CA MET B 1 24.69 30.01 22.04
C MET B 1 23.22 30.07 21.60
N PHE B 2 22.97 31.02 20.71
CA PHE B 2 21.64 31.40 20.35
C PHE B 2 21.15 30.95 18.96
N GLU B 3 21.86 30.07 18.28
CA GLU B 3 21.44 29.72 16.90
C GLU B 3 20.10 28.98 16.87
N ARG B 4 19.64 28.50 18.02
CA ARG B 4 18.35 27.83 18.17
CA ARG B 4 18.36 27.84 17.98
C ARG B 4 17.20 28.82 18.10
N ILE B 5 17.52 30.11 18.28
CA ILE B 5 16.51 31.20 18.37
C ILE B 5 16.02 31.56 16.97
N ASP B 6 14.72 31.47 16.68
CA ASP B 6 14.24 31.92 15.36
C ASP B 6 14.22 33.48 15.19
N TYR B 7 14.45 34.01 13.98
CA TYR B 7 14.19 35.44 13.68
C TYR B 7 12.73 35.72 13.89
N TYR B 8 12.48 36.89 14.45
CA TYR B 8 11.18 37.29 14.93
C TYR B 8 10.20 37.28 13.74
N ALA B 9 8.90 37.30 14.00
CA ALA B 9 7.92 37.54 12.94
C ALA B 9 8.24 38.85 12.17
N GLY B 10 8.67 39.89 12.91
CA GLY B 10 9.07 41.18 12.33
C GLY B 10 8.02 42.24 12.60
N ASP B 11 8.37 43.51 12.46
CA ASP B 11 7.39 44.61 12.58
C ASP B 11 6.58 44.87 11.25
N PRO B 12 5.28 44.40 11.18
CA PRO B 12 4.47 44.56 9.93
C PRO B 12 4.26 46.05 9.48
N ILE B 13 4.19 46.92 10.50
CA ILE B 13 4.05 48.38 10.42
C ILE B 13 5.31 49.17 9.97
N LEU B 14 6.48 48.89 10.54
CA LEU B 14 7.76 49.55 10.14
C LEU B 14 8.21 49.09 8.75
N GLY B 15 7.99 47.82 8.43
CA GLY B 15 8.15 47.31 7.06
C GLY B 15 7.18 48.03 6.14
N LEU B 16 6.17 48.62 6.75
CA LEU B 16 5.19 49.33 5.97
C LEU B 16 5.50 50.81 5.90
N VAL B 17 6.04 51.37 6.96
CA VAL B 17 6.46 52.75 6.89
C VAL B 17 7.74 52.77 6.04
N GLU B 18 8.53 51.70 6.12
CA GLU B 18 9.78 51.69 5.35
C GLU B 18 9.52 51.64 3.87
N LYS B 19 8.48 50.92 3.47
CA LYS B 19 8.07 50.78 2.09
C LYS B 19 7.52 52.06 1.53
N PHE B 20 6.71 52.74 2.34
CA PHE B 20 6.10 54.02 1.99
C PHE B 20 7.18 55.07 1.81
N ALA B 21 8.01 55.27 2.85
CA ALA B 21 9.13 56.18 2.82
C ALA B 21 9.99 56.03 1.54
N ALA B 22 10.34 54.78 1.23
CA ALA B 22 10.99 54.39 -0.04
C ALA B 22 10.16 54.70 -1.30
N ASP B 23 8.85 54.52 -1.23
CA ASP B 23 8.00 54.79 -2.39
C ASP B 23 8.30 56.11 -3.12
N ASN B 24 8.73 55.96 -4.37
CA ASN B 24 9.02 57.02 -5.33
C ASN B 24 7.86 57.92 -5.81
N ASN B 25 6.58 57.53 -5.67
CA ASN B 25 5.48 58.40 -6.10
C ASN B 25 5.46 59.76 -5.36
N PRO B 26 5.34 60.86 -6.12
CA PRO B 26 5.37 62.16 -5.42
C PRO B 26 4.08 62.42 -4.67
N ASP B 27 2.98 61.86 -5.19
CA ASP B 27 1.64 62.00 -4.62
C ASP B 27 1.24 60.93 -3.58
N LYS B 28 2.25 60.30 -2.99
CA LYS B 28 2.07 59.20 -2.07
C LYS B 28 1.33 59.55 -0.79
N VAL B 29 0.55 58.62 -0.29
CA VAL B 29 -0.31 58.89 0.83
C VAL B 29 -0.25 57.68 1.76
N ASN B 30 0.01 57.94 3.02
CA ASN B 30 0.08 56.83 3.97
C ASN B 30 -1.22 56.66 4.78
N LEU B 31 -2.15 55.84 4.31
CA LEU B 31 -3.31 55.44 5.15
C LEU B 31 -3.11 54.15 5.98
N GLY B 32 -1.87 53.74 6.21
CA GLY B 32 -1.58 52.49 6.85
C GLY B 32 -1.27 52.54 8.34
N ILE B 33 -0.65 53.62 8.82
CA ILE B 33 -0.33 53.79 10.25
C ILE B 33 -1.53 53.99 11.17
N GLY B 34 -1.39 53.56 12.44
CA GLY B 34 -2.47 53.58 13.43
C GLY B 34 -2.33 54.75 14.37
N ILE B 35 -2.51 55.99 13.84
CA ILE B 35 -2.04 57.25 14.48
C ILE B 35 -2.84 58.51 14.03
N TYR B 36 -3.07 59.47 14.92
CA TYR B 36 -3.85 60.62 14.49
C TYR B 36 -2.97 61.70 13.88
N TYR B 37 -3.23 62.04 12.63
CA TYR B 37 -2.64 63.23 12.03
C TYR B 37 -3.69 64.35 11.88
N ASP B 38 -3.33 65.62 12.07
CA ASP B 38 -4.34 66.70 11.86
C ASP B 38 -4.56 67.09 10.36
N GLU B 39 -5.29 68.16 10.08
CA GLU B 39 -5.54 68.51 8.65
C GLU B 39 -4.32 69.02 7.93
N SER B 40 -3.24 69.30 8.66
CA SER B 40 -1.95 69.55 7.99
C SER B 40 -1.10 68.27 7.88
N GLY B 41 -1.67 67.17 8.34
CA GLY B 41 -1.07 65.85 8.16
C GLY B 41 0.06 65.60 9.12
N VAL B 42 0.09 66.30 10.24
CA VAL B 42 1.16 66.11 11.20
C VAL B 42 0.54 65.55 12.52
N MET B 43 1.36 64.90 13.37
CA MET B 43 0.89 64.61 14.76
C MET B 43 0.68 65.89 15.66
N PRO B 44 -0.54 66.07 16.20
CA PRO B 44 -0.81 67.28 16.94
C PRO B 44 -0.23 67.18 18.34
N VAL B 45 0.20 68.32 18.91
CA VAL B 45 0.46 68.43 20.35
C VAL B 45 -0.74 69.15 20.95
N LEU B 46 -1.41 68.57 21.91
CA LEU B 46 -2.64 69.20 22.39
C LEU B 46 -2.39 70.44 23.28
N ASP B 47 -3.29 71.39 23.26
CA ASP B 47 -2.98 72.63 23.95
C ASP B 47 -2.93 72.45 25.44
N CYS B 48 -3.84 71.60 25.93
CA CYS B 48 -3.91 71.20 27.35
C CYS B 48 -2.71 70.38 27.77
N VAL B 49 -2.13 69.57 26.89
CA VAL B 49 -0.94 68.80 27.22
C VAL B 49 0.20 69.77 27.37
N LYS B 50 0.16 70.75 26.48
CA LYS B 50 1.19 71.71 26.39
C LYS B 50 1.18 72.50 27.68
N ILE B 51 0.02 72.92 28.16
CA ILE B 51 -0.02 73.58 29.47
C ILE B 51 0.47 72.65 30.62
N ALA B 52 0.02 71.39 30.64
CA ALA B 52 0.39 70.45 31.71
C ALA B 52 1.90 70.34 31.75
N GLU B 53 2.50 70.23 30.58
CA GLU B 53 3.92 70.03 30.44
C GLU B 53 4.72 71.22 30.85
N GLN B 54 4.19 72.40 30.56
CA GLN B 54 4.68 73.64 31.11
C GLN B 54 4.64 73.59 32.63
N ARG B 55 3.61 73.01 33.25
CA ARG B 55 3.61 72.98 34.72
C ARG B 55 4.69 72.07 35.25
N ILE B 56 5.00 71.02 34.50
CA ILE B 56 5.90 69.95 34.95
C ILE B 56 7.30 70.53 34.93
N ALA B 57 7.58 71.34 33.90
CA ALA B 57 8.85 72.05 33.75
C ALA B 57 9.06 73.31 34.66
N ASP B 58 8.22 73.50 35.68
CA ASP B 58 8.26 74.69 36.52
C ASP B 58 7.67 74.37 37.89
N PRO B 59 8.51 73.95 38.83
CA PRO B 59 9.95 73.69 38.68
C PRO B 59 10.20 72.27 38.26
N ILE B 60 11.32 72.03 37.60
CA ILE B 60 11.83 70.67 37.34
C ILE B 60 12.01 69.97 38.71
N SER B 61 11.32 68.86 38.94
CA SER B 61 11.29 68.32 40.32
C SER B 61 12.16 67.08 40.61
N PRO B 62 12.40 66.82 41.92
CA PRO B 62 13.03 65.51 42.23
C PRO B 62 12.12 64.36 41.70
N ARG B 63 12.64 63.18 41.45
CA ARG B 63 11.87 62.24 40.68
C ARG B 63 11.72 60.91 41.33
N PRO B 64 10.94 60.88 42.41
CA PRO B 64 10.83 59.60 43.10
C PRO B 64 10.08 58.55 42.29
N TYR B 65 10.20 57.29 42.71
CA TYR B 65 9.31 56.24 42.24
C TYR B 65 7.87 56.60 42.48
N LEU B 66 7.05 56.38 41.46
CA LEU B 66 5.63 56.46 41.62
C LEU B 66 5.19 55.23 42.39
N PRO B 67 4.02 55.32 43.01
CA PRO B 67 3.56 54.11 43.66
C PRO B 67 3.38 53.08 42.60
N MET B 68 3.43 51.80 42.96
CA MET B 68 3.21 50.74 41.98
C MET B 68 1.90 50.96 41.26
N ALA B 69 0.94 51.58 41.92
CA ALA B 69 -0.34 51.79 41.27
C ALA B 69 -0.42 53.00 40.39
N GLY B 70 0.66 53.76 40.28
CA GLY B 70 0.60 55.06 39.60
C GLY B 70 0.02 56.15 40.50
N LEU B 71 -0.01 57.40 39.99
CA LEU B 71 -0.46 58.56 40.76
C LEU B 71 -1.92 58.40 41.10
N PRO B 72 -2.25 58.61 42.39
CA PRO B 72 -3.64 58.79 42.90
C PRO B 72 -4.64 59.49 41.92
N GLY B 73 -4.26 60.64 41.42
CA GLY B 73 -5.09 61.37 40.47
C GLY B 73 -5.22 60.75 39.09
N HIS B 74 -4.11 60.25 38.54
CA HIS B 74 -4.13 59.47 37.26
C HIS B 74 -5.16 58.35 37.34
N ARG B 75 -5.05 57.56 38.42
CA ARG B 75 -5.95 56.47 38.78
C ARG B 75 -7.39 56.91 38.80
N LYS B 76 -7.67 57.92 39.61
CA LYS B 76 -8.99 58.59 39.58
C LYS B 76 -9.41 59.12 38.16
N GLY B 77 -8.47 59.69 37.43
CA GLY B 77 -8.78 60.19 36.12
C GLY B 77 -9.30 59.14 35.17
N CYS B 78 -8.60 58.02 35.01
CA CYS B 78 -9.18 56.90 34.30
C CYS B 78 -10.55 56.56 34.88
N GLN B 79 -10.70 56.47 36.20
CA GLN B 79 -11.98 55.98 36.67
C GLN B 79 -13.13 56.96 36.29
N GLU B 80 -12.89 58.28 36.37
CA GLU B 80 -14.03 59.14 36.22
C GLU B 80 -14.33 59.15 34.78
N LEU B 81 -13.28 59.01 34.01
CA LEU B 81 -13.48 59.11 32.61
C LEU B 81 -14.23 57.91 32.15
N LEU B 82 -13.95 56.79 32.74
CA LEU B 82 -14.62 55.62 32.26
C LEU B 82 -16.01 55.45 32.90
N PHE B 83 -16.12 55.64 34.21
CA PHE B 83 -17.39 55.26 34.85
C PHE B 83 -18.38 56.44 35.10
N GLY B 84 -17.89 57.66 34.92
CA GLY B 84 -18.67 58.94 34.89
C GLY B 84 -18.19 59.66 36.11
N LYS B 85 -18.06 60.99 36.10
CA LYS B 85 -17.74 61.76 37.32
CA LYS B 85 -17.67 61.69 37.35
C LYS B 85 -18.62 61.34 38.53
N ASP B 86 -18.01 61.02 39.67
CA ASP B 86 -18.75 60.65 40.90
C ASP B 86 -19.77 59.52 40.67
N ALA B 87 -19.37 58.52 39.91
CA ALA B 87 -20.21 57.36 39.66
C ALA B 87 -20.45 56.62 40.96
N PRO B 88 -21.70 56.19 41.20
CA PRO B 88 -22.05 55.22 42.25
C PRO B 88 -20.99 54.17 42.54
N VAL B 89 -20.64 53.33 41.59
CA VAL B 89 -19.57 52.31 41.76
C VAL B 89 -18.22 52.85 42.34
N LEU B 90 -17.89 54.10 42.01
CA LEU B 90 -16.70 54.74 42.53
C LEU B 90 -16.93 55.16 43.95
N LYS B 91 -18.10 55.71 44.28
CA LYS B 91 -18.36 56.11 45.65
C LYS B 91 -18.29 54.93 46.58
N ASP B 92 -18.84 53.82 46.17
CA ASP B 92 -18.91 52.61 47.00
C ASP B 92 -17.52 51.93 47.06
N GLY B 93 -16.55 52.57 46.40
CA GLY B 93 -15.21 52.05 46.16
C GLY B 93 -15.13 50.66 45.53
N LEU B 94 -15.97 50.37 44.55
CA LEU B 94 -16.01 48.99 43.99
C LEU B 94 -15.06 48.68 42.80
N VAL B 95 -14.20 49.64 42.50
CA VAL B 95 -13.33 49.53 41.35
C VAL B 95 -11.85 49.53 41.75
N ALA B 96 -11.11 48.46 41.46
CA ALA B 96 -9.65 48.53 41.61
C ALA B 96 -8.92 49.09 40.32
N THR B 97 -8.15 50.16 40.45
CA THR B 97 -7.53 50.76 39.28
C THR B 97 -5.99 51.01 39.40
N ILE B 98 -5.27 50.76 38.31
CA ILE B 98 -3.88 51.12 38.26
C ILE B 98 -3.58 51.94 36.99
N ALA B 99 -2.61 52.85 37.07
CA ALA B 99 -1.99 53.48 35.88
C ALA B 99 -1.24 52.39 35.24
N THR B 100 -0.98 52.50 33.96
CA THR B 100 -0.31 51.39 33.31
C THR B 100 0.48 51.98 32.14
N ILE B 101 1.36 51.17 31.59
CA ILE B 101 2.25 51.54 30.52
C ILE B 101 1.40 51.40 29.25
N GLY B 102 0.64 52.45 28.96
CA GLY B 102 -0.30 52.39 27.84
C GLY B 102 -1.47 51.45 28.03
N GLY B 103 -2.27 51.30 26.96
CA GLY B 103 -3.28 50.29 26.84
C GLY B 103 -2.57 48.94 26.89
N SER B 104 -1.54 48.81 26.08
CA SER B 104 -0.76 47.58 26.06
C SER B 104 -0.44 47.02 27.46
N GLY B 105 0.21 47.82 28.31
CA GLY B 105 0.53 47.46 29.69
C GLY B 105 -0.71 47.08 30.48
N ALA B 106 -1.83 47.75 30.19
CA ALA B 106 -3.05 47.41 30.92
C ALA B 106 -3.58 46.05 30.46
N LEU B 107 -3.54 45.81 29.13
CA LEU B 107 -3.82 44.46 28.63
C LEU B 107 -2.92 43.42 29.33
N LYS B 108 -1.63 43.75 29.41
CA LYS B 108 -0.65 42.80 29.90
C LYS B 108 -0.94 42.42 31.37
N VAL B 109 -1.22 43.44 32.18
CA VAL B 109 -1.46 43.23 33.59
C VAL B 109 -2.73 42.49 33.77
N GLY B 110 -3.81 42.83 33.02
CA GLY B 110 -5.14 42.19 33.20
C GLY B 110 -4.99 40.74 32.80
N ALA B 111 -4.41 40.53 31.63
CA ALA B 111 -4.18 39.19 31.22
C ALA B 111 -3.34 38.39 32.25
N GLU B 112 -2.31 38.98 32.85
CA GLU B 112 -1.46 38.20 33.71
C GLU B 112 -2.16 37.77 34.99
N PHE B 113 -2.91 38.72 35.51
CA PHE B 113 -3.87 38.51 36.56
C PHE B 113 -4.90 37.43 36.21
N ILE B 114 -5.61 37.54 35.09
CA ILE B 114 -6.56 36.51 34.80
C ILE B 114 -5.84 35.17 34.63
N HIS B 115 -4.63 35.16 34.09
CA HIS B 115 -3.89 33.89 34.02
C HIS B 115 -3.58 33.28 35.40
N GLU B 116 -3.26 34.09 36.40
CA GLU B 116 -2.85 33.56 37.69
C GLU B 116 -4.05 33.00 38.45
N TRP B 117 -5.16 33.68 38.32
CA TRP B 117 -6.27 33.33 39.18
C TRP B 117 -7.32 32.49 38.48
N PHE B 118 -7.46 32.69 37.17
CA PHE B 118 -8.36 31.86 36.36
C PHE B 118 -7.61 31.13 35.24
N PRO B 119 -6.69 30.23 35.64
CA PRO B 119 -5.82 29.63 34.69
C PRO B 119 -6.59 28.75 33.72
N GLN B 120 -7.87 28.58 33.98
CA GLN B 120 -8.78 27.77 33.13
C GLN B 120 -9.47 28.54 31.99
N SER B 121 -9.24 29.83 31.87
CA SER B 121 -10.01 30.65 30.97
C SER B 121 -9.34 30.71 29.63
N LYS B 122 -10.13 30.57 28.58
CA LYS B 122 -9.64 30.88 27.25
C LYS B 122 -10.08 32.31 26.96
N CYS B 123 -9.45 32.97 26.02
CA CYS B 123 -9.80 34.30 25.76
C CYS B 123 -10.29 34.33 24.35
N TYR B 124 -11.39 35.03 24.06
CA TYR B 124 -11.67 35.25 22.66
C TYR B 124 -11.55 36.67 22.20
N VAL B 125 -10.98 36.86 21.03
CA VAL B 125 -10.89 38.19 20.50
C VAL B 125 -11.81 38.27 19.32
N SER B 126 -12.05 39.45 18.81
CA SER B 126 -13.01 39.58 17.70
C SER B 126 -12.24 39.23 16.44
N ASP B 127 -12.96 38.95 15.36
CA ASP B 127 -12.38 38.62 14.09
C ASP B 127 -12.80 39.65 13.06
N PRO B 128 -11.87 40.52 12.59
CA PRO B 128 -10.49 40.65 13.05
C PRO B 128 -10.44 41.53 14.32
N THR B 129 -9.21 41.74 14.79
CA THR B 129 -8.90 42.58 15.96
C THR B 129 -7.47 43.11 15.81
N TRP B 130 -7.05 43.95 16.74
CA TRP B 130 -5.68 44.42 16.69
C TRP B 130 -4.87 43.23 17.14
N GLY B 131 -3.91 42.84 16.32
CA GLY B 131 -3.11 41.65 16.52
C GLY B 131 -2.35 41.67 17.80
N ASN B 132 -1.93 42.85 18.28
CA ASN B 132 -1.33 42.86 19.64
C ASN B 132 -2.20 42.31 20.80
N HIS B 133 -3.53 42.33 20.66
CA HIS B 133 -4.45 41.58 21.56
C HIS B 133 -3.99 40.17 21.76
N ILE B 134 -3.90 39.43 20.65
CA ILE B 134 -3.44 38.04 20.64
C ILE B 134 -2.01 37.89 21.15
N ALA B 135 -1.04 38.62 20.62
CA ALA B 135 0.29 38.37 21.10
C ALA B 135 0.40 38.62 22.64
N ILE B 136 -0.30 39.62 23.17
CA ILE B 136 -0.30 39.85 24.63
C ILE B 136 -0.94 38.74 25.47
N PHE B 137 -2.15 38.34 25.14
CA PHE B 137 -2.70 37.19 25.85
C PHE B 137 -1.95 35.90 25.57
N GLU B 138 -1.41 35.68 24.39
CA GLU B 138 -0.68 34.42 24.16
C GLU B 138 0.63 34.47 24.99
N GLY B 139 1.15 35.68 25.11
CA GLY B 139 2.36 35.98 25.86
C GLY B 139 2.29 35.63 27.30
N CYS B 140 1.09 35.40 27.82
CA CYS B 140 0.84 34.99 29.20
C CYS B 140 0.49 33.50 29.34
N ASP B 141 0.33 32.81 28.21
CA ASP B 141 -0.09 31.40 28.23
C ASP B 141 -1.55 31.14 28.37
N ILE B 142 -2.30 32.10 27.89
CA ILE B 142 -3.68 31.93 27.77
C ILE B 142 -3.93 31.33 26.40
N GLU B 143 -4.93 30.48 26.33
CA GLU B 143 -5.43 30.03 25.06
C GLU B 143 -6.25 31.14 24.37
N VAL B 144 -5.79 31.68 23.25
CA VAL B 144 -6.61 32.65 22.50
C VAL B 144 -7.41 32.03 21.31
N GLY B 145 -8.73 32.26 21.26
CA GLY B 145 -9.57 31.99 20.05
C GLY B 145 -10.17 33.26 19.47
N LYS B 146 -10.92 33.17 18.39
CA LYS B 146 -11.59 34.39 17.96
C LYS B 146 -13.12 34.27 17.97
N TYR B 147 -13.90 35.33 18.12
CA TYR B 147 -15.35 35.14 18.03
C TYR B 147 -15.79 35.79 16.75
N PRO B 148 -16.90 35.35 16.16
CA PRO B 148 -17.39 35.96 14.86
C PRO B 148 -17.87 37.42 14.89
N TYR B 149 -17.18 38.31 14.17
CA TYR B 149 -17.52 39.71 14.18
C TYR B 149 -17.82 40.34 12.83
N TYR B 150 -16.76 40.66 12.07
CA TYR B 150 -16.96 41.44 10.86
C TYR B 150 -17.53 40.51 9.79
N ASP B 151 -18.69 40.85 9.20
CA ASP B 151 -19.28 40.04 8.13
C ASP B 151 -18.71 40.52 6.82
N THR B 152 -17.72 39.84 6.34
CA THR B 152 -17.12 40.33 5.12
C THR B 152 -18.06 40.48 3.87
N ALA B 153 -19.12 39.68 3.87
CA ALA B 153 -20.15 39.71 2.89
C ALA B 153 -20.92 41.02 2.88
N THR B 154 -21.11 41.68 4.04
CA THR B 154 -21.98 42.88 4.10
C THR B 154 -21.34 44.18 4.61
N GLY B 155 -20.15 44.09 5.22
CA GLY B 155 -19.60 45.25 5.85
C GLY B 155 -20.23 45.44 7.23
N GLY B 156 -20.92 44.44 7.77
CA GLY B 156 -21.69 44.66 9.04
C GLY B 156 -21.19 43.64 10.02
N ILE B 157 -21.57 43.76 11.31
CA ILE B 157 -21.38 42.68 12.35
C ILE B 157 -22.25 41.44 12.04
N LYS B 158 -21.66 40.26 12.00
CA LYS B 158 -22.53 39.09 11.87
C LYS B 158 -23.12 38.72 13.22
N PHE B 159 -23.99 39.59 13.68
CA PHE B 159 -24.45 39.57 15.02
C PHE B 159 -24.96 38.21 15.56
N ASP B 160 -25.78 37.49 14.79
CA ASP B 160 -26.40 36.23 15.23
CA ASP B 160 -26.39 36.32 15.40
C ASP B 160 -25.42 35.13 15.65
N GLU B 161 -24.51 34.86 14.73
CA GLU B 161 -23.48 33.88 14.87
C GLU B 161 -22.56 34.22 16.03
N MET B 162 -22.33 35.53 16.21
CA MET B 162 -21.56 36.01 17.33
C MET B 162 -22.17 35.64 18.71
N ILE B 163 -23.42 36.05 18.89
CA ILE B 163 -24.24 35.73 20.04
C ILE B 163 -24.26 34.25 20.29
N ALA B 164 -24.58 33.49 19.24
CA ALA B 164 -24.76 32.07 19.39
C ALA B 164 -23.41 31.50 19.82
N PHE B 165 -22.32 32.06 19.29
CA PHE B 165 -20.97 31.62 19.70
C PHE B 165 -20.69 31.85 21.19
N PHE B 166 -21.02 33.04 21.71
CA PHE B 166 -20.99 33.21 23.18
C PHE B 166 -21.80 32.15 23.95
N GLU B 167 -22.92 31.72 23.41
CA GLU B 167 -23.72 30.71 24.04
C GLU B 167 -22.94 29.44 24.30
N THR B 168 -21.93 29.17 23.49
CA THR B 168 -21.13 27.95 23.66
C THR B 168 -19.99 28.04 24.70
N LEU B 169 -19.85 29.19 25.33
CA LEU B 169 -18.67 29.47 26.13
C LEU B 169 -18.86 29.09 27.61
N ASN B 170 -17.72 28.89 28.30
CA ASN B 170 -17.68 28.40 29.70
C ASN B 170 -17.71 29.49 30.71
N LYS B 171 -18.11 29.15 31.94
CA LYS B 171 -17.97 30.05 33.13
C LYS B 171 -16.58 30.69 33.18
N ASP B 172 -16.49 32.02 33.39
CA ASP B 172 -15.16 32.69 33.42
C ASP B 172 -14.34 32.83 32.11
N ASP B 173 -14.87 32.45 30.95
CA ASP B 173 -14.09 32.64 29.75
C ASP B 173 -14.12 34.14 29.49
N VAL B 174 -13.05 34.64 28.89
CA VAL B 174 -12.86 36.07 28.69
C VAL B 174 -13.17 36.55 27.28
N LEU B 175 -13.92 37.64 27.22
CA LEU B 175 -14.18 38.23 25.95
C LEU B 175 -13.49 39.53 25.93
N LEU B 176 -12.58 39.65 24.98
CA LEU B 176 -11.95 40.96 24.70
C LEU B 176 -12.85 41.81 23.77
N LEU B 177 -13.57 42.78 24.33
CA LEU B 177 -14.53 43.58 23.53
C LEU B 177 -14.11 45.02 23.28
N HIS B 178 -14.47 45.56 22.12
CA HIS B 178 -14.27 46.97 21.80
C HIS B 178 -15.54 47.81 21.97
N PRO B 179 -15.60 48.55 23.08
CA PRO B 179 -16.79 49.34 23.43
C PRO B 179 -17.20 50.36 22.36
N CYS B 180 -16.25 50.82 21.57
CA CYS B 180 -16.50 51.74 20.43
C CYS B 180 -15.26 51.73 19.55
N CYS B 181 -15.42 52.30 18.34
CA CYS B 181 -14.31 52.54 17.43
C CYS B 181 -13.48 51.34 17.28
N HIS B 182 -14.09 50.26 16.79
CA HIS B 182 -13.39 49.03 16.38
C HIS B 182 -12.06 49.21 15.58
N ASN B 183 -11.08 48.40 15.96
CA ASN B 183 -9.82 48.36 15.28
C ASN B 183 -9.67 46.92 14.87
N PRO B 184 -9.65 46.60 13.57
CA PRO B 184 -9.41 47.37 12.33
C PRO B 184 -10.60 47.89 11.55
N THR B 185 -11.83 47.56 11.94
CA THR B 185 -12.95 47.67 11.00
C THR B 185 -13.66 48.99 11.00
N GLY B 186 -13.58 49.76 12.11
CA GLY B 186 -14.54 50.87 12.43
C GLY B 186 -15.99 50.41 12.65
N VAL B 187 -16.27 49.09 12.61
CA VAL B 187 -17.70 48.64 12.70
C VAL B 187 -18.11 48.43 14.13
N ASP B 188 -19.11 49.20 14.57
CA ASP B 188 -19.55 49.23 15.96
C ASP B 188 -20.87 48.54 16.21
N LEU B 189 -21.05 47.95 17.40
CA LEU B 189 -22.42 47.54 17.84
C LEU B 189 -23.33 48.74 18.16
N THR B 190 -24.61 48.55 17.98
CA THR B 190 -25.59 49.49 18.50
C THR B 190 -25.82 49.26 20.00
N ARG B 191 -26.51 50.22 20.60
CA ARG B 191 -26.87 50.07 21.98
C ARG B 191 -27.75 48.86 22.22
N GLU B 192 -28.75 48.67 21.38
N GLU B 192 -28.74 48.65 21.34
CA GLU B 192 -29.68 47.61 21.62
CA GLU B 192 -29.71 47.54 21.43
C GLU B 192 -28.95 46.27 21.45
C GLU B 192 -28.94 46.26 21.43
N GLN B 193 -27.96 46.26 20.54
CA GLN B 193 -27.04 45.13 20.38
C GLN B 193 -26.14 44.92 21.60
N TRP B 194 -25.54 45.98 22.15
CA TRP B 194 -24.74 45.85 23.40
C TRP B 194 -25.58 45.26 24.53
N ASP B 195 -26.81 45.75 24.65
CA ASP B 195 -27.79 45.21 25.59
C ASP B 195 -27.94 43.75 25.37
N THR B 196 -28.05 43.26 24.12
CA THR B 196 -28.19 41.81 23.90
C THR B 196 -26.94 41.05 24.37
N VAL B 197 -25.78 41.49 23.84
CA VAL B 197 -24.49 40.86 24.11
C VAL B 197 -24.26 40.69 25.59
N LEU B 198 -24.42 41.79 26.33
CA LEU B 198 -24.26 41.81 27.76
C LEU B 198 -25.16 40.85 28.53
N ASN B 199 -26.43 40.72 28.15
CA ASN B 199 -27.25 39.73 28.83
C ASN B 199 -26.66 38.35 28.59
N VAL B 200 -26.07 38.12 27.42
CA VAL B 200 -25.42 36.85 27.21
C VAL B 200 -24.21 36.69 28.09
N ILE B 201 -23.48 37.77 28.34
CA ILE B 201 -22.29 37.63 29.11
C ILE B 201 -22.71 37.38 30.54
N GLN B 202 -23.77 38.04 30.96
CA GLN B 202 -24.33 37.74 32.26
C GLN B 202 -24.82 36.31 32.39
N GLU B 203 -25.64 35.87 31.45
CA GLU B 203 -26.21 34.55 31.57
C GLU B 203 -25.19 33.42 31.56
N ARG B 204 -24.12 33.50 30.77
CA ARG B 204 -23.12 32.41 30.75
C ARG B 204 -21.97 32.60 31.75
N GLU B 205 -22.06 33.66 32.56
CA GLU B 205 -21.07 34.00 33.61
C GLU B 205 -19.67 34.22 33.07
N LEU B 206 -19.56 34.97 31.99
CA LEU B 206 -18.28 35.18 31.34
C LEU B 206 -17.63 36.49 31.82
N ILE B 207 -16.34 36.65 31.52
CA ILE B 207 -15.67 37.88 31.84
C ILE B 207 -15.57 38.89 30.67
N PRO B 208 -16.18 40.05 30.82
CA PRO B 208 -16.01 40.96 29.72
C PRO B 208 -14.72 41.77 29.89
N PHE B 209 -13.82 41.70 28.95
CA PHE B 209 -12.71 42.53 29.09
C PHE B 209 -12.69 43.69 28.04
N MET B 210 -13.06 44.90 28.43
CA MET B 210 -13.24 45.91 27.36
C MET B 210 -11.98 46.72 27.18
N ASP B 211 -11.54 46.84 25.93
CA ASP B 211 -10.31 47.59 25.67
C ASP B 211 -10.70 48.78 24.89
N ILE B 212 -10.71 49.91 25.56
CA ILE B 212 -11.19 51.20 25.01
C ILE B 212 -10.03 52.14 24.69
N ALA B 213 -9.79 52.46 23.43
CA ALA B 213 -8.56 53.14 23.16
C ALA B 213 -8.77 54.43 22.35
N TYR B 214 -10.02 54.66 21.99
CA TYR B 214 -10.36 55.75 21.18
C TYR B 214 -11.55 56.50 21.83
N GLN B 215 -11.60 56.62 23.17
CA GLN B 215 -12.78 57.21 23.79
C GLN B 215 -12.93 58.67 23.33
N GLY B 216 -14.11 59.02 22.82
CA GLY B 216 -14.31 60.35 22.29
C GLY B 216 -14.09 60.49 20.79
N PHE B 217 -13.52 59.47 20.18
CA PHE B 217 -13.34 59.47 18.73
C PHE B 217 -14.64 58.92 18.12
N GLY B 218 -15.53 58.46 19.00
CA GLY B 218 -16.69 57.74 18.62
C GLY B 218 -17.92 58.56 18.43
N GLU B 219 -18.65 58.72 19.51
CA GLU B 219 -19.81 59.55 19.50
C GLU B 219 -19.43 60.73 20.37
N ASP B 220 -19.08 60.44 21.61
CA ASP B 220 -18.69 61.47 22.57
C ASP B 220 -18.24 60.68 23.78
N MET B 221 -17.62 61.35 24.76
CA MET B 221 -16.99 60.66 25.91
C MET B 221 -17.96 59.74 26.60
N ASP B 222 -19.11 60.30 26.97
CA ASP B 222 -20.07 59.61 27.78
C ASP B 222 -20.69 58.45 27.07
N SER B 223 -20.95 58.69 25.81
CA SER B 223 -21.59 57.74 24.96
C SER B 223 -20.70 56.60 24.59
N ASP B 224 -19.45 56.90 24.28
CA ASP B 224 -18.45 55.89 23.94
C ASP B 224 -18.30 54.82 25.02
N ALA B 225 -18.70 55.18 26.24
CA ALA B 225 -18.46 54.32 27.40
C ALA B 225 -19.71 53.55 27.77
N TYR B 226 -20.71 53.71 26.92
CA TYR B 226 -21.98 53.12 27.22
C TYR B 226 -21.82 51.64 27.64
N ALA B 227 -21.07 50.86 26.86
CA ALA B 227 -20.90 49.42 27.13
C ALA B 227 -20.32 49.17 28.53
N ILE B 228 -19.31 49.96 28.83
CA ILE B 228 -18.65 49.89 30.12
C ILE B 228 -19.74 50.16 31.24
N ARG B 229 -20.47 51.28 31.14
CA ARG B 229 -21.40 51.72 32.18
C ARG B 229 -22.59 50.82 32.33
N LYS B 230 -23.05 50.29 31.22
CA LYS B 230 -24.04 49.23 31.22
C LYS B 230 -23.54 47.98 31.93
N ALA B 231 -22.32 47.54 31.61
CA ALA B 231 -21.76 46.33 32.17
C ALA B 231 -21.68 46.43 33.67
N VAL B 232 -21.36 47.65 34.14
CA VAL B 232 -21.20 47.96 35.55
C VAL B 232 -22.58 47.78 36.12
N ASP B 233 -23.53 48.47 35.49
CA ASP B 233 -24.88 48.53 36.05
C ASP B 233 -25.48 47.13 36.21
N MET B 234 -24.97 46.20 35.42
CA MET B 234 -25.41 44.84 35.38
C MET B 234 -24.68 43.84 36.29
N GLY B 235 -23.70 44.27 37.08
CA GLY B 235 -23.03 43.35 38.03
C GLY B 235 -22.00 42.41 37.37
N LEU B 236 -21.55 42.80 36.16
CA LEU B 236 -20.55 41.97 35.44
C LEU B 236 -19.17 42.16 36.10
N PRO B 237 -18.30 41.13 36.05
CA PRO B 237 -16.95 41.23 36.61
C PRO B 237 -16.07 41.92 35.55
N LEU B 238 -16.21 43.23 35.45
CA LEU B 238 -15.75 43.94 34.26
C LEU B 238 -14.23 44.15 34.32
N PHE B 239 -13.52 43.96 33.22
CA PHE B 239 -12.16 44.47 33.14
C PHE B 239 -12.15 45.62 32.13
N VAL B 240 -11.46 46.71 32.44
CA VAL B 240 -11.32 47.74 31.45
C VAL B 240 -9.90 48.20 31.34
N SER B 241 -9.31 48.02 30.17
CA SER B 241 -8.00 48.57 29.86
C SER B 241 -8.26 49.81 29.04
N ASN B 242 -7.62 50.93 29.37
CA ASN B 242 -7.91 52.15 28.63
C ASN B 242 -6.63 52.85 28.35
N SER B 243 -6.64 53.62 27.27
CA SER B 243 -5.44 54.25 26.69
C SER B 243 -5.54 55.71 26.42
N PHE B 244 -4.49 56.49 26.72
CA PHE B 244 -4.46 57.91 26.36
C PHE B 244 -3.62 58.23 25.19
N SER B 245 -3.08 57.20 24.59
CA SER B 245 -2.18 57.34 23.45
C SER B 245 -2.70 58.25 22.33
N LYS B 246 -3.90 57.95 21.85
CA LYS B 246 -4.46 58.59 20.69
C LYS B 246 -5.17 59.85 21.15
N ASN B 247 -5.94 59.78 22.23
CA ASN B 247 -6.75 60.93 22.58
C ASN B 247 -6.01 61.97 23.45
N LEU B 248 -4.75 61.68 23.83
CA LEU B 248 -3.92 62.79 24.24
C LEU B 248 -2.75 63.09 23.32
N SER B 249 -2.69 62.49 22.15
CA SER B 249 -1.40 62.55 21.38
C SER B 249 -0.15 62.27 22.29
N LEU B 250 -0.33 61.36 23.23
CA LEU B 250 0.78 60.96 24.07
C LEU B 250 1.21 59.48 23.90
N TYR B 251 1.20 58.92 22.68
CA TYR B 251 1.69 57.58 22.36
C TYR B 251 2.98 57.20 23.06
N GLY B 252 4.04 57.97 22.84
CA GLY B 252 5.33 57.68 23.47
C GLY B 252 5.42 57.73 25.00
N GLU B 253 4.54 58.50 25.64
CA GLU B 253 4.66 58.70 27.07
C GLU B 253 4.06 57.51 27.79
N ARG B 254 3.40 56.62 27.04
CA ARG B 254 2.91 55.33 27.58
C ARG B 254 1.96 55.56 28.76
N VAL B 255 0.83 56.22 28.53
CA VAL B 255 -0.08 56.42 29.68
C VAL B 255 -1.34 55.69 29.38
N GLY B 256 -1.91 55.03 30.40
CA GLY B 256 -3.06 54.06 30.27
C GLY B 256 -3.60 53.67 31.65
N GLY B 257 -4.64 52.87 31.71
CA GLY B 257 -5.17 52.47 33.00
C GLY B 257 -5.72 51.06 32.88
N LEU B 258 -5.69 50.28 33.95
CA LEU B 258 -6.46 49.03 33.98
C LEU B 258 -7.50 49.14 35.06
N SER B 259 -8.79 48.91 34.77
CA SER B 259 -9.79 48.89 35.87
C SER B 259 -10.45 47.55 36.10
N VAL B 260 -10.60 47.11 37.36
CA VAL B 260 -11.34 45.87 37.61
C VAL B 260 -12.45 46.14 38.58
N VAL B 261 -13.68 45.90 38.14
CA VAL B 261 -14.88 46.19 38.89
C VAL B 261 -15.31 44.95 39.66
N CYS B 262 -15.23 45.07 40.98
CA CYS B 262 -15.55 43.94 41.84
C CYS B 262 -16.92 44.11 42.54
N PRO B 263 -17.44 43.01 43.13
CA PRO B 263 -18.64 42.93 43.97
C PRO B 263 -18.66 43.70 45.28
N THR B 264 -17.57 43.68 46.04
CA THR B 264 -17.60 44.14 47.42
C THR B 264 -16.31 44.82 47.73
N VAL B 265 -16.32 45.73 48.68
CA VAL B 265 -15.06 46.41 49.04
C VAL B 265 -13.88 45.43 49.35
N ASP B 266 -14.20 44.30 49.97
CA ASP B 266 -13.17 43.35 50.32
C ASP B 266 -12.56 42.72 49.08
N GLU B 267 -13.35 42.25 48.13
CA GLU B 267 -12.80 41.79 46.86
C GLU B 267 -11.98 42.89 46.11
N THR B 268 -12.43 44.14 46.17
CA THR B 268 -11.70 45.24 45.65
C THR B 268 -10.32 45.28 46.28
N GLU B 269 -10.22 45.20 47.60
CA GLU B 269 -8.91 45.17 48.27
C GLU B 269 -7.98 44.04 47.72
N ARG B 270 -8.55 42.86 47.50
CA ARG B 270 -7.82 41.67 47.02
C ARG B 270 -7.24 41.86 45.62
N VAL B 271 -8.11 42.15 44.66
CA VAL B 271 -7.75 42.49 43.30
C VAL B 271 -6.71 43.62 43.25
N PHE B 272 -6.96 44.70 43.96
CA PHE B 272 -6.01 45.79 43.94
C PHE B 272 -4.59 45.37 44.37
N GLY B 273 -4.43 44.68 45.51
CA GLY B 273 -3.10 44.29 45.95
C GLY B 273 -2.44 43.44 44.89
N GLN B 274 -3.26 42.58 44.26
CA GLN B 274 -2.77 41.68 43.23
C GLN B 274 -2.38 42.42 41.93
N LEU B 275 -3.09 43.50 41.60
CA LEU B 275 -2.71 44.26 40.45
C LEU B 275 -1.35 44.83 40.79
N ASN B 276 -1.17 45.21 42.07
CA ASN B 276 0.09 45.81 42.49
C ASN B 276 1.26 44.80 42.38
N SER B 277 1.10 43.65 43.06
CA SER B 277 2.06 42.58 43.00
C SER B 277 2.43 42.24 41.52
N THR B 278 1.43 42.22 40.61
CA THR B 278 1.71 41.98 39.19
C THR B 278 2.57 43.08 38.54
N VAL B 279 2.20 44.33 38.71
CA VAL B 279 3.03 45.38 38.25
C VAL B 279 4.48 45.18 38.81
N ARG B 280 4.58 44.76 40.06
CA ARG B 280 5.89 44.69 40.71
CA ARG B 280 5.86 44.66 40.71
C ARG B 280 6.75 43.67 39.97
N ARG B 281 6.21 42.56 39.54
CA ARG B 281 7.10 41.55 39.02
C ARG B 281 7.31 41.73 37.56
N ILE B 282 6.79 42.84 37.03
CA ILE B 282 6.94 43.14 35.61
C ILE B 282 7.94 44.30 35.36
N TYR B 283 7.68 45.47 35.95
CA TYR B 283 8.35 46.69 35.63
C TYR B 283 8.43 47.59 36.87
N SER B 284 7.88 47.14 38.00
CA SER B 284 7.95 47.89 39.31
C SER B 284 7.04 49.11 39.58
N SER B 285 7.04 50.07 38.67
CA SER B 285 6.22 51.24 38.84
C SER B 285 6.32 52.07 37.57
N PRO B 286 5.24 52.86 37.26
CA PRO B 286 5.05 53.43 35.92
C PRO B 286 5.75 54.75 35.78
N PRO B 287 5.95 55.27 34.55
CA PRO B 287 6.80 56.47 34.35
C PRO B 287 6.10 57.78 34.76
N SER B 288 6.88 58.62 35.40
CA SER B 288 6.39 59.70 36.15
C SER B 288 5.82 60.74 35.21
N HIS B 289 6.51 60.97 34.10
CA HIS B 289 6.21 62.14 33.38
C HIS B 289 4.80 62.02 32.81
N GLY B 290 4.57 60.94 32.06
CA GLY B 290 3.27 60.63 31.51
C GLY B 290 2.18 60.71 32.58
N GLY B 291 2.47 60.07 33.72
CA GLY B 291 1.60 60.03 34.86
C GLY B 291 1.23 61.42 35.29
N ARG B 292 2.18 62.34 35.31
CA ARG B 292 1.82 63.69 35.77
C ARG B 292 0.93 64.37 34.75
N VAL B 293 1.12 64.06 33.47
CA VAL B 293 0.32 64.71 32.46
C VAL B 293 -1.11 64.29 32.57
N VAL B 294 -1.37 62.99 32.60
CA VAL B 294 -2.69 62.46 32.84
C VAL B 294 -3.27 63.00 34.12
N ASP B 295 -2.54 62.95 35.20
CA ASP B 295 -2.99 63.56 36.43
C ASP B 295 -3.44 65.01 36.24
N ILE B 296 -2.60 65.85 35.67
CA ILE B 296 -2.94 67.27 35.54
C ILE B 296 -4.17 67.49 34.66
N VAL B 297 -4.21 66.88 33.45
CA VAL B 297 -5.24 67.22 32.46
C VAL B 297 -6.57 66.75 32.94
N MET B 298 -6.67 65.51 33.41
CA MET B 298 -7.96 64.98 33.86
C MET B 298 -8.54 65.69 35.06
N ASN B 299 -7.69 66.07 36.00
CA ASN B 299 -8.18 66.59 37.27
C ASN B 299 -8.38 68.10 37.39
N ASP B 300 -7.75 68.84 36.47
CA ASP B 300 -7.92 70.28 36.36
C ASP B 300 -9.10 70.52 35.41
N ALA B 301 -10.24 70.75 36.02
CA ALA B 301 -11.50 70.94 35.27
C ALA B 301 -11.39 71.83 34.07
N ALA B 302 -10.63 72.93 34.15
CA ALA B 302 -10.50 73.83 32.98
C ALA B 302 -9.69 73.17 31.91
N LEU B 303 -8.65 72.43 32.29
CA LEU B 303 -7.83 71.83 31.28
C LEU B 303 -8.58 70.63 30.64
N HIS B 304 -9.32 69.95 31.47
CA HIS B 304 -10.17 68.84 31.07
C HIS B 304 -11.17 69.33 30.02
N GLU B 305 -11.82 70.46 30.30
CA GLU B 305 -12.77 70.99 29.34
C GLU B 305 -12.14 71.38 28.04
N GLN B 306 -10.96 71.99 28.12
CA GLN B 306 -10.15 72.24 26.95
C GLN B 306 -9.86 70.95 26.19
N TRP B 307 -9.37 69.91 26.92
CA TRP B 307 -9.00 68.58 26.37
C TRP B 307 -10.09 67.99 25.54
N VAL B 308 -11.23 67.82 26.20
CA VAL B 308 -12.46 67.30 25.57
C VAL B 308 -12.79 68.02 24.21
N GLY B 309 -12.74 69.34 24.20
CA GLY B 309 -12.94 70.05 23.00
C GLY B 309 -11.95 69.76 21.87
N GLU B 310 -10.66 69.62 22.17
CA GLU B 310 -9.67 69.22 21.15
C GLU B 310 -9.97 67.85 20.59
N VAL B 311 -10.41 66.95 21.51
CA VAL B 311 -10.74 65.56 21.17
C VAL B 311 -11.91 65.55 20.20
N TYR B 312 -12.96 66.29 20.52
CA TYR B 312 -14.11 66.39 19.59
C TYR B 312 -13.71 66.99 18.26
N ALA B 313 -12.69 67.84 18.27
CA ALA B 313 -12.24 68.43 17.04
C ALA B 313 -11.76 67.33 16.16
N MET B 314 -10.91 66.45 16.71
CA MET B 314 -10.41 65.33 15.92
C MET B 314 -11.60 64.44 15.49
N ARG B 315 -12.58 64.22 16.38
CA ARG B 315 -13.69 63.27 16.11
C ARG B 315 -14.42 63.77 14.92
N ASP B 316 -14.62 65.09 14.93
CA ASP B 316 -15.32 65.73 13.86
C ASP B 316 -14.50 65.82 12.62
N ARG B 317 -13.19 65.94 12.74
CA ARG B 317 -12.44 66.11 11.51
C ARG B 317 -12.46 64.77 10.79
N ILE B 318 -12.56 63.71 11.57
CA ILE B 318 -12.59 62.39 10.96
C ILE B 318 -13.90 62.19 10.23
N LYS B 319 -15.00 62.57 10.91
CA LYS B 319 -16.34 62.44 10.37
C LYS B 319 -16.50 63.18 9.02
N SER B 320 -15.86 64.33 8.91
CA SER B 320 -15.89 65.04 7.65
C SER B 320 -15.10 64.37 6.55
N MET B 321 -13.89 63.87 6.91
CA MET B 321 -13.07 63.12 5.94
C MET B 321 -13.80 61.86 5.53
N ARG B 322 -14.44 61.24 6.50
CA ARG B 322 -15.39 60.18 6.20
C ARG B 322 -16.56 60.58 5.17
N THR B 323 -17.30 61.66 5.45
CA THR B 323 -18.43 61.99 4.59
C THR B 323 -17.92 62.53 3.26
N LYS B 324 -16.85 63.34 3.31
CA LYS B 324 -16.28 63.88 2.10
C LYS B 324 -15.82 62.73 1.16
N LEU B 325 -15.27 61.65 1.71
CA LEU B 325 -14.97 60.43 0.91
C LEU B 325 -16.16 59.72 0.26
N LYS B 326 -17.23 59.43 1.03
CA LYS B 326 -18.43 58.77 0.47
C LYS B 326 -19.12 59.59 -0.65
N SER B 327 -19.32 60.88 -0.43
CA SER B 327 -19.85 61.75 -1.50
C SER B 327 -19.03 61.63 -2.80
N VAL B 328 -17.69 61.61 -2.74
CA VAL B 328 -16.99 61.43 -4.01
C VAL B 328 -17.19 60.05 -4.62
N LEU B 329 -17.35 59.00 -3.81
CA LEU B 329 -17.57 57.67 -4.35
C LEU B 329 -18.96 57.46 -4.92
N GLU B 330 -19.99 57.99 -4.30
CA GLU B 330 -21.34 57.82 -4.79
C GLU B 330 -21.54 58.64 -6.09
N ALA B 331 -20.93 59.82 -6.12
CA ALA B 331 -20.96 60.67 -7.31
C ALA B 331 -20.49 59.95 -8.57
N LYS B 332 -19.69 58.91 -8.42
CA LYS B 332 -18.94 58.39 -9.54
C LYS B 332 -19.07 56.88 -9.67
N ILE B 333 -19.75 56.26 -8.71
CA ILE B 333 -20.13 54.86 -8.81
C ILE B 333 -21.63 54.91 -8.38
N SER B 334 -22.44 55.31 -9.35
CA SER B 334 -23.87 55.61 -9.20
C SER B 334 -24.73 54.51 -8.57
N GLY B 335 -24.40 53.26 -8.85
CA GLY B 335 -25.15 52.14 -8.29
C GLY B 335 -24.90 51.86 -6.82
N ARG B 336 -23.65 52.03 -6.38
CA ARG B 336 -23.12 51.30 -5.21
C ARG B 336 -23.52 51.82 -3.81
N ASN B 337 -23.41 50.92 -2.84
CA ASN B 337 -23.63 51.28 -1.46
C ASN B 337 -22.35 51.59 -0.67
N PHE B 338 -22.17 52.88 -0.35
CA PHE B 338 -21.05 53.34 0.47
C PHE B 338 -21.35 53.81 1.90
N ASP B 339 -22.54 53.45 2.44
CA ASP B 339 -23.02 53.97 3.74
C ASP B 339 -22.14 53.52 4.88
N TYR B 340 -21.61 52.32 4.77
CA TYR B 340 -20.75 51.79 5.78
C TYR B 340 -19.59 52.74 6.18
N LEU B 341 -19.03 53.49 5.22
CA LEU B 341 -17.99 54.51 5.53
C LEU B 341 -18.36 55.55 6.62
N THR B 342 -19.59 56.02 6.59
CA THR B 342 -20.02 56.98 7.59
C THR B 342 -20.78 56.26 8.73
N ALA B 343 -21.20 55.03 8.50
CA ALA B 343 -21.77 54.26 9.60
C ALA B 343 -20.64 53.80 10.53
N GLN B 344 -19.42 53.69 10.01
CA GLN B 344 -18.29 53.37 10.83
C GLN B 344 -17.84 54.48 11.75
N ASN B 345 -17.10 54.11 12.80
CA ASN B 345 -16.58 55.08 13.74
C ASN B 345 -15.20 54.83 14.14
N GLY B 346 -14.57 55.89 14.58
CA GLY B 346 -13.22 55.79 15.08
C GLY B 346 -12.25 56.10 13.97
N MET B 347 -11.00 55.81 14.28
CA MET B 347 -9.91 56.20 13.45
C MET B 347 -9.78 55.24 12.25
N PHE B 348 -10.36 54.04 12.35
CA PHE B 348 -10.28 53.08 11.25
C PHE B 348 -11.47 52.79 10.40
N SER B 349 -11.17 52.25 9.24
CA SER B 349 -12.24 51.83 8.34
C SER B 349 -11.75 50.64 7.56
N PHE B 350 -12.51 49.53 7.60
CA PHE B 350 -12.53 48.56 6.48
C PHE B 350 -13.28 49.13 5.22
N THR B 351 -12.49 49.52 4.22
CA THR B 351 -12.99 50.14 3.00
C THR B 351 -13.73 49.14 2.13
N GLY B 352 -13.59 47.84 2.41
CA GLY B 352 -14.19 46.81 1.59
C GLY B 352 -13.56 46.66 0.20
N LEU B 353 -12.39 47.23 0.00
CA LEU B 353 -11.56 46.86 -1.14
C LEU B 353 -10.98 45.46 -1.00
N THR B 354 -10.85 44.77 -2.11
CA THR B 354 -10.23 43.43 -2.15
C THR B 354 -8.68 43.52 -2.02
N PRO B 355 -8.03 42.46 -1.47
CA PRO B 355 -6.54 42.50 -1.36
C PRO B 355 -5.83 43.02 -2.62
N GLU B 356 -6.50 42.84 -3.77
CA GLU B 356 -5.94 43.09 -5.11
C GLU B 356 -6.06 44.55 -5.42
N GLN B 357 -7.26 45.09 -5.24
CA GLN B 357 -7.46 46.52 -5.30
C GLN B 357 -6.56 47.31 -4.33
N VAL B 358 -6.31 46.78 -3.14
CA VAL B 358 -5.45 47.45 -2.21
C VAL B 358 -4.05 47.45 -2.75
N GLU B 359 -3.70 46.37 -3.44
CA GLU B 359 -2.41 46.28 -4.06
C GLU B 359 -2.25 47.32 -5.20
N ARG B 360 -3.31 47.48 -5.99
CA ARG B 360 -3.34 48.37 -7.13
C ARG B 360 -3.26 49.89 -6.71
N LEU B 361 -3.89 50.24 -5.60
CA LEU B 361 -3.70 51.58 -5.02
C LEU B 361 -2.24 51.87 -4.74
N GLN B 362 -1.53 50.87 -4.26
CA GLN B 362 -0.18 51.06 -3.87
C GLN B 362 0.71 51.09 -5.11
N SER B 363 0.50 50.16 -6.01
CA SER B 363 1.41 50.10 -7.12
C SER B 363 1.13 51.14 -8.18
N GLU B 364 -0.13 51.47 -8.38
CA GLU B 364 -0.49 52.50 -9.33
C GLU B 364 -0.49 53.97 -8.84
N PHE B 365 -0.71 54.26 -7.54
CA PHE B 365 -0.90 55.65 -7.05
C PHE B 365 -0.18 56.01 -5.74
N GLY B 366 0.54 55.07 -5.13
CA GLY B 366 1.39 55.40 -3.99
C GLY B 366 0.59 55.49 -2.71
N ILE B 367 -0.54 54.78 -2.65
CA ILE B 367 -1.48 54.87 -1.54
C ILE B 367 -1.46 53.60 -0.67
N TYR B 368 -0.91 53.74 0.55
CA TYR B 368 -0.66 52.60 1.40
C TYR B 368 -1.79 52.40 2.39
N MET B 369 -2.40 51.22 2.35
CA MET B 369 -3.39 50.75 3.29
C MET B 369 -2.98 49.36 3.70
N ILE B 370 -3.63 48.78 4.69
CA ILE B 370 -3.49 47.35 5.01
C ILE B 370 -4.39 46.47 4.13
N SER B 371 -3.96 45.25 3.84
CA SER B 371 -4.62 44.41 2.86
C SER B 371 -5.94 43.86 3.29
N ASN B 372 -6.21 43.75 4.61
CA ASN B 372 -7.56 43.39 5.05
C ASN B 372 -8.55 44.52 4.66
N SER B 373 -8.05 45.51 3.93
CA SER B 373 -8.80 46.71 3.57
C SER B 373 -8.81 47.82 4.64
N ARG B 374 -7.98 47.73 5.67
CA ARG B 374 -8.03 48.82 6.65
C ARG B 374 -7.35 50.08 6.20
N MET B 375 -8.05 51.19 6.35
CA MET B 375 -7.45 52.49 6.19
C MET B 375 -7.55 53.35 7.46
N CYS B 376 -6.53 54.12 7.68
CA CYS B 376 -6.60 55.08 8.75
C CYS B 376 -7.23 56.40 8.26
N VAL B 377 -8.50 56.63 8.62
CA VAL B 377 -9.23 57.78 8.11
C VAL B 377 -8.53 59.11 8.45
N ALA B 378 -7.84 59.14 9.60
CA ALA B 378 -7.08 60.33 9.96
C ALA B 378 -5.91 60.66 9.01
N GLY B 379 -5.36 59.67 8.29
CA GLY B 379 -4.32 59.91 7.29
C GLY B 379 -4.73 60.82 6.16
N LEU B 380 -6.05 61.02 6.02
CA LEU B 380 -6.63 61.79 4.97
C LEU B 380 -6.84 63.21 5.44
N ASN B 381 -6.60 64.17 4.55
CA ASN B 381 -6.97 65.57 4.81
C ASN B 381 -7.26 66.26 3.46
N SER B 382 -7.49 67.57 3.46
CA SER B 382 -7.93 68.24 2.24
C SER B 382 -6.88 68.30 1.12
N SER B 383 -5.61 68.33 1.47
CA SER B 383 -4.59 68.30 0.42
C SER B 383 -4.37 66.92 -0.27
N ASN B 384 -4.96 65.87 0.30
CA ASN B 384 -4.91 64.55 -0.33
C ASN B 384 -6.24 63.77 -0.61
N ILE B 385 -7.34 64.31 -0.14
CA ILE B 385 -8.60 63.65 -0.23
C ILE B 385 -9.04 63.40 -1.70
N ASP B 386 -8.83 64.35 -2.62
CA ASP B 386 -9.27 64.11 -3.99
C ASP B 386 -8.43 63.06 -4.69
N TYR B 387 -7.14 63.15 -4.44
CA TYR B 387 -6.19 62.20 -4.98
C TYR B 387 -6.44 60.75 -4.58
N VAL B 388 -6.64 60.54 -3.27
CA VAL B 388 -7.11 59.25 -2.74
C VAL B 388 -8.45 58.84 -3.33
N ALA B 389 -9.39 59.80 -3.39
CA ALA B 389 -10.79 59.46 -3.72
C ALA B 389 -10.93 58.98 -5.15
N ASN B 390 -10.33 59.74 -6.06
CA ASN B 390 -10.30 59.38 -7.47
C ASN B 390 -9.46 58.14 -7.77
N ALA B 391 -8.31 58.03 -7.12
CA ALA B 391 -7.56 56.79 -7.13
C ALA B 391 -8.43 55.60 -6.67
N MET B 392 -9.20 55.73 -5.60
CA MET B 392 -10.08 54.65 -5.23
C MET B 392 -11.13 54.40 -6.31
N VAL B 393 -11.63 55.47 -6.91
CA VAL B 393 -12.60 55.30 -7.99
C VAL B 393 -12.00 54.43 -9.14
N ASP B 394 -10.76 54.68 -9.53
CA ASP B 394 -10.17 53.92 -10.63
C ASP B 394 -10.09 52.41 -10.38
N VAL B 395 -9.55 52.06 -9.23
CA VAL B 395 -9.43 50.71 -8.73
C VAL B 395 -10.78 49.95 -8.53
N LEU B 396 -11.84 50.68 -8.16
CA LEU B 396 -13.15 50.14 -7.77
C LEU B 396 -14.09 49.82 -8.93
N LYS B 397 -13.96 50.60 -10.00
CA LYS B 397 -14.81 50.45 -11.19
C LYS B 397 -14.51 49.19 -12.00
N ASP B 398 -13.25 48.89 -12.18
CA ASP B 398 -12.62 48.18 -13.32
C ASP B 398 -13.26 46.85 -13.84
N MET C 1 10.90 -5.92 24.02
CA MET C 1 10.68 -4.55 24.55
C MET C 1 9.48 -3.91 23.88
N PHE C 2 9.11 -4.54 22.77
CA PHE C 2 8.10 -4.08 21.85
C PHE C 2 6.91 -5.03 21.82
N GLU C 3 6.77 -5.88 22.83
CA GLU C 3 5.63 -6.86 22.89
C GLU C 3 4.23 -6.22 22.98
N ARG C 4 4.13 -5.04 23.56
CA ARG C 4 2.85 -4.32 23.59
C ARG C 4 2.55 -3.46 22.33
N ILE C 5 3.38 -3.52 21.30
CA ILE C 5 3.10 -2.76 20.09
C ILE C 5 2.21 -3.60 19.17
N ASP C 6 1.13 -3.01 18.64
CA ASP C 6 0.09 -3.70 17.82
C ASP C 6 0.54 -4.25 16.46
N TYR C 7 0.03 -5.44 16.04
CA TYR C 7 0.24 -5.93 14.69
C TYR C 7 -0.35 -4.98 13.68
N TYR C 8 0.35 -4.76 12.57
CA TYR C 8 -0.18 -3.92 11.52
C TYR C 8 -0.93 -4.66 10.40
N ALA C 9 -2.23 -4.33 10.24
CA ALA C 9 -3.15 -4.86 9.17
C ALA C 9 -2.46 -5.12 7.84
N GLY C 10 -1.70 -4.14 7.37
CA GLY C 10 -1.03 -4.18 6.06
C GLY C 10 -1.88 -3.40 5.06
N ASP C 11 -1.41 -3.34 3.81
CA ASP C 11 -2.23 -2.79 2.72
C ASP C 11 -3.61 -3.44 2.73
N PRO C 12 -4.68 -2.64 2.57
CA PRO C 12 -5.99 -3.28 2.49
C PRO C 12 -6.15 -4.15 1.24
N ILE C 13 -5.38 -3.86 0.20
CA ILE C 13 -5.52 -4.56 -1.07
C ILE C 13 -4.25 -5.25 -1.56
N LEU C 14 -3.22 -5.28 -0.71
CA LEU C 14 -1.94 -5.92 -1.03
C LEU C 14 -2.04 -7.46 -1.10
N GLY C 15 -2.81 -8.03 -0.17
CA GLY C 15 -3.06 -9.47 -0.10
C GLY C 15 -3.91 -10.02 -1.25
N LEU C 16 -4.77 -9.18 -1.81
CA LEU C 16 -5.59 -9.48 -3.01
C LEU C 16 -4.75 -9.57 -4.32
N VAL C 17 -3.68 -8.74 -4.42
CA VAL C 17 -2.76 -8.77 -5.57
C VAL C 17 -1.93 -10.01 -5.49
N GLU C 18 -1.38 -10.25 -4.30
CA GLU C 18 -0.73 -11.52 -4.03
C GLU C 18 -1.72 -12.68 -4.20
N LYS C 19 -2.92 -12.49 -3.69
CA LYS C 19 -4.03 -13.42 -3.93
C LYS C 19 -4.42 -13.53 -5.41
N PHE C 20 -4.34 -12.42 -6.14
CA PHE C 20 -4.45 -12.50 -7.59
C PHE C 20 -3.25 -13.30 -8.22
N ALA C 21 -2.00 -12.89 -7.98
CA ALA C 21 -0.84 -13.62 -8.54
C ALA C 21 -1.01 -15.08 -8.20
N ALA C 22 -1.68 -15.34 -7.08
CA ALA C 22 -1.99 -16.69 -6.60
C ALA C 22 -3.01 -17.47 -7.45
N ASP C 23 -4.10 -16.83 -7.87
CA ASP C 23 -5.15 -17.54 -8.62
C ASP C 23 -4.59 -18.22 -9.86
N ASN C 24 -4.90 -19.50 -10.02
CA ASN C 24 -4.30 -20.29 -11.12
C ASN C 24 -5.23 -20.57 -12.30
N ASN C 25 -6.42 -19.99 -12.22
CA ASN C 25 -7.27 -19.75 -13.37
C ASN C 25 -6.46 -18.95 -14.44
N PRO C 26 -6.59 -19.30 -15.74
CA PRO C 26 -5.78 -18.60 -16.74
C PRO C 26 -6.32 -17.21 -17.04
N ASP C 27 -7.64 -17.11 -17.01
CA ASP C 27 -8.37 -15.90 -17.37
C ASP C 27 -8.49 -14.94 -16.17
N LYS C 28 -7.51 -15.05 -15.26
CA LYS C 28 -7.38 -14.13 -14.12
C LYS C 28 -7.38 -12.66 -14.61
N VAL C 29 -8.22 -11.82 -14.01
CA VAL C 29 -8.21 -10.38 -14.28
C VAL C 29 -8.06 -9.62 -12.96
N ASN C 30 -7.08 -8.73 -12.92
CA ASN C 30 -6.81 -7.87 -11.78
C ASN C 30 -7.37 -6.46 -12.05
N LEU C 31 -8.58 -6.24 -11.52
CA LEU C 31 -9.20 -4.91 -11.51
C LEU C 31 -9.13 -4.20 -10.13
N GLY C 32 -8.42 -4.80 -9.19
CA GLY C 32 -8.28 -4.22 -7.86
C GLY C 32 -7.22 -3.14 -7.65
N ILE C 33 -6.24 -3.05 -8.53
CA ILE C 33 -5.08 -2.21 -8.26
C ILE C 33 -5.31 -0.75 -8.69
N GLY C 34 -4.47 0.17 -8.21
CA GLY C 34 -4.69 1.59 -8.45
C GLY C 34 -3.94 2.25 -9.61
N ILE C 35 -3.78 1.52 -10.71
CA ILE C 35 -2.75 1.92 -11.63
C ILE C 35 -3.19 1.83 -13.10
N TYR C 36 -2.68 2.71 -13.96
CA TYR C 36 -3.01 2.68 -15.39
C TYR C 36 -2.30 1.59 -16.24
N TYR C 37 -3.07 0.76 -16.96
CA TYR C 37 -2.49 -0.17 -17.95
C TYR C 37 -2.91 0.15 -19.39
N ASP C 38 -2.01 0.05 -20.37
CA ASP C 38 -2.37 0.23 -21.76
C ASP C 38 -3.16 -0.95 -22.32
N GLU C 39 -3.49 -0.88 -23.60
CA GLU C 39 -4.36 -1.87 -24.25
C GLU C 39 -3.79 -3.27 -24.18
N SER C 40 -2.55 -3.42 -23.73
CA SER C 40 -1.96 -4.73 -23.62
C SER C 40 -2.00 -5.15 -22.22
N GLY C 41 -2.31 -4.24 -21.31
CA GLY C 41 -2.46 -4.65 -19.91
C GLY C 41 -1.10 -4.55 -19.26
N VAL C 42 -0.30 -3.64 -19.81
CA VAL C 42 1.04 -3.39 -19.31
C VAL C 42 1.18 -1.96 -18.79
N MET C 43 1.97 -1.75 -17.74
CA MET C 43 2.19 -0.37 -17.31
C MET C 43 3.16 0.40 -18.25
N PRO C 44 2.64 1.46 -18.91
CA PRO C 44 3.50 2.04 -19.94
C PRO C 44 4.54 3.00 -19.38
N VAL C 45 5.54 3.21 -20.24
CA VAL C 45 6.54 4.26 -20.08
C VAL C 45 6.24 5.20 -21.21
N LEU C 46 5.99 6.43 -20.82
CA LEU C 46 5.47 7.44 -21.69
C LEU C 46 6.62 7.86 -22.53
N ASP C 47 6.34 8.12 -23.79
CA ASP C 47 7.36 8.35 -24.79
C ASP C 47 8.15 9.51 -24.35
N CYS C 48 7.46 10.53 -23.85
CA CYS C 48 8.07 11.79 -23.39
C CYS C 48 8.98 11.63 -22.19
N VAL C 49 8.62 10.71 -21.29
CA VAL C 49 9.41 10.35 -20.12
C VAL C 49 10.68 9.66 -20.55
N LYS C 50 10.55 8.73 -21.49
CA LYS C 50 11.70 8.07 -22.13
C LYS C 50 12.76 9.10 -22.44
N ILE C 51 12.34 10.22 -23.03
CA ILE C 51 13.29 11.18 -23.52
C ILE C 51 13.88 11.94 -22.35
N ALA C 52 13.06 12.33 -21.38
CA ALA C 52 13.58 13.01 -20.21
C ALA C 52 14.62 12.13 -19.56
N GLU C 53 14.35 10.82 -19.50
CA GLU C 53 15.25 9.90 -18.84
C GLU C 53 16.52 9.74 -19.61
N GLN C 54 16.40 9.88 -20.92
CA GLN C 54 17.57 9.82 -21.75
C GLN C 54 18.44 11.04 -21.56
N ARG C 55 17.82 12.22 -21.38
CA ARG C 55 18.62 13.41 -21.08
C ARG C 55 19.29 13.28 -19.71
N ILE C 56 18.62 12.59 -18.77
CA ILE C 56 19.16 12.33 -17.42
C ILE C 56 20.37 11.38 -17.44
N ALA C 57 20.27 10.28 -18.16
CA ALA C 57 21.44 9.38 -18.29
C ALA C 57 22.53 9.90 -19.19
N ASP C 58 22.46 11.14 -19.66
CA ASP C 58 23.50 11.64 -20.53
C ASP C 58 23.85 13.14 -20.44
N PRO C 59 24.91 13.51 -19.66
CA PRO C 59 25.71 12.60 -18.86
C PRO C 59 25.06 12.28 -17.51
N ILE C 60 25.40 11.11 -16.95
CA ILE C 60 25.20 10.80 -15.54
C ILE C 60 25.91 11.95 -14.74
N SER C 61 25.16 12.71 -13.97
CA SER C 61 25.65 13.95 -13.38
C SER C 61 25.86 13.84 -11.88
N PRO C 62 26.48 14.84 -11.25
CA PRO C 62 26.50 14.66 -9.79
C PRO C 62 25.11 14.94 -9.18
N ARG C 63 24.86 14.42 -7.98
CA ARG C 63 23.54 14.47 -7.45
C ARG C 63 23.53 15.23 -6.13
N PRO C 64 23.68 16.56 -6.18
CA PRO C 64 23.62 17.27 -4.89
C PRO C 64 22.19 17.17 -4.41
N TYR C 65 21.91 17.60 -3.15
CA TYR C 65 20.53 17.76 -2.68
C TYR C 65 19.88 18.87 -3.53
N LEU C 66 18.58 18.66 -3.86
CA LEU C 66 17.70 19.66 -4.45
C LEU C 66 17.37 20.63 -3.34
N PRO C 67 16.86 21.85 -3.65
CA PRO C 67 16.44 22.78 -2.60
C PRO C 67 15.34 22.07 -1.84
N MET C 68 15.05 22.51 -0.62
CA MET C 68 14.03 21.87 0.18
C MET C 68 12.67 21.79 -0.49
N ALA C 69 12.28 22.89 -1.15
CA ALA C 69 11.05 22.90 -1.95
C ALA C 69 11.23 22.21 -3.33
N GLY C 70 12.38 21.64 -3.59
CA GLY C 70 12.58 21.02 -4.87
C GLY C 70 12.97 21.97 -5.98
N LEU C 71 13.09 21.36 -7.17
CA LEU C 71 13.51 22.04 -8.38
C LEU C 71 12.53 23.13 -8.69
N PRO C 72 13.09 24.34 -8.92
CA PRO C 72 12.18 25.43 -9.27
C PRO C 72 11.33 24.99 -10.50
N GLY C 73 11.89 24.18 -11.38
CA GLY C 73 11.19 23.87 -12.61
C GLY C 73 10.03 22.92 -12.36
N HIS C 74 10.18 22.05 -11.38
CA HIS C 74 9.13 21.13 -11.01
C HIS C 74 8.04 21.96 -10.40
N ARG C 75 8.43 22.84 -9.44
CA ARG C 75 7.46 23.77 -8.80
C ARG C 75 6.57 24.55 -9.81
N LYS C 76 7.23 25.15 -10.84
CA LYS C 76 6.55 25.94 -11.85
C LYS C 76 5.59 25.08 -12.66
N GLY C 77 6.07 23.93 -13.06
CA GLY C 77 5.22 23.03 -13.82
C GLY C 77 3.93 22.70 -13.10
N CYS C 78 4.06 22.39 -11.81
CA CYS C 78 2.85 22.14 -11.01
C CYS C 78 1.91 23.30 -11.10
N GLN C 79 2.45 24.51 -10.98
CA GLN C 79 1.67 25.71 -10.84
C GLN C 79 0.98 25.88 -12.13
N GLU C 80 1.71 25.73 -13.22
CA GLU C 80 1.12 26.11 -14.47
C GLU C 80 0.04 25.11 -14.86
N LEU C 81 0.35 23.82 -14.65
CA LEU C 81 -0.62 22.71 -14.81
C LEU C 81 -1.86 23.02 -13.97
N LEU C 82 -1.69 23.41 -12.72
CA LEU C 82 -2.87 23.62 -11.86
C LEU C 82 -3.73 24.93 -12.07
N PHE C 83 -3.11 26.08 -12.13
CA PHE C 83 -3.82 27.32 -12.19
C PHE C 83 -3.90 27.92 -13.58
N GLY C 84 -3.20 27.29 -14.53
CA GLY C 84 -3.22 27.65 -15.96
C GLY C 84 -1.93 28.33 -16.36
N LYS C 85 -1.43 28.06 -17.56
CA LYS C 85 -0.26 28.77 -17.98
C LYS C 85 -0.55 30.26 -17.81
N ASP C 86 0.20 30.90 -16.93
CA ASP C 86 0.12 32.36 -16.76
C ASP C 86 -1.19 32.88 -16.17
N ALA C 87 -1.55 32.36 -15.01
CA ALA C 87 -2.71 32.84 -14.30
C ALA C 87 -2.36 34.19 -13.71
N PRO C 88 -3.36 35.06 -13.50
CA PRO C 88 -3.06 36.32 -12.79
C PRO C 88 -2.39 36.09 -11.39
N VAL C 89 -2.98 35.20 -10.58
CA VAL C 89 -2.43 34.72 -9.30
C VAL C 89 -0.93 34.34 -9.34
N LEU C 90 -0.49 33.75 -10.44
CA LEU C 90 0.91 33.41 -10.59
C LEU C 90 1.81 34.61 -10.86
N LYS C 91 1.41 35.50 -11.77
CA LYS C 91 2.21 36.71 -12.02
C LYS C 91 2.32 37.58 -10.72
N ASP C 92 1.19 37.77 -10.06
CA ASP C 92 1.14 38.45 -8.77
C ASP C 92 1.92 37.79 -7.60
N GLY C 93 2.72 36.74 -7.85
CA GLY C 93 3.46 35.98 -6.76
C GLY C 93 2.65 35.51 -5.53
N LEU C 94 1.43 35.05 -5.79
CA LEU C 94 0.50 34.68 -4.73
C LEU C 94 0.41 33.16 -4.34
N VAL C 95 1.23 32.28 -4.92
CA VAL C 95 1.18 30.86 -4.60
C VAL C 95 2.46 30.23 -4.09
N ALA C 96 2.36 29.60 -2.91
CA ALA C 96 3.53 28.93 -2.33
C ALA C 96 3.49 27.47 -2.70
N THR C 97 4.54 27.01 -3.36
CA THR C 97 4.57 25.69 -3.95
C THR C 97 5.87 24.95 -3.68
N ILE C 98 5.77 23.72 -3.14
CA ILE C 98 6.92 22.82 -3.00
C ILE C 98 6.71 21.48 -3.73
N ALA C 99 7.75 20.95 -4.35
CA ALA C 99 7.67 19.59 -4.91
C ALA C 99 7.62 18.64 -3.73
N THR C 100 6.95 17.52 -3.91
CA THR C 100 6.70 16.70 -2.74
C THR C 100 6.89 15.26 -3.12
N ILE C 101 6.81 14.39 -2.12
CA ILE C 101 6.93 12.93 -2.31
C ILE C 101 5.52 12.39 -2.66
N GLY C 102 5.17 12.53 -3.93
CA GLY C 102 3.82 12.22 -4.37
C GLY C 102 2.78 13.20 -3.86
N GLY C 103 1.53 12.91 -4.22
CA GLY C 103 0.41 13.60 -3.59
C GLY C 103 0.48 13.24 -2.11
N SER C 104 0.92 12.00 -1.80
CA SER C 104 0.96 11.52 -0.42
C SER C 104 1.75 12.46 0.49
N GLY C 105 3.02 12.75 0.11
CA GLY C 105 3.84 13.75 0.80
C GLY C 105 3.24 15.16 0.82
N ALA C 106 2.60 15.56 -0.29
CA ALA C 106 1.87 16.85 -0.35
C ALA C 106 0.72 16.89 0.69
N LEU C 107 -0.07 15.83 0.71
CA LEU C 107 -1.03 15.68 1.77
C LEU C 107 -0.33 15.80 3.13
N LYS C 108 0.87 15.22 3.27
CA LYS C 108 1.45 15.21 4.59
C LYS C 108 1.79 16.57 5.09
N VAL C 109 2.41 17.35 4.22
CA VAL C 109 2.95 18.63 4.66
C VAL C 109 1.86 19.63 4.92
N GLY C 110 0.95 19.77 3.93
CA GLY C 110 -0.25 20.51 4.06
C GLY C 110 -0.90 20.14 5.37
N ALA C 111 -1.03 18.84 5.64
CA ALA C 111 -1.64 18.35 6.88
C ALA C 111 -0.86 18.86 8.12
N GLU C 112 0.46 18.61 8.17
CA GLU C 112 1.38 19.23 9.14
C GLU C 112 1.21 20.74 9.34
N PHE C 113 1.34 21.51 8.26
CA PHE C 113 1.14 22.93 8.32
C PHE C 113 -0.21 23.28 8.98
N ILE C 114 -1.24 22.49 8.77
CA ILE C 114 -2.50 22.91 9.30
C ILE C 114 -2.52 22.64 10.82
N HIS C 115 -2.07 21.48 11.23
CA HIS C 115 -2.09 21.13 12.63
C HIS C 115 -1.33 22.20 13.48
N GLU C 116 -0.28 22.70 12.86
CA GLU C 116 0.64 23.59 13.49
C GLU C 116 0.06 24.99 13.50
N TRP C 117 -0.52 25.45 12.40
CA TRP C 117 -0.99 26.83 12.39
C TRP C 117 -2.43 26.97 12.73
N PHE C 118 -3.19 25.90 12.64
CA PHE C 118 -4.59 25.93 12.94
C PHE C 118 -4.97 24.74 13.80
N PRO C 119 -4.40 24.67 15.01
CA PRO C 119 -4.61 23.62 16.02
C PRO C 119 -6.07 23.18 16.22
N GLN C 120 -6.99 24.07 15.88
CA GLN C 120 -8.41 23.93 16.18
C GLN C 120 -9.29 23.28 15.08
N SER C 121 -8.75 23.22 13.86
CA SER C 121 -9.42 22.69 12.68
C SER C 121 -9.52 21.20 12.68
N LYS C 122 -10.73 20.77 12.38
CA LYS C 122 -10.98 19.37 12.07
C LYS C 122 -10.90 19.18 10.54
N CYS C 123 -10.74 17.93 10.12
CA CYS C 123 -10.71 17.65 8.72
C CYS C 123 -11.79 16.70 8.38
N TYR C 124 -12.48 17.02 7.30
CA TYR C 124 -13.56 16.21 6.84
C TYR C 124 -13.25 15.66 5.46
N VAL C 125 -13.32 14.34 5.34
CA VAL C 125 -13.09 13.63 4.07
C VAL C 125 -14.43 13.17 3.51
N SER C 126 -14.47 12.87 2.21
CA SER C 126 -15.73 12.41 1.58
C SER C 126 -16.06 10.98 1.99
N ASP C 127 -17.30 10.59 1.78
CA ASP C 127 -17.75 9.26 2.21
C ASP C 127 -18.34 8.47 1.02
N PRO C 128 -17.57 7.52 0.48
CA PRO C 128 -16.28 7.17 1.01
C PRO C 128 -15.21 8.02 0.34
N THR C 129 -13.94 7.69 0.64
CA THR C 129 -12.75 8.32 0.07
C THR C 129 -11.61 7.31 0.04
N TRP C 130 -10.46 7.67 -0.51
CA TRP C 130 -9.22 6.88 -0.39
C TRP C 130 -8.81 6.81 1.07
N GLY C 131 -8.59 5.60 1.57
CA GLY C 131 -8.39 5.39 3.01
C GLY C 131 -7.14 6.12 3.49
N ASN C 132 -6.18 6.22 2.60
CA ASN C 132 -4.94 6.90 2.92
C ASN C 132 -5.14 8.41 3.29
N HIS C 133 -6.24 8.99 2.86
CA HIS C 133 -6.58 10.34 3.28
C HIS C 133 -6.66 10.44 4.81
N ILE C 134 -7.45 9.54 5.42
CA ILE C 134 -7.70 9.50 6.86
C ILE C 134 -6.39 9.25 7.56
N ALA C 135 -5.61 8.27 7.10
CA ALA C 135 -4.38 7.89 7.78
C ALA C 135 -3.42 9.04 7.81
N ILE C 136 -3.26 9.76 6.70
CA ILE C 136 -2.35 10.90 6.67
C ILE C 136 -2.76 12.01 7.61
N PHE C 137 -4.03 12.42 7.63
CA PHE C 137 -4.44 13.50 8.52
C PHE C 137 -4.42 13.07 10.00
N GLU C 138 -4.94 11.88 10.31
CA GLU C 138 -4.95 11.37 11.71
C GLU C 138 -3.58 11.22 12.15
N GLY C 139 -2.69 10.96 11.22
CA GLY C 139 -1.30 10.86 11.54
C GLY C 139 -0.70 12.15 12.04
N CYS C 140 -1.35 13.30 11.86
CA CYS C 140 -0.81 14.57 12.40
C CYS C 140 -1.61 15.06 13.61
N ASP C 141 -2.29 14.13 14.27
CA ASP C 141 -3.17 14.40 15.41
C ASP C 141 -4.33 15.37 15.14
N ILE C 142 -4.63 15.59 13.85
CA ILE C 142 -5.87 16.28 13.40
C ILE C 142 -7.09 15.37 13.46
N GLU C 143 -8.25 15.92 13.83
CA GLU C 143 -9.35 15.01 14.00
C GLU C 143 -10.19 14.99 12.76
N VAL C 144 -10.49 13.79 12.30
CA VAL C 144 -11.01 13.55 10.95
C VAL C 144 -12.44 12.96 11.00
N GLY C 145 -13.43 13.71 10.50
CA GLY C 145 -14.78 13.17 10.28
C GLY C 145 -15.08 12.91 8.82
N LYS C 146 -16.29 12.42 8.50
CA LYS C 146 -16.71 12.18 7.11
C LYS C 146 -17.82 13.11 6.69
N TYR C 147 -17.68 13.78 5.56
CA TYR C 147 -18.88 14.37 4.98
C TYR C 147 -19.66 13.44 3.99
N PRO C 148 -20.99 13.57 3.94
CA PRO C 148 -21.69 12.60 3.11
C PRO C 148 -21.61 12.93 1.61
N TYR C 149 -21.32 11.89 0.80
CA TYR C 149 -21.03 12.05 -0.61
C TYR C 149 -21.75 11.08 -1.50
N TYR C 150 -21.39 9.83 -1.37
CA TYR C 150 -21.93 8.81 -2.25
C TYR C 150 -23.33 8.42 -1.78
N ASP C 151 -24.27 8.26 -2.74
CA ASP C 151 -25.65 7.77 -2.48
C ASP C 151 -25.93 6.38 -3.01
N THR C 152 -25.97 5.45 -2.08
CA THR C 152 -26.06 4.04 -2.35
C THR C 152 -27.31 3.73 -3.18
N ALA C 153 -28.36 4.56 -3.07
CA ALA C 153 -29.62 4.38 -3.81
C ALA C 153 -29.49 4.72 -5.30
N THR C 154 -28.84 5.83 -5.57
CA THR C 154 -28.92 6.42 -6.88
C THR C 154 -27.66 6.34 -7.74
N GLY C 155 -26.54 5.91 -7.16
CA GLY C 155 -25.21 6.01 -7.77
C GLY C 155 -24.81 7.47 -8.00
N GLY C 156 -25.52 8.39 -7.36
CA GLY C 156 -25.22 9.80 -7.47
C GLY C 156 -24.78 10.32 -6.12
N ILE C 157 -24.68 11.63 -6.05
CA ILE C 157 -24.30 12.29 -4.84
C ILE C 157 -25.53 12.60 -4.00
N LYS C 158 -25.35 12.54 -2.68
CA LYS C 158 -26.26 13.06 -1.67
C LYS C 158 -26.04 14.56 -1.52
N PHE C 159 -26.25 15.31 -2.60
CA PHE C 159 -25.90 16.72 -2.58
C PHE C 159 -26.62 17.53 -1.49
N ASP C 160 -27.93 17.29 -1.32
CA ASP C 160 -28.70 17.93 -0.22
C ASP C 160 -28.13 17.58 1.14
N GLU C 161 -27.84 16.30 1.33
CA GLU C 161 -27.26 15.84 2.58
CA GLU C 161 -27.22 15.80 2.58
C GLU C 161 -25.83 16.42 2.88
N MET C 162 -25.03 16.60 1.83
CA MET C 162 -23.70 17.16 1.92
C MET C 162 -23.62 18.59 2.47
N ILE C 163 -24.22 19.52 1.76
CA ILE C 163 -24.29 20.91 2.19
C ILE C 163 -24.83 20.96 3.61
N ALA C 164 -25.83 20.12 3.87
CA ALA C 164 -26.43 19.99 5.19
C ALA C 164 -25.30 19.74 6.22
N PHE C 165 -24.27 19.02 5.81
CA PHE C 165 -23.15 18.77 6.73
C PHE C 165 -22.23 19.98 6.83
N PHE C 166 -21.81 20.45 5.66
CA PHE C 166 -20.98 21.61 5.53
C PHE C 166 -21.46 22.82 6.35
N GLU C 167 -22.77 23.07 6.33
CA GLU C 167 -23.37 24.12 7.14
C GLU C 167 -23.05 24.02 8.66
N THR C 168 -22.92 22.82 9.23
CA THR C 168 -22.68 22.69 10.66
C THR C 168 -21.21 22.85 11.13
N LEU C 169 -20.37 23.42 10.28
CA LEU C 169 -18.93 23.44 10.57
C LEU C 169 -18.50 24.82 10.99
N ASN C 170 -17.41 24.86 11.77
CA ASN C 170 -16.81 26.09 12.31
C ASN C 170 -15.74 26.64 11.36
N LYS C 171 -15.39 27.91 11.50
CA LYS C 171 -14.37 28.54 10.65
C LYS C 171 -13.05 27.80 10.70
N ASP C 172 -12.33 27.85 9.58
CA ASP C 172 -11.03 27.19 9.50
C ASP C 172 -11.08 25.67 9.48
N ASP C 173 -12.28 25.06 9.54
CA ASP C 173 -12.41 23.62 9.29
C ASP C 173 -12.06 23.33 7.83
N VAL C 174 -11.49 22.16 7.58
CA VAL C 174 -10.86 21.90 6.28
C VAL C 174 -11.63 20.83 5.54
N LEU C 175 -12.04 21.18 4.33
CA LEU C 175 -12.69 20.21 3.51
C LEU C 175 -11.75 19.62 2.51
N LEU C 176 -11.56 18.31 2.65
CA LEU C 176 -10.75 17.57 1.72
C LEU C 176 -11.57 17.08 0.48
N LEU C 177 -11.32 17.74 -0.66
CA LEU C 177 -12.17 17.65 -1.84
C LEU C 177 -11.47 17.01 -3.01
N HIS C 178 -12.15 16.16 -3.79
CA HIS C 178 -11.52 15.62 -5.00
C HIS C 178 -12.08 16.44 -6.16
N PRO C 179 -11.18 17.17 -6.88
CA PRO C 179 -11.70 18.20 -7.83
C PRO C 179 -12.28 17.56 -9.08
N CYS C 180 -11.77 16.39 -9.43
CA CYS C 180 -12.33 15.48 -10.48
C CYS C 180 -11.97 14.03 -10.15
N CYS C 181 -12.53 13.11 -10.88
CA CYS C 181 -12.15 11.68 -10.83
C CYS C 181 -12.04 11.16 -9.43
N HIS C 182 -13.19 11.17 -8.75
CA HIS C 182 -13.27 10.84 -7.34
C HIS C 182 -12.71 9.44 -7.15
N ASN C 183 -11.84 9.28 -6.14
CA ASN C 183 -11.42 7.95 -5.66
C ASN C 183 -12.10 7.72 -4.30
N PRO C 184 -12.89 6.62 -4.14
CA PRO C 184 -13.00 5.48 -5.04
C PRO C 184 -14.22 5.42 -5.95
N THR C 185 -15.10 6.44 -5.96
CA THR C 185 -16.39 6.21 -6.63
C THR C 185 -16.53 6.45 -8.11
N GLY C 186 -15.74 7.36 -8.67
CA GLY C 186 -15.93 7.78 -10.06
C GLY C 186 -16.92 8.94 -10.20
N VAL C 187 -17.66 9.21 -9.15
CA VAL C 187 -18.74 10.20 -9.21
C VAL C 187 -18.23 11.60 -8.90
N ASP C 188 -18.47 12.52 -9.85
CA ASP C 188 -17.91 13.86 -9.82
C ASP C 188 -18.98 14.89 -9.56
N LEU C 189 -18.61 16.09 -9.13
CA LEU C 189 -19.62 17.15 -9.04
C LEU C 189 -19.76 17.82 -10.38
N THR C 190 -20.91 18.46 -10.58
CA THR C 190 -21.18 19.12 -11.84
C THR C 190 -20.71 20.54 -11.55
N ARG C 191 -20.54 21.38 -12.57
CA ARG C 191 -20.02 22.68 -12.32
C ARG C 191 -20.91 23.49 -11.39
N GLU C 192 -22.21 23.38 -11.58
CA GLU C 192 -23.08 24.17 -10.73
C GLU C 192 -22.97 23.61 -9.33
N GLN C 193 -22.66 22.31 -9.21
CA GLN C 193 -22.55 21.75 -7.89
C GLN C 193 -21.33 22.36 -7.19
N TRP C 194 -20.28 22.63 -7.99
CA TRP C 194 -19.05 23.27 -7.48
C TRP C 194 -19.28 24.66 -6.93
N ASP C 195 -19.83 25.49 -7.80
CA ASP C 195 -20.23 26.83 -7.48
C ASP C 195 -20.99 26.95 -6.14
N THR C 196 -21.98 26.08 -5.93
CA THR C 196 -22.74 26.07 -4.70
C THR C 196 -21.77 25.72 -3.57
N VAL C 197 -21.00 24.66 -3.74
CA VAL C 197 -20.16 24.16 -2.66
C VAL C 197 -19.17 25.25 -2.26
N LEU C 198 -18.60 25.92 -3.24
CA LEU C 198 -17.71 27.05 -2.96
C LEU C 198 -18.40 28.29 -2.34
N ASN C 199 -19.64 28.58 -2.71
CA ASN C 199 -20.32 29.58 -1.97
C ASN C 199 -20.50 29.19 -0.52
N VAL C 200 -20.78 27.93 -0.21
CA VAL C 200 -20.91 27.51 1.20
C VAL C 200 -19.55 27.59 1.96
N ILE C 201 -18.51 27.04 1.34
CA ILE C 201 -17.13 27.21 1.84
C ILE C 201 -16.82 28.72 2.02
N GLN C 202 -17.25 29.56 1.05
CA GLN C 202 -17.10 31.04 1.18
C GLN C 202 -17.96 31.57 2.32
N GLU C 203 -19.26 31.30 2.31
CA GLU C 203 -20.14 31.84 3.37
C GLU C 203 -19.67 31.41 4.76
N ARG C 204 -19.15 30.20 4.90
CA ARG C 204 -18.69 29.71 6.22
C ARG C 204 -17.16 29.69 6.53
N GLU C 205 -16.37 30.32 5.68
CA GLU C 205 -14.90 30.49 5.81
C GLU C 205 -14.05 29.27 6.27
N LEU C 206 -14.29 28.19 5.52
CA LEU C 206 -13.61 26.95 5.64
C LEU C 206 -12.42 26.93 4.72
N ILE C 207 -11.64 25.87 4.85
CA ILE C 207 -10.45 25.70 4.08
C ILE C 207 -10.58 24.54 3.10
N PRO C 208 -10.51 24.87 1.83
CA PRO C 208 -10.62 23.87 0.86
C PRO C 208 -9.24 23.28 0.61
N PHE C 209 -9.19 21.98 0.66
CA PHE C 209 -7.92 21.30 0.43
C PHE C 209 -8.22 20.38 -0.75
N MET C 210 -7.75 20.77 -1.90
CA MET C 210 -8.10 20.02 -3.02
C MET C 210 -6.97 19.08 -3.39
N ASP C 211 -7.31 17.80 -3.49
CA ASP C 211 -6.37 16.74 -3.78
C ASP C 211 -6.65 16.17 -5.14
N ILE C 212 -5.81 16.54 -6.08
CA ILE C 212 -5.99 16.24 -7.51
C ILE C 212 -4.81 15.41 -8.10
N ALA C 213 -5.13 14.15 -8.38
CA ALA C 213 -4.18 13.10 -8.67
C ALA C 213 -4.37 12.52 -10.05
N TYR C 214 -5.37 13.03 -10.77
CA TYR C 214 -5.81 12.38 -12.01
C TYR C 214 -6.19 13.38 -13.04
N GLN C 215 -5.72 14.62 -12.86
CA GLN C 215 -5.96 15.69 -13.81
C GLN C 215 -5.56 15.20 -15.22
N GLY C 216 -6.50 15.37 -16.17
CA GLY C 216 -6.38 14.85 -17.55
C GLY C 216 -7.21 13.61 -17.90
N PHE C 217 -7.73 12.93 -16.87
CA PHE C 217 -8.49 11.70 -16.99
C PHE C 217 -10.00 11.93 -16.98
N GLY C 218 -10.44 13.16 -16.72
CA GLY C 218 -11.88 13.44 -16.66
C GLY C 218 -12.35 13.96 -17.98
N GLU C 219 -12.16 15.25 -18.21
CA GLU C 219 -12.45 15.82 -19.51
C GLU C 219 -11.20 16.29 -20.19
N ASP C 220 -10.45 17.18 -19.57
CA ASP C 220 -9.17 17.61 -20.06
C ASP C 220 -8.43 18.31 -18.94
N MET C 221 -7.17 18.68 -19.14
CA MET C 221 -6.44 19.36 -18.06
C MET C 221 -7.18 20.59 -17.47
N ASP C 222 -7.75 21.40 -18.35
CA ASP C 222 -8.34 22.64 -17.88
C ASP C 222 -9.71 22.41 -17.20
N SER C 223 -10.55 21.56 -17.77
CA SER C 223 -11.83 21.30 -17.10
C SER C 223 -11.74 20.60 -15.73
N ASP C 224 -10.69 19.78 -15.52
CA ASP C 224 -10.47 19.00 -14.23
C ASP C 224 -10.08 19.99 -13.07
N ALA C 225 -9.30 20.99 -13.47
CA ALA C 225 -8.81 22.05 -12.61
C ALA C 225 -9.88 23.09 -12.27
N TYR C 226 -11.11 22.86 -12.71
CA TYR C 226 -12.13 23.90 -12.66
C TYR C 226 -12.30 24.46 -11.27
N ALA C 227 -12.67 23.58 -10.36
CA ALA C 227 -12.92 23.93 -9.00
C ALA C 227 -11.72 24.64 -8.42
N ILE C 228 -10.51 24.27 -8.84
CA ILE C 228 -9.28 24.90 -8.37
C ILE C 228 -9.25 26.38 -8.83
N ARG C 229 -9.22 26.63 -10.13
CA ARG C 229 -9.23 28.00 -10.64
C ARG C 229 -10.47 28.79 -10.21
N LYS C 230 -11.59 28.11 -9.95
CA LYS C 230 -12.77 28.78 -9.40
C LYS C 230 -12.51 29.27 -7.97
N ALA C 231 -12.01 28.37 -7.12
CA ALA C 231 -11.73 28.68 -5.72
C ALA C 231 -10.74 29.85 -5.63
N VAL C 232 -9.80 29.89 -6.59
CA VAL C 232 -8.87 31.00 -6.74
C VAL C 232 -9.56 32.32 -7.03
N ASP C 233 -10.30 32.38 -8.15
CA ASP C 233 -11.19 33.51 -8.53
C ASP C 233 -12.01 34.15 -7.40
N MET C 234 -12.61 33.28 -6.59
CA MET C 234 -13.35 33.67 -5.43
C MET C 234 -12.46 34.19 -4.30
N GLY C 235 -11.17 33.89 -4.35
CA GLY C 235 -10.23 34.39 -3.37
C GLY C 235 -10.20 33.57 -2.10
N LEU C 236 -10.73 32.35 -2.17
CA LEU C 236 -10.58 31.38 -1.09
C LEU C 236 -9.07 30.99 -0.75
N PRO C 237 -8.80 30.54 0.49
CA PRO C 237 -7.47 30.14 0.93
C PRO C 237 -7.18 28.65 0.59
N LEU C 238 -7.11 28.36 -0.69
CA LEU C 238 -7.13 27.01 -1.17
C LEU C 238 -5.77 26.35 -0.99
N PHE C 239 -5.77 25.12 -0.48
CA PHE C 239 -4.53 24.32 -0.40
C PHE C 239 -4.61 23.26 -1.49
N VAL C 240 -3.60 23.15 -2.35
CA VAL C 240 -3.72 22.16 -3.43
C VAL C 240 -2.62 21.09 -3.46
N SER C 241 -3.01 19.85 -3.27
CA SER C 241 -2.04 18.78 -3.37
C SER C 241 -2.22 18.10 -4.69
N ASN C 242 -1.15 17.93 -5.45
CA ASN C 242 -1.33 17.29 -6.73
C ASN C 242 -0.27 16.20 -6.99
N SER C 243 -0.60 15.25 -7.85
CA SER C 243 0.27 14.10 -8.09
C SER C 243 0.61 13.86 -9.56
N PHE C 244 1.85 13.57 -9.85
CA PHE C 244 2.16 13.13 -11.20
C PHE C 244 2.33 11.62 -11.31
N SER C 245 2.01 10.89 -10.24
CA SER C 245 2.14 9.41 -10.23
C SER C 245 1.45 8.81 -11.44
N LYS C 246 0.22 9.28 -11.70
CA LYS C 246 -0.68 8.62 -12.65
C LYS C 246 -0.53 9.18 -14.07
N ASN C 247 -0.60 10.49 -14.22
CA ASN C 247 -0.47 11.06 -15.55
C ASN C 247 0.96 11.17 -16.12
N LEU C 248 1.93 10.57 -15.41
CA LEU C 248 3.32 10.50 -15.87
C LEU C 248 3.79 9.06 -15.79
N SER C 249 2.83 8.20 -15.45
CA SER C 249 3.09 6.83 -15.28
C SER C 249 4.43 6.65 -14.53
N LEU C 250 4.59 7.49 -13.49
CA LEU C 250 5.79 7.52 -12.66
C LEU C 250 5.62 7.15 -11.16
N TYR C 251 4.61 6.38 -10.81
CA TYR C 251 4.27 6.02 -9.40
C TYR C 251 5.51 5.91 -8.51
N GLY C 252 6.48 5.11 -8.93
CA GLY C 252 7.65 4.84 -8.11
C GLY C 252 8.59 5.99 -7.82
N GLU C 253 8.58 7.07 -8.62
CA GLU C 253 9.58 8.13 -8.39
C GLU C 253 9.12 9.14 -7.39
N ARG C 254 7.85 9.05 -7.05
CA ARG C 254 7.25 9.75 -5.93
C ARG C 254 7.30 11.22 -6.22
N VAL C 255 6.64 11.66 -7.28
CA VAL C 255 6.67 13.08 -7.68
C VAL C 255 5.30 13.78 -7.56
N GLY C 256 5.17 14.75 -6.67
CA GLY C 256 3.93 15.56 -6.60
C GLY C 256 4.28 17.01 -6.33
N GLY C 257 3.29 17.83 -6.01
CA GLY C 257 3.53 19.15 -5.49
C GLY C 257 2.48 19.54 -4.46
N LEU C 258 2.80 20.48 -3.56
CA LEU C 258 1.82 21.10 -2.66
C LEU C 258 1.73 22.55 -3.04
N SER C 259 0.50 23.05 -3.22
CA SER C 259 0.28 24.52 -3.45
C SER C 259 -0.62 25.18 -2.43
N VAL C 260 -0.15 26.33 -1.96
CA VAL C 260 -0.98 27.16 -1.09
C VAL C 260 -1.13 28.55 -1.65
N VAL C 261 -2.39 28.91 -1.85
CA VAL C 261 -2.83 30.19 -2.46
C VAL C 261 -3.09 31.27 -1.38
N CYS C 262 -2.39 32.41 -1.48
CA CYS C 262 -2.33 33.36 -0.40
C CYS C 262 -2.73 34.74 -0.86
N PRO C 263 -3.43 35.51 0.02
CA PRO C 263 -3.96 36.85 -0.29
C PRO C 263 -2.91 37.90 -0.66
N THR C 264 -1.69 37.77 -0.15
CA THR C 264 -0.72 38.85 -0.30
C THR C 264 0.61 38.23 -0.58
N VAL C 265 1.45 38.94 -1.33
CA VAL C 265 2.83 38.47 -1.52
C VAL C 265 3.50 38.16 -0.20
N ASP C 266 3.13 38.89 0.83
CA ASP C 266 3.83 38.63 2.04
C ASP C 266 3.37 37.36 2.69
N GLU C 267 2.07 37.10 2.67
CA GLU C 267 1.60 35.95 3.36
C GLU C 267 2.11 34.68 2.66
N THR C 268 2.32 34.78 1.35
CA THR C 268 3.03 33.77 0.61
C THR C 268 4.40 33.44 1.17
N GLU C 269 5.36 34.38 1.22
CA GLU C 269 6.72 34.13 1.80
C GLU C 269 6.68 33.42 3.18
N ARG C 270 5.80 33.91 4.07
CA ARG C 270 5.48 33.28 5.35
C ARG C 270 5.10 31.80 5.25
N VAL C 271 4.00 31.50 4.51
CA VAL C 271 3.60 30.11 4.23
C VAL C 271 4.69 29.27 3.60
N PHE C 272 5.27 29.79 2.53
CA PHE C 272 6.35 29.10 1.81
C PHE C 272 7.50 28.72 2.72
N GLY C 273 8.09 29.72 3.38
CA GLY C 273 9.13 29.48 4.36
C GLY C 273 8.75 28.36 5.32
N GLN C 274 7.49 28.34 5.78
CA GLN C 274 7.07 27.34 6.70
C GLN C 274 6.95 25.96 6.05
N LEU C 275 6.68 25.90 4.75
CA LEU C 275 6.61 24.57 4.16
C LEU C 275 7.99 24.02 4.15
N ASN C 276 8.97 24.86 3.83
CA ASN C 276 10.35 24.36 3.82
C ASN C 276 10.68 23.85 5.18
N SER C 277 10.23 24.56 6.18
CA SER C 277 10.45 24.13 7.52
C SER C 277 9.88 22.70 7.81
N THR C 278 8.73 22.46 7.22
CA THR C 278 8.02 21.25 7.46
C THR C 278 8.75 20.12 6.67
N VAL C 279 9.20 20.43 5.45
CA VAL C 279 9.96 19.45 4.66
C VAL C 279 11.23 19.07 5.43
N ARG C 280 11.91 20.10 5.97
CA ARG C 280 13.19 19.96 6.62
C ARG C 280 13.08 18.94 7.76
N ARG C 281 12.01 19.03 8.52
CA ARG C 281 11.88 18.16 9.69
C ARG C 281 11.22 16.79 9.43
N ILE C 282 10.82 16.53 8.18
CA ILE C 282 10.28 15.23 7.83
C ILE C 282 11.43 14.47 7.12
N TYR C 283 11.84 14.92 5.92
CA TYR C 283 12.84 14.20 5.10
C TYR C 283 13.87 15.08 4.36
N SER C 284 13.98 16.36 4.74
CA SER C 284 15.04 17.27 4.20
C SER C 284 14.90 17.87 2.78
N SER C 285 14.95 17.06 1.73
CA SER C 285 14.78 17.55 0.35
C SER C 285 14.34 16.39 -0.56
N PRO C 286 13.55 16.69 -1.62
CA PRO C 286 12.88 15.65 -2.39
C PRO C 286 13.79 14.96 -3.40
N PRO C 287 13.25 13.88 -4.00
CA PRO C 287 14.19 13.01 -4.75
C PRO C 287 14.56 13.62 -6.12
N SER C 288 15.85 13.57 -6.44
CA SER C 288 16.40 14.16 -7.66
C SER C 288 15.87 13.55 -8.95
N HIS C 289 15.89 12.20 -9.10
CA HIS C 289 15.60 11.63 -10.40
C HIS C 289 14.25 12.04 -10.85
N GLY C 290 13.26 11.64 -10.05
CA GLY C 290 11.88 12.03 -10.26
C GLY C 290 11.71 13.54 -10.59
N GLY C 291 12.32 14.37 -9.74
CA GLY C 291 12.28 15.79 -9.89
C GLY C 291 12.82 16.26 -11.22
N ARG C 292 13.96 15.70 -11.65
CA ARG C 292 14.49 16.15 -12.92
C ARG C 292 13.57 15.72 -14.04
N VAL C 293 12.87 14.58 -13.96
CA VAL C 293 11.95 14.18 -15.06
C VAL C 293 10.89 15.29 -15.26
N VAL C 294 10.21 15.58 -14.14
CA VAL C 294 9.15 16.58 -14.07
C VAL C 294 9.64 17.94 -14.55
N ASP C 295 10.77 18.39 -14.01
CA ASP C 295 11.33 19.68 -14.44
C ASP C 295 11.58 19.67 -15.97
N ILE C 296 12.10 18.55 -16.49
CA ILE C 296 12.28 18.35 -17.93
C ILE C 296 10.99 18.32 -18.77
N VAL C 297 10.10 17.37 -18.52
CA VAL C 297 8.89 17.28 -19.37
C VAL C 297 8.04 18.58 -19.34
N MET C 298 7.85 19.19 -18.19
CA MET C 298 6.94 20.33 -18.09
C MET C 298 7.51 21.55 -18.75
N ASN C 299 8.80 21.78 -18.63
CA ASN C 299 9.30 23.01 -19.18
C ASN C 299 9.80 22.94 -20.67
N ASP C 300 9.78 21.75 -21.24
CA ASP C 300 10.17 21.59 -22.62
C ASP C 300 8.98 21.65 -23.56
N ALA C 301 9.04 22.59 -24.50
CA ALA C 301 7.92 22.92 -25.43
C ALA C 301 7.25 21.72 -26.10
N ALA C 302 8.10 21.02 -26.84
CA ALA C 302 7.87 19.74 -27.46
C ALA C 302 7.31 18.66 -26.51
N LEU C 303 8.04 18.42 -25.43
CA LEU C 303 7.80 17.25 -24.61
C LEU C 303 6.47 17.39 -23.86
N HIS C 304 6.16 18.62 -23.48
CA HIS C 304 4.95 18.92 -22.74
C HIS C 304 3.74 18.64 -23.63
N GLU C 305 3.80 19.06 -24.90
CA GLU C 305 2.69 18.94 -25.82
C GLU C 305 2.45 17.47 -26.12
N GLN C 306 3.53 16.78 -26.40
CA GLN C 306 3.48 15.35 -26.51
C GLN C 306 2.84 14.77 -25.25
N TRP C 307 3.24 15.28 -24.07
CA TRP C 307 2.82 14.61 -22.81
C TRP C 307 1.30 14.68 -22.66
N VAL C 308 0.71 15.87 -22.92
CA VAL C 308 -0.76 16.14 -22.88
C VAL C 308 -1.53 15.14 -23.77
N GLY C 309 -1.15 15.08 -25.04
CA GLY C 309 -1.61 14.04 -25.94
C GLY C 309 -1.57 12.63 -25.39
N GLU C 310 -0.50 12.22 -24.70
CA GLU C 310 -0.40 10.83 -24.20
C GLU C 310 -1.35 10.69 -23.04
N VAL C 311 -1.54 11.78 -22.31
CA VAL C 311 -2.48 11.76 -21.18
C VAL C 311 -3.92 11.65 -21.68
N TYR C 312 -4.28 12.53 -22.61
CA TYR C 312 -5.60 12.47 -23.24
C TYR C 312 -5.77 11.07 -23.89
N ALA C 313 -4.65 10.46 -24.29
CA ALA C 313 -4.73 9.21 -24.96
C ALA C 313 -5.25 8.23 -23.96
N MET C 314 -4.76 8.34 -22.73
CA MET C 314 -5.17 7.34 -21.71
C MET C 314 -6.58 7.62 -21.23
N ARG C 315 -6.88 8.91 -21.01
CA ARG C 315 -8.27 9.44 -20.84
C ARG C 315 -9.25 8.78 -21.80
N ASP C 316 -8.86 8.81 -23.08
CA ASP C 316 -9.59 8.21 -24.17
C ASP C 316 -9.70 6.71 -24.07
N ARG C 317 -8.61 6.05 -23.72
CA ARG C 317 -8.65 4.59 -23.69
C ARG C 317 -9.53 4.13 -22.56
N ILE C 318 -9.54 4.88 -21.46
CA ILE C 318 -10.41 4.52 -20.36
C ILE C 318 -11.85 4.73 -20.81
N LYS C 319 -12.13 5.85 -21.47
CA LYS C 319 -13.52 6.20 -21.84
C LYS C 319 -14.12 5.18 -22.76
N SER C 320 -13.32 4.66 -23.69
CA SER C 320 -13.78 3.55 -24.53
C SER C 320 -14.15 2.29 -23.74
N MET C 321 -13.43 1.99 -22.66
CA MET C 321 -13.76 0.79 -21.94
C MET C 321 -15.05 0.94 -21.14
N ARG C 322 -15.34 2.15 -20.65
CA ARG C 322 -16.58 2.43 -19.88
C ARG C 322 -17.77 2.24 -20.78
N THR C 323 -17.69 2.81 -21.96
CA THR C 323 -18.78 2.77 -22.84
C THR C 323 -18.93 1.34 -23.36
N LYS C 324 -17.79 0.71 -23.62
CA LYS C 324 -17.84 -0.70 -24.07
C LYS C 324 -18.49 -1.67 -23.03
N LEU C 325 -18.10 -1.63 -21.76
CA LEU C 325 -18.66 -2.55 -20.76
C LEU C 325 -20.18 -2.35 -20.61
N LYS C 326 -20.61 -1.07 -20.59
CA LYS C 326 -22.02 -0.79 -20.43
C LYS C 326 -22.82 -1.25 -21.64
N SER C 327 -22.32 -1.04 -22.83
CA SER C 327 -23.05 -1.43 -24.01
C SER C 327 -23.38 -2.95 -24.04
N VAL C 328 -22.40 -3.77 -23.67
CA VAL C 328 -22.62 -5.21 -23.45
C VAL C 328 -23.74 -5.45 -22.41
N LEU C 329 -23.66 -4.75 -21.29
CA LEU C 329 -24.57 -4.97 -20.17
C LEU C 329 -26.03 -4.57 -20.43
N GLU C 330 -26.23 -3.41 -21.05
CA GLU C 330 -27.55 -2.89 -21.39
C GLU C 330 -28.27 -3.85 -22.36
N ALA C 331 -27.47 -4.40 -23.29
CA ALA C 331 -27.88 -5.46 -24.19
C ALA C 331 -28.33 -6.74 -23.46
N LYS C 332 -27.66 -7.14 -22.39
CA LYS C 332 -28.01 -8.40 -21.70
C LYS C 332 -28.91 -8.33 -20.42
N ILE C 333 -29.20 -7.09 -19.97
CA ILE C 333 -30.14 -6.75 -18.89
C ILE C 333 -30.73 -5.36 -19.25
N SER C 334 -31.71 -5.37 -20.16
CA SER C 334 -32.26 -4.12 -20.75
C SER C 334 -33.03 -3.17 -19.80
N GLY C 335 -33.80 -3.77 -18.87
CA GLY C 335 -34.53 -3.00 -17.83
C GLY C 335 -33.67 -2.66 -16.61
N ARG C 336 -32.34 -2.59 -16.82
CA ARG C 336 -31.40 -2.16 -15.78
C ARG C 336 -30.61 -0.93 -16.24
N ASN C 337 -30.62 0.08 -15.38
CA ASN C 337 -29.96 1.34 -15.69
C ASN C 337 -28.48 1.32 -15.30
N PHE C 338 -27.67 1.87 -16.18
CA PHE C 338 -26.22 1.81 -16.04
C PHE C 338 -25.50 3.08 -16.42
N ASP C 339 -26.24 4.14 -16.70
CA ASP C 339 -25.65 5.42 -17.11
C ASP C 339 -24.56 5.85 -16.15
N TYR C 340 -24.56 5.29 -14.94
CA TYR C 340 -23.52 5.60 -13.96
C TYR C 340 -22.12 5.19 -14.45
N LEU C 341 -21.99 4.03 -15.08
CA LEU C 341 -20.71 3.64 -15.60
C LEU C 341 -20.03 4.63 -16.57
N THR C 342 -20.82 5.42 -17.30
CA THR C 342 -20.24 6.45 -18.15
C THR C 342 -20.47 7.81 -17.58
N ALA C 343 -21.29 7.89 -16.54
CA ALA C 343 -21.53 9.12 -15.83
C ALA C 343 -20.32 9.42 -15.01
N GLN C 344 -19.72 8.37 -14.46
CA GLN C 344 -18.42 8.39 -13.77
C GLN C 344 -17.19 8.76 -14.64
N ASN C 345 -16.13 9.27 -13.99
CA ASN C 345 -14.89 9.61 -14.73
C ASN C 345 -13.73 9.16 -13.96
N GLY C 346 -12.60 9.08 -14.64
CA GLY C 346 -11.32 8.75 -14.02
C GLY C 346 -11.14 7.25 -13.97
N MET C 347 -10.27 6.81 -13.07
CA MET C 347 -9.70 5.50 -13.21
C MET C 347 -10.55 4.50 -12.55
N PHE C 348 -11.39 4.99 -11.63
CA PHE C 348 -12.26 4.14 -10.82
C PHE C 348 -13.73 4.21 -11.02
N SER C 349 -14.35 3.09 -10.73
CA SER C 349 -15.76 3.04 -10.83
C SER C 349 -16.28 2.27 -9.61
N PHE C 350 -17.21 2.87 -8.82
CA PHE C 350 -18.06 2.08 -7.88
C PHE C 350 -19.07 1.38 -8.74
N THR C 351 -18.97 0.06 -8.80
CA THR C 351 -19.62 -0.63 -9.91
C THR C 351 -21.03 -0.97 -9.54
N GLY C 352 -21.32 -0.93 -8.25
CA GLY C 352 -22.67 -1.17 -7.81
C GLY C 352 -22.86 -2.64 -7.62
N LEU C 353 -21.77 -3.42 -7.59
CA LEU C 353 -21.83 -4.81 -7.11
C LEU C 353 -22.04 -4.80 -5.61
N THR C 354 -22.78 -5.79 -5.14
CA THR C 354 -22.96 -6.02 -3.71
C THR C 354 -21.69 -6.76 -3.25
N PRO C 355 -21.30 -6.63 -1.94
CA PRO C 355 -20.05 -7.26 -1.47
C PRO C 355 -20.03 -8.78 -1.76
N GLU C 356 -21.21 -9.40 -1.68
CA GLU C 356 -21.39 -10.82 -2.05
C GLU C 356 -21.16 -11.07 -3.56
N GLN C 357 -21.60 -10.11 -4.40
CA GLN C 357 -21.43 -10.25 -5.83
C GLN C 357 -19.97 -10.21 -6.28
N VAL C 358 -19.19 -9.37 -5.62
CA VAL C 358 -17.77 -9.27 -5.86
C VAL C 358 -17.12 -10.60 -5.57
N GLU C 359 -17.58 -11.29 -4.54
CA GLU C 359 -17.00 -12.56 -4.15
C GLU C 359 -17.10 -13.61 -5.27
N ARG C 360 -18.28 -13.68 -5.92
CA ARG C 360 -18.53 -14.66 -7.01
C ARG C 360 -17.70 -14.43 -8.29
N LEU C 361 -17.55 -13.16 -8.72
CA LEU C 361 -16.61 -12.80 -9.79
C LEU C 361 -15.17 -13.22 -9.46
N GLN C 362 -14.74 -12.91 -8.24
CA GLN C 362 -13.41 -13.19 -7.73
C GLN C 362 -13.06 -14.67 -7.73
N SER C 363 -13.96 -15.50 -7.19
CA SER C 363 -13.67 -16.92 -7.04
C SER C 363 -13.94 -17.68 -8.34
N GLU C 364 -15.21 -17.59 -8.77
CA GLU C 364 -15.77 -18.37 -9.89
C GLU C 364 -15.29 -17.90 -11.26
N PHE C 365 -14.89 -16.63 -11.37
CA PHE C 365 -14.34 -16.10 -12.62
C PHE C 365 -12.88 -15.66 -12.49
N GLY C 366 -12.44 -15.28 -11.30
CA GLY C 366 -11.03 -14.97 -11.12
C GLY C 366 -10.71 -13.52 -11.44
N ILE C 367 -11.69 -12.66 -11.20
CA ILE C 367 -11.57 -11.24 -11.42
C ILE C 367 -11.65 -10.50 -10.08
N TYR C 368 -10.60 -9.75 -9.81
CA TYR C 368 -10.48 -9.12 -8.53
C TYR C 368 -10.78 -7.65 -8.55
N MET C 369 -11.68 -7.25 -7.67
CA MET C 369 -11.86 -5.84 -7.35
C MET C 369 -12.17 -5.71 -5.87
N ILE C 370 -12.34 -4.48 -5.33
CA ILE C 370 -12.56 -4.29 -3.87
C ILE C 370 -13.97 -4.60 -3.39
N SER C 371 -14.06 -5.15 -2.16
CA SER C 371 -15.31 -5.50 -1.44
C SER C 371 -16.37 -4.39 -1.52
N ASN C 372 -15.86 -3.15 -1.52
CA ASN C 372 -16.67 -1.93 -1.67
C ASN C 372 -17.18 -1.65 -3.11
N SER C 373 -16.81 -2.56 -4.03
CA SER C 373 -17.21 -2.59 -5.44
C SER C 373 -16.27 -1.79 -6.32
N ARG C 374 -15.12 -1.40 -5.78
CA ARG C 374 -14.32 -0.50 -6.58
C ARG C 374 -13.61 -1.22 -7.71
N MET C 375 -13.86 -0.81 -8.95
CA MET C 375 -13.14 -1.33 -10.09
C MET C 375 -12.16 -0.33 -10.63
N CYS C 376 -10.98 -0.83 -10.97
CA CYS C 376 -10.04 -0.05 -11.74
C CYS C 376 -10.25 -0.24 -13.24
N VAL C 377 -10.78 0.80 -13.87
CA VAL C 377 -11.29 0.70 -15.24
C VAL C 377 -10.12 0.52 -16.20
N ALA C 378 -8.99 1.17 -15.90
CA ALA C 378 -7.81 1.04 -16.74
C ALA C 378 -7.30 -0.40 -16.70
N GLY C 379 -7.77 -1.18 -15.75
CA GLY C 379 -7.32 -2.58 -15.70
C GLY C 379 -7.91 -3.42 -16.80
N LEU C 380 -8.91 -2.86 -17.51
CA LEU C 380 -9.54 -3.49 -18.65
C LEU C 380 -8.92 -3.04 -19.96
N ASN C 381 -9.06 -3.93 -20.95
CA ASN C 381 -8.70 -3.69 -22.33
C ASN C 381 -9.42 -4.66 -23.28
N SER C 382 -9.21 -4.48 -24.58
CA SER C 382 -10.00 -5.18 -25.58
CA SER C 382 -10.07 -5.19 -25.49
C SER C 382 -9.93 -6.70 -25.47
N SER C 383 -8.98 -7.21 -24.72
CA SER C 383 -8.87 -8.64 -24.73
C SER C 383 -9.54 -9.31 -23.55
N ASN C 384 -9.79 -8.55 -22.49
CA ASN C 384 -10.46 -9.09 -21.30
C ASN C 384 -11.81 -8.48 -21.04
N ILE C 385 -12.08 -7.41 -21.76
CA ILE C 385 -13.31 -6.69 -21.64
C ILE C 385 -14.48 -7.68 -21.80
N ASP C 386 -14.41 -8.54 -22.79
CA ASP C 386 -15.58 -9.33 -23.12
C ASP C 386 -15.90 -10.36 -22.08
N TYR C 387 -14.82 -10.95 -21.60
CA TYR C 387 -14.88 -11.89 -20.51
C TYR C 387 -15.57 -11.30 -19.27
N VAL C 388 -15.08 -10.13 -18.87
CA VAL C 388 -15.46 -9.50 -17.63
C VAL C 388 -16.88 -8.99 -17.81
N ALA C 389 -17.18 -8.39 -18.96
CA ALA C 389 -18.53 -7.86 -19.16
C ALA C 389 -19.56 -8.96 -18.99
N ASN C 390 -19.16 -10.20 -19.34
CA ASN C 390 -20.04 -11.35 -19.24
C ASN C 390 -20.10 -11.93 -17.89
N ALA C 391 -18.94 -12.22 -17.29
CA ALA C 391 -18.88 -12.63 -15.89
C ALA C 391 -19.83 -11.76 -15.04
N MET C 392 -19.89 -10.47 -15.37
CA MET C 392 -20.76 -9.52 -14.68
C MET C 392 -22.24 -9.76 -14.96
N VAL C 393 -22.62 -9.89 -16.24
CA VAL C 393 -24.02 -10.25 -16.66
C VAL C 393 -24.54 -11.42 -15.82
N ASP C 394 -23.73 -12.49 -15.81
CA ASP C 394 -23.96 -13.70 -15.01
C ASP C 394 -24.26 -13.43 -13.55
N VAL C 395 -23.29 -12.80 -12.88
CA VAL C 395 -23.34 -12.48 -11.45
C VAL C 395 -24.52 -11.59 -10.99
N LEU C 396 -24.89 -10.64 -11.82
CA LEU C 396 -25.94 -9.67 -11.50
C LEU C 396 -27.35 -10.19 -11.77
N LYS C 397 -27.44 -11.20 -12.64
CA LYS C 397 -28.73 -11.76 -12.99
C LYS C 397 -29.28 -12.72 -11.91
N ASP C 398 -28.58 -12.84 -10.77
CA ASP C 398 -29.08 -13.65 -9.64
C ASP C 398 -30.41 -13.10 -9.07
N MET D 1 -4.71 35.10 4.79
CA MET D 1 -5.33 34.82 6.12
C MET D 1 -4.31 34.15 6.99
N PHE D 2 -3.06 34.28 6.57
CA PHE D 2 -1.94 33.57 7.17
C PHE D 2 -1.03 34.54 7.87
N GLU D 3 -1.49 35.77 7.95
CA GLU D 3 -0.77 36.93 8.45
C GLU D 3 -0.06 36.70 9.78
N ARG D 4 -0.51 35.74 10.55
CA ARG D 4 0.01 35.50 11.90
C ARG D 4 0.93 34.28 11.89
N ILE D 5 1.42 33.93 10.71
CA ILE D 5 2.33 32.83 10.49
C ILE D 5 3.71 33.43 10.30
N ASP D 6 4.73 32.91 11.00
CA ASP D 6 6.05 33.61 11.08
C ASP D 6 6.99 33.36 9.89
N TYR D 7 7.91 34.31 9.63
CA TYR D 7 8.96 34.06 8.63
C TYR D 7 9.76 32.91 9.19
N TYR D 8 9.99 31.90 8.37
CA TYR D 8 10.73 30.74 8.81
C TYR D 8 12.20 31.07 8.76
N ALA D 9 12.89 30.88 9.91
CA ALA D 9 14.31 31.22 10.13
C ALA D 9 15.29 30.87 9.00
N GLY D 10 15.32 29.57 8.66
CA GLY D 10 16.37 28.99 7.81
C GLY D 10 17.36 28.25 8.70
N ASP D 11 18.00 27.23 8.12
CA ASP D 11 19.14 26.60 8.78
C ASP D 11 20.30 27.59 8.69
N PRO D 12 20.74 28.10 9.86
CA PRO D 12 21.70 29.24 9.92
C PRO D 12 22.94 29.11 8.98
N ILE D 13 23.32 27.85 8.70
CA ILE D 13 24.48 27.53 7.88
C ILE D 13 24.19 27.75 6.40
N LEU D 14 22.91 27.65 6.02
CA LEU D 14 22.55 27.82 4.60
C LEU D 14 22.71 29.27 4.17
N GLY D 15 22.62 30.16 5.15
CA GLY D 15 22.66 31.59 4.88
C GLY D 15 24.10 31.97 4.72
N LEU D 16 24.95 31.12 5.26
CA LEU D 16 26.33 31.23 4.98
C LEU D 16 26.62 30.64 3.59
N VAL D 17 25.82 29.71 3.11
CA VAL D 17 26.21 29.15 1.83
C VAL D 17 25.76 30.07 0.75
N GLU D 18 24.74 30.85 1.05
CA GLU D 18 24.37 31.87 0.16
C GLU D 18 25.46 32.92 0.04
N LYS D 19 26.00 33.32 1.19
CA LYS D 19 27.03 34.33 1.29
C LYS D 19 28.27 33.92 0.54
N PHE D 20 28.57 32.62 0.57
CA PHE D 20 29.72 32.07 -0.15
C PHE D 20 29.46 32.25 -1.60
N ALA D 21 28.29 31.77 -2.02
CA ALA D 21 27.92 31.79 -3.43
C ALA D 21 28.06 33.19 -3.96
N ALA D 22 27.63 34.18 -3.19
CA ALA D 22 27.65 35.52 -3.70
C ALA D 22 29.04 36.17 -3.67
N ASP D 23 29.90 35.78 -2.71
CA ASP D 23 31.29 36.29 -2.62
C ASP D 23 32.05 36.25 -3.96
N ASN D 24 32.61 37.37 -4.41
CA ASN D 24 33.29 37.37 -5.74
C ASN D 24 34.83 37.23 -5.65
N ASN D 25 35.36 37.16 -4.41
CA ASN D 25 36.77 36.89 -4.11
C ASN D 25 37.25 35.69 -4.90
N PRO D 26 38.30 35.91 -5.69
CA PRO D 26 38.65 34.75 -6.54
C PRO D 26 39.36 33.69 -5.74
N ASP D 27 39.79 33.99 -4.52
CA ASP D 27 40.57 33.05 -3.74
C ASP D 27 39.71 32.26 -2.76
N LYS D 28 38.40 32.48 -2.75
CA LYS D 28 37.48 31.89 -1.77
C LYS D 28 37.44 30.39 -1.76
N VAL D 29 37.20 29.86 -0.57
CA VAL D 29 37.22 28.41 -0.33
C VAL D 29 36.04 28.12 0.56
N ASN D 30 35.15 27.21 0.17
CA ASN D 30 33.99 26.81 1.02
C ASN D 30 34.22 25.56 1.92
N LEU D 31 34.52 25.80 3.20
CA LEU D 31 34.59 24.71 4.16
C LEU D 31 33.34 24.67 5.00
N GLY D 32 32.28 25.34 4.58
CA GLY D 32 31.04 25.36 5.34
C GLY D 32 30.04 24.29 4.96
N ILE D 33 30.09 23.74 3.76
CA ILE D 33 29.04 22.79 3.35
C ILE D 33 29.47 21.39 3.77
N GLY D 34 28.51 20.48 3.88
CA GLY D 34 28.73 19.14 4.46
C GLY D 34 28.64 18.10 3.37
N ILE D 35 29.33 18.38 2.28
CA ILE D 35 29.25 17.57 1.09
C ILE D 35 30.67 17.05 0.80
N TYR D 36 30.86 15.87 0.19
CA TYR D 36 32.25 15.46 -0.11
C TYR D 36 32.65 15.95 -1.49
N TYR D 37 33.81 16.60 -1.57
CA TYR D 37 34.45 16.88 -2.84
C TYR D 37 35.74 16.07 -2.99
N ASP D 38 36.00 15.61 -4.21
CA ASP D 38 37.21 14.90 -4.50
C ASP D 38 38.28 15.93 -4.73
N GLU D 39 39.44 15.49 -5.19
CA GLU D 39 40.62 16.35 -5.33
C GLU D 39 40.49 17.50 -6.28
N SER D 40 39.55 17.47 -7.20
CA SER D 40 39.40 18.63 -8.04
C SER D 40 38.43 19.64 -7.45
N GLY D 41 37.84 19.34 -6.28
CA GLY D 41 36.88 20.27 -5.68
C GLY D 41 35.47 20.23 -6.24
N VAL D 42 35.06 19.05 -6.73
CA VAL D 42 33.74 18.84 -7.35
C VAL D 42 33.13 17.59 -6.68
N MET D 43 31.81 17.43 -6.75
CA MET D 43 31.17 16.17 -6.28
C MET D 43 31.35 15.03 -7.25
N PRO D 44 31.90 13.93 -6.77
CA PRO D 44 32.16 12.85 -7.67
C PRO D 44 30.89 12.06 -7.99
N VAL D 45 30.92 11.37 -9.13
CA VAL D 45 29.93 10.37 -9.51
C VAL D 45 30.73 9.10 -9.38
N LEU D 46 30.26 8.17 -8.57
CA LEU D 46 31.10 7.04 -8.25
C LEU D 46 31.15 6.00 -9.41
N ASP D 47 32.25 5.25 -9.57
CA ASP D 47 32.34 4.47 -10.78
C ASP D 47 31.32 3.38 -10.76
N CYS D 48 31.09 2.87 -9.57
CA CYS D 48 30.09 1.84 -9.41
C CYS D 48 28.68 2.37 -9.53
N VAL D 49 28.49 3.65 -9.34
CA VAL D 49 27.15 4.17 -9.42
C VAL D 49 26.86 4.36 -10.91
N LYS D 50 27.90 4.82 -11.61
CA LYS D 50 27.79 5.05 -12.99
C LYS D 50 27.38 3.72 -13.64
N ILE D 51 27.93 2.58 -13.22
CA ILE D 51 27.44 1.32 -13.83
C ILE D 51 25.96 0.97 -13.46
N ALA D 52 25.61 1.18 -12.19
CA ALA D 52 24.28 0.84 -11.75
C ALA D 52 23.24 1.57 -12.57
N GLU D 53 23.55 2.83 -12.88
CA GLU D 53 22.56 3.71 -13.47
C GLU D 53 22.43 3.38 -14.91
N GLN D 54 23.51 2.96 -15.49
CA GLN D 54 23.50 2.44 -16.83
C GLN D 54 22.60 1.20 -16.95
N ARG D 55 22.70 0.28 -16.00
CA ARG D 55 21.75 -0.85 -15.96
C ARG D 55 20.29 -0.47 -15.82
N ILE D 56 20.02 0.52 -14.98
CA ILE D 56 18.70 1.06 -14.78
C ILE D 56 18.18 1.69 -16.06
N ALA D 57 19.02 2.41 -16.77
CA ALA D 57 18.59 3.06 -18.01
C ALA D 57 18.59 2.10 -19.15
N ASP D 58 18.77 0.83 -18.84
CA ASP D 58 18.89 -0.13 -19.90
C ASP D 58 18.33 -1.55 -19.64
N PRO D 59 17.03 -1.77 -19.92
CA PRO D 59 16.11 -0.85 -20.63
C PRO D 59 15.45 0.14 -19.72
N ILE D 60 15.01 1.26 -20.28
CA ILE D 60 14.17 2.18 -19.48
C ILE D 60 12.93 1.40 -19.01
N SER D 61 12.80 1.15 -17.72
CA SER D 61 11.71 0.25 -17.25
C SER D 61 10.43 0.87 -16.73
N PRO D 62 9.31 0.12 -16.79
CA PRO D 62 8.08 0.61 -16.10
C PRO D 62 8.32 1.01 -14.59
N ARG D 63 7.48 1.89 -14.06
CA ARG D 63 7.75 2.42 -12.73
C ARG D 63 6.64 2.16 -11.68
N PRO D 64 6.44 0.90 -11.28
CA PRO D 64 5.41 0.77 -10.24
C PRO D 64 5.87 1.41 -8.91
N TYR D 65 4.94 1.59 -7.98
CA TYR D 65 5.28 1.88 -6.61
C TYR D 65 6.16 0.75 -6.11
N LEU D 66 7.23 1.05 -5.36
CA LEU D 66 7.94 0.04 -4.51
C LEU D 66 7.09 -0.28 -3.30
N PRO D 67 7.34 -1.40 -2.62
CA PRO D 67 6.57 -1.67 -1.32
C PRO D 67 6.82 -0.55 -0.32
N MET D 68 6.00 -0.41 0.71
CA MET D 68 6.28 0.67 1.65
C MET D 68 7.66 0.53 2.34
N ALA D 69 8.09 -0.71 2.52
CA ALA D 69 9.41 -1.03 3.06
C ALA D 69 10.54 -0.81 2.09
N GLY D 70 10.27 -0.54 0.84
CA GLY D 70 11.38 -0.32 -0.09
C GLY D 70 11.73 -1.67 -0.67
N LEU D 71 12.70 -1.65 -1.61
CA LEU D 71 13.14 -2.86 -2.30
C LEU D 71 13.74 -3.83 -1.31
N PRO D 72 13.41 -5.11 -1.51
CA PRO D 72 13.99 -6.21 -0.69
C PRO D 72 15.51 -6.08 -0.53
N GLY D 73 16.15 -5.82 -1.67
CA GLY D 73 17.58 -5.78 -1.82
C GLY D 73 18.12 -4.57 -1.13
N HIS D 74 17.40 -3.47 -1.21
CA HIS D 74 17.81 -2.25 -0.55
C HIS D 74 17.88 -2.53 0.93
N ARG D 75 16.86 -3.22 1.39
CA ARG D 75 16.73 -3.50 2.79
C ARG D 75 17.83 -4.41 3.23
N LYS D 76 18.11 -5.46 2.46
CA LYS D 76 19.22 -6.37 2.83
C LYS D 76 20.62 -5.68 2.80
N GLY D 77 20.87 -4.90 1.73
CA GLY D 77 22.12 -4.15 1.61
C GLY D 77 22.47 -3.38 2.86
N CYS D 78 21.52 -2.63 3.37
CA CYS D 78 21.69 -1.91 4.62
C CYS D 78 22.09 -2.81 5.70
N GLN D 79 21.30 -3.90 5.91
CA GLN D 79 21.48 -4.85 7.03
C GLN D 79 22.88 -5.40 7.00
N GLU D 80 23.28 -5.86 5.81
CA GLU D 80 24.53 -6.49 5.70
C GLU D 80 25.62 -5.46 5.95
N LEU D 81 25.45 -4.25 5.46
CA LEU D 81 26.48 -3.28 5.62
C LEU D 81 26.59 -2.92 7.10
N LEU D 82 25.44 -2.82 7.74
CA LEU D 82 25.39 -2.50 9.13
C LEU D 82 25.73 -3.62 10.06
N PHE D 83 25.15 -4.79 9.87
CA PHE D 83 25.38 -5.82 10.91
C PHE D 83 26.44 -6.91 10.61
N GLY D 84 27.06 -6.85 9.42
CA GLY D 84 27.99 -7.85 8.94
C GLY D 84 27.22 -8.64 7.91
N LYS D 85 27.86 -8.93 6.76
CA LYS D 85 27.42 -10.05 5.85
C LYS D 85 26.91 -11.32 6.63
N ASP D 86 25.73 -11.83 6.25
CA ASP D 86 25.11 -13.06 6.89
C ASP D 86 25.34 -13.17 8.43
N ALA D 87 25.15 -12.05 9.12
CA ALA D 87 25.35 -11.96 10.56
C ALA D 87 24.36 -12.83 11.29
N PRO D 88 24.80 -13.58 12.30
CA PRO D 88 23.84 -14.27 13.17
C PRO D 88 22.51 -13.52 13.40
N VAL D 89 22.50 -12.22 13.69
CA VAL D 89 21.22 -11.48 13.98
C VAL D 89 20.17 -11.49 12.81
N LEU D 90 20.66 -11.48 11.59
CA LEU D 90 19.84 -11.48 10.39
C LEU D 90 19.26 -12.82 10.13
N LYS D 91 20.06 -13.88 10.27
CA LYS D 91 19.59 -15.27 10.14
C LYS D 91 18.43 -15.46 11.10
N ASP D 92 18.62 -14.99 12.34
CA ASP D 92 17.70 -15.26 13.44
C ASP D 92 16.44 -14.46 13.25
N GLY D 93 16.36 -13.73 12.11
CA GLY D 93 15.19 -12.96 11.71
C GLY D 93 14.79 -11.89 12.72
N LEU D 94 15.80 -11.23 13.31
CA LEU D 94 15.61 -10.28 14.45
C LEU D 94 15.75 -8.77 14.24
N VAL D 95 15.85 -8.32 12.99
CA VAL D 95 15.95 -6.91 12.68
C VAL D 95 14.88 -6.55 11.70
N ALA D 96 13.95 -5.69 12.10
CA ALA D 96 13.02 -5.08 11.10
C ALA D 96 13.65 -3.85 10.35
N THR D 97 13.59 -3.79 9.02
CA THR D 97 14.36 -2.77 8.25
C THR D 97 13.55 -2.20 7.09
N ILE D 98 13.56 -0.86 6.93
CA ILE D 98 12.90 -0.30 5.79
C ILE D 98 13.84 0.60 5.01
N ALA D 99 13.73 0.70 3.68
CA ALA D 99 14.40 1.82 2.99
C ALA D 99 13.78 3.14 3.42
N THR D 100 14.56 4.19 3.53
CA THR D 100 13.93 5.44 3.96
C THR D 100 14.34 6.54 3.03
N ILE D 101 13.77 7.73 3.19
CA ILE D 101 14.12 8.95 2.37
C ILE D 101 15.41 9.63 2.97
N GLY D 102 16.59 9.12 2.60
CA GLY D 102 17.84 9.42 3.28
C GLY D 102 17.89 9.00 4.74
N GLY D 103 18.95 9.44 5.40
CA GLY D 103 19.05 9.32 6.83
C GLY D 103 17.90 10.09 7.48
N SER D 104 17.62 11.30 6.99
CA SER D 104 16.50 12.12 7.53
C SER D 104 15.19 11.37 7.74
N GLY D 105 14.72 10.76 6.65
CA GLY D 105 13.53 9.92 6.64
C GLY D 105 13.60 8.76 7.61
N ALA D 106 14.79 8.18 7.78
CA ALA D 106 14.98 7.10 8.76
C ALA D 106 14.79 7.66 10.16
N LEU D 107 15.47 8.79 10.44
CA LEU D 107 15.31 9.50 11.71
C LEU D 107 13.81 9.83 11.94
N LYS D 108 13.17 10.43 10.93
CA LYS D 108 11.74 10.79 11.01
C LYS D 108 10.84 9.60 11.40
N VAL D 109 11.01 8.45 10.77
CA VAL D 109 10.17 7.30 11.09
C VAL D 109 10.47 6.80 12.51
N GLY D 110 11.76 6.67 12.84
CA GLY D 110 12.14 6.14 14.14
C GLY D 110 11.58 7.05 15.21
N ALA D 111 11.66 8.36 14.93
CA ALA D 111 11.15 9.40 15.80
C ALA D 111 9.66 9.19 16.03
N GLU D 112 8.90 9.13 14.91
CA GLU D 112 7.47 8.91 15.00
C GLU D 112 7.01 7.66 15.76
N PHE D 113 7.65 6.55 15.42
CA PHE D 113 7.47 5.33 16.12
C PHE D 113 7.80 5.47 17.59
N ILE D 114 8.94 6.07 17.94
CA ILE D 114 9.16 6.18 19.37
C ILE D 114 8.10 7.07 20.01
N HIS D 115 7.68 8.11 19.32
CA HIS D 115 6.62 8.94 19.89
C HIS D 115 5.30 8.17 20.14
N GLU D 116 4.99 7.23 19.26
CA GLU D 116 3.69 6.66 19.25
C GLU D 116 3.63 5.58 20.28
N TRP D 117 4.74 4.90 20.53
CA TRP D 117 4.73 3.67 21.32
C TRP D 117 5.42 3.80 22.65
N PHE D 118 6.16 4.89 22.80
CA PHE D 118 6.85 5.16 24.05
C PHE D 118 6.67 6.62 24.30
N PRO D 119 5.40 7.02 24.39
CA PRO D 119 5.05 8.42 24.47
C PRO D 119 5.73 9.16 25.65
N GLN D 120 6.34 8.43 26.60
CA GLN D 120 6.98 9.05 27.79
C GLN D 120 8.52 9.30 27.65
N SER D 121 9.06 9.00 26.48
CA SER D 121 10.46 9.10 26.26
C SER D 121 10.88 10.48 25.83
N LYS D 122 12.01 10.87 26.40
CA LYS D 122 12.66 12.11 26.10
C LYS D 122 13.81 11.60 25.27
N CYS D 123 14.35 12.46 24.43
CA CYS D 123 15.44 12.07 23.55
C CYS D 123 16.57 13.02 23.88
N TYR D 124 17.81 12.54 23.90
CA TYR D 124 18.94 13.43 24.18
C TYR D 124 19.95 13.27 23.08
N VAL D 125 20.51 14.39 22.68
CA VAL D 125 21.48 14.43 21.56
C VAL D 125 22.81 14.94 22.09
N SER D 126 23.90 14.65 21.39
CA SER D 126 25.20 15.17 21.80
C SER D 126 25.24 16.70 21.79
N ASP D 127 25.98 17.22 22.75
CA ASP D 127 26.36 18.63 22.72
C ASP D 127 27.76 18.85 22.07
N PRO D 128 27.82 19.36 20.82
CA PRO D 128 26.71 19.65 19.97
C PRO D 128 26.44 18.51 18.95
N THR D 129 25.43 18.75 18.10
CA THR D 129 24.98 17.78 17.10
C THR D 129 24.50 18.52 15.87
N TRP D 130 24.17 17.77 14.86
CA TRP D 130 23.70 18.28 13.60
C TRP D 130 22.30 18.83 13.91
N GLY D 131 22.00 20.05 13.47
CA GLY D 131 20.76 20.70 13.85
C GLY D 131 19.48 19.92 13.54
N ASN D 132 19.51 19.20 12.45
CA ASN D 132 18.32 18.55 12.02
C ASN D 132 17.90 17.40 12.94
N HIS D 133 18.85 16.86 13.74
CA HIS D 133 18.43 15.92 14.82
C HIS D 133 17.34 16.54 15.71
N ILE D 134 17.64 17.72 16.24
CA ILE D 134 16.71 18.44 17.07
C ILE D 134 15.40 18.80 16.37
N ALA D 135 15.41 19.43 15.17
CA ALA D 135 14.19 19.72 14.41
C ALA D 135 13.31 18.48 14.29
N ILE D 136 13.89 17.42 13.73
CA ILE D 136 13.15 16.18 13.48
C ILE D 136 12.43 15.56 14.70
N PHE D 137 13.20 15.30 15.75
CA PHE D 137 12.63 14.73 17.00
C PHE D 137 11.56 15.62 17.65
N GLU D 138 11.81 16.93 17.69
CA GLU D 138 10.88 17.89 18.25
C GLU D 138 9.72 17.88 17.34
N GLY D 139 10.00 17.69 16.06
CA GLY D 139 8.94 17.67 15.04
C GLY D 139 7.90 16.58 15.20
N CYS D 140 8.19 15.58 16.02
CA CYS D 140 7.26 14.52 16.31
C CYS D 140 6.61 14.77 17.61
N ASP D 141 6.82 15.95 18.19
CA ASP D 141 6.39 16.22 19.55
C ASP D 141 7.17 15.51 20.68
N ILE D 142 8.42 15.14 20.43
CA ILE D 142 9.29 14.60 21.50
C ILE D 142 10.04 15.73 22.21
N GLU D 143 10.35 15.52 23.47
CA GLU D 143 11.06 16.51 24.23
C GLU D 143 12.54 16.08 24.10
N VAL D 144 13.37 17.06 23.75
CA VAL D 144 14.79 16.86 23.52
C VAL D 144 15.70 17.70 24.48
N GLY D 145 16.72 17.04 25.01
CA GLY D 145 17.79 17.67 25.72
C GLY D 145 19.12 17.19 25.13
N LYS D 146 20.22 17.77 25.60
CA LYS D 146 21.58 17.41 25.21
C LYS D 146 22.36 16.60 26.27
N TYR D 147 23.25 15.73 25.84
CA TYR D 147 24.04 15.13 26.82
C TYR D 147 25.43 15.72 26.62
N PRO D 148 26.24 15.70 27.69
CA PRO D 148 27.55 16.31 27.53
C PRO D 148 28.44 15.48 26.65
N TYR D 149 28.96 16.12 25.61
CA TYR D 149 29.87 15.48 24.75
C TYR D 149 31.19 16.15 24.53
N TYR D 150 31.22 17.19 23.69
CA TYR D 150 32.50 17.78 23.34
C TYR D 150 32.94 18.74 24.43
N ASP D 151 34.24 18.81 24.63
CA ASP D 151 34.81 19.62 25.65
C ASP D 151 35.62 20.74 24.99
N THR D 152 35.04 21.93 24.98
CA THR D 152 35.64 23.17 24.51
C THR D 152 37.09 23.36 24.89
N ALA D 153 37.40 23.04 26.17
CA ALA D 153 38.68 23.35 26.79
C ALA D 153 39.83 22.53 26.19
N THR D 154 39.54 21.25 25.94
CA THR D 154 40.51 20.24 25.60
C THR D 154 40.31 19.75 24.17
N GLY D 155 39.11 19.84 23.62
CA GLY D 155 38.90 19.28 22.30
C GLY D 155 38.61 17.78 22.29
N GLY D 156 38.30 17.21 23.42
CA GLY D 156 37.94 15.83 23.38
C GLY D 156 36.60 15.72 24.05
N ILE D 157 36.26 14.49 24.41
CA ILE D 157 34.98 14.18 25.03
C ILE D 157 35.05 14.47 26.49
N LYS D 158 34.04 15.16 27.03
CA LYS D 158 33.87 15.22 28.48
C LYS D 158 33.37 13.87 29.02
N PHE D 159 34.18 12.81 28.95
CA PHE D 159 33.66 11.47 29.03
C PHE D 159 32.94 11.10 30.33
N ASP D 160 33.61 11.37 31.43
CA ASP D 160 33.04 11.09 32.74
C ASP D 160 31.73 11.84 32.98
N GLU D 161 31.63 13.09 32.55
CA GLU D 161 30.36 13.83 32.65
C GLU D 161 29.18 13.22 31.87
N MET D 162 29.45 12.70 30.69
CA MET D 162 28.43 12.08 29.87
C MET D 162 27.86 10.83 30.55
N ILE D 163 28.75 9.96 31.00
CA ILE D 163 28.36 8.71 31.54
C ILE D 163 27.59 9.04 32.76
N ALA D 164 27.99 10.12 33.40
CA ALA D 164 27.37 10.47 34.68
C ALA D 164 25.98 10.98 34.36
N PHE D 165 25.86 11.74 33.27
CA PHE D 165 24.55 12.18 32.82
C PHE D 165 23.61 10.99 32.42
N PHE D 166 24.15 10.00 31.69
CA PHE D 166 23.32 8.84 31.32
C PHE D 166 22.79 8.14 32.57
N GLU D 167 23.61 8.14 33.62
CA GLU D 167 23.23 7.62 34.96
C GLU D 167 21.95 8.21 35.42
N THR D 168 21.66 9.47 35.02
CA THR D 168 20.47 10.21 35.50
C THR D 168 19.21 10.13 34.63
N LEU D 169 19.23 9.37 33.53
CA LEU D 169 18.08 9.23 32.64
C LEU D 169 17.18 8.09 33.06
N ASN D 170 15.95 8.10 32.55
CA ASN D 170 14.92 7.12 32.90
C ASN D 170 14.88 5.92 32.01
N LYS D 171 14.23 4.84 32.45
CA LYS D 171 13.99 3.69 31.57
C LYS D 171 13.29 4.13 30.29
N ASP D 172 13.80 3.62 29.16
CA ASP D 172 13.20 3.89 27.87
C ASP D 172 13.56 5.22 27.27
N ASP D 173 14.42 5.97 27.93
CA ASP D 173 14.73 7.28 27.39
C ASP D 173 15.64 7.07 26.19
N VAL D 174 15.60 8.00 25.25
CA VAL D 174 16.29 7.74 23.98
C VAL D 174 17.59 8.51 23.77
N LEU D 175 18.65 7.80 23.42
CA LEU D 175 19.92 8.48 23.27
C LEU D 175 20.35 8.43 21.85
N LEU D 176 20.59 9.61 21.25
CA LEU D 176 20.85 9.71 19.82
C LEU D 176 22.32 9.75 19.65
N LEU D 177 22.85 8.68 19.06
CA LEU D 177 24.28 8.36 19.17
C LEU D 177 24.87 8.34 17.80
N HIS D 178 25.97 9.05 17.59
CA HIS D 178 26.72 8.96 16.28
C HIS D 178 27.81 7.86 16.34
N PRO D 179 27.61 6.74 15.66
CA PRO D 179 28.58 5.64 15.92
C PRO D 179 30.04 5.87 15.56
N CYS D 180 30.29 6.81 14.65
CA CYS D 180 31.63 7.21 14.16
C CYS D 180 31.50 8.57 13.44
N CYS D 181 32.62 9.19 13.10
CA CYS D 181 32.61 10.48 12.35
C CYS D 181 31.57 11.47 12.78
N HIS D 182 31.71 11.90 14.01
CA HIS D 182 30.80 12.77 14.62
C HIS D 182 30.68 14.06 13.78
N ASN D 183 29.42 14.54 13.71
CA ASN D 183 28.95 15.80 13.08
C ASN D 183 28.24 16.60 14.15
N PRO D 184 28.83 17.73 14.57
CA PRO D 184 29.86 18.50 13.89
C PRO D 184 31.37 18.43 14.25
N THR D 185 31.77 17.71 15.29
CA THR D 185 33.11 17.97 15.89
C THR D 185 34.23 17.13 15.29
N GLY D 186 33.88 15.93 14.82
CA GLY D 186 34.88 15.00 14.35
C GLY D 186 35.43 14.17 15.52
N VAL D 187 34.95 14.43 16.74
CA VAL D 187 35.56 13.70 17.85
C VAL D 187 34.78 12.46 18.16
N ASP D 188 35.45 11.33 18.14
CA ASP D 188 34.82 10.05 18.21
C ASP D 188 35.15 9.39 19.52
N LEU D 189 34.25 8.57 20.04
CA LEU D 189 34.63 7.62 21.10
C LEU D 189 35.67 6.50 20.71
N THR D 190 36.47 6.08 21.69
CA THR D 190 37.25 4.85 21.58
C THR D 190 36.41 3.62 21.83
N ARG D 191 36.94 2.47 21.42
CA ARG D 191 36.18 1.25 21.58
C ARG D 191 35.80 1.00 23.01
N GLU D 192 36.71 1.37 23.93
CA GLU D 192 36.55 1.09 25.37
C GLU D 192 35.41 1.92 25.88
N GLN D 193 35.40 3.17 25.43
CA GLN D 193 34.39 4.09 25.81
C GLN D 193 33.06 3.67 25.23
N TRP D 194 33.08 3.13 23.99
CA TRP D 194 31.89 2.50 23.43
C TRP D 194 31.31 1.45 24.33
N ASP D 195 32.20 0.61 24.87
CA ASP D 195 31.77 -0.42 25.83
C ASP D 195 31.21 0.12 27.11
N THR D 196 31.92 1.01 27.79
CA THR D 196 31.40 1.59 28.99
C THR D 196 30.06 2.26 28.69
N VAL D 197 29.94 2.95 27.53
CA VAL D 197 28.68 3.59 27.15
C VAL D 197 27.50 2.62 27.08
N LEU D 198 27.59 1.66 26.16
CA LEU D 198 26.59 0.58 26.08
C LEU D 198 26.21 -0.09 27.44
N ASN D 199 27.18 -0.23 28.32
CA ASN D 199 26.92 -0.90 29.57
C ASN D 199 25.96 -0.06 30.42
N VAL D 200 26.24 1.25 30.47
CA VAL D 200 25.38 2.20 31.14
C VAL D 200 24.01 2.21 30.46
N ILE D 201 24.00 2.08 29.13
CA ILE D 201 22.74 2.03 28.40
C ILE D 201 21.99 0.78 28.82
N GLN D 202 22.70 -0.31 29.00
CA GLN D 202 22.00 -1.46 29.49
C GLN D 202 21.52 -1.36 30.97
N GLU D 203 22.45 -1.08 31.90
CA GLU D 203 22.06 -1.11 33.29
C GLU D 203 20.90 -0.13 33.48
N ARG D 204 20.73 0.81 32.56
CA ARG D 204 19.76 1.88 32.72
C ARG D 204 18.48 1.71 31.86
N GLU D 205 18.50 0.67 31.05
CA GLU D 205 17.42 0.32 30.15
C GLU D 205 16.95 1.43 29.25
N LEU D 206 17.92 2.23 28.80
CA LEU D 206 17.76 3.27 27.73
C LEU D 206 17.77 2.72 26.29
N ILE D 207 17.33 3.53 25.32
CA ILE D 207 17.27 3.07 23.95
C ILE D 207 18.37 3.79 23.13
N PRO D 208 19.34 3.03 22.62
CA PRO D 208 20.33 3.65 21.75
C PRO D 208 19.75 3.81 20.36
N PHE D 209 19.73 5.04 19.86
CA PHE D 209 19.30 5.28 18.54
C PHE D 209 20.51 5.83 17.82
N MET D 210 21.07 5.00 16.97
CA MET D 210 22.39 5.24 16.48
C MET D 210 22.33 5.61 15.05
N ASP D 211 22.97 6.73 14.75
CA ASP D 211 22.72 7.36 13.51
C ASP D 211 24.01 7.41 12.76
N ILE D 212 24.15 6.60 11.74
CA ILE D 212 25.40 6.52 11.05
C ILE D 212 25.30 7.04 9.57
N ALA D 213 25.94 8.13 9.21
CA ALA D 213 25.67 8.67 7.90
C ALA D 213 26.96 8.84 7.05
N TYR D 214 28.08 8.28 7.58
CA TYR D 214 29.39 8.37 7.00
C TYR D 214 30.11 7.06 7.25
N GLN D 215 29.40 5.93 7.23
CA GLN D 215 30.08 4.66 7.46
C GLN D 215 31.17 4.55 6.40
N GLY D 216 32.42 4.35 6.82
CA GLY D 216 33.46 4.21 5.86
C GLY D 216 34.47 5.32 5.91
N PHE D 217 34.05 6.47 6.44
CA PHE D 217 34.88 7.65 6.44
C PHE D 217 35.81 7.70 7.64
N GLY D 218 35.57 6.83 8.59
CA GLY D 218 36.31 6.81 9.85
C GLY D 218 37.51 5.92 9.80
N GLU D 219 37.27 4.61 9.96
CA GLU D 219 38.32 3.68 9.78
C GLU D 219 38.03 2.78 8.59
N ASP D 220 36.97 1.97 8.71
CA ASP D 220 36.47 1.20 7.59
C ASP D 220 35.06 0.76 7.91
N MET D 221 34.43 0.07 6.98
CA MET D 221 33.04 -0.31 7.17
C MET D 221 32.81 -1.09 8.47
N ASP D 222 33.69 -2.04 8.78
CA ASP D 222 33.50 -2.83 9.99
C ASP D 222 33.79 -2.07 11.24
N SER D 223 34.85 -1.27 11.27
CA SER D 223 35.16 -0.57 12.54
C SER D 223 34.16 0.51 12.88
N ASP D 224 33.66 1.14 11.82
CA ASP D 224 32.79 2.32 11.94
C ASP D 224 31.49 1.85 12.47
N ALA D 225 31.22 0.55 12.28
CA ALA D 225 30.01 -0.07 12.74
C ALA D 225 30.19 -0.83 14.11
N TYR D 226 31.31 -0.57 14.79
CA TYR D 226 31.57 -1.26 16.06
C TYR D 226 30.40 -1.15 17.08
N ALA D 227 30.01 0.06 17.42
CA ALA D 227 29.05 0.32 18.45
C ALA D 227 27.72 -0.32 18.03
N ILE D 228 27.43 -0.39 16.75
CA ILE D 228 26.19 -1.04 16.35
C ILE D 228 26.21 -2.54 16.70
N ARG D 229 27.22 -3.24 16.19
CA ARG D 229 27.32 -4.67 16.35
C ARG D 229 27.56 -5.07 17.78
N LYS D 230 28.33 -4.25 18.51
CA LYS D 230 28.50 -4.45 19.93
C LYS D 230 27.14 -4.35 20.61
N ALA D 231 26.30 -3.40 20.22
CA ALA D 231 25.00 -3.28 20.85
C ALA D 231 24.17 -4.51 20.58
N VAL D 232 24.37 -5.10 19.40
CA VAL D 232 23.52 -6.20 18.99
C VAL D 232 23.82 -7.36 19.90
N ASP D 233 25.11 -7.66 20.06
CA ASP D 233 25.53 -8.72 20.97
C ASP D 233 25.03 -8.59 22.38
N MET D 234 24.93 -7.37 22.86
CA MET D 234 24.51 -7.13 24.21
C MET D 234 23.01 -7.29 24.37
N GLY D 235 22.29 -7.46 23.26
CA GLY D 235 20.84 -7.56 23.31
C GLY D 235 20.09 -6.25 23.56
N LEU D 236 20.78 -5.14 23.27
CA LEU D 236 20.17 -3.84 23.30
C LEU D 236 19.01 -3.71 22.28
N PRO D 237 17.96 -2.93 22.60
CA PRO D 237 16.94 -2.58 21.62
C PRO D 237 17.39 -1.40 20.72
N LEU D 238 18.46 -1.65 19.97
CA LEU D 238 19.00 -0.76 18.96
C LEU D 238 18.04 -0.26 17.87
N PHE D 239 17.94 1.05 17.75
CA PHE D 239 17.53 1.69 16.49
C PHE D 239 18.73 2.18 15.70
N VAL D 240 18.68 2.03 14.40
CA VAL D 240 19.77 2.52 13.60
C VAL D 240 19.24 3.17 12.36
N SER D 241 19.47 4.45 12.23
CA SER D 241 19.30 5.11 10.93
C SER D 241 20.61 5.13 10.23
N ASN D 242 20.62 4.74 8.95
CA ASN D 242 21.83 4.97 8.10
C ASN D 242 21.59 5.69 6.79
N SER D 243 22.57 6.36 6.25
CA SER D 243 22.38 7.07 5.00
C SER D 243 23.48 6.82 3.91
N PHE D 244 23.14 6.70 2.64
CA PHE D 244 24.19 6.56 1.64
C PHE D 244 24.40 7.90 0.94
N SER D 245 23.83 8.98 1.47
CA SER D 245 23.95 10.25 0.81
C SER D 245 25.45 10.59 0.54
N LYS D 246 26.29 10.27 1.51
CA LYS D 246 27.65 10.77 1.42
C LYS D 246 28.57 9.69 0.82
N ASN D 247 28.39 8.44 1.27
CA ASN D 247 29.30 7.36 0.91
C ASN D 247 28.85 6.73 -0.41
N LEU D 248 27.67 7.12 -0.89
CA LEU D 248 27.36 6.82 -2.27
C LEU D 248 27.39 8.02 -3.21
N SER D 249 27.71 9.19 -2.67
CA SER D 249 27.62 10.43 -3.36
C SER D 249 26.27 10.60 -4.08
N LEU D 250 25.19 10.35 -3.36
CA LEU D 250 23.82 10.27 -3.90
C LEU D 250 22.88 11.04 -2.99
N TYR D 251 23.33 12.19 -2.52
CA TYR D 251 22.58 13.07 -1.67
C TYR D 251 21.19 13.29 -2.24
N GLY D 252 21.10 13.66 -3.49
CA GLY D 252 19.81 13.92 -4.17
C GLY D 252 18.75 12.81 -4.30
N GLU D 253 19.20 11.57 -4.37
CA GLU D 253 18.25 10.53 -4.63
C GLU D 253 17.48 10.05 -3.38
N ARG D 254 17.91 10.53 -2.22
CA ARG D 254 17.26 10.22 -0.95
C ARG D 254 17.23 8.77 -0.51
N VAL D 255 18.40 8.15 -0.40
CA VAL D 255 18.51 6.73 -0.01
C VAL D 255 19.13 6.52 1.40
N GLY D 256 18.37 5.87 2.28
CA GLY D 256 18.80 5.51 3.60
C GLY D 256 18.04 4.30 4.07
N GLY D 257 18.22 3.97 5.33
CA GLY D 257 17.43 2.92 5.90
C GLY D 257 17.29 3.13 7.38
N LEU D 258 16.25 2.48 7.92
CA LEU D 258 15.98 2.37 9.33
C LEU D 258 15.89 0.91 9.73
N SER D 259 16.60 0.56 10.80
CA SER D 259 16.58 -0.80 11.29
C SER D 259 16.30 -0.86 12.78
N VAL D 260 15.51 -1.83 13.23
CA VAL D 260 15.17 -1.94 14.62
C VAL D 260 15.31 -3.41 15.05
N VAL D 261 16.18 -3.60 16.07
CA VAL D 261 16.66 -4.88 16.52
C VAL D 261 15.85 -5.27 17.76
N CYS D 262 15.15 -6.39 17.64
CA CYS D 262 14.17 -6.84 18.58
C CYS D 262 14.68 -8.13 19.21
N PRO D 263 14.23 -8.42 20.45
CA PRO D 263 14.62 -9.66 21.11
C PRO D 263 13.96 -10.92 20.51
N THR D 264 12.80 -10.80 19.88
CA THR D 264 12.21 -12.00 19.27
C THR D 264 11.68 -11.75 17.88
N VAL D 265 11.45 -12.84 17.16
CA VAL D 265 10.81 -12.84 15.84
C VAL D 265 9.45 -12.09 15.93
N ASP D 266 8.75 -12.29 17.03
CA ASP D 266 7.45 -11.65 17.19
C ASP D 266 7.39 -10.11 17.25
N GLU D 267 8.18 -9.53 18.14
CA GLU D 267 8.36 -8.10 18.17
C GLU D 267 8.86 -7.58 16.82
N THR D 268 9.74 -8.38 16.18
CA THR D 268 10.22 -8.11 14.86
C THR D 268 9.03 -7.82 13.92
N GLU D 269 8.06 -8.74 13.89
CA GLU D 269 6.82 -8.60 13.11
C GLU D 269 6.03 -7.36 13.50
N ARG D 270 5.83 -7.19 14.80
CA ARG D 270 5.10 -6.04 15.33
C ARG D 270 5.74 -4.71 14.91
N VAL D 271 7.04 -4.56 15.13
CA VAL D 271 7.86 -3.39 14.71
C VAL D 271 7.78 -3.14 13.20
N PHE D 272 8.19 -4.17 12.47
CA PHE D 272 8.15 -4.07 11.06
C PHE D 272 6.79 -3.52 10.59
N GLY D 273 5.69 -4.06 11.12
CA GLY D 273 4.38 -3.67 10.62
C GLY D 273 4.14 -2.19 10.92
N GLN D 274 4.55 -1.77 12.11
CA GLN D 274 4.32 -0.40 12.48
C GLN D 274 5.19 0.54 11.70
N LEU D 275 6.35 0.03 11.27
CA LEU D 275 7.28 0.84 10.52
C LEU D 275 6.55 1.10 9.21
N ASN D 276 5.95 0.02 8.67
CA ASN D 276 5.20 0.18 7.40
C ASN D 276 4.06 1.17 7.56
N SER D 277 3.29 1.04 8.67
CA SER D 277 2.26 1.98 8.95
C SER D 277 2.77 3.44 9.00
N THR D 278 3.97 3.67 9.50
CA THR D 278 4.46 5.03 9.65
C THR D 278 4.80 5.62 8.28
N VAL D 279 5.38 4.78 7.45
CA VAL D 279 5.72 5.12 6.13
C VAL D 279 4.43 5.49 5.45
N ARG D 280 3.38 4.70 5.68
CA ARG D 280 2.16 4.86 4.86
C ARG D 280 1.54 6.23 5.07
N ARG D 281 1.60 6.66 6.31
CA ARG D 281 0.96 7.88 6.67
C ARG D 281 1.83 9.09 6.48
N ILE D 282 3.08 8.91 6.05
CA ILE D 282 3.94 10.06 5.74
C ILE D 282 4.05 10.32 4.24
N TYR D 283 4.46 9.29 3.50
CA TYR D 283 4.78 9.48 2.11
C TYR D 283 4.56 8.26 1.25
N SER D 284 3.91 7.21 1.80
CA SER D 284 3.49 6.01 1.02
C SER D 284 4.54 4.96 0.62
N SER D 285 5.56 5.37 -0.10
CA SER D 285 6.66 4.45 -0.41
C SER D 285 7.85 5.25 -0.89
N PRO D 286 9.08 4.72 -0.69
CA PRO D 286 10.36 5.34 -1.01
C PRO D 286 10.58 5.39 -2.51
N PRO D 287 11.36 6.36 -3.05
CA PRO D 287 11.48 6.46 -4.54
C PRO D 287 12.31 5.31 -5.20
N SER D 288 11.86 4.86 -6.38
CA SER D 288 12.45 3.75 -7.08
C SER D 288 13.86 4.03 -7.53
N HIS D 289 14.13 5.19 -8.09
CA HIS D 289 15.43 5.27 -8.76
C HIS D 289 16.62 5.11 -7.81
N GLY D 290 16.63 5.85 -6.72
CA GLY D 290 17.68 5.81 -5.71
C GLY D 290 17.76 4.40 -5.18
N GLY D 291 16.57 3.82 -4.89
CA GLY D 291 16.44 2.48 -4.33
C GLY D 291 17.17 1.47 -5.17
N ARG D 292 17.00 1.54 -6.50
CA ARG D 292 17.58 0.56 -7.40
C ARG D 292 19.09 0.61 -7.36
N VAL D 293 19.63 1.83 -7.41
CA VAL D 293 21.05 2.05 -7.23
C VAL D 293 21.51 1.35 -5.96
N VAL D 294 20.80 1.48 -4.84
CA VAL D 294 21.27 0.83 -3.61
C VAL D 294 21.14 -0.68 -3.75
N ASP D 295 20.01 -1.14 -4.25
CA ASP D 295 19.87 -2.55 -4.54
C ASP D 295 21.01 -3.06 -5.49
N ILE D 296 21.29 -2.39 -6.59
CA ILE D 296 22.29 -2.86 -7.50
C ILE D 296 23.70 -2.84 -6.89
N VAL D 297 24.14 -1.70 -6.30
CA VAL D 297 25.56 -1.61 -5.87
C VAL D 297 25.77 -2.55 -4.73
N MET D 298 24.86 -2.60 -3.77
CA MET D 298 25.12 -3.35 -2.53
C MET D 298 25.21 -4.83 -2.72
N ASN D 299 24.35 -5.34 -3.60
CA ASN D 299 24.13 -6.78 -3.80
C ASN D 299 24.92 -7.46 -4.92
N ASP D 300 25.63 -6.62 -5.68
CA ASP D 300 26.56 -7.06 -6.69
C ASP D 300 27.94 -7.08 -6.10
N ALA D 301 28.40 -8.29 -5.81
CA ALA D 301 29.71 -8.47 -5.16
C ALA D 301 30.79 -7.70 -5.86
N ALA D 302 30.78 -7.57 -7.20
CA ALA D 302 31.84 -6.87 -7.89
C ALA D 302 31.75 -5.39 -7.70
N LEU D 303 30.59 -4.81 -7.82
CA LEU D 303 30.51 -3.34 -7.70
C LEU D 303 30.60 -2.99 -6.26
N HIS D 304 30.12 -3.86 -5.39
CA HIS D 304 30.18 -3.61 -3.93
C HIS D 304 31.65 -3.45 -3.50
N GLU D 305 32.49 -4.39 -3.93
CA GLU D 305 33.92 -4.34 -3.71
C GLU D 305 34.55 -3.08 -4.32
N GLN D 306 34.07 -2.67 -5.50
CA GLN D 306 34.47 -1.39 -6.10
C GLN D 306 34.09 -0.22 -5.18
N TRP D 307 32.80 -0.16 -4.82
CA TRP D 307 32.30 0.92 -4.02
C TRP D 307 33.13 1.06 -2.72
N VAL D 308 33.38 -0.05 -2.04
CA VAL D 308 34.12 -0.01 -0.80
C VAL D 308 35.47 0.58 -1.10
N GLY D 309 35.97 0.28 -2.27
CA GLY D 309 37.21 0.82 -2.69
C GLY D 309 37.16 2.32 -2.89
N GLU D 310 36.09 2.81 -3.52
CA GLU D 310 35.90 4.23 -3.78
C GLU D 310 35.76 5.06 -2.54
N VAL D 311 34.92 4.57 -1.64
CA VAL D 311 34.74 5.07 -0.30
C VAL D 311 36.11 5.13 0.45
N TYR D 312 36.93 4.06 0.46
CA TYR D 312 38.26 4.16 1.07
C TYR D 312 39.16 5.26 0.42
N ALA D 313 39.02 5.49 -0.88
CA ALA D 313 39.79 6.52 -1.47
C ALA D 313 39.41 7.85 -0.84
N MET D 314 38.11 8.09 -0.64
CA MET D 314 37.58 9.36 -0.06
C MET D 314 38.04 9.47 1.41
N ARG D 315 37.94 8.38 2.14
CA ARG D 315 38.54 8.31 3.47
C ARG D 315 39.97 8.77 3.54
N ASP D 316 40.76 8.18 2.68
CA ASP D 316 42.19 8.44 2.75
C ASP D 316 42.54 9.88 2.35
N ARG D 317 41.73 10.47 1.45
CA ARG D 317 42.09 11.78 0.98
C ARG D 317 41.84 12.76 2.12
N ILE D 318 40.77 12.50 2.87
CA ILE D 318 40.44 13.34 3.99
C ILE D 318 41.53 13.20 5.04
N LYS D 319 41.94 11.96 5.32
CA LYS D 319 43.07 11.75 6.25
C LYS D 319 44.35 12.49 5.81
N SER D 320 44.54 12.61 4.51
CA SER D 320 45.72 13.28 4.01
C SER D 320 45.61 14.79 4.18
N MET D 321 44.40 15.36 3.96
CA MET D 321 44.16 16.81 4.32
C MET D 321 44.37 17.20 5.81
N ARG D 322 43.87 16.32 6.69
CA ARG D 322 44.14 16.39 8.11
C ARG D 322 45.65 16.41 8.49
N THR D 323 46.42 15.41 8.06
CA THR D 323 47.87 15.42 8.27
C THR D 323 48.57 16.70 7.74
N LYS D 324 48.21 17.10 6.53
CA LYS D 324 48.92 18.19 5.88
C LYS D 324 48.60 19.46 6.61
N LEU D 325 47.33 19.64 6.95
CA LEU D 325 46.96 20.84 7.68
C LEU D 325 47.64 20.87 9.04
N LYS D 326 47.73 19.72 9.69
CA LYS D 326 48.30 19.71 11.01
C LYS D 326 49.76 20.02 10.94
N SER D 327 50.42 19.56 9.88
CA SER D 327 51.89 19.74 9.82
C SER D 327 52.25 21.19 9.67
N VAL D 328 51.52 21.94 8.86
CA VAL D 328 51.80 23.37 8.73
C VAL D 328 51.64 24.16 10.04
N LEU D 329 50.48 23.98 10.66
CA LEU D 329 50.14 24.49 12.00
C LEU D 329 51.20 24.23 13.11
N GLU D 330 51.71 23.00 13.14
CA GLU D 330 52.70 22.60 14.09
C GLU D 330 54.06 23.19 13.79
N ALA D 331 54.41 23.21 12.51
CA ALA D 331 55.65 23.81 12.03
C ALA D 331 55.74 25.32 12.33
N LYS D 332 54.63 26.05 12.20
CA LYS D 332 54.63 27.51 12.46
C LYS D 332 54.07 28.05 13.82
N ILE D 333 53.49 27.19 14.66
CA ILE D 333 53.02 27.61 15.96
C ILE D 333 53.45 26.59 17.00
N SER D 334 54.50 26.95 17.74
CA SER D 334 55.28 25.94 18.44
C SER D 334 54.67 25.56 19.76
N GLY D 335 54.12 26.57 20.42
CA GLY D 335 53.64 26.36 21.76
C GLY D 335 52.50 25.34 21.85
N ARG D 336 51.96 24.96 20.69
CA ARG D 336 50.63 24.40 20.68
C ARG D 336 50.45 23.07 19.99
N ASN D 337 49.70 22.27 20.73
CA ASN D 337 49.13 21.02 20.33
C ASN D 337 47.97 21.09 19.32
N PHE D 338 48.08 20.25 18.29
CA PHE D 338 47.09 20.12 17.25
C PHE D 338 46.78 18.68 16.93
N ASP D 339 46.91 17.78 17.92
CA ASP D 339 46.82 16.35 17.65
C ASP D 339 45.40 16.08 17.38
N TYR D 340 44.57 16.95 17.94
CA TYR D 340 43.16 16.82 17.75
C TYR D 340 42.78 16.76 16.29
N LEU D 341 43.55 17.43 15.46
CA LEU D 341 43.13 17.52 14.05
C LEU D 341 43.18 16.19 13.31
N THR D 342 44.00 15.26 13.80
CA THR D 342 44.23 13.95 13.15
C THR D 342 43.68 12.85 14.02
N ALA D 343 43.46 13.12 15.32
CA ALA D 343 42.70 12.23 16.20
C ALA D 343 41.26 12.14 15.71
N GLN D 344 40.68 13.25 15.20
CA GLN D 344 39.26 13.30 14.71
C GLN D 344 39.08 12.43 13.45
N ASN D 345 37.88 11.87 13.28
CA ASN D 345 37.47 11.21 12.02
C ASN D 345 36.20 11.74 11.33
N GLY D 346 36.02 11.36 10.08
CA GLY D 346 34.91 11.82 9.25
C GLY D 346 35.27 13.07 8.46
N MET D 347 34.23 13.65 7.89
CA MET D 347 34.31 14.84 7.16
C MET D 347 34.53 16.14 7.89
N PHE D 348 34.14 16.24 9.16
CA PHE D 348 34.14 17.51 9.94
C PHE D 348 35.15 17.57 11.06
N SER D 349 35.51 18.80 11.42
CA SER D 349 36.54 18.99 12.40
C SER D 349 36.17 20.27 13.03
N PHE D 350 35.98 20.25 14.36
CA PHE D 350 36.02 21.51 15.11
C PHE D 350 37.49 21.90 15.12
N THR D 351 37.85 22.89 14.33
CA THR D 351 39.21 23.34 14.27
C THR D 351 39.69 23.97 15.56
N GLY D 352 38.75 24.15 16.51
CA GLY D 352 38.94 24.87 17.78
C GLY D 352 39.34 26.33 17.62
N LEU D 353 39.11 26.93 16.43
CA LEU D 353 39.18 28.38 16.24
C LEU D 353 38.04 29.06 16.96
N THR D 354 38.28 30.33 17.33
CA THR D 354 37.29 31.09 18.13
C THR D 354 36.34 31.75 17.15
N PRO D 355 35.14 32.20 17.61
CA PRO D 355 34.29 32.83 16.59
C PRO D 355 34.89 34.07 15.88
N GLU D 356 35.75 34.83 16.58
CA GLU D 356 36.46 36.05 16.02
C GLU D 356 37.43 35.57 14.92
N GLN D 357 38.10 34.44 15.18
CA GLN D 357 39.08 33.90 14.27
C GLN D 357 38.39 33.40 13.01
N VAL D 358 37.24 32.77 13.17
CA VAL D 358 36.42 32.27 12.01
C VAL D 358 35.98 33.43 11.16
N GLU D 359 35.66 34.54 11.82
CA GLU D 359 35.21 35.72 11.13
C GLU D 359 36.35 36.33 10.32
N ARG D 360 37.55 36.39 10.88
CA ARG D 360 38.65 37.03 10.19
C ARG D 360 39.02 36.17 8.98
N LEU D 361 38.80 34.86 9.08
CA LEU D 361 39.20 33.98 7.99
C LEU D 361 38.32 34.33 6.83
N GLN D 362 37.08 34.58 7.16
CA GLN D 362 36.11 34.86 6.16
C GLN D 362 36.25 36.28 5.65
N SER D 363 36.51 37.22 6.56
CA SER D 363 36.72 38.62 6.24
C SER D 363 37.93 38.87 5.38
N GLU D 364 39.04 38.26 5.75
CA GLU D 364 40.30 38.49 5.06
C GLU D 364 40.59 37.48 3.96
N PHE D 365 40.21 36.21 4.07
CA PHE D 365 40.75 35.31 3.06
C PHE D 365 39.69 34.63 2.25
N GLY D 366 38.44 34.92 2.52
CA GLY D 366 37.31 34.32 1.78
C GLY D 366 37.11 32.86 2.13
N ILE D 367 37.56 32.49 3.34
CA ILE D 367 37.49 31.12 3.84
C ILE D 367 36.27 30.96 4.74
N TYR D 368 35.35 30.09 4.35
CA TYR D 368 34.12 30.04 5.08
C TYR D 368 34.01 28.77 5.89
N MET D 369 33.65 28.91 7.14
CA MET D 369 33.50 27.85 8.12
C MET D 369 32.28 28.25 8.93
N ILE D 370 31.71 27.34 9.74
CA ILE D 370 30.69 27.71 10.72
C ILE D 370 31.35 28.39 11.91
N SER D 371 30.66 29.37 12.48
CA SER D 371 31.17 30.14 13.66
C SER D 371 31.71 29.28 14.85
N ASN D 372 31.14 28.10 15.06
CA ASN D 372 31.35 27.30 16.24
C ASN D 372 32.59 26.50 15.97
N SER D 373 33.28 26.94 14.88
CA SER D 373 34.52 26.37 14.34
C SER D 373 34.41 25.12 13.40
N ARG D 374 33.22 24.69 13.01
CA ARG D 374 33.14 23.47 12.22
C ARG D 374 33.61 23.71 10.81
N MET D 375 34.56 22.89 10.37
CA MET D 375 35.12 22.90 9.01
C MET D 375 34.92 21.56 8.34
N CYS D 376 34.57 21.59 7.06
CA CYS D 376 34.41 20.34 6.39
C CYS D 376 35.65 20.04 5.61
N VAL D 377 36.27 18.95 6.02
CA VAL D 377 37.67 18.74 5.64
C VAL D 377 37.72 18.36 4.20
N ALA D 378 36.68 17.70 3.67
CA ALA D 378 36.68 17.40 2.23
C ALA D 378 36.69 18.67 1.34
N GLY D 379 36.36 19.84 1.91
CA GLY D 379 36.34 21.06 1.13
C GLY D 379 37.74 21.47 0.69
N LEU D 380 38.71 20.87 1.36
CA LEU D 380 40.10 21.10 1.11
C LEU D 380 40.68 20.06 0.15
N ASN D 381 41.53 20.58 -0.71
CA ASN D 381 42.27 19.76 -1.62
C ASN D 381 43.57 20.49 -1.94
N SER D 382 44.21 20.02 -3.00
CA SER D 382 45.57 20.35 -3.20
C SER D 382 45.66 21.68 -3.84
N SER D 383 44.59 22.21 -4.38
CA SER D 383 44.68 23.60 -4.76
C SER D 383 44.51 24.69 -3.64
N ASN D 384 44.12 24.32 -2.44
CA ASN D 384 43.76 25.33 -1.42
C ASN D 384 44.25 25.06 0.05
N ILE D 385 44.81 23.87 0.27
CA ILE D 385 45.28 23.47 1.59
C ILE D 385 46.36 24.36 2.17
N ASP D 386 47.31 24.75 1.35
CA ASP D 386 48.41 25.56 1.78
C ASP D 386 47.90 26.97 2.11
N TYR D 387 46.96 27.44 1.29
CA TYR D 387 46.35 28.74 1.45
C TYR D 387 45.57 28.78 2.75
N VAL D 388 44.70 27.79 2.93
CA VAL D 388 43.92 27.65 4.19
C VAL D 388 44.79 27.51 5.46
N ALA D 389 45.77 26.60 5.44
CA ALA D 389 46.62 26.40 6.60
C ALA D 389 47.36 27.71 6.99
N ASN D 390 47.85 28.45 5.98
CA ASN D 390 48.61 29.67 6.23
C ASN D 390 47.76 30.74 6.87
N ALA D 391 46.50 30.75 6.46
CA ALA D 391 45.59 31.75 6.81
C ALA D 391 45.21 31.44 8.26
N MET D 392 44.87 30.19 8.56
CA MET D 392 44.71 29.73 9.94
C MET D 392 45.84 30.13 10.87
N VAL D 393 47.07 29.93 10.43
CA VAL D 393 48.19 30.36 11.21
C VAL D 393 48.07 31.88 11.51
N ASP D 394 47.81 32.68 10.47
CA ASP D 394 47.68 34.15 10.62
C ASP D 394 46.67 34.58 11.68
N VAL D 395 45.50 33.99 11.57
CA VAL D 395 44.31 34.32 12.33
C VAL D 395 44.47 33.87 13.79
N LEU D 396 45.14 32.73 13.95
CA LEU D 396 45.46 32.16 15.26
C LEU D 396 46.60 32.92 15.93
N LYS D 397 47.39 33.71 15.21
CA LYS D 397 48.52 34.44 15.83
C LYS D 397 48.10 35.65 16.65
N ASP D 398 47.15 36.44 16.11
CA ASP D 398 46.86 37.80 16.63
C ASP D 398 46.87 38.00 18.18
N MET E 1 -4.54 -48.85 -9.40
CA MET E 1 -5.28 -48.87 -8.12
C MET E 1 -6.77 -48.80 -8.46
N PHE E 2 -7.15 -47.71 -9.10
CA PHE E 2 -8.56 -47.50 -9.31
C PHE E 2 -9.04 -47.82 -10.74
N GLU E 3 -8.22 -48.49 -11.53
CA GLU E 3 -8.53 -48.67 -12.94
C GLU E 3 -9.64 -49.68 -13.19
N ARG E 4 -9.88 -50.59 -12.24
CA ARG E 4 -11.06 -51.49 -12.28
C ARG E 4 -12.41 -50.75 -12.17
N ILE E 5 -12.40 -49.49 -11.78
CA ILE E 5 -13.62 -48.85 -11.31
C ILE E 5 -14.31 -48.15 -12.44
N ASP E 6 -15.62 -48.36 -12.51
CA ASP E 6 -16.43 -47.93 -13.64
C ASP E 6 -16.66 -46.44 -13.67
N TYR E 7 -16.65 -45.85 -14.83
CA TYR E 7 -17.05 -44.44 -14.90
C TYR E 7 -18.46 -44.30 -14.41
N TYR E 8 -18.71 -43.33 -13.53
CA TYR E 8 -20.09 -42.96 -13.14
C TYR E 8 -20.88 -42.37 -14.32
N ALA E 9 -21.86 -43.13 -14.83
CA ALA E 9 -22.69 -42.68 -15.97
C ALA E 9 -23.18 -41.22 -15.80
N GLY E 10 -23.45 -40.80 -14.57
CA GLY E 10 -23.87 -39.44 -14.28
C GLY E 10 -25.31 -39.52 -13.86
N ASP E 11 -25.80 -38.50 -13.14
CA ASP E 11 -27.26 -38.46 -12.90
C ASP E 11 -27.92 -37.77 -14.07
N PRO E 12 -29.00 -38.37 -14.60
CA PRO E 12 -29.41 -37.99 -15.96
C PRO E 12 -29.79 -36.52 -16.05
N ILE E 13 -30.00 -35.94 -14.88
CA ILE E 13 -30.76 -34.73 -14.68
C ILE E 13 -29.85 -33.50 -14.69
N LEU E 14 -28.76 -33.59 -13.94
CA LEU E 14 -27.78 -32.53 -13.94
C LEU E 14 -27.14 -32.42 -15.33
N GLY E 15 -27.23 -33.49 -16.10
CA GLY E 15 -26.64 -33.53 -17.45
C GLY E 15 -27.38 -32.60 -18.39
N LEU E 16 -28.61 -32.26 -17.99
CA LEU E 16 -29.46 -31.39 -18.79
C LEU E 16 -29.19 -29.94 -18.47
N VAL E 17 -28.87 -29.67 -17.21
CA VAL E 17 -28.41 -28.35 -16.75
C VAL E 17 -27.16 -27.90 -17.57
N GLU E 18 -26.27 -28.84 -17.89
CA GLU E 18 -25.14 -28.60 -18.80
C GLU E 18 -25.55 -28.34 -20.26
N LYS E 19 -26.20 -29.32 -20.89
CA LYS E 19 -26.60 -29.20 -22.31
C LYS E 19 -27.49 -27.98 -22.61
N PHE E 20 -28.30 -27.60 -21.63
CA PHE E 20 -29.12 -26.41 -21.74
C PHE E 20 -28.29 -25.13 -21.60
N ALA E 21 -27.44 -25.08 -20.56
CA ALA E 21 -26.61 -23.89 -20.25
C ALA E 21 -26.02 -23.30 -21.54
N ALA E 22 -25.72 -24.17 -22.50
CA ALA E 22 -25.04 -23.85 -23.76
C ALA E 22 -25.93 -23.14 -24.79
N ASP E 23 -27.10 -23.73 -25.04
CA ASP E 23 -27.95 -23.42 -26.20
C ASP E 23 -28.15 -21.92 -26.56
N ASN E 24 -27.78 -21.61 -27.80
CA ASN E 24 -27.68 -20.21 -28.26
C ASN E 24 -28.97 -19.60 -28.69
N ASN E 25 -30.00 -20.43 -28.88
CA ASN E 25 -31.35 -19.97 -29.16
C ASN E 25 -31.75 -18.90 -28.14
N PRO E 26 -32.03 -17.68 -28.61
CA PRO E 26 -32.33 -16.63 -27.66
C PRO E 26 -33.61 -16.84 -26.83
N ASP E 27 -34.56 -17.61 -27.31
CA ASP E 27 -35.83 -17.73 -26.59
C ASP E 27 -35.93 -19.06 -25.88
N LYS E 28 -34.76 -19.58 -25.47
CA LYS E 28 -34.65 -20.87 -24.77
C LYS E 28 -35.28 -20.81 -23.39
N VAL E 29 -35.62 -22.00 -22.86
CA VAL E 29 -36.33 -22.17 -21.58
C VAL E 29 -35.91 -23.46 -20.86
N ASN E 30 -35.82 -23.43 -19.54
CA ASN E 30 -35.52 -24.64 -18.81
C ASN E 30 -36.67 -25.20 -17.99
N LEU E 31 -37.52 -26.02 -18.59
CA LEU E 31 -38.57 -26.63 -17.80
C LEU E 31 -38.11 -27.91 -17.11
N GLY E 32 -36.81 -28.20 -17.17
CA GLY E 32 -36.38 -29.52 -16.82
C GLY E 32 -35.95 -29.63 -15.39
N ILE E 33 -35.76 -28.50 -14.72
CA ILE E 33 -35.13 -28.55 -13.42
C ILE E 33 -36.16 -28.82 -12.32
N GLY E 34 -35.72 -29.40 -11.20
CA GLY E 34 -36.66 -29.81 -10.20
C GLY E 34 -36.80 -28.83 -9.04
N ILE E 35 -37.14 -27.54 -9.32
CA ILE E 35 -37.01 -26.38 -8.37
C ILE E 35 -38.10 -25.30 -8.56
N TYR E 36 -38.62 -24.67 -7.49
CA TYR E 36 -39.60 -23.53 -7.67
C TYR E 36 -39.02 -22.12 -7.94
N TYR E 37 -39.52 -21.42 -8.95
CA TYR E 37 -39.11 -20.04 -9.21
C TYR E 37 -40.34 -19.19 -9.30
N ASP E 38 -40.21 -17.96 -8.86
CA ASP E 38 -41.34 -17.04 -8.85
C ASP E 38 -41.55 -16.41 -10.20
N GLU E 39 -42.42 -15.41 -10.23
CA GLU E 39 -42.96 -14.85 -11.50
C GLU E 39 -41.92 -14.20 -12.41
N SER E 40 -40.75 -13.91 -11.85
CA SER E 40 -39.65 -13.37 -12.64
C SER E 40 -38.61 -14.46 -12.85
N GLY E 41 -39.04 -15.72 -12.76
CA GLY E 41 -38.16 -16.85 -13.01
C GLY E 41 -36.97 -16.96 -12.06
N VAL E 42 -37.02 -16.22 -10.95
CA VAL E 42 -35.92 -16.30 -9.97
C VAL E 42 -36.21 -17.18 -8.75
N MET E 43 -35.16 -17.60 -8.02
CA MET E 43 -35.41 -18.41 -6.80
C MET E 43 -35.83 -17.54 -5.64
N PRO E 44 -36.99 -17.86 -5.06
CA PRO E 44 -37.63 -17.11 -3.97
C PRO E 44 -36.88 -17.13 -2.65
N VAL E 45 -37.01 -16.07 -1.89
CA VAL E 45 -36.54 -16.08 -0.54
C VAL E 45 -37.72 -15.73 0.36
N LEU E 46 -38.15 -16.72 1.15
CA LEU E 46 -39.34 -16.59 1.98
C LEU E 46 -39.24 -15.54 3.09
N ASP E 47 -40.29 -14.75 3.27
CA ASP E 47 -40.26 -13.63 4.18
C ASP E 47 -40.10 -14.05 5.64
N CYS E 48 -40.92 -15.00 6.10
CA CYS E 48 -40.70 -15.84 7.29
C CYS E 48 -39.30 -16.45 7.41
N VAL E 49 -38.67 -16.81 6.29
CA VAL E 49 -37.32 -17.38 6.38
C VAL E 49 -36.34 -16.25 6.67
N LYS E 50 -36.61 -15.11 6.08
CA LYS E 50 -35.64 -14.05 6.21
C LYS E 50 -35.58 -13.66 7.66
N ILE E 51 -36.74 -13.67 8.28
CA ILE E 51 -36.86 -13.18 9.62
C ILE E 51 -36.12 -14.16 10.51
N ALA E 52 -36.34 -15.45 10.21
CA ALA E 52 -35.78 -16.55 11.02
C ALA E 52 -34.27 -16.45 11.03
N GLU E 53 -33.72 -16.36 9.83
CA GLU E 53 -32.32 -16.18 9.66
C GLU E 53 -31.76 -14.95 10.27
N GLN E 54 -32.52 -13.86 10.33
CA GLN E 54 -32.04 -12.69 11.08
C GLN E 54 -31.92 -13.04 12.57
N ARG E 55 -32.81 -13.85 13.12
CA ARG E 55 -32.66 -14.28 14.51
C ARG E 55 -31.40 -15.13 14.84
N ILE E 56 -31.10 -16.09 14.01
CA ILE E 56 -29.87 -16.84 14.13
C ILE E 56 -28.65 -15.91 14.02
N ALA E 57 -28.83 -14.84 13.28
CA ALA E 57 -27.76 -13.94 13.05
C ALA E 57 -27.64 -12.91 14.13
N ASP E 58 -28.55 -12.93 15.10
CA ASP E 58 -28.56 -11.92 16.14
C ASP E 58 -28.89 -12.53 17.52
N PRO E 59 -27.86 -12.92 18.33
CA PRO E 59 -26.46 -12.83 17.86
C PRO E 59 -25.93 -14.11 17.26
N ILE E 60 -24.79 -14.03 16.59
CA ILE E 60 -24.08 -15.23 16.14
C ILE E 60 -23.66 -16.09 17.35
N SER E 61 -24.13 -17.32 17.43
CA SER E 61 -23.93 -18.08 18.66
C SER E 61 -22.88 -19.20 18.55
N PRO E 62 -22.46 -19.72 19.71
CA PRO E 62 -21.67 -20.94 19.67
C PRO E 62 -22.46 -22.04 18.91
N ARG E 63 -21.71 -23.02 18.42
CA ARG E 63 -22.26 -24.02 17.55
C ARG E 63 -21.91 -25.45 17.92
N PRO E 64 -22.39 -25.91 19.10
CA PRO E 64 -22.25 -27.29 19.54
C PRO E 64 -22.92 -28.24 18.57
N TYR E 65 -22.68 -29.54 18.75
CA TYR E 65 -23.41 -30.55 18.01
C TYR E 65 -24.84 -30.47 18.42
N LEU E 66 -25.75 -30.63 17.45
CA LEU E 66 -27.18 -30.89 17.73
C LEU E 66 -27.32 -32.30 18.21
N PRO E 67 -28.45 -32.63 18.87
CA PRO E 67 -28.55 -34.05 19.23
C PRO E 67 -28.58 -34.86 17.95
N MET E 68 -28.15 -36.10 18.00
CA MET E 68 -28.47 -37.04 16.93
C MET E 68 -29.84 -36.91 16.22
N ALA E 69 -30.88 -36.61 16.95
CA ALA E 69 -32.21 -36.52 16.35
C ALA E 69 -32.51 -35.12 15.87
N GLY E 70 -31.57 -34.21 16.01
CA GLY E 70 -31.81 -32.78 15.63
C GLY E 70 -32.51 -32.01 16.71
N LEU E 71 -32.88 -30.74 16.49
CA LEU E 71 -33.59 -30.00 17.56
C LEU E 71 -34.96 -30.57 17.87
N PRO E 72 -35.34 -30.57 19.16
CA PRO E 72 -36.72 -30.87 19.62
C PRO E 72 -37.79 -30.11 18.78
N GLY E 73 -37.55 -28.81 18.60
CA GLY E 73 -38.43 -27.95 17.88
C GLY E 73 -38.60 -28.28 16.42
N HIS E 74 -37.54 -28.72 15.75
CA HIS E 74 -37.59 -29.10 14.31
C HIS E 74 -38.44 -30.34 14.24
N ARG E 75 -37.97 -31.36 14.96
CA ARG E 75 -38.73 -32.58 15.16
C ARG E 75 -40.22 -32.35 15.45
N LYS E 76 -40.55 -31.41 16.31
CA LYS E 76 -41.97 -31.17 16.63
C LYS E 76 -42.64 -30.50 15.48
N GLY E 77 -41.92 -29.58 14.84
CA GLY E 77 -42.45 -28.85 13.71
C GLY E 77 -42.92 -29.82 12.65
N CYS E 78 -42.05 -30.73 12.27
CA CYS E 78 -42.41 -31.74 11.30
C CYS E 78 -43.66 -32.46 11.74
N GLN E 79 -43.66 -32.95 12.98
CA GLN E 79 -44.79 -33.73 13.49
C GLN E 79 -46.15 -33.03 13.41
N GLU E 80 -46.26 -31.85 14.06
CA GLU E 80 -47.44 -30.99 13.96
C GLU E 80 -47.77 -30.75 12.46
N LEU E 81 -46.77 -30.38 11.64
CA LEU E 81 -47.02 -30.17 10.21
C LEU E 81 -47.59 -31.40 9.49
N LEU E 82 -47.03 -32.57 9.77
CA LEU E 82 -47.58 -33.83 9.19
C LEU E 82 -48.92 -34.32 9.75
N PHE E 83 -49.03 -34.45 11.08
CA PHE E 83 -50.20 -35.11 11.74
C PHE E 83 -51.23 -34.17 12.35
N GLY E 84 -50.95 -32.89 12.35
CA GLY E 84 -51.88 -31.88 12.79
C GLY E 84 -51.43 -31.34 14.14
N LYS E 85 -51.77 -30.06 14.41
CA LYS E 85 -51.43 -29.44 15.69
C LYS E 85 -52.03 -30.28 16.82
N ASP E 86 -51.26 -30.59 17.85
CA ASP E 86 -51.77 -31.39 18.97
C ASP E 86 -52.61 -32.65 18.55
N ALA E 87 -52.23 -33.29 17.43
CA ALA E 87 -52.77 -34.58 16.96
C ALA E 87 -52.70 -35.65 18.02
N PRO E 88 -53.82 -36.34 18.22
CA PRO E 88 -53.91 -37.40 19.20
C PRO E 88 -52.68 -38.31 19.21
N VAL E 89 -52.24 -38.73 18.04
CA VAL E 89 -51.07 -39.61 17.93
C VAL E 89 -49.78 -39.00 18.50
N LEU E 90 -49.65 -37.67 18.38
CA LEU E 90 -48.55 -36.93 19.05
C LEU E 90 -48.78 -36.80 20.55
N LYS E 91 -49.99 -36.47 21.02
CA LYS E 91 -50.22 -36.43 22.51
C LYS E 91 -49.85 -37.73 23.21
N ASP E 92 -50.17 -38.85 22.58
CA ASP E 92 -49.93 -40.17 23.14
C ASP E 92 -48.47 -40.61 23.10
N GLY E 93 -47.62 -39.79 22.48
CA GLY E 93 -46.25 -40.14 22.31
C GLY E 93 -45.99 -41.39 21.45
N LEU E 94 -46.76 -41.61 20.38
CA LEU E 94 -46.51 -42.76 19.51
C LEU E 94 -45.85 -42.50 18.13
N VAL E 95 -45.21 -41.34 17.89
CA VAL E 95 -44.45 -41.09 16.68
C VAL E 95 -42.99 -40.81 17.01
N ALA E 96 -42.07 -41.64 16.52
CA ALA E 96 -40.64 -41.48 16.68
C ALA E 96 -40.10 -40.64 15.48
N THR E 97 -39.46 -39.49 15.79
CA THR E 97 -39.12 -38.47 14.74
C THR E 97 -37.70 -37.94 14.84
N ILE E 98 -37.02 -37.90 13.70
CA ILE E 98 -35.69 -37.31 13.66
C ILE E 98 -35.62 -36.21 12.65
N ALA E 99 -34.87 -35.15 12.92
CA ALA E 99 -34.43 -34.21 11.83
C ALA E 99 -33.62 -35.04 10.82
N THR E 100 -33.70 -34.73 9.54
CA THR E 100 -32.88 -35.46 8.58
C THR E 100 -32.28 -34.51 7.60
N ILE E 101 -31.33 -35.03 6.82
CA ILE E 101 -30.63 -34.28 5.76
C ILE E 101 -31.50 -34.25 4.46
N GLY E 102 -32.56 -33.46 4.51
CA GLY E 102 -33.53 -33.38 3.41
C GLY E 102 -34.41 -34.59 3.51
N GLY E 103 -35.44 -34.61 2.63
CA GLY E 103 -36.22 -35.82 2.35
C GLY E 103 -35.28 -37.00 2.05
N SER E 104 -34.21 -36.76 1.30
CA SER E 104 -33.32 -37.82 0.90
C SER E 104 -32.78 -38.49 2.12
N GLY E 105 -32.24 -37.69 3.03
CA GLY E 105 -31.67 -38.17 4.26
C GLY E 105 -32.66 -38.96 5.09
N ALA E 106 -33.91 -38.56 5.00
CA ALA E 106 -34.96 -39.28 5.65
C ALA E 106 -35.16 -40.68 5.01
N LEU E 107 -35.32 -40.72 3.68
CA LEU E 107 -35.41 -42.01 2.98
C LEU E 107 -34.21 -42.97 3.30
N LYS E 108 -32.99 -42.43 3.29
CA LYS E 108 -31.81 -43.22 3.63
C LYS E 108 -31.92 -43.81 5.03
N VAL E 109 -32.30 -43.02 6.03
CA VAL E 109 -32.38 -43.55 7.38
C VAL E 109 -33.54 -44.56 7.44
N GLY E 110 -34.67 -44.20 6.86
CA GLY E 110 -35.82 -45.09 6.83
C GLY E 110 -35.45 -46.40 6.14
N ALA E 111 -34.74 -46.32 5.01
CA ALA E 111 -34.42 -47.50 4.22
C ALA E 111 -33.46 -48.39 5.00
N GLU E 112 -32.38 -47.78 5.47
CA GLU E 112 -31.39 -48.47 6.26
C GLU E 112 -32.08 -49.14 7.45
N PHE E 113 -33.12 -48.49 7.90
CA PHE E 113 -33.79 -48.99 9.04
C PHE E 113 -34.58 -50.26 8.61
N ILE E 114 -35.25 -50.21 7.47
CA ILE E 114 -36.02 -51.35 7.05
C ILE E 114 -35.05 -52.50 6.78
N HIS E 115 -33.94 -52.16 6.20
CA HIS E 115 -32.98 -53.18 5.81
C HIS E 115 -32.43 -54.00 6.96
N GLU E 116 -32.23 -53.35 8.09
CA GLU E 116 -31.69 -54.05 9.25
CA GLU E 116 -31.69 -54.03 9.25
C GLU E 116 -32.77 -54.86 9.96
N TRP E 117 -33.97 -54.30 10.11
CA TRP E 117 -34.98 -54.89 10.99
C TRP E 117 -36.11 -55.64 10.29
N PHE E 118 -36.18 -55.47 8.96
CA PHE E 118 -37.11 -56.19 8.06
C PHE E 118 -36.37 -56.68 6.78
N PRO E 119 -35.35 -57.58 6.96
CA PRO E 119 -34.37 -57.83 5.92
C PRO E 119 -34.98 -58.55 4.77
N GLN E 120 -36.17 -59.08 4.97
CA GLN E 120 -36.87 -59.82 3.93
C GLN E 120 -37.84 -58.90 3.19
N SER E 121 -37.80 -57.61 3.43
CA SER E 121 -38.76 -56.78 2.75
C SER E 121 -38.30 -56.27 1.40
N LYS E 122 -39.17 -56.34 0.39
CA LYS E 122 -38.91 -55.67 -0.87
C LYS E 122 -39.63 -54.37 -0.80
N CYS E 123 -39.13 -53.44 -1.56
CA CYS E 123 -39.71 -52.15 -1.57
C CYS E 123 -40.28 -51.87 -2.96
N TYR E 124 -41.42 -51.21 -3.05
CA TYR E 124 -42.04 -51.01 -4.36
C TYR E 124 -42.29 -49.54 -4.60
N VAL E 125 -41.79 -49.00 -5.73
CA VAL E 125 -41.99 -47.59 -6.11
C VAL E 125 -42.99 -47.43 -7.21
N SER E 126 -43.49 -46.23 -7.42
CA SER E 126 -44.58 -46.02 -8.41
C SER E 126 -44.02 -46.13 -9.82
N ASP E 127 -44.81 -46.59 -10.79
CA ASP E 127 -44.43 -46.45 -12.19
C ASP E 127 -45.01 -45.18 -12.88
N PRO E 128 -44.21 -44.11 -13.04
CA PRO E 128 -42.84 -43.99 -12.67
C PRO E 128 -42.74 -43.24 -11.31
N THR E 129 -41.50 -43.10 -10.84
CA THR E 129 -41.19 -42.39 -9.60
C THR E 129 -39.90 -41.56 -9.79
N TRP E 130 -39.65 -40.72 -8.80
CA TRP E 130 -38.45 -39.93 -8.76
C TRP E 130 -37.27 -40.91 -8.66
N GLY E 131 -36.39 -40.89 -9.66
CA GLY E 131 -35.33 -41.89 -9.75
C GLY E 131 -34.49 -42.09 -8.50
N ASN E 132 -34.34 -41.04 -7.73
CA ASN E 132 -33.58 -41.18 -6.53
C ASN E 132 -34.23 -42.06 -5.44
N HIS E 133 -35.54 -42.30 -5.52
CA HIS E 133 -36.09 -43.31 -4.65
C HIS E 133 -35.39 -44.60 -4.84
N ILE E 134 -35.25 -45.00 -6.13
CA ILE E 134 -34.71 -46.33 -6.46
C ILE E 134 -33.25 -46.45 -6.00
N ALA E 135 -32.41 -45.52 -6.49
CA ALA E 135 -31.07 -45.38 -6.02
C ALA E 135 -30.96 -45.47 -4.48
N ILE E 136 -31.77 -44.66 -3.77
CA ILE E 136 -31.66 -44.69 -2.31
C ILE E 136 -32.00 -46.06 -1.70
N PHE E 137 -32.96 -46.78 -2.27
CA PHE E 137 -33.35 -48.01 -1.64
C PHE E 137 -32.50 -49.15 -2.06
N GLU E 138 -32.23 -49.30 -3.35
CA GLU E 138 -31.34 -50.33 -3.76
C GLU E 138 -29.95 -50.14 -3.12
N GLY E 139 -29.56 -48.89 -2.86
CA GLY E 139 -28.32 -48.63 -2.15
C GLY E 139 -28.18 -49.17 -0.75
N CYS E 140 -29.25 -49.51 -0.07
CA CYS E 140 -29.13 -50.12 1.26
C CYS E 140 -29.28 -51.59 1.16
N ASP E 141 -29.26 -52.11 -0.07
CA ASP E 141 -29.38 -53.52 -0.39
C ASP E 141 -30.79 -54.01 -0.28
N ILE E 142 -31.74 -53.13 -0.49
CA ILE E 142 -33.17 -53.54 -0.59
C ILE E 142 -33.50 -53.86 -2.02
N GLU E 143 -34.37 -54.84 -2.23
CA GLU E 143 -34.85 -55.18 -3.60
C GLU E 143 -36.03 -54.29 -3.91
N VAL E 144 -35.99 -53.55 -5.02
CA VAL E 144 -37.01 -52.60 -5.33
C VAL E 144 -37.63 -53.04 -6.61
N GLY E 145 -38.94 -53.20 -6.59
CA GLY E 145 -39.71 -53.37 -7.81
C GLY E 145 -40.72 -52.24 -7.96
N LYS E 146 -41.54 -52.30 -8.99
CA LYS E 146 -42.58 -51.25 -9.07
C LYS E 146 -44.03 -51.71 -9.05
N TYR E 147 -44.90 -50.75 -8.74
CA TYR E 147 -46.30 -51.01 -8.74
C TYR E 147 -46.85 -50.13 -9.85
N PRO E 148 -47.91 -50.57 -10.51
CA PRO E 148 -48.49 -49.77 -11.57
C PRO E 148 -49.20 -48.52 -11.10
N TYR E 149 -48.80 -47.37 -11.63
CA TYR E 149 -49.48 -46.08 -11.39
C TYR E 149 -50.01 -45.35 -12.63
N TYR E 150 -49.11 -44.81 -13.42
CA TYR E 150 -49.47 -43.87 -14.48
C TYR E 150 -50.06 -44.62 -15.68
N ASP E 151 -51.24 -44.19 -16.15
CA ASP E 151 -51.80 -44.76 -17.35
C ASP E 151 -51.49 -43.92 -18.56
N THR E 152 -50.43 -44.33 -19.25
CA THR E 152 -49.90 -43.68 -20.44
C THR E 152 -51.05 -43.35 -21.47
N ALA E 153 -52.12 -44.13 -21.48
CA ALA E 153 -53.24 -43.84 -22.39
C ALA E 153 -54.21 -42.78 -21.92
N THR E 154 -54.58 -42.76 -20.64
CA THR E 154 -55.60 -41.80 -20.19
C THR E 154 -55.02 -40.53 -19.54
N GLY E 155 -53.75 -40.57 -19.13
CA GLY E 155 -53.09 -39.50 -18.33
C GLY E 155 -53.35 -39.52 -16.83
N GLY E 156 -54.10 -40.52 -16.34
CA GLY E 156 -54.45 -40.72 -14.92
C GLY E 156 -53.89 -42.05 -14.45
N ILE E 157 -54.38 -42.55 -13.33
CA ILE E 157 -53.83 -43.75 -12.67
C ILE E 157 -54.44 -45.03 -13.21
N LYS E 158 -53.63 -46.06 -13.50
CA LYS E 158 -54.13 -47.43 -13.68
C LYS E 158 -54.65 -48.04 -12.38
N PHE E 159 -55.79 -47.60 -11.90
CA PHE E 159 -56.17 -47.86 -10.52
C PHE E 159 -56.42 -49.34 -10.15
N ASP E 160 -57.28 -50.02 -10.92
CA ASP E 160 -57.65 -51.41 -10.59
C ASP E 160 -56.42 -52.28 -10.59
N GLU E 161 -55.55 -52.01 -11.54
CA GLU E 161 -54.38 -52.79 -11.76
C GLU E 161 -53.42 -52.56 -10.59
N MET E 162 -53.36 -51.33 -10.10
CA MET E 162 -52.49 -50.97 -8.96
C MET E 162 -52.94 -51.68 -7.66
N ILE E 163 -54.20 -51.53 -7.28
CA ILE E 163 -54.78 -52.32 -6.16
C ILE E 163 -54.63 -53.82 -6.35
N ALA E 164 -54.93 -54.30 -7.54
CA ALA E 164 -54.78 -55.75 -7.85
C ALA E 164 -53.33 -56.21 -7.60
N PHE E 165 -52.35 -55.32 -7.88
CA PHE E 165 -50.97 -55.61 -7.65
C PHE E 165 -50.65 -55.74 -6.14
N PHE E 166 -51.07 -54.76 -5.37
CA PHE E 166 -50.90 -54.78 -3.91
C PHE E 166 -51.42 -56.06 -3.25
N GLU E 167 -52.62 -56.46 -3.67
CA GLU E 167 -53.17 -57.74 -3.32
C GLU E 167 -52.15 -58.84 -3.37
N THR E 168 -51.14 -58.72 -4.21
CA THR E 168 -50.18 -59.80 -4.35
C THR E 168 -48.94 -59.77 -3.40
N LEU E 169 -48.77 -58.71 -2.62
CA LEU E 169 -47.59 -58.60 -1.74
C LEU E 169 -47.63 -59.27 -0.36
N ASN E 170 -46.44 -59.51 0.21
CA ASN E 170 -46.25 -60.20 1.50
C ASN E 170 -46.30 -59.24 2.65
N LYS E 171 -46.67 -59.73 3.82
CA LYS E 171 -46.62 -58.93 5.03
C LYS E 171 -45.22 -58.34 5.16
N ASP E 172 -45.19 -57.04 5.51
CA ASP E 172 -43.97 -56.23 5.76
C ASP E 172 -43.22 -55.68 4.52
N ASP E 173 -43.78 -55.97 3.36
CA ASP E 173 -43.34 -55.38 2.11
C ASP E 173 -43.62 -53.86 2.07
N VAL E 174 -42.76 -53.08 1.40
CA VAL E 174 -42.82 -51.63 1.58
C VAL E 174 -43.37 -50.99 0.36
N LEU E 175 -44.35 -50.13 0.53
CA LEU E 175 -44.81 -49.40 -0.64
C LEU E 175 -44.36 -47.99 -0.47
N LEU E 176 -43.65 -47.46 -1.46
CA LEU E 176 -43.27 -46.04 -1.45
C LEU E 176 -44.40 -45.16 -2.07
N LEU E 177 -45.10 -44.40 -1.23
CA LEU E 177 -46.27 -43.64 -1.68
C LEU E 177 -46.01 -42.17 -1.71
N HIS E 178 -46.46 -41.49 -2.76
CA HIS E 178 -46.41 -40.02 -2.74
C HIS E 178 -47.79 -39.49 -2.23
N PRO E 179 -47.84 -38.84 -1.04
CA PRO E 179 -49.18 -38.60 -0.54
C PRO E 179 -49.89 -37.48 -1.28
N CYS E 180 -49.13 -36.66 -2.00
CA CYS E 180 -49.77 -35.66 -2.89
C CYS E 180 -48.69 -35.31 -3.89
N CYS E 181 -49.02 -34.42 -4.83
CA CYS E 181 -48.04 -33.92 -5.83
C CYS E 181 -47.07 -34.92 -6.44
N HIS E 182 -47.61 -35.96 -7.05
CA HIS E 182 -46.75 -37.00 -7.62
C HIS E 182 -45.52 -36.43 -8.38
N ASN E 183 -44.34 -36.89 -8.03
CA ASN E 183 -43.20 -36.73 -8.92
C ASN E 183 -43.01 -38.05 -9.64
N PRO E 184 -42.96 -38.04 -10.97
CA PRO E 184 -42.87 -36.91 -11.88
C PRO E 184 -44.13 -36.51 -12.57
N THR E 185 -45.23 -37.26 -12.41
CA THR E 185 -46.38 -37.10 -13.32
C THR E 185 -47.30 -35.93 -12.98
N GLY E 186 -47.26 -35.51 -11.71
CA GLY E 186 -48.23 -34.61 -11.12
C GLY E 186 -49.58 -35.31 -10.93
N VAL E 187 -49.72 -36.59 -11.27
CA VAL E 187 -51.05 -37.20 -11.15
C VAL E 187 -51.29 -37.77 -9.74
N ASP E 188 -52.35 -37.27 -9.10
CA ASP E 188 -52.55 -37.63 -7.73
C ASP E 188 -53.72 -38.52 -7.60
N LEU E 189 -53.64 -39.38 -6.58
CA LEU E 189 -54.78 -40.14 -6.12
C LEU E 189 -55.92 -39.25 -5.64
N THR E 190 -57.13 -39.70 -5.77
CA THR E 190 -58.19 -38.96 -5.10
C THR E 190 -58.34 -39.52 -3.67
N ARG E 191 -58.99 -38.79 -2.75
CA ARG E 191 -59.39 -39.30 -1.42
C ARG E 191 -59.99 -40.72 -1.43
N GLU E 192 -61.00 -40.93 -2.25
CA GLU E 192 -61.73 -42.21 -2.26
C GLU E 192 -60.77 -43.31 -2.75
N GLN E 193 -59.89 -42.95 -3.70
CA GLN E 193 -58.77 -43.82 -4.09
C GLN E 193 -57.82 -44.16 -2.93
N TRP E 194 -57.51 -43.19 -2.08
CA TRP E 194 -56.77 -43.47 -0.85
C TRP E 194 -57.42 -44.50 0.10
N ASP E 195 -58.69 -44.33 0.45
CA ASP E 195 -59.33 -45.22 1.42
C ASP E 195 -59.21 -46.69 0.95
N THR E 196 -59.32 -46.85 -0.37
CA THR E 196 -59.19 -48.14 -0.97
C THR E 196 -57.74 -48.59 -0.86
N VAL E 197 -56.79 -47.79 -1.35
CA VAL E 197 -55.38 -48.15 -1.26
C VAL E 197 -55.10 -48.62 0.17
N LEU E 198 -55.63 -47.88 1.13
CA LEU E 198 -55.23 -48.12 2.49
C LEU E 198 -55.84 -49.41 3.03
N ASN E 199 -57.04 -49.77 2.57
CA ASN E 199 -57.65 -50.98 3.09
C ASN E 199 -56.79 -52.14 2.71
N VAL E 200 -56.22 -52.01 1.53
CA VAL E 200 -55.48 -53.08 0.95
C VAL E 200 -54.19 -53.18 1.70
N ILE E 201 -53.67 -52.02 2.07
CA ILE E 201 -52.45 -51.91 2.90
C ILE E 201 -52.76 -52.56 4.26
N GLN E 202 -53.97 -52.32 4.80
CA GLN E 202 -54.37 -52.82 6.10
C GLN E 202 -54.51 -54.30 6.00
N GLU E 203 -55.32 -54.73 5.03
CA GLU E 203 -55.68 -56.13 4.88
C GLU E 203 -54.43 -57.03 4.72
N ARG E 204 -53.46 -56.54 3.95
CA ARG E 204 -52.31 -57.31 3.55
C ARG E 204 -51.09 -57.10 4.42
N GLU E 205 -51.22 -56.24 5.45
CA GLU E 205 -50.15 -55.81 6.38
C GLU E 205 -48.83 -55.36 5.76
N LEU E 206 -49.01 -54.37 4.93
CA LEU E 206 -47.93 -53.77 4.26
C LEU E 206 -47.52 -52.57 5.10
N ILE E 207 -46.32 -52.09 4.81
CA ILE E 207 -45.80 -50.86 5.30
C ILE E 207 -45.91 -49.71 4.28
N PRO E 208 -46.82 -48.77 4.55
CA PRO E 208 -46.85 -47.53 3.76
C PRO E 208 -45.62 -46.65 4.14
N PHE E 209 -44.76 -46.39 3.15
CA PHE E 209 -43.64 -45.49 3.36
C PHE E 209 -43.99 -44.25 2.57
N MET E 210 -44.36 -43.21 3.31
CA MET E 210 -44.92 -42.07 2.64
C MET E 210 -43.92 -40.96 2.55
N ASP E 211 -43.76 -40.49 1.32
CA ASP E 211 -42.78 -39.50 1.01
C ASP E 211 -43.39 -38.16 0.59
N ILE E 212 -43.34 -37.17 1.47
CA ILE E 212 -44.06 -35.90 1.22
C ILE E 212 -43.06 -34.77 1.11
N ALA E 213 -42.92 -34.20 -0.09
CA ALA E 213 -41.86 -33.22 -0.33
C ALA E 213 -42.38 -31.88 -0.83
N TYR E 214 -43.70 -31.84 -1.00
CA TYR E 214 -44.45 -30.70 -1.55
C TYR E 214 -45.74 -30.38 -0.78
N GLN E 215 -45.75 -30.76 0.50
CA GLN E 215 -46.82 -30.34 1.37
C GLN E 215 -46.97 -28.84 1.15
N GLY E 216 -48.14 -28.50 0.62
CA GLY E 216 -48.57 -27.11 0.53
C GLY E 216 -49.02 -26.84 -0.88
N PHE E 217 -48.36 -27.53 -1.82
CA PHE E 217 -48.46 -27.25 -3.23
C PHE E 217 -49.59 -27.92 -3.99
N GLY E 218 -50.39 -28.74 -3.33
CA GLY E 218 -51.51 -29.40 -3.99
C GLY E 218 -52.87 -28.74 -3.79
N GLU E 219 -53.47 -29.02 -2.65
CA GLU E 219 -54.71 -28.45 -2.23
C GLU E 219 -54.34 -27.52 -1.10
N ASP E 220 -53.79 -28.04 -0.03
CA ASP E 220 -53.42 -27.19 1.08
C ASP E 220 -52.82 -28.06 2.12
N MET E 221 -52.33 -27.43 3.20
CA MET E 221 -51.52 -28.09 4.22
C MET E 221 -52.21 -29.32 4.76
N ASP E 222 -53.46 -29.18 5.13
CA ASP E 222 -54.16 -30.31 5.70
C ASP E 222 -54.58 -31.35 4.67
N SER E 223 -55.15 -30.99 3.51
CA SER E 223 -55.49 -32.03 2.48
C SER E 223 -54.29 -32.77 1.93
N ASP E 224 -53.12 -32.13 1.85
CA ASP E 224 -52.00 -32.82 1.25
C ASP E 224 -51.46 -33.90 2.13
N ALA E 225 -51.89 -33.87 3.40
CA ALA E 225 -51.51 -34.85 4.40
C ALA E 225 -52.59 -35.94 4.61
N TYR E 226 -53.64 -35.94 3.77
CA TYR E 226 -54.81 -36.76 4.02
C TYR E 226 -54.48 -38.25 4.24
N ALA E 227 -53.94 -38.89 3.21
CA ALA E 227 -53.33 -40.19 3.35
C ALA E 227 -52.51 -40.40 4.64
N ILE E 228 -51.72 -39.41 5.04
CA ILE E 228 -50.87 -39.57 6.19
C ILE E 228 -51.73 -39.75 7.44
N ARG E 229 -52.61 -38.78 7.67
CA ARG E 229 -53.41 -38.72 8.90
C ARG E 229 -54.47 -39.80 8.92
N LYS E 230 -55.01 -40.06 7.74
CA LYS E 230 -55.87 -41.21 7.49
C LYS E 230 -55.19 -42.55 7.85
N ALA E 231 -53.94 -42.69 7.38
CA ALA E 231 -53.10 -43.85 7.71
C ALA E 231 -53.02 -44.09 9.20
N VAL E 232 -52.89 -43.01 9.97
CA VAL E 232 -52.67 -43.14 11.37
C VAL E 232 -53.91 -43.76 11.95
N ASP E 233 -55.04 -43.19 11.51
CA ASP E 233 -56.32 -43.54 12.06
C ASP E 233 -56.57 -45.01 11.91
N MET E 234 -55.92 -45.66 10.98
CA MET E 234 -56.12 -47.08 10.75
C MET E 234 -55.09 -47.99 11.41
N GLY E 235 -54.13 -47.40 12.13
CA GLY E 235 -53.16 -48.22 12.85
C GLY E 235 -52.03 -48.71 11.98
N LEU E 236 -51.90 -48.12 10.80
CA LEU E 236 -50.83 -48.53 9.88
C LEU E 236 -49.43 -48.24 10.45
N PRO E 237 -48.47 -49.19 10.24
CA PRO E 237 -47.14 -48.90 10.80
C PRO E 237 -46.50 -47.88 9.88
N LEU E 238 -46.98 -46.64 9.87
CA LEU E 238 -46.61 -45.70 8.78
C LEU E 238 -45.23 -45.14 8.93
N PHE E 239 -44.54 -44.94 7.82
CA PHE E 239 -43.25 -44.23 7.84
C PHE E 239 -43.45 -43.00 7.02
N VAL E 240 -42.97 -41.86 7.45
CA VAL E 240 -43.10 -40.68 6.60
C VAL E 240 -41.84 -39.95 6.61
N SER E 241 -41.34 -39.72 5.43
CA SER E 241 -40.18 -38.87 5.31
C SER E 241 -40.75 -37.61 4.78
N ASN E 242 -40.48 -36.47 5.45
CA ASN E 242 -40.85 -35.19 4.84
C ASN E 242 -39.62 -34.30 4.46
N SER E 243 -39.77 -33.50 3.42
CA SER E 243 -38.77 -32.49 3.09
C SER E 243 -39.26 -31.00 3.22
N PHE E 244 -38.38 -30.09 3.69
CA PHE E 244 -38.67 -28.65 3.60
C PHE E 244 -37.96 -27.91 2.45
N SER E 245 -37.31 -28.62 1.53
CA SER E 245 -36.40 -27.97 0.53
C SER E 245 -37.16 -27.08 -0.38
N LYS E 246 -38.28 -27.60 -0.91
CA LYS E 246 -39.15 -26.87 -1.80
CA LYS E 246 -39.17 -26.87 -1.80
C LYS E 246 -40.06 -25.89 -1.06
N ASN E 247 -40.79 -26.34 -0.05
CA ASN E 247 -41.72 -25.47 0.65
C ASN E 247 -41.12 -24.48 1.66
N LEU E 248 -39.85 -24.60 1.99
CA LEU E 248 -39.24 -23.46 2.64
C LEU E 248 -38.28 -22.66 1.72
N SER E 249 -38.20 -23.07 0.46
CA SER E 249 -37.17 -22.59 -0.46
C SER E 249 -35.78 -22.67 0.17
N LEU E 250 -35.44 -23.82 0.66
CA LEU E 250 -34.26 -24.01 1.51
C LEU E 250 -33.53 -25.30 1.13
N TYR E 251 -33.64 -25.66 -0.15
CA TYR E 251 -33.02 -26.77 -0.78
C TYR E 251 -31.64 -26.98 -0.28
N GLY E 252 -30.78 -25.97 -0.43
CA GLY E 252 -29.40 -26.13 -0.02
C GLY E 252 -29.12 -26.30 1.45
N GLU E 253 -30.07 -25.99 2.32
CA GLU E 253 -29.87 -26.26 3.77
C GLU E 253 -30.04 -27.70 4.24
N ARG E 254 -30.73 -28.51 3.43
CA ARG E 254 -30.88 -29.94 3.74
C ARG E 254 -31.73 -30.17 5.04
N VAL E 255 -32.99 -29.76 4.94
CA VAL E 255 -33.80 -29.79 6.10
C VAL E 255 -34.92 -30.77 5.77
N GLY E 256 -35.03 -31.84 6.54
CA GLY E 256 -35.99 -32.90 6.32
C GLY E 256 -36.49 -33.41 7.65
N GLY E 257 -37.30 -34.46 7.60
CA GLY E 257 -37.75 -35.21 8.78
C GLY E 257 -38.13 -36.66 8.45
N LEU E 258 -37.95 -37.58 9.40
CA LEU E 258 -38.41 -38.94 9.23
C LEU E 258 -39.28 -39.23 10.40
N SER E 259 -40.44 -39.81 10.12
CA SER E 259 -41.36 -40.11 11.22
C SER E 259 -41.83 -41.52 11.19
N VAL E 260 -41.90 -42.14 12.35
CA VAL E 260 -42.29 -43.54 12.33
C VAL E 260 -43.37 -43.75 13.38
N VAL E 261 -44.50 -44.31 12.97
CA VAL E 261 -45.67 -44.32 13.83
C VAL E 261 -45.80 -45.71 14.42
N CYS E 262 -45.68 -45.82 15.72
CA CYS E 262 -45.80 -47.14 16.31
C CYS E 262 -47.02 -47.30 17.24
N PRO E 263 -47.41 -48.54 17.51
CA PRO E 263 -48.57 -48.87 18.36
C PRO E 263 -48.50 -48.44 19.84
N THR E 264 -47.28 -48.46 20.42
CA THR E 264 -47.09 -48.31 21.88
C THR E 264 -45.95 -47.40 22.15
N VAL E 265 -45.93 -46.81 23.33
CA VAL E 265 -44.83 -45.96 23.76
C VAL E 265 -43.50 -46.70 23.76
N ASP E 266 -43.58 -47.93 24.26
CA ASP E 266 -42.41 -48.77 24.27
C ASP E 266 -41.80 -48.97 22.87
N GLU E 267 -42.70 -49.24 21.91
CA GLU E 267 -42.34 -49.38 20.54
C GLU E 267 -41.73 -48.08 20.00
N THR E 268 -42.31 -46.94 20.35
CA THR E 268 -41.74 -45.71 19.86
C THR E 268 -40.31 -45.63 20.36
N GLU E 269 -40.08 -46.03 21.60
CA GLU E 269 -38.74 -45.91 22.16
C GLU E 269 -37.68 -46.77 21.43
N ARG E 270 -38.05 -48.00 21.11
CA ARG E 270 -37.14 -48.87 20.38
C ARG E 270 -36.81 -48.31 18.98
N VAL E 271 -37.85 -47.94 18.24
CA VAL E 271 -37.66 -47.36 16.95
C VAL E 271 -36.87 -46.05 17.07
N PHE E 272 -37.27 -45.18 17.98
CA PHE E 272 -36.58 -43.90 18.10
C PHE E 272 -35.03 -44.09 18.29
N GLY E 273 -34.68 -44.90 19.28
CA GLY E 273 -33.31 -45.22 19.58
C GLY E 273 -32.58 -45.75 18.39
N GLN E 274 -33.24 -46.60 17.60
CA GLN E 274 -32.59 -47.17 16.41
C GLN E 274 -32.44 -46.18 15.28
N LEU E 275 -33.43 -45.31 15.14
CA LEU E 275 -33.28 -44.16 14.26
C LEU E 275 -32.04 -43.35 14.70
N ASN E 276 -31.90 -43.10 16.02
CA ASN E 276 -30.66 -42.46 16.53
C ASN E 276 -29.42 -43.29 16.15
N SER E 277 -29.46 -44.61 16.37
CA SER E 277 -28.32 -45.48 16.04
C SER E 277 -27.87 -45.29 14.58
N THR E 278 -28.86 -45.03 13.72
CA THR E 278 -28.60 -44.95 12.26
C THR E 278 -27.97 -43.65 11.86
N VAL E 279 -28.56 -42.52 12.26
CA VAL E 279 -27.88 -41.24 12.13
C VAL E 279 -26.41 -41.35 12.52
N ARG E 280 -26.15 -42.02 13.64
CA ARG E 280 -24.84 -41.94 14.26
C ARG E 280 -23.75 -42.47 13.32
N ARG E 281 -24.09 -43.57 12.65
CA ARG E 281 -23.13 -44.29 11.86
C ARG E 281 -23.13 -43.77 10.48
N ILE E 282 -23.91 -42.74 10.18
CA ILE E 282 -23.82 -42.20 8.82
C ILE E 282 -23.17 -40.83 8.80
N TYR E 283 -23.68 -39.93 9.67
CA TYR E 283 -23.24 -38.56 9.75
C TYR E 283 -23.20 -37.97 11.16
N SER E 284 -23.47 -38.74 12.24
CA SER E 284 -23.34 -38.25 13.61
C SER E 284 -24.46 -37.34 14.12
N SER E 285 -24.63 -36.19 13.46
CA SER E 285 -25.73 -35.26 13.80
C SER E 285 -26.05 -34.31 12.63
N PRO E 286 -27.31 -33.84 12.57
CA PRO E 286 -27.91 -32.91 11.54
C PRO E 286 -27.33 -31.53 11.58
N PRO E 287 -27.33 -30.79 10.44
CA PRO E 287 -26.78 -29.39 10.50
C PRO E 287 -27.64 -28.44 11.35
N SER E 288 -26.94 -27.66 12.17
CA SER E 288 -27.52 -26.69 13.03
C SER E 288 -28.25 -25.54 12.29
N HIS E 289 -27.68 -24.96 11.23
CA HIS E 289 -28.34 -23.77 10.71
C HIS E 289 -29.77 -24.03 10.19
N GLY E 290 -29.87 -24.90 9.20
CA GLY E 290 -31.17 -25.29 8.63
C GLY E 290 -32.11 -25.79 9.71
N GLY E 291 -31.59 -26.57 10.65
CA GLY E 291 -32.28 -26.93 11.88
C GLY E 291 -32.93 -25.80 12.66
N ARG E 292 -32.17 -24.75 12.99
CA ARG E 292 -32.76 -23.56 13.63
C ARG E 292 -33.88 -22.90 12.84
N VAL E 293 -33.67 -22.69 11.55
CA VAL E 293 -34.68 -22.06 10.73
C VAL E 293 -35.98 -22.86 10.84
N VAL E 294 -35.86 -24.17 10.64
CA VAL E 294 -37.02 -25.06 10.66
C VAL E 294 -37.71 -24.92 12.01
N ASP E 295 -36.92 -24.94 13.08
CA ASP E 295 -37.50 -24.89 14.44
C ASP E 295 -38.29 -23.57 14.66
N ILE E 296 -37.60 -22.46 14.45
CA ILE E 296 -38.12 -21.12 14.46
C ILE E 296 -39.41 -20.92 13.67
N VAL E 297 -39.37 -21.13 12.36
CA VAL E 297 -40.58 -20.87 11.59
C VAL E 297 -41.73 -21.78 11.96
N MET E 298 -41.50 -23.06 12.19
CA MET E 298 -42.61 -23.95 12.47
C MET E 298 -43.27 -23.60 13.78
N ASN E 299 -42.44 -23.20 14.73
CA ASN E 299 -42.96 -23.06 16.10
C ASN E 299 -43.39 -21.64 16.52
N ASP E 300 -42.89 -20.64 15.84
CA ASP E 300 -43.46 -19.29 15.88
C ASP E 300 -44.85 -19.13 15.16
N ALA E 301 -45.96 -19.05 15.91
CA ALA E 301 -47.31 -18.78 15.34
C ALA E 301 -47.32 -17.73 14.22
N ALA E 302 -46.70 -16.58 14.45
CA ALA E 302 -46.71 -15.50 13.47
C ALA E 302 -45.98 -15.93 12.16
N LEU E 303 -44.93 -16.69 12.36
CA LEU E 303 -44.08 -17.04 11.27
C LEU E 303 -44.64 -18.23 10.49
N HIS E 304 -45.24 -19.20 11.20
CA HIS E 304 -45.84 -20.38 10.58
C HIS E 304 -47.00 -19.94 9.64
N GLU E 305 -47.90 -19.11 10.19
CA GLU E 305 -48.97 -18.47 9.46
C GLU E 305 -48.51 -17.67 8.25
N GLN E 306 -47.56 -16.75 8.42
CA GLN E 306 -46.90 -16.11 7.26
C GLN E 306 -46.44 -17.18 6.21
N TRP E 307 -45.76 -18.24 6.64
CA TRP E 307 -45.19 -19.19 5.75
C TRP E 307 -46.28 -19.88 4.93
N VAL E 308 -47.29 -20.36 5.61
CA VAL E 308 -48.45 -21.00 5.00
C VAL E 308 -49.03 -20.07 3.95
N GLY E 309 -49.07 -18.78 4.23
CA GLY E 309 -49.36 -17.75 3.23
C GLY E 309 -48.49 -17.81 1.97
N GLU E 310 -47.18 -17.93 2.13
CA GLU E 310 -46.27 -17.79 1.00
C GLU E 310 -46.28 -19.03 0.18
N VAL E 311 -46.35 -20.16 0.87
CA VAL E 311 -46.35 -21.46 0.23
C VAL E 311 -47.55 -21.52 -0.73
N TYR E 312 -48.70 -21.06 -0.19
CA TYR E 312 -49.93 -20.92 -0.95
C TYR E 312 -49.77 -19.98 -2.13
N ALA E 313 -49.06 -18.89 -1.94
CA ALA E 313 -48.73 -18.03 -3.07
C ALA E 313 -48.10 -18.82 -4.22
N MET E 314 -47.12 -19.67 -3.89
CA MET E 314 -46.48 -20.56 -4.86
C MET E 314 -47.46 -21.57 -5.52
N ARG E 315 -48.30 -22.21 -4.71
CA ARG E 315 -49.32 -23.13 -5.19
C ARG E 315 -50.17 -22.47 -6.26
N ASP E 316 -50.56 -21.24 -5.96
CA ASP E 316 -51.42 -20.46 -6.82
C ASP E 316 -50.76 -20.06 -8.12
N ARG E 317 -49.50 -19.71 -8.09
CA ARG E 317 -48.87 -19.28 -9.31
C ARG E 317 -48.65 -20.44 -10.27
N ILE E 318 -48.26 -21.58 -9.73
CA ILE E 318 -48.05 -22.81 -10.50
C ILE E 318 -49.36 -23.14 -11.13
N LYS E 319 -50.46 -23.02 -10.37
CA LYS E 319 -51.79 -23.32 -10.91
C LYS E 319 -52.20 -22.39 -12.07
N SER E 320 -51.98 -21.09 -11.91
CA SER E 320 -52.34 -20.15 -12.95
C SER E 320 -51.52 -20.45 -14.24
N MET E 321 -50.29 -20.93 -14.08
CA MET E 321 -49.57 -21.48 -15.25
C MET E 321 -50.25 -22.72 -15.87
N ARG E 322 -50.86 -23.54 -15.04
CA ARG E 322 -51.49 -24.77 -15.56
C ARG E 322 -52.71 -24.40 -16.37
N THR E 323 -53.55 -23.52 -15.79
CA THR E 323 -54.81 -23.13 -16.41
C THR E 323 -54.53 -22.30 -17.66
N LYS E 324 -53.60 -21.34 -17.61
CA LYS E 324 -53.23 -20.58 -18.80
C LYS E 324 -52.75 -21.48 -19.97
N LEU E 325 -51.84 -22.42 -19.69
CA LEU E 325 -51.23 -23.31 -20.71
C LEU E 325 -52.31 -24.07 -21.37
N LYS E 326 -53.24 -24.54 -20.56
CA LYS E 326 -54.33 -25.38 -21.06
C LYS E 326 -55.23 -24.66 -22.04
N SER E 327 -55.62 -23.45 -21.67
CA SER E 327 -56.56 -22.73 -22.47
C SER E 327 -55.89 -22.39 -23.80
N VAL E 328 -54.60 -22.06 -23.81
CA VAL E 328 -53.96 -21.84 -25.12
C VAL E 328 -54.00 -23.11 -26.01
N LEU E 329 -53.81 -24.28 -25.39
CA LEU E 329 -53.75 -25.52 -26.16
C LEU E 329 -55.15 -25.93 -26.63
N GLU E 330 -56.14 -25.66 -25.80
CA GLU E 330 -57.50 -25.96 -26.17
C GLU E 330 -57.99 -25.04 -27.29
N ALA E 331 -57.57 -23.79 -27.26
CA ALA E 331 -58.02 -22.82 -28.27
C ALA E 331 -57.48 -23.16 -29.66
N LYS E 332 -56.27 -23.73 -29.71
CA LYS E 332 -55.66 -24.02 -30.98
C LYS E 332 -55.67 -25.48 -31.42
N ILE E 333 -56.32 -26.36 -30.64
CA ILE E 333 -56.53 -27.79 -31.02
C ILE E 333 -57.84 -28.29 -30.45
N SER E 334 -58.90 -28.21 -31.26
CA SER E 334 -60.27 -28.36 -30.73
C SER E 334 -60.57 -29.78 -30.29
N GLY E 335 -59.89 -30.72 -30.94
CA GLY E 335 -60.13 -32.14 -30.73
C GLY E 335 -60.05 -32.56 -29.29
N ARG E 336 -58.85 -32.50 -28.72
CA ARG E 336 -58.50 -33.17 -27.46
C ARG E 336 -58.93 -32.48 -26.16
N ASN E 337 -58.73 -33.24 -25.11
CA ASN E 337 -59.04 -32.93 -23.75
C ASN E 337 -57.70 -32.56 -23.08
N PHE E 338 -57.57 -31.37 -22.50
CA PHE E 338 -56.33 -31.08 -21.75
C PHE E 338 -56.50 -30.87 -20.24
N ASP E 339 -57.69 -31.23 -19.76
CA ASP E 339 -58.09 -31.20 -18.35
C ASP E 339 -57.05 -31.86 -17.49
N TYR E 340 -56.33 -32.82 -18.06
CA TYR E 340 -55.23 -33.39 -17.31
C TYR E 340 -54.17 -32.34 -16.93
N LEU E 341 -53.90 -31.37 -17.80
CA LEU E 341 -52.98 -30.27 -17.38
C LEU E 341 -53.34 -29.53 -16.07
N THR E 342 -54.61 -29.53 -15.65
CA THR E 342 -55.02 -28.78 -14.47
C THR E 342 -55.53 -29.68 -13.37
N ALA E 343 -55.89 -30.90 -13.74
CA ALA E 343 -56.26 -31.92 -12.73
C ALA E 343 -55.01 -32.31 -11.91
N GLN E 344 -53.87 -32.32 -12.60
CA GLN E 344 -52.54 -32.56 -12.04
C GLN E 344 -52.18 -31.54 -10.93
N ASN E 345 -51.48 -32.03 -9.90
CA ASN E 345 -51.15 -31.20 -8.78
C ASN E 345 -49.65 -31.05 -8.64
N GLY E 346 -49.22 -29.89 -8.15
CA GLY E 346 -47.83 -29.77 -7.71
C GLY E 346 -46.90 -29.24 -8.77
N MET E 347 -45.63 -29.52 -8.58
CA MET E 347 -44.64 -28.87 -9.37
C MET E 347 -44.47 -29.50 -10.75
N PHE E 348 -44.94 -30.73 -10.89
CA PHE E 348 -44.66 -31.38 -12.15
C PHE E 348 -45.86 -31.72 -12.96
N SER E 349 -45.59 -31.97 -14.21
CA SER E 349 -46.60 -32.28 -15.16
C SER E 349 -46.00 -33.23 -16.15
N PHE E 350 -46.61 -34.39 -16.29
CA PHE E 350 -46.30 -35.27 -17.38
C PHE E 350 -47.11 -34.69 -18.48
N THR E 351 -46.43 -34.13 -19.46
CA THR E 351 -47.10 -33.38 -20.50
C THR E 351 -47.83 -34.26 -21.48
N GLY E 352 -47.56 -35.57 -21.45
CA GLY E 352 -48.09 -36.49 -22.45
C GLY E 352 -47.55 -36.32 -23.87
N LEU E 353 -46.49 -35.56 -24.05
CA LEU E 353 -45.81 -35.51 -25.32
C LEU E 353 -45.00 -36.78 -25.45
N THR E 354 -44.90 -37.33 -26.66
CA THR E 354 -44.05 -38.50 -26.92
C THR E 354 -42.58 -38.06 -26.99
N PRO E 355 -41.61 -38.94 -26.63
CA PRO E 355 -40.22 -38.47 -26.57
C PRO E 355 -39.65 -37.73 -27.82
N GLU E 356 -40.12 -38.10 -29.03
CA GLU E 356 -39.74 -37.38 -30.27
C GLU E 356 -40.27 -35.96 -30.26
N GLN E 357 -41.52 -35.82 -29.77
CA GLN E 357 -42.11 -34.52 -29.62
C GLN E 357 -41.22 -33.75 -28.64
N VAL E 358 -40.65 -34.46 -27.67
CA VAL E 358 -39.75 -33.86 -26.69
C VAL E 358 -38.40 -33.48 -27.31
N GLU E 359 -37.77 -34.41 -28.08
CA GLU E 359 -36.43 -34.18 -28.62
C GLU E 359 -36.43 -32.96 -29.53
N ARG E 360 -37.54 -32.85 -30.26
CA ARG E 360 -37.77 -31.81 -31.26
CA ARG E 360 -37.72 -31.80 -31.26
C ARG E 360 -37.85 -30.41 -30.65
N LEU E 361 -38.60 -30.30 -29.55
CA LEU E 361 -38.80 -29.05 -28.82
C LEU E 361 -37.46 -28.48 -28.40
N GLN E 362 -36.59 -29.36 -27.89
CA GLN E 362 -35.21 -28.97 -27.55
C GLN E 362 -34.48 -28.40 -28.78
N SER E 363 -34.79 -28.97 -29.94
CA SER E 363 -34.18 -28.64 -31.24
C SER E 363 -34.69 -27.34 -31.87
N GLU E 364 -35.95 -27.35 -32.28
CA GLU E 364 -36.54 -26.24 -33.02
C GLU E 364 -36.90 -25.04 -32.13
N PHE E 365 -36.98 -25.25 -30.82
CA PHE E 365 -37.45 -24.20 -29.93
C PHE E 365 -36.56 -23.93 -28.73
N GLY E 366 -35.74 -24.89 -28.34
CA GLY E 366 -34.87 -24.65 -27.20
C GLY E 366 -35.58 -24.78 -25.88
N ILE E 367 -36.71 -25.49 -25.86
CA ILE E 367 -37.42 -25.76 -24.63
C ILE E 367 -36.98 -27.12 -24.10
N TYR E 368 -36.77 -27.17 -22.79
CA TYR E 368 -36.14 -28.31 -22.15
C TYR E 368 -37.01 -28.98 -21.07
N MET E 369 -37.41 -30.21 -21.34
CA MET E 369 -38.10 -31.08 -20.38
C MET E 369 -37.31 -32.37 -20.30
N ILE E 370 -37.69 -33.28 -19.40
CA ILE E 370 -37.17 -34.69 -19.40
C ILE E 370 -37.82 -35.58 -20.50
N SER E 371 -37.11 -36.62 -20.96
CA SER E 371 -37.58 -37.52 -22.04
C SER E 371 -38.94 -38.22 -21.80
N ASN E 372 -39.22 -38.56 -20.54
CA ASN E 372 -40.51 -39.10 -20.16
C ASN E 372 -41.59 -38.01 -20.14
N SER E 373 -41.24 -36.80 -20.57
CA SER E 373 -42.17 -35.68 -20.75
C SER E 373 -42.41 -34.87 -19.48
N ARG E 374 -41.58 -35.09 -18.47
CA ARG E 374 -41.69 -34.24 -17.29
C ARG E 374 -41.29 -32.81 -17.59
N MET E 375 -42.22 -31.92 -17.21
CA MET E 375 -42.06 -30.49 -17.29
C MET E 375 -42.23 -29.89 -15.91
N CYS E 376 -41.27 -29.06 -15.52
CA CYS E 376 -41.48 -28.32 -14.29
C CYS E 376 -42.39 -27.10 -14.48
N VAL E 377 -43.62 -27.17 -14.00
CA VAL E 377 -44.57 -26.07 -14.25
C VAL E 377 -44.10 -24.78 -13.65
N ALA E 378 -43.36 -24.85 -12.55
CA ALA E 378 -42.82 -23.62 -11.96
C ALA E 378 -41.84 -22.85 -12.87
N GLY E 379 -41.18 -23.56 -13.78
CA GLY E 379 -40.28 -22.90 -14.72
C GLY E 379 -41.02 -21.97 -15.67
N LEU E 380 -42.35 -22.00 -15.66
CA LEU E 380 -43.23 -21.20 -16.55
C LEU E 380 -43.62 -19.93 -15.87
N ASN E 381 -43.67 -18.85 -16.65
CA ASN E 381 -44.07 -17.54 -16.13
C ASN E 381 -44.64 -16.68 -17.28
N SER E 382 -45.20 -15.50 -16.94
CA SER E 382 -45.92 -14.61 -17.90
C SER E 382 -45.09 -14.25 -19.14
N SER E 383 -43.76 -14.28 -18.99
CA SER E 383 -42.83 -13.86 -20.03
C SER E 383 -42.54 -14.91 -21.12
N ASN E 384 -42.76 -16.19 -20.83
CA ASN E 384 -42.43 -17.29 -21.75
C ASN E 384 -43.53 -18.33 -21.94
N ILE E 385 -44.51 -18.33 -21.04
CA ILE E 385 -45.66 -19.21 -21.19
C ILE E 385 -46.19 -19.12 -22.61
N ASP E 386 -46.25 -17.92 -23.17
CA ASP E 386 -46.81 -17.76 -24.49
C ASP E 386 -45.96 -18.43 -25.56
N TYR E 387 -44.65 -18.36 -25.38
CA TYR E 387 -43.71 -19.03 -26.26
C TYR E 387 -43.82 -20.56 -26.16
N VAL E 388 -43.69 -21.09 -24.93
CA VAL E 388 -43.67 -22.54 -24.71
C VAL E 388 -44.97 -23.23 -25.17
N ALA E 389 -46.08 -22.56 -24.84
CA ALA E 389 -47.42 -23.04 -25.16
C ALA E 389 -47.58 -23.23 -26.67
N ASN E 390 -47.20 -22.20 -27.43
CA ASN E 390 -47.18 -22.17 -28.90
C ASN E 390 -46.18 -23.19 -29.48
N ALA E 391 -44.94 -23.19 -28.97
CA ALA E 391 -43.98 -24.29 -29.26
C ALA E 391 -44.56 -25.67 -29.01
N MET E 392 -45.19 -25.89 -27.86
CA MET E 392 -45.93 -27.15 -27.68
C MET E 392 -47.04 -27.44 -28.72
N VAL E 393 -47.87 -26.42 -29.02
CA VAL E 393 -48.95 -26.56 -30.00
C VAL E 393 -48.37 -27.12 -31.29
N ASP E 394 -47.30 -26.48 -31.73
CA ASP E 394 -46.65 -26.78 -32.99
C ASP E 394 -46.19 -28.21 -33.05
N VAL E 395 -45.41 -28.60 -32.03
CA VAL E 395 -44.71 -29.89 -31.98
C VAL E 395 -45.74 -31.01 -31.77
N LEU E 396 -46.82 -30.64 -31.08
CA LEU E 396 -48.02 -31.45 -30.85
C LEU E 396 -48.85 -31.69 -32.09
N LYS E 397 -48.70 -30.85 -33.12
CA LYS E 397 -49.61 -30.91 -34.28
C LYS E 397 -49.32 -32.07 -35.23
N ASP E 398 -48.05 -32.32 -35.51
CA ASP E 398 -47.70 -33.45 -36.37
C ASP E 398 -48.06 -34.80 -35.66
N MET F 1 -46.00 -54.48 16.32
CA MET F 1 -45.21 -54.37 15.07
C MET F 1 -43.67 -54.26 15.27
N PHE F 2 -43.23 -53.44 16.22
CA PHE F 2 -41.83 -53.22 16.40
C PHE F 2 -41.29 -53.83 17.69
N GLU F 3 -41.98 -54.80 18.30
CA GLU F 3 -41.50 -55.35 19.61
C GLU F 3 -40.19 -56.12 19.52
N ARG F 4 -39.87 -56.66 18.33
CA ARG F 4 -38.64 -57.42 18.12
C ARG F 4 -37.43 -56.50 17.91
N ILE F 5 -37.64 -55.19 17.83
CA ILE F 5 -36.50 -54.24 17.66
C ILE F 5 -35.83 -53.84 18.98
N ASP F 6 -34.50 -53.94 19.08
CA ASP F 6 -33.75 -53.72 20.34
C ASP F 6 -33.67 -52.26 20.69
N TYR F 7 -33.61 -51.99 22.00
CA TYR F 7 -33.36 -50.66 22.50
C TYR F 7 -31.97 -50.28 22.08
N TYR F 8 -31.80 -49.03 21.67
CA TYR F 8 -30.46 -48.51 21.44
C TYR F 8 -29.82 -48.00 22.72
N ALA F 9 -28.81 -48.76 23.15
CA ALA F 9 -27.93 -48.43 24.25
C ALA F 9 -27.43 -46.97 24.30
N GLY F 10 -26.83 -46.47 23.21
CA GLY F 10 -26.32 -45.08 23.15
C GLY F 10 -24.81 -45.10 23.18
N ASP F 11 -24.16 -43.98 22.85
CA ASP F 11 -22.71 -43.83 23.10
CA ASP F 11 -22.72 -43.81 23.09
C ASP F 11 -22.58 -43.57 24.60
N PRO F 12 -21.77 -44.41 25.30
CA PRO F 12 -21.87 -44.32 26.77
C PRO F 12 -21.42 -42.95 27.32
N ILE F 13 -20.74 -42.19 26.45
CA ILE F 13 -20.15 -40.87 26.74
C ILE F 13 -21.23 -39.80 26.95
N LEU F 14 -22.33 -39.97 26.24
CA LEU F 14 -23.44 -39.02 26.32
C LEU F 14 -24.19 -39.11 27.68
N GLY F 15 -24.21 -40.29 28.29
CA GLY F 15 -24.92 -40.49 29.57
C GLY F 15 -24.25 -39.86 30.77
N LEU F 16 -22.93 -39.77 30.68
CA LEU F 16 -22.05 -39.07 31.59
C LEU F 16 -22.37 -37.57 31.63
N VAL F 17 -22.84 -37.06 30.51
CA VAL F 17 -23.23 -35.66 30.43
C VAL F 17 -24.44 -35.36 31.29
N GLU F 18 -25.39 -36.30 31.28
CA GLU F 18 -26.61 -36.09 32.05
C GLU F 18 -26.28 -36.29 33.49
N LYS F 19 -25.56 -37.38 33.77
CA LYS F 19 -25.13 -37.69 35.13
C LYS F 19 -24.27 -36.54 35.72
N PHE F 20 -23.54 -35.89 34.83
CA PHE F 20 -22.84 -34.66 35.16
C PHE F 20 -23.84 -33.55 35.46
N ALA F 21 -24.72 -33.28 34.47
CA ALA F 21 -25.75 -32.21 34.52
C ALA F 21 -26.53 -32.32 35.82
N ALA F 22 -26.89 -33.57 36.15
CA ALA F 22 -27.62 -33.96 37.33
C ALA F 22 -26.83 -33.76 38.62
N ASP F 23 -25.56 -34.16 38.66
CA ASP F 23 -24.71 -33.99 39.85
C ASP F 23 -24.78 -32.60 40.52
N ASN F 24 -25.08 -32.60 41.81
CA ASN F 24 -25.26 -31.34 42.53
C ASN F 24 -24.07 -31.02 43.43
N ASN F 25 -22.91 -31.58 43.11
CA ASN F 25 -21.69 -31.02 43.67
C ASN F 25 -21.56 -29.62 43.03
N PRO F 26 -21.16 -28.60 43.81
CA PRO F 26 -21.04 -27.28 43.18
C PRO F 26 -19.70 -27.02 42.47
N ASP F 27 -18.70 -27.88 42.65
CA ASP F 27 -17.32 -27.69 42.09
C ASP F 27 -17.01 -28.63 40.93
N LYS F 28 -18.07 -29.30 40.45
CA LYS F 28 -18.01 -30.28 39.40
C LYS F 28 -17.44 -29.75 38.10
N VAL F 29 -16.64 -30.59 37.44
CA VAL F 29 -15.94 -30.27 36.19
C VAL F 29 -16.14 -31.41 35.21
N ASN F 30 -16.48 -31.08 33.96
CA ASN F 30 -16.74 -32.06 32.87
C ASN F 30 -15.54 -32.10 31.90
N LEU F 31 -14.68 -33.09 32.12
CA LEU F 31 -13.60 -33.43 31.21
C LEU F 31 -13.94 -34.60 30.34
N GLY F 32 -15.22 -34.95 30.33
CA GLY F 32 -15.74 -36.02 29.50
C GLY F 32 -16.22 -35.59 28.12
N ILE F 33 -16.37 -34.29 27.94
CA ILE F 33 -16.87 -33.64 26.71
C ILE F 33 -15.85 -33.72 25.56
N GLY F 34 -16.31 -33.82 24.30
CA GLY F 34 -15.32 -33.89 23.17
C GLY F 34 -15.04 -32.57 22.42
N ILE F 35 -15.10 -31.46 23.15
CA ILE F 35 -15.40 -30.15 22.59
C ILE F 35 -14.31 -29.22 23.06
N TYR F 36 -13.87 -28.25 22.22
CA TYR F 36 -12.93 -27.20 22.64
C TYR F 36 -13.64 -26.10 23.38
N TYR F 37 -13.10 -25.75 24.57
CA TYR F 37 -13.59 -24.66 25.41
C TYR F 37 -12.49 -23.61 25.57
N ASP F 38 -12.82 -22.33 25.52
CA ASP F 38 -11.84 -21.28 25.77
C ASP F 38 -11.40 -21.09 27.25
N GLU F 39 -10.47 -20.17 27.49
CA GLU F 39 -9.98 -19.90 28.87
C GLU F 39 -11.06 -19.62 29.95
N SER F 40 -12.31 -19.43 29.51
CA SER F 40 -13.42 -19.07 30.38
C SER F 40 -14.39 -20.24 30.48
N GLY F 41 -13.99 -21.36 29.88
CA GLY F 41 -14.72 -22.59 30.01
C GLY F 41 -15.93 -22.65 29.09
N VAL F 42 -15.86 -21.96 27.94
CA VAL F 42 -17.06 -21.72 27.11
C VAL F 42 -16.74 -21.98 25.61
N MET F 43 -17.73 -22.41 24.80
CA MET F 43 -17.47 -22.68 23.39
C MET F 43 -17.36 -21.42 22.59
N PRO F 44 -16.19 -21.19 21.96
CA PRO F 44 -16.03 -19.93 21.23
C PRO F 44 -16.63 -19.97 19.85
N VAL F 45 -16.72 -18.77 19.32
CA VAL F 45 -17.12 -18.50 17.98
C VAL F 45 -15.90 -17.77 17.44
N LEU F 46 -15.27 -18.27 16.40
CA LEU F 46 -14.04 -17.61 16.00
C LEU F 46 -14.31 -16.27 15.32
N ASP F 47 -13.52 -15.26 15.69
CA ASP F 47 -13.46 -13.95 15.01
C ASP F 47 -13.72 -14.04 13.53
N CYS F 48 -13.05 -14.98 12.90
CA CYS F 48 -13.08 -15.12 11.46
C CYS F 48 -14.34 -15.79 10.94
N VAL F 49 -14.85 -16.70 11.71
CA VAL F 49 -16.21 -17.17 11.48
C VAL F 49 -17.26 -16.06 11.73
N LYS F 50 -17.08 -15.24 12.74
CA LYS F 50 -18.02 -14.16 12.89
C LYS F 50 -18.10 -13.28 11.64
N ILE F 51 -16.96 -12.94 11.05
CA ILE F 51 -17.00 -12.15 9.84
C ILE F 51 -17.68 -12.95 8.73
N ALA F 52 -17.31 -14.21 8.63
CA ALA F 52 -17.83 -14.94 7.54
C ALA F 52 -19.28 -15.10 7.68
N GLU F 53 -19.79 -15.26 8.89
CA GLU F 53 -21.22 -15.55 8.98
C GLU F 53 -22.07 -14.29 8.74
N GLN F 54 -21.44 -13.17 9.10
CA GLN F 54 -21.90 -11.85 8.75
C GLN F 54 -22.03 -11.66 7.22
N ARG F 55 -21.01 -11.98 6.45
CA ARG F 55 -21.16 -11.72 5.02
C ARG F 55 -22.22 -12.61 4.39
N ILE F 56 -22.43 -13.78 5.00
CA ILE F 56 -23.45 -14.67 4.55
C ILE F 56 -24.83 -14.08 4.84
N ALA F 57 -25.00 -13.39 5.96
CA ALA F 57 -26.30 -12.73 6.22
C ALA F 57 -26.47 -11.35 5.60
N ASP F 58 -25.45 -10.88 4.85
CA ASP F 58 -25.48 -9.59 4.15
C ASP F 58 -25.29 -9.70 2.61
N PRO F 59 -26.40 -9.80 1.83
CA PRO F 59 -27.81 -10.05 2.15
C PRO F 59 -28.06 -11.54 2.35
N ILE F 60 -29.20 -11.86 2.93
CA ILE F 60 -29.70 -13.20 2.86
C ILE F 60 -29.93 -13.54 1.37
N SER F 61 -29.35 -14.66 0.91
CA SER F 61 -29.43 -15.05 -0.50
C SER F 61 -30.27 -16.29 -0.72
N PRO F 62 -30.81 -16.47 -1.95
CA PRO F 62 -31.60 -17.66 -2.29
C PRO F 62 -30.80 -18.89 -1.98
N ARG F 63 -31.42 -19.98 -1.57
CA ARG F 63 -30.64 -21.14 -1.22
C ARG F 63 -30.81 -22.41 -2.06
N PRO F 64 -30.21 -22.42 -3.26
CA PRO F 64 -30.36 -23.67 -4.01
C PRO F 64 -29.53 -24.81 -3.50
N TYR F 65 -29.62 -25.94 -4.21
CA TYR F 65 -28.73 -27.09 -4.02
C TYR F 65 -27.24 -26.81 -4.27
N LEU F 66 -26.37 -27.29 -3.39
CA LEU F 66 -24.94 -27.33 -3.66
C LEU F 66 -24.73 -28.45 -4.61
N PRO F 67 -23.67 -28.35 -5.40
CA PRO F 67 -23.27 -29.54 -6.15
C PRO F 67 -23.02 -30.71 -5.20
N MET F 68 -23.05 -31.93 -5.71
CA MET F 68 -23.08 -33.11 -4.83
C MET F 68 -21.81 -33.20 -4.02
N ALA F 69 -20.75 -32.61 -4.57
CA ALA F 69 -19.41 -32.58 -3.96
C ALA F 69 -19.20 -31.42 -3.09
N GLY F 70 -20.23 -30.62 -2.93
CA GLY F 70 -20.09 -29.38 -2.21
C GLY F 70 -19.46 -28.27 -3.04
N LEU F 71 -19.31 -27.13 -2.41
CA LEU F 71 -18.79 -25.96 -3.03
C LEU F 71 -17.36 -26.14 -3.59
N PRO F 72 -17.15 -25.70 -4.84
CA PRO F 72 -15.78 -25.76 -5.36
C PRO F 72 -14.76 -25.16 -4.36
N GLY F 73 -15.19 -24.18 -3.59
CA GLY F 73 -14.26 -23.47 -2.73
C GLY F 73 -13.86 -24.19 -1.47
N HIS F 74 -14.84 -24.81 -0.86
CA HIS F 74 -14.69 -25.69 0.28
C HIS F 74 -13.69 -26.83 -0.02
N ARG F 75 -14.04 -27.64 -1.02
CA ARG F 75 -13.15 -28.67 -1.56
C ARG F 75 -11.70 -28.21 -1.73
N LYS F 76 -11.51 -27.06 -2.35
CA LYS F 76 -10.19 -26.49 -2.55
C LYS F 76 -9.52 -26.12 -1.22
N GLY F 77 -10.27 -25.47 -0.34
CA GLY F 77 -9.79 -25.16 1.00
C GLY F 77 -9.35 -26.43 1.73
N CYS F 78 -10.15 -27.50 1.70
CA CYS F 78 -9.69 -28.83 2.19
C CYS F 78 -8.38 -29.28 1.63
N GLN F 79 -8.35 -29.37 0.29
CA GLN F 79 -7.21 -29.84 -0.49
C GLN F 79 -5.98 -29.07 -0.11
N GLU F 80 -6.08 -27.76 -0.12
CA GLU F 80 -4.91 -26.96 0.22
C GLU F 80 -4.40 -27.25 1.65
N LEU F 81 -5.33 -27.24 2.60
CA LEU F 81 -5.08 -27.57 3.99
C LEU F 81 -4.41 -28.93 4.17
N LEU F 82 -4.94 -29.96 3.54
CA LEU F 82 -4.31 -31.27 3.58
C LEU F 82 -2.97 -31.40 2.88
N PHE F 83 -2.84 -30.80 1.70
CA PHE F 83 -1.74 -31.15 0.87
C PHE F 83 -0.63 -30.06 0.68
N GLY F 84 -0.94 -28.84 1.04
CA GLY F 84 -0.01 -27.72 0.88
C GLY F 84 -0.61 -26.89 -0.20
N LYS F 85 -0.53 -25.56 -0.09
CA LYS F 85 -1.06 -24.70 -1.14
C LYS F 85 -0.31 -24.98 -2.41
N ASP F 86 -1.02 -25.02 -3.53
CA ASP F 86 -0.42 -25.34 -4.85
C ASP F 86 0.65 -26.48 -4.85
N ALA F 87 0.36 -27.52 -4.10
CA ALA F 87 1.18 -28.72 -4.15
C ALA F 87 1.13 -29.44 -5.53
N PRO F 88 2.25 -30.05 -5.92
CA PRO F 88 2.35 -30.90 -7.09
C PRO F 88 1.10 -31.71 -7.41
N VAL F 89 0.68 -32.49 -6.44
CA VAL F 89 -0.42 -33.42 -6.59
C VAL F 89 -1.72 -32.74 -7.03
N LEU F 90 -1.90 -31.48 -6.60
CA LEU F 90 -3.11 -30.76 -6.89
C LEU F 90 -2.92 -30.16 -8.28
N LYS F 91 -1.77 -29.55 -8.48
CA LYS F 91 -1.36 -29.06 -9.79
C LYS F 91 -1.48 -30.17 -10.82
N ASP F 92 -1.07 -31.38 -10.47
CA ASP F 92 -1.20 -32.49 -11.41
C ASP F 92 -2.65 -33.02 -11.51
N GLY F 93 -3.59 -32.40 -10.78
CA GLY F 93 -5.03 -32.78 -10.77
C GLY F 93 -5.37 -34.20 -10.32
N LEU F 94 -4.65 -34.71 -9.32
CA LEU F 94 -4.69 -36.14 -8.95
C LEU F 94 -5.48 -36.54 -7.66
N VAL F 95 -6.32 -35.63 -7.14
CA VAL F 95 -6.97 -35.86 -5.88
C VAL F 95 -8.47 -35.58 -6.00
N ALA F 96 -9.31 -36.60 -5.82
CA ALA F 96 -10.76 -36.38 -5.89
C ALA F 96 -11.24 -36.00 -4.50
N THR F 97 -11.99 -34.90 -4.39
CA THR F 97 -12.40 -34.28 -3.13
C THR F 97 -13.88 -33.82 -3.21
N ILE F 98 -14.68 -34.29 -2.25
CA ILE F 98 -16.01 -33.80 -2.00
C ILE F 98 -16.03 -33.14 -0.59
N ALA F 99 -16.79 -32.05 -0.44
CA ALA F 99 -17.31 -31.61 0.89
C ALA F 99 -18.14 -32.76 1.47
N THR F 100 -18.11 -32.95 2.78
CA THR F 100 -18.87 -34.01 3.43
C THR F 100 -19.53 -33.45 4.66
N ILE F 101 -20.47 -34.22 5.24
CA ILE F 101 -21.15 -33.86 6.49
C ILE F 101 -20.27 -34.20 7.73
N GLY F 102 -19.31 -33.27 7.96
CA GLY F 102 -18.25 -33.38 8.95
C GLY F 102 -17.30 -34.46 8.53
N GLY F 103 -16.31 -34.72 9.35
CA GLY F 103 -15.45 -35.84 9.09
C GLY F 103 -16.28 -37.10 9.14
N SER F 104 -17.34 -37.10 9.95
CA SER F 104 -18.16 -38.30 10.08
C SER F 104 -18.67 -38.72 8.70
N GLY F 105 -19.22 -37.71 7.99
CA GLY F 105 -19.71 -37.89 6.62
C GLY F 105 -18.63 -38.43 5.69
N ALA F 106 -17.39 -37.98 5.99
CA ALA F 106 -16.22 -38.29 5.15
C ALA F 106 -15.87 -39.81 5.33
N LEU F 107 -15.80 -40.25 6.59
CA LEU F 107 -15.61 -41.67 6.89
C LEU F 107 -16.68 -42.49 6.20
N LYS F 108 -17.91 -42.03 6.27
CA LYS F 108 -19.02 -42.77 5.73
C LYS F 108 -18.93 -43.03 4.25
N VAL F 109 -18.81 -41.92 3.52
CA VAL F 109 -18.79 -42.00 2.07
C VAL F 109 -17.57 -42.85 1.65
N GLY F 110 -16.45 -42.62 2.36
CA GLY F 110 -15.20 -43.36 2.14
C GLY F 110 -15.40 -44.83 2.37
N ALA F 111 -15.88 -45.17 3.58
CA ALA F 111 -16.25 -46.54 3.90
C ALA F 111 -17.17 -47.19 2.80
N GLU F 112 -18.24 -46.50 2.42
CA GLU F 112 -19.10 -47.04 1.38
C GLU F 112 -18.40 -47.26 0.07
N PHE F 113 -17.56 -46.32 -0.30
CA PHE F 113 -16.89 -46.44 -1.56
C PHE F 113 -16.02 -47.70 -1.51
N ILE F 114 -15.41 -47.91 -0.36
CA ILE F 114 -14.45 -48.97 -0.21
C ILE F 114 -15.30 -50.23 -0.23
N HIS F 115 -16.42 -50.22 0.47
CA HIS F 115 -17.24 -51.40 0.46
C HIS F 115 -17.69 -51.77 -0.97
N GLU F 116 -17.83 -50.80 -1.85
CA GLU F 116 -18.28 -51.16 -3.21
C GLU F 116 -17.21 -51.64 -4.18
N TRP F 117 -16.02 -51.05 -4.11
CA TRP F 117 -15.01 -51.26 -5.09
C TRP F 117 -13.80 -51.99 -4.57
N PHE F 118 -13.79 -52.27 -3.27
CA PHE F 118 -12.76 -53.09 -2.63
C PHE F 118 -13.43 -54.01 -1.69
N PRO F 119 -14.36 -54.83 -2.23
CA PRO F 119 -15.26 -55.64 -1.39
C PRO F 119 -14.51 -56.67 -0.56
N GLN F 120 -13.30 -57.00 -0.97
CA GLN F 120 -12.44 -57.96 -0.25
C GLN F 120 -11.55 -57.39 0.93
N SER F 121 -11.54 -56.05 1.04
CA SER F 121 -10.78 -55.27 2.03
C SER F 121 -11.43 -55.31 3.38
N LYS F 122 -10.63 -55.65 4.40
CA LYS F 122 -11.10 -55.50 5.78
C LYS F 122 -10.54 -54.21 6.26
N CYS F 123 -11.07 -53.74 7.36
CA CYS F 123 -10.53 -52.51 7.87
C CYS F 123 -9.95 -52.62 9.30
N TYR F 124 -8.89 -51.91 9.58
CA TYR F 124 -8.35 -51.95 10.91
C TYR F 124 -8.25 -50.61 11.61
N VAL F 125 -8.71 -50.55 12.86
CA VAL F 125 -8.65 -49.33 13.65
C VAL F 125 -7.67 -49.49 14.80
N SER F 126 -7.18 -48.39 15.32
CA SER F 126 -6.24 -48.54 16.41
C SER F 126 -6.96 -49.01 17.71
N ASP F 127 -6.20 -49.72 18.51
CA ASP F 127 -6.56 -50.00 19.87
C ASP F 127 -5.91 -48.96 20.85
N PRO F 128 -6.72 -48.09 21.50
CA PRO F 128 -8.15 -47.92 21.24
C PRO F 128 -8.33 -46.80 20.22
N THR F 129 -9.59 -46.53 19.85
CA THR F 129 -9.89 -45.48 18.94
C THR F 129 -11.22 -44.88 19.31
N TRP F 130 -11.49 -43.71 18.71
CA TRP F 130 -12.79 -43.10 18.61
C TRP F 130 -13.83 -44.11 18.11
N GLY F 131 -14.86 -44.22 18.93
CA GLY F 131 -15.87 -45.29 18.79
C GLY F 131 -16.61 -45.26 17.47
N ASN F 132 -16.91 -44.07 17.01
CA ASN F 132 -17.62 -43.94 15.75
C ASN F 132 -16.84 -44.50 14.51
N HIS F 133 -15.52 -44.56 14.62
CA HIS F 133 -14.74 -45.32 13.62
C HIS F 133 -15.30 -46.73 13.31
N ILE F 134 -15.57 -47.50 14.36
CA ILE F 134 -16.09 -48.85 14.23
C ILE F 134 -17.49 -48.84 13.63
N ALA F 135 -18.43 -48.16 14.33
CA ALA F 135 -19.85 -48.15 13.92
C ALA F 135 -20.00 -47.86 12.43
N ILE F 136 -19.30 -46.78 11.98
CA ILE F 136 -19.32 -46.29 10.62
C ILE F 136 -18.86 -47.37 9.65
N PHE F 137 -17.65 -47.91 9.85
CA PHE F 137 -17.11 -48.97 8.98
C PHE F 137 -17.89 -50.25 9.08
N GLU F 138 -18.18 -50.74 10.32
CA GLU F 138 -19.08 -51.90 10.55
C GLU F 138 -20.42 -51.66 9.87
N GLY F 139 -20.92 -50.43 9.99
CA GLY F 139 -22.17 -50.03 9.33
C GLY F 139 -22.20 -50.11 7.80
N CYS F 140 -21.07 -50.15 7.13
CA CYS F 140 -21.13 -50.37 5.68
C CYS F 140 -21.04 -51.81 5.27
N ASP F 141 -21.00 -52.74 6.24
CA ASP F 141 -20.77 -54.19 6.00
C ASP F 141 -19.35 -54.48 5.69
N ILE F 142 -18.47 -53.64 6.21
CA ILE F 142 -17.08 -53.93 6.15
C ILE F 142 -16.72 -54.71 7.43
N GLU F 143 -15.73 -55.60 7.38
CA GLU F 143 -15.21 -56.19 8.62
C GLU F 143 -14.14 -55.31 9.27
N VAL F 144 -14.24 -55.09 10.57
CA VAL F 144 -13.27 -54.29 11.29
C VAL F 144 -12.49 -55.08 12.32
N GLY F 145 -11.24 -54.74 12.50
CA GLY F 145 -10.46 -55.39 13.57
C GLY F 145 -9.65 -54.27 14.10
N LYS F 146 -8.84 -54.56 15.09
CA LYS F 146 -7.98 -53.50 15.67
C LYS F 146 -6.51 -53.74 15.51
N TYR F 147 -5.75 -52.69 15.49
CA TYR F 147 -4.34 -52.95 15.47
C TYR F 147 -3.79 -52.49 16.82
N PRO F 148 -2.62 -53.00 17.17
CA PRO F 148 -2.02 -52.71 18.44
C PRO F 148 -1.54 -51.31 18.49
N TYR F 149 -2.10 -50.52 19.39
CA TYR F 149 -1.57 -49.19 19.53
C TYR F 149 -1.11 -48.69 20.90
N TYR F 150 -2.02 -48.36 21.80
CA TYR F 150 -1.58 -47.76 23.03
C TYR F 150 -1.14 -48.86 23.95
N ASP F 151 -0.04 -48.59 24.65
CA ASP F 151 0.47 -49.50 25.65
C ASP F 151 0.22 -48.92 27.02
N THR F 152 -0.67 -49.59 27.76
CA THR F 152 -1.00 -49.12 29.10
C THR F 152 0.21 -49.16 30.09
N ALA F 153 1.02 -50.22 29.93
CA ALA F 153 2.25 -50.40 30.69
C ALA F 153 3.28 -49.25 30.53
N THR F 154 3.40 -48.66 29.33
CA THR F 154 4.44 -47.69 29.09
C THR F 154 3.92 -46.28 28.83
N GLY F 155 2.65 -46.14 28.48
CA GLY F 155 2.12 -44.86 28.12
C GLY F 155 2.51 -44.49 26.70
N GLY F 156 2.87 -45.48 25.88
CA GLY F 156 3.51 -45.14 24.62
C GLY F 156 2.90 -46.08 23.66
N ILE F 157 3.47 -46.19 22.46
CA ILE F 157 2.91 -47.02 21.38
C ILE F 157 3.53 -48.43 21.52
N LYS F 158 2.80 -49.50 21.28
CA LYS F 158 3.45 -50.76 21.17
C LYS F 158 4.01 -50.81 19.77
N PHE F 159 5.06 -50.08 19.46
CA PHE F 159 5.41 -49.95 18.05
C PHE F 159 5.68 -51.26 17.28
N ASP F 160 6.41 -52.19 17.88
CA ASP F 160 6.88 -53.36 17.12
C ASP F 160 5.72 -54.30 16.90
N GLU F 161 4.96 -54.52 17.97
CA GLU F 161 3.70 -55.29 17.91
C GLU F 161 2.72 -54.76 16.83
N MET F 162 2.72 -53.46 16.63
CA MET F 162 1.83 -52.82 15.72
C MET F 162 2.41 -53.11 14.35
N ILE F 163 3.69 -52.76 14.14
CA ILE F 163 4.34 -52.99 12.86
C ILE F 163 4.20 -54.47 12.42
N ALA F 164 4.33 -55.38 13.38
CA ALA F 164 4.29 -56.78 13.06
C ALA F 164 2.92 -57.13 12.56
N PHE F 165 1.92 -56.53 13.18
CA PHE F 165 0.57 -56.83 12.79
C PHE F 165 0.30 -56.38 11.33
N PHE F 166 0.87 -55.24 10.92
CA PHE F 166 0.79 -54.82 9.54
C PHE F 166 1.41 -55.85 8.56
N GLU F 167 2.57 -56.41 8.86
CA GLU F 167 3.11 -57.48 8.01
C GLU F 167 2.10 -58.59 7.77
N THR F 168 1.10 -58.74 8.65
CA THR F 168 0.14 -59.84 8.49
C THR F 168 -1.02 -59.54 7.58
N LEU F 169 -1.11 -58.30 7.08
CA LEU F 169 -2.37 -57.91 6.40
C LEU F 169 -2.33 -58.13 4.93
N ASN F 170 -3.51 -58.21 4.32
CA ASN F 170 -3.70 -58.53 2.87
C ASN F 170 -3.67 -57.30 2.02
N LYS F 171 -3.29 -57.47 0.75
CA LYS F 171 -3.33 -56.42 -0.26
C LYS F 171 -4.68 -55.68 -0.22
N ASP F 172 -4.64 -54.36 -0.31
CA ASP F 172 -5.83 -53.53 -0.25
C ASP F 172 -6.61 -53.55 1.08
N ASP F 173 -6.13 -54.27 2.10
CA ASP F 173 -6.67 -54.07 3.45
C ASP F 173 -6.43 -52.59 3.88
N VAL F 174 -7.41 -52.05 4.62
CA VAL F 174 -7.42 -50.65 5.05
C VAL F 174 -6.96 -50.37 6.48
N LEU F 175 -6.06 -49.41 6.64
CA LEU F 175 -5.71 -48.94 7.98
C LEU F 175 -6.38 -47.63 8.20
N LEU F 176 -7.09 -47.57 9.32
CA LEU F 176 -7.63 -46.33 9.78
C LEU F 176 -6.63 -45.59 10.69
N LEU F 177 -5.93 -44.58 10.16
CA LEU F 177 -4.82 -43.94 10.91
C LEU F 177 -5.16 -42.58 11.42
N HIS F 178 -4.47 -42.13 12.48
CA HIS F 178 -4.58 -40.76 13.01
C HIS F 178 -3.28 -40.01 12.78
N PRO F 179 -3.22 -39.12 11.74
CA PRO F 179 -1.94 -38.54 11.34
C PRO F 179 -1.36 -37.63 12.40
N CYS F 180 -2.23 -37.09 13.25
CA CYS F 180 -1.79 -36.39 14.43
C CYS F 180 -2.85 -36.48 15.53
N CYS F 181 -2.49 -36.11 16.76
CA CYS F 181 -3.44 -35.97 17.91
C CYS F 181 -4.36 -37.15 18.10
N HIS F 182 -3.82 -38.23 18.61
CA HIS F 182 -4.63 -39.41 18.72
C HIS F 182 -5.83 -39.25 19.66
N ASN F 183 -6.92 -39.92 19.34
CA ASN F 183 -8.13 -39.90 20.12
C ASN F 183 -8.55 -41.33 20.28
N PRO F 184 -8.76 -41.79 21.50
CA PRO F 184 -8.77 -40.96 22.67
C PRO F 184 -7.41 -40.71 23.39
N THR F 185 -6.29 -41.28 22.97
CA THR F 185 -5.11 -41.26 23.90
C THR F 185 -4.19 -40.01 23.82
N GLY F 186 -4.15 -39.43 22.64
CA GLY F 186 -3.34 -38.27 22.41
C GLY F 186 -1.87 -38.63 22.27
N VAL F 187 -1.54 -39.93 22.26
CA VAL F 187 -0.16 -40.40 22.14
C VAL F 187 0.03 -40.54 20.65
N ASP F 188 1.12 -39.94 20.13
CA ASP F 188 1.40 -39.91 18.65
C ASP F 188 2.59 -40.73 18.12
N LEU F 189 2.60 -41.08 16.83
CA LEU F 189 3.87 -41.49 16.22
C LEU F 189 4.82 -40.29 15.94
N THR F 190 6.14 -40.51 15.99
CA THR F 190 7.16 -39.53 15.59
C THR F 190 7.34 -39.68 14.10
N ARG F 191 8.01 -38.75 13.45
CA ARG F 191 8.06 -38.76 12.00
C ARG F 191 8.71 -40.02 11.51
N GLU F 192 9.80 -40.40 12.16
CA GLU F 192 10.59 -41.57 11.80
C GLU F 192 9.64 -42.76 11.89
N GLN F 193 8.82 -42.81 12.94
CA GLN F 193 7.92 -43.95 13.09
C GLN F 193 6.90 -43.96 11.96
N TRP F 194 6.40 -42.78 11.56
CA TRP F 194 5.54 -42.64 10.39
C TRP F 194 6.21 -43.21 9.17
N ASP F 195 7.48 -42.88 8.97
CA ASP F 195 8.14 -43.31 7.76
C ASP F 195 8.24 -44.82 7.72
N THR F 196 8.69 -45.42 8.83
CA THR F 196 8.67 -46.85 8.95
C THR F 196 7.28 -47.45 8.64
N VAL F 197 6.24 -46.88 9.28
CA VAL F 197 4.83 -47.26 9.04
C VAL F 197 4.49 -47.23 7.55
N LEU F 198 4.77 -46.12 6.88
CA LEU F 198 4.40 -46.02 5.47
C LEU F 198 5.24 -46.97 4.58
N ASN F 199 6.48 -47.25 4.98
CA ASN F 199 7.25 -48.29 4.28
C ASN F 199 6.59 -49.66 4.35
N VAL F 200 6.09 -50.03 5.51
CA VAL F 200 5.31 -51.26 5.62
C VAL F 200 4.03 -51.15 4.80
N ILE F 201 3.36 -50.00 4.86
CA ILE F 201 2.16 -49.81 4.05
C ILE F 201 2.47 -49.95 2.56
N GLN F 202 3.59 -49.41 2.10
CA GLN F 202 3.96 -49.55 0.72
C GLN F 202 4.21 -51.02 0.39
N GLU F 203 5.09 -51.64 1.16
CA GLU F 203 5.49 -52.95 0.75
C GLU F 203 4.39 -54.00 0.88
N ARG F 204 3.49 -53.88 1.87
CA ARG F 204 2.29 -54.76 2.00
C ARG F 204 1.04 -54.29 1.23
N GLU F 205 1.25 -53.33 0.32
CA GLU F 205 0.23 -52.89 -0.64
C GLU F 205 -1.09 -52.51 0.04
N LEU F 206 -0.99 -51.87 1.20
CA LEU F 206 -2.11 -51.56 2.04
C LEU F 206 -2.72 -50.17 1.73
N ILE F 207 -3.94 -49.95 2.20
CA ILE F 207 -4.67 -48.71 1.96
C ILE F 207 -4.70 -47.85 3.22
N PRO F 208 -4.07 -46.72 3.15
CA PRO F 208 -3.92 -45.90 4.30
C PRO F 208 -5.09 -44.97 4.29
N PHE F 209 -5.90 -44.99 5.35
CA PHE F 209 -7.06 -44.09 5.41
C PHE F 209 -6.85 -43.14 6.58
N MET F 210 -6.38 -41.93 6.27
CA MET F 210 -5.97 -40.94 7.32
C MET F 210 -7.12 -40.06 7.65
N ASP F 211 -7.41 -39.95 8.94
CA ASP F 211 -8.57 -39.22 9.46
C ASP F 211 -8.04 -38.12 10.32
N ILE F 212 -8.15 -36.91 9.83
CA ILE F 212 -7.61 -35.81 10.56
C ILE F 212 -8.73 -34.95 11.09
N ALA F 213 -8.88 -34.90 12.39
CA ALA F 213 -9.98 -34.15 12.88
C ALA F 213 -9.47 -33.00 13.71
N TYR F 214 -8.17 -32.86 13.90
CA TYR F 214 -7.66 -31.78 14.76
C TYR F 214 -6.45 -31.12 14.17
N GLN F 215 -6.43 -30.93 12.87
CA GLN F 215 -5.24 -30.38 12.27
C GLN F 215 -4.99 -28.97 12.81
N GLY F 216 -3.75 -28.70 13.21
CA GLY F 216 -3.37 -27.43 13.86
C GLY F 216 -3.25 -27.54 15.38
N PHE F 217 -4.01 -28.46 16.00
CA PHE F 217 -3.94 -28.67 17.45
C PHE F 217 -2.73 -29.44 17.88
N GLY F 218 -1.98 -30.00 16.92
CA GLY F 218 -0.84 -30.87 17.18
C GLY F 218 0.45 -30.11 17.31
N GLU F 219 1.12 -29.84 16.19
CA GLU F 219 2.37 -29.06 16.19
C GLU F 219 2.07 -27.72 15.53
N ASP F 220 1.53 -27.80 14.30
CA ASP F 220 1.05 -26.69 13.46
C ASP F 220 0.42 -27.31 12.19
N MET F 221 -0.27 -26.52 11.35
CA MET F 221 -0.99 -27.08 10.19
C MET F 221 -0.12 -27.97 9.29
N ASP F 222 1.06 -27.50 8.85
CA ASP F 222 1.86 -28.24 7.87
C ASP F 222 2.40 -29.48 8.53
N SER F 223 2.88 -29.33 9.76
N SER F 223 2.91 -29.32 9.76
CA SER F 223 3.51 -30.43 10.46
CA SER F 223 3.52 -30.43 10.51
C SER F 223 2.53 -31.54 10.86
C SER F 223 2.53 -31.54 10.86
N ASP F 224 1.29 -31.20 11.19
CA ASP F 224 0.28 -32.18 11.55
C ASP F 224 -0.05 -33.05 10.37
N ALA F 225 0.27 -32.60 9.18
CA ALA F 225 -0.14 -33.27 7.93
C ALA F 225 0.97 -34.10 7.37
N TYR F 226 1.97 -34.32 8.20
CA TYR F 226 3.19 -34.90 7.76
C TYR F 226 2.89 -36.23 7.12
N ALA F 227 2.21 -37.07 7.88
CA ALA F 227 1.91 -38.40 7.39
C ALA F 227 1.12 -38.39 6.06
N ILE F 228 0.23 -37.39 5.89
CA ILE F 228 -0.57 -37.29 4.69
C ILE F 228 0.34 -36.96 3.53
N ARG F 229 1.07 -35.85 3.63
CA ARG F 229 1.98 -35.41 2.59
C ARG F 229 3.09 -36.41 2.25
N LYS F 230 3.55 -37.15 3.27
CA LYS F 230 4.58 -38.15 3.03
C LYS F 230 4.01 -39.33 2.27
N ALA F 231 2.82 -39.78 2.65
CA ALA F 231 2.13 -40.86 1.93
C ALA F 231 2.00 -40.55 0.45
N VAL F 232 1.76 -39.27 0.17
CA VAL F 232 1.65 -38.78 -1.19
C VAL F 232 2.98 -38.94 -1.93
N ASP F 233 4.07 -38.40 -1.38
CA ASP F 233 5.39 -38.44 -2.08
C ASP F 233 5.73 -39.86 -2.49
N MET F 234 5.26 -40.79 -1.69
CA MET F 234 5.48 -42.21 -1.85
C MET F 234 4.54 -42.77 -2.93
N GLY F 235 3.45 -42.03 -3.20
CA GLY F 235 2.49 -42.39 -4.21
C GLY F 235 1.49 -43.44 -3.75
N LEU F 236 1.24 -43.50 -2.44
CA LEU F 236 0.22 -44.38 -1.91
C LEU F 236 -1.19 -43.88 -2.29
N PRO F 237 -2.21 -44.78 -2.30
CA PRO F 237 -3.60 -44.45 -2.68
C PRO F 237 -4.28 -44.02 -1.42
N LEU F 238 -3.93 -42.82 -1.00
CA LEU F 238 -4.35 -42.36 0.26
C LEU F 238 -5.81 -41.95 0.22
N PHE F 239 -6.57 -42.38 1.23
CA PHE F 239 -7.84 -41.79 1.55
C PHE F 239 -7.62 -40.79 2.67
N VAL F 240 -8.22 -39.59 2.59
CA VAL F 240 -8.17 -38.71 3.75
C VAL F 240 -9.53 -38.16 4.14
N SER F 241 -9.95 -38.41 5.38
CA SER F 241 -11.17 -37.80 5.84
C SER F 241 -10.76 -36.72 6.77
N ASN F 242 -11.38 -35.55 6.63
CA ASN F 242 -11.01 -34.42 7.50
C ASN F 242 -12.20 -33.70 8.03
N SER F 243 -12.00 -33.05 9.18
CA SER F 243 -13.06 -32.38 9.91
C SER F 243 -12.76 -30.95 10.25
N PHE F 244 -13.72 -30.04 10.03
CA PHE F 244 -13.56 -28.69 10.59
C PHE F 244 -14.37 -28.49 11.85
N SER F 245 -14.89 -29.52 12.51
CA SER F 245 -15.75 -29.26 13.67
C SER F 245 -15.01 -28.50 14.78
N LYS F 246 -13.81 -28.95 15.09
CA LYS F 246 -13.07 -28.45 16.27
C LYS F 246 -12.31 -27.16 15.92
N ASN F 247 -11.61 -27.21 14.78
CA ASN F 247 -10.71 -26.14 14.37
C ASN F 247 -11.39 -24.94 13.69
N LEU F 248 -12.64 -25.10 13.28
CA LEU F 248 -13.48 -23.94 13.03
C LEU F 248 -14.45 -23.63 14.19
N SER F 249 -14.45 -24.49 15.21
CA SER F 249 -15.44 -24.48 16.29
C SER F 249 -16.90 -24.39 15.71
N LEU F 250 -17.21 -25.30 14.79
CA LEU F 250 -18.45 -25.30 14.03
C LEU F 250 -19.12 -26.70 14.08
N TYR F 251 -19.13 -27.33 15.24
CA TYR F 251 -19.69 -28.69 15.40
C TYR F 251 -20.99 -28.85 14.63
N GLY F 252 -21.89 -27.89 14.77
CA GLY F 252 -23.25 -28.05 14.38
C GLY F 252 -23.48 -27.99 12.92
N GLU F 253 -22.60 -27.31 12.21
CA GLU F 253 -22.89 -27.04 10.79
C GLU F 253 -22.48 -28.16 9.84
N ARG F 254 -21.65 -29.06 10.33
CA ARG F 254 -21.27 -30.33 9.63
C ARG F 254 -20.30 -30.27 8.49
N VAL F 255 -19.21 -29.58 8.73
CA VAL F 255 -18.25 -29.33 7.68
C VAL F 255 -16.98 -30.14 7.83
N GLY F 256 -16.63 -30.86 6.77
CA GLY F 256 -15.34 -31.59 6.70
C GLY F 256 -15.29 -31.99 5.25
N GLY F 257 -14.30 -32.75 4.81
CA GLY F 257 -14.40 -33.37 3.47
C GLY F 257 -13.69 -34.70 3.34
N LEU F 258 -13.81 -35.33 2.17
CA LEU F 258 -13.09 -36.59 1.89
C LEU F 258 -12.19 -36.45 0.66
N SER F 259 -10.93 -36.87 0.76
CA SER F 259 -10.03 -36.86 -0.42
C SER F 259 -9.51 -38.23 -0.75
N VAL F 260 -9.30 -38.47 -2.03
CA VAL F 260 -8.72 -39.71 -2.47
C VAL F 260 -7.67 -39.39 -3.48
N VAL F 261 -6.45 -39.85 -3.16
CA VAL F 261 -5.24 -39.64 -3.97
C VAL F 261 -5.02 -40.76 -5.01
N CYS F 262 -5.14 -40.30 -6.27
CA CYS F 262 -5.13 -41.11 -7.48
C CYS F 262 -3.76 -41.06 -8.13
N PRO F 263 -3.39 -42.19 -8.82
CA PRO F 263 -2.17 -42.33 -9.64
C PRO F 263 -2.25 -41.53 -10.95
N THR F 264 -3.42 -41.48 -11.60
CA THR F 264 -3.56 -40.69 -12.79
C THR F 264 -4.80 -39.88 -12.79
N VAL F 265 -4.85 -38.98 -13.76
CA VAL F 265 -6.02 -38.16 -14.00
C VAL F 265 -7.26 -39.00 -14.30
N ASP F 266 -7.08 -40.04 -15.10
CA ASP F 266 -8.22 -40.87 -15.46
C ASP F 266 -8.91 -41.47 -14.21
N GLU F 267 -8.09 -41.87 -13.27
CA GLU F 267 -8.61 -42.47 -12.07
C GLU F 267 -9.25 -41.43 -11.17
N THR F 268 -8.66 -40.24 -11.06
CA THR F 268 -9.29 -39.20 -10.28
C THR F 268 -10.72 -39.05 -10.78
N GLU F 269 -10.89 -39.03 -12.10
CA GLU F 269 -12.20 -38.93 -12.72
C GLU F 269 -13.15 -40.08 -12.30
N ARG F 270 -12.66 -41.31 -12.41
CA ARG F 270 -13.39 -42.53 -11.96
C ARG F 270 -13.81 -42.51 -10.49
N VAL F 271 -12.84 -42.36 -9.61
CA VAL F 271 -13.11 -42.23 -8.20
C VAL F 271 -14.10 -41.07 -7.90
N PHE F 272 -13.90 -39.91 -8.54
CA PHE F 272 -14.67 -38.72 -8.17
C PHE F 272 -16.09 -38.95 -8.50
N GLY F 273 -16.31 -39.48 -9.69
CA GLY F 273 -17.67 -39.84 -10.15
C GLY F 273 -18.45 -40.75 -9.20
N GLN F 274 -17.80 -41.83 -8.79
CA GLN F 274 -18.40 -42.76 -7.86
C GLN F 274 -18.64 -42.11 -6.47
N LEU F 275 -17.78 -41.15 -6.08
CA LEU F 275 -17.94 -40.46 -4.81
C LEU F 275 -19.24 -39.65 -4.92
N ASN F 276 -19.34 -38.95 -6.02
CA ASN F 276 -20.60 -38.33 -6.38
C ASN F 276 -21.81 -39.27 -6.33
N SER F 277 -21.72 -40.45 -6.93
CA SER F 277 -22.83 -41.35 -6.92
C SER F 277 -23.17 -41.81 -5.48
N THR F 278 -22.12 -42.07 -4.69
CA THR F 278 -22.27 -42.42 -3.27
C THR F 278 -23.01 -41.33 -2.48
N VAL F 279 -22.65 -40.09 -2.75
CA VAL F 279 -23.35 -39.00 -2.07
C VAL F 279 -24.81 -38.98 -2.48
N ARG F 280 -25.05 -39.19 -3.77
CA ARG F 280 -26.36 -39.05 -4.27
C ARG F 280 -27.29 -40.00 -3.55
N ARG F 281 -26.81 -41.19 -3.19
CA ARG F 281 -27.71 -42.14 -2.55
C ARG F 281 -27.70 -42.14 -1.05
N ILE F 282 -26.89 -41.29 -0.43
CA ILE F 282 -27.01 -41.09 1.03
C ILE F 282 -27.84 -39.86 1.36
N TYR F 283 -27.45 -38.70 0.84
CA TYR F 283 -28.05 -37.46 1.33
C TYR F 283 -28.20 -36.38 0.28
N SER F 284 -27.84 -36.70 -0.97
CA SER F 284 -28.00 -35.79 -2.11
C SER F 284 -27.00 -34.69 -2.31
N SER F 285 -26.87 -33.80 -1.33
CA SER F 285 -25.96 -32.65 -1.44
C SER F 285 -25.79 -32.09 -0.07
N PRO F 286 -24.62 -31.49 0.21
CA PRO F 286 -24.36 -31.20 1.59
C PRO F 286 -24.94 -29.88 2.06
N PRO F 287 -24.88 -29.58 3.38
CA PRO F 287 -25.51 -28.31 3.79
C PRO F 287 -24.75 -27.03 3.34
N SER F 288 -25.52 -26.09 2.80
CA SER F 288 -25.02 -24.85 2.28
C SER F 288 -24.40 -23.92 3.32
N HIS F 289 -25.06 -23.73 4.44
CA HIS F 289 -24.50 -22.83 5.39
C HIS F 289 -23.04 -23.13 5.67
N GLY F 290 -22.72 -24.40 5.94
CA GLY F 290 -21.44 -24.74 6.56
C GLY F 290 -20.38 -24.58 5.52
N GLY F 291 -20.65 -25.20 4.38
CA GLY F 291 -19.91 -24.96 3.15
C GLY F 291 -19.49 -23.52 2.86
N ARG F 292 -20.42 -22.56 2.93
CA ARG F 292 -20.12 -21.19 2.59
C ARG F 292 -19.13 -20.64 3.60
N VAL F 293 -19.35 -21.01 4.86
CA VAL F 293 -18.51 -20.50 5.92
C VAL F 293 -17.08 -20.92 5.64
N VAL F 294 -16.97 -22.16 5.24
CA VAL F 294 -15.67 -22.75 4.96
C VAL F 294 -15.08 -22.12 3.72
N ASP F 295 -15.83 -22.11 2.61
CA ASP F 295 -15.39 -21.43 1.40
C ASP F 295 -14.88 -20.01 1.77
N ILE F 296 -15.64 -19.28 2.60
CA ILE F 296 -15.27 -17.96 2.93
C ILE F 296 -13.99 -17.85 3.74
N VAL F 297 -13.85 -18.59 4.81
CA VAL F 297 -12.61 -18.45 5.56
C VAL F 297 -11.40 -18.94 4.79
N MET F 298 -11.51 -20.08 4.15
CA MET F 298 -10.34 -20.71 3.59
C MET F 298 -9.78 -19.94 2.42
N ASN F 299 -10.64 -19.25 1.68
CA ASN F 299 -10.22 -18.59 0.47
C ASN F 299 -9.91 -17.09 0.57
N ASP F 300 -10.49 -16.38 1.54
CA ASP F 300 -10.14 -15.01 1.81
C ASP F 300 -8.85 -14.96 2.62
N ALA F 301 -7.73 -14.59 1.95
CA ALA F 301 -6.35 -14.54 2.49
C ALA F 301 -6.24 -14.05 3.93
N ALA F 302 -6.77 -12.85 4.18
CA ALA F 302 -6.78 -12.25 5.50
C ALA F 302 -7.52 -13.10 6.52
N LEU F 303 -8.66 -13.66 6.10
CA LEU F 303 -9.52 -14.52 6.97
C LEU F 303 -8.81 -15.88 7.24
N HIS F 304 -8.25 -16.48 6.20
CA HIS F 304 -7.40 -17.64 6.32
C HIS F 304 -6.27 -17.33 7.28
N GLU F 305 -5.66 -16.15 7.19
CA GLU F 305 -4.56 -15.84 8.13
C GLU F 305 -5.03 -15.70 9.61
N GLN F 306 -6.08 -14.94 9.84
CA GLN F 306 -6.67 -14.81 11.17
C GLN F 306 -6.93 -16.16 11.78
N TRP F 307 -7.55 -17.03 10.96
CA TRP F 307 -8.12 -18.33 11.38
C TRP F 307 -6.98 -19.14 11.94
N VAL F 308 -5.92 -19.27 11.14
CA VAL F 308 -4.79 -20.07 11.56
C VAL F 308 -4.28 -19.50 12.86
N GLY F 309 -4.40 -18.19 13.04
CA GLY F 309 -3.97 -17.58 14.28
C GLY F 309 -4.78 -18.04 15.48
N GLU F 310 -6.10 -18.04 15.30
CA GLU F 310 -7.00 -18.60 16.31
C GLU F 310 -6.82 -20.10 16.60
N VAL F 311 -6.53 -20.93 15.59
CA VAL F 311 -6.23 -22.35 15.86
C VAL F 311 -4.98 -22.50 16.71
N TYR F 312 -3.92 -21.79 16.35
CA TYR F 312 -2.69 -21.89 17.18
C TYR F 312 -2.88 -21.35 18.63
N ALA F 313 -3.74 -20.33 18.80
CA ALA F 313 -4.07 -19.85 20.14
C ALA F 313 -4.69 -21.01 20.95
N MET F 314 -5.67 -21.72 20.37
CA MET F 314 -6.25 -22.94 21.00
C MET F 314 -5.24 -24.08 21.28
N ARG F 315 -4.52 -24.49 20.23
CA ARG F 315 -3.35 -25.34 20.35
C ARG F 315 -2.48 -24.91 21.54
N ASP F 316 -2.16 -23.62 21.62
CA ASP F 316 -1.32 -23.11 22.69
C ASP F 316 -1.97 -23.18 24.05
N ARG F 317 -3.28 -23.02 24.11
CA ARG F 317 -3.93 -22.93 25.41
C ARG F 317 -3.90 -24.27 26.01
N ILE F 318 -4.15 -25.25 25.14
CA ILE F 318 -4.20 -26.64 25.55
C ILE F 318 -2.83 -27.04 26.08
N LYS F 319 -1.78 -26.62 25.35
CA LYS F 319 -0.41 -26.96 25.75
C LYS F 319 -0.10 -26.42 27.13
N SER F 320 -0.65 -25.25 27.42
CA SER F 320 -0.33 -24.65 28.68
C SER F 320 -1.11 -25.39 29.75
N MET F 321 -2.26 -25.93 29.47
CA MET F 321 -2.98 -26.69 30.51
C MET F 321 -2.31 -27.99 30.79
N ARG F 322 -1.72 -28.58 29.73
CA ARG F 322 -0.92 -29.80 29.88
C ARG F 322 0.27 -29.59 30.83
N THR F 323 1.01 -28.51 30.55
CA THR F 323 2.20 -28.13 31.24
C THR F 323 1.83 -27.77 32.65
N LYS F 324 0.80 -26.94 32.81
CA LYS F 324 0.29 -26.57 34.11
C LYS F 324 -0.18 -27.79 34.94
N LEU F 325 -0.95 -28.69 34.33
CA LEU F 325 -1.33 -29.93 34.98
C LEU F 325 -0.13 -30.74 35.49
N LYS F 326 0.89 -30.88 34.68
CA LYS F 326 2.00 -31.79 34.99
C LYS F 326 2.78 -31.32 36.16
N SER F 327 3.10 -30.01 36.16
CA SER F 327 3.54 -29.29 37.36
C SER F 327 2.94 -29.82 38.66
N VAL F 328 1.62 -29.83 38.75
CA VAL F 328 1.12 -30.15 40.02
C VAL F 328 1.32 -31.60 40.39
N LEU F 329 1.18 -32.49 39.41
CA LEU F 329 1.34 -33.93 39.67
C LEU F 329 2.80 -34.38 40.00
N GLU F 330 3.73 -33.84 39.23
CA GLU F 330 5.16 -33.93 39.51
C GLU F 330 5.56 -33.33 40.88
N ALA F 331 5.01 -32.20 41.27
CA ALA F 331 5.40 -31.61 42.51
C ALA F 331 4.89 -32.44 43.73
N LYS F 332 3.70 -33.06 43.62
CA LYS F 332 3.14 -33.62 44.85
C LYS F 332 3.28 -35.12 44.86
N ILE F 333 3.61 -35.68 43.69
CA ILE F 333 4.00 -37.06 43.57
C ILE F 333 5.42 -37.16 42.97
N SER F 334 6.44 -37.02 43.83
CA SER F 334 7.82 -36.81 43.37
C SER F 334 8.43 -37.99 42.59
N GLY F 335 8.00 -39.19 42.95
CA GLY F 335 8.63 -40.41 42.50
C GLY F 335 8.06 -40.94 41.23
N ARG F 336 7.07 -40.22 40.70
CA ARG F 336 6.42 -40.68 39.52
C ARG F 336 6.67 -39.73 38.36
N ASN F 337 6.63 -40.34 37.17
CA ASN F 337 6.96 -39.66 35.97
C ASN F 337 5.70 -39.41 35.15
N PHE F 338 5.65 -38.21 34.57
CA PHE F 338 4.46 -37.73 33.97
C PHE F 338 4.68 -37.06 32.61
N ASP F 339 5.81 -37.33 31.95
CA ASP F 339 6.14 -36.63 30.73
C ASP F 339 5.13 -36.93 29.64
N TYR F 340 4.41 -38.07 29.81
CA TYR F 340 3.32 -38.43 28.89
C TYR F 340 2.27 -37.32 28.83
N LEU F 341 1.98 -36.61 29.94
CA LEU F 341 1.03 -35.48 29.86
C LEU F 341 1.50 -34.40 28.90
N THR F 342 2.77 -34.32 28.63
CA THR F 342 3.13 -33.28 27.65
C THR F 342 3.75 -33.85 26.39
N ALA F 343 4.12 -35.12 26.42
CA ALA F 343 4.50 -35.78 25.19
C ALA F 343 3.22 -36.01 24.32
N GLN F 344 2.05 -36.11 24.94
CA GLN F 344 0.80 -36.27 24.22
C GLN F 344 0.43 -35.01 23.46
N ASN F 345 -0.36 -35.20 22.42
CA ASN F 345 -0.89 -34.06 21.64
C ASN F 345 -2.36 -33.97 21.37
N GLY F 346 -2.85 -32.74 21.30
CA GLY F 346 -4.24 -32.50 20.87
C GLY F 346 -5.15 -32.39 22.07
N MET F 347 -6.45 -32.47 21.85
CA MET F 347 -7.41 -32.26 22.95
C MET F 347 -7.50 -33.36 23.98
N PHE F 348 -7.04 -34.55 23.65
CA PHE F 348 -7.36 -35.66 24.50
C PHE F 348 -6.10 -36.15 25.12
N SER F 349 -6.30 -36.84 26.25
CA SER F 349 -5.25 -37.41 27.05
C SER F 349 -5.77 -38.63 27.77
N PHE F 350 -5.07 -39.77 27.60
CA PHE F 350 -5.21 -40.90 28.54
C PHE F 350 -4.35 -40.53 29.71
N THR F 351 -5.05 -40.14 30.77
CA THR F 351 -4.44 -39.69 32.02
C THR F 351 -3.64 -40.81 32.73
N GLY F 352 -3.90 -42.05 32.32
CA GLY F 352 -3.32 -43.19 33.01
C GLY F 352 -3.95 -43.47 34.36
N LEU F 353 -5.10 -42.85 34.68
CA LEU F 353 -5.88 -43.20 35.89
C LEU F 353 -6.48 -44.64 35.79
N THR F 354 -6.48 -45.38 36.91
CA THR F 354 -7.16 -46.70 36.93
C THR F 354 -8.66 -46.42 36.92
N PRO F 355 -9.46 -47.30 36.29
CA PRO F 355 -10.91 -47.02 36.23
C PRO F 355 -11.58 -46.73 37.62
N GLU F 356 -11.07 -47.38 38.68
CA GLU F 356 -11.45 -47.19 40.09
C GLU F 356 -11.08 -45.78 40.50
N GLN F 357 -9.89 -45.32 40.10
CA GLN F 357 -9.47 -43.93 40.34
C GLN F 357 -10.40 -42.94 39.63
N VAL F 358 -10.90 -43.23 38.42
CA VAL F 358 -11.79 -42.30 37.72
C VAL F 358 -13.14 -42.13 38.45
N GLU F 359 -13.74 -43.25 38.86
CA GLU F 359 -14.96 -43.24 39.69
CA GLU F 359 -14.97 -43.19 39.68
C GLU F 359 -14.82 -42.36 40.99
N ARG F 360 -13.68 -42.49 41.71
CA ARG F 360 -13.43 -41.81 43.01
C ARG F 360 -13.37 -40.35 42.77
N LEU F 361 -12.84 -39.99 41.61
CA LEU F 361 -12.78 -38.63 41.19
C LEU F 361 -14.20 -38.07 41.00
N GLN F 362 -15.03 -38.80 40.27
CA GLN F 362 -16.46 -38.54 40.11
C GLN F 362 -17.25 -38.44 41.43
N SER F 363 -17.17 -39.52 42.21
CA SER F 363 -17.96 -39.63 43.44
C SER F 363 -17.46 -38.65 44.52
N GLU F 364 -16.14 -38.50 44.68
CA GLU F 364 -15.59 -37.70 45.78
C GLU F 364 -15.37 -36.24 45.38
N PHE F 365 -15.18 -35.97 44.07
CA PHE F 365 -14.90 -34.59 43.55
C PHE F 365 -15.86 -33.92 42.50
N GLY F 366 -16.69 -34.66 41.80
CA GLY F 366 -17.57 -34.03 40.83
C GLY F 366 -16.86 -33.80 39.50
N ILE F 367 -15.80 -34.54 39.23
CA ILE F 367 -15.04 -34.33 38.02
C ILE F 367 -15.20 -35.57 37.19
N TYR F 368 -15.50 -35.34 35.91
CA TYR F 368 -15.87 -36.41 35.00
C TYR F 368 -14.83 -36.69 33.89
N MET F 369 -14.23 -37.87 33.89
CA MET F 369 -13.46 -38.33 32.79
C MET F 369 -14.06 -39.63 32.31
N ILE F 370 -13.59 -40.14 31.17
CA ILE F 370 -14.05 -41.42 30.66
C ILE F 370 -13.31 -42.56 31.39
N SER F 371 -14.02 -43.64 31.61
CA SER F 371 -13.53 -44.75 32.34
C SER F 371 -12.17 -45.35 31.84
N ASN F 372 -11.90 -45.23 30.54
CA ASN F 372 -10.61 -45.65 29.95
C ASN F 372 -9.46 -44.69 30.28
N SER F 373 -9.77 -43.71 31.13
CA SER F 373 -8.88 -42.64 31.59
C SER F 373 -8.84 -41.45 30.64
N ARG F 374 -9.76 -41.36 29.67
CA ARG F 374 -9.73 -40.21 28.79
C ARG F 374 -10.13 -38.91 29.44
N MET F 375 -9.31 -37.88 29.25
CA MET F 375 -9.58 -36.53 29.77
C MET F 375 -9.67 -35.61 28.60
N CYS F 376 -10.62 -34.66 28.59
CA CYS F 376 -10.54 -33.69 27.50
C CYS F 376 -9.84 -32.44 27.99
N VAL F 377 -8.63 -32.21 27.47
CA VAL F 377 -7.74 -31.23 28.08
C VAL F 377 -8.32 -29.87 27.99
N ALA F 378 -9.11 -29.63 26.94
CA ALA F 378 -9.59 -28.29 26.63
C ALA F 378 -10.58 -27.94 27.71
N GLY F 379 -11.07 -28.98 28.41
CA GLY F 379 -12.01 -28.82 29.54
C GLY F 379 -11.44 -28.03 30.72
N LEU F 380 -10.11 -28.10 30.88
CA LEU F 380 -9.31 -27.40 31.88
C LEU F 380 -8.98 -25.96 31.49
N ASN F 381 -8.94 -25.10 32.53
CA ASN F 381 -8.52 -23.69 32.37
C ASN F 381 -8.07 -23.15 33.73
N SER F 382 -7.64 -21.89 33.78
CA SER F 382 -7.00 -21.47 34.99
C SER F 382 -7.91 -21.36 36.17
N SER F 383 -9.21 -21.48 35.96
CA SER F 383 -10.03 -21.40 37.12
C SER F 383 -10.32 -22.78 37.70
N ASN F 384 -10.07 -23.84 36.94
CA ASN F 384 -10.35 -25.16 37.54
C ASN F 384 -9.16 -26.01 37.60
N ILE F 385 -8.04 -25.56 37.06
CA ILE F 385 -6.91 -26.44 36.92
C ILE F 385 -6.41 -26.93 38.25
N ASP F 386 -6.21 -26.01 39.20
CA ASP F 386 -5.65 -26.33 40.48
C ASP F 386 -6.58 -27.30 41.23
N TYR F 387 -7.89 -27.08 41.10
CA TYR F 387 -8.81 -27.96 41.73
C TYR F 387 -8.68 -29.40 41.13
N VAL F 388 -8.57 -29.46 39.81
CA VAL F 388 -8.59 -30.73 39.14
C VAL F 388 -7.29 -31.43 39.40
N ALA F 389 -6.17 -30.70 39.45
CA ALA F 389 -4.88 -31.34 39.58
C ALA F 389 -4.78 -31.91 40.96
N ASN F 390 -5.19 -31.14 41.96
CA ASN F 390 -5.11 -31.65 43.35
C ASN F 390 -6.06 -32.76 43.57
N ALA F 391 -7.20 -32.72 42.88
CA ALA F 391 -8.17 -33.77 43.01
C ALA F 391 -7.48 -35.03 42.51
N MET F 392 -6.72 -34.86 41.42
CA MET F 392 -5.99 -35.97 40.81
C MET F 392 -4.93 -36.50 41.74
N VAL F 393 -4.14 -35.60 42.32
CA VAL F 393 -3.11 -35.96 43.25
C VAL F 393 -3.74 -36.87 44.32
N ASP F 394 -4.91 -36.48 44.82
CA ASP F 394 -5.56 -37.15 45.94
C ASP F 394 -5.89 -38.58 45.55
N VAL F 395 -6.61 -38.64 44.44
CA VAL F 395 -7.06 -39.89 43.87
C VAL F 395 -5.90 -40.79 43.39
N LEU F 396 -4.71 -40.25 43.19
CA LEU F 396 -3.56 -41.08 42.83
C LEU F 396 -2.74 -41.60 44.01
N LYS F 397 -2.77 -40.90 45.13
CA LYS F 397 -1.76 -41.11 46.19
C LYS F 397 -1.93 -42.42 46.96
N ASP F 398 -3.19 -42.80 47.17
CA ASP F 398 -3.47 -44.07 47.85
C ASP F 398 -4.36 -45.01 47.01
N MET G 1 30.68 -38.69 -53.47
CA MET G 1 29.90 -38.82 -52.22
C MET G 1 28.41 -38.82 -52.55
N PHE G 2 27.98 -37.80 -53.27
CA PHE G 2 26.57 -37.54 -53.49
C PHE G 2 26.09 -37.76 -54.92
N GLU G 3 26.71 -38.65 -55.66
CA GLU G 3 26.46 -38.65 -57.07
C GLU G 3 25.24 -39.44 -57.45
N ARG G 4 24.89 -40.41 -56.60
CA ARG G 4 23.73 -41.26 -56.75
CA ARG G 4 23.69 -41.22 -56.85
C ARG G 4 22.48 -40.61 -56.15
N ILE G 5 22.46 -39.27 -56.03
CA ILE G 5 21.27 -38.63 -55.53
C ILE G 5 20.56 -37.95 -56.67
N ASP G 6 19.27 -38.20 -56.81
CA ASP G 6 18.57 -37.70 -58.00
C ASP G 6 18.29 -36.23 -57.90
N TYR G 7 18.56 -35.52 -58.99
CA TYR G 7 18.19 -34.11 -59.13
C TYR G 7 16.72 -33.98 -58.85
N TYR G 8 16.37 -33.05 -57.98
CA TYR G 8 14.99 -32.83 -57.56
C TYR G 8 14.14 -32.17 -58.62
N ALA G 9 13.05 -32.84 -58.96
CA ALA G 9 12.21 -32.48 -60.10
C ALA G 9 11.69 -31.05 -60.17
N GLY G 10 11.07 -30.54 -59.10
CA GLY G 10 10.22 -29.40 -59.30
C GLY G 10 10.05 -28.36 -58.26
N ASP G 11 10.50 -27.17 -58.61
CA ASP G 11 9.95 -25.99 -58.06
C ASP G 11 8.99 -25.62 -59.19
N PRO G 12 7.78 -26.26 -59.25
CA PRO G 12 6.92 -25.93 -60.42
C PRO G 12 6.49 -24.44 -60.33
N ILE G 13 6.39 -24.02 -59.07
CA ILE G 13 6.09 -22.67 -58.62
C ILE G 13 7.16 -21.62 -58.95
N LEU G 14 8.43 -21.96 -58.71
CA LEU G 14 9.53 -21.03 -58.97
C LEU G 14 9.83 -20.99 -60.45
N GLY G 15 9.60 -22.13 -61.13
CA GLY G 15 9.75 -22.28 -62.58
C GLY G 15 8.73 -21.44 -63.33
N LEU G 16 7.59 -21.23 -62.70
CA LEU G 16 6.60 -20.36 -63.28
C LEU G 16 6.79 -18.88 -62.91
N VAL G 17 7.30 -18.62 -61.71
CA VAL G 17 7.75 -17.28 -61.28
C VAL G 17 8.92 -16.77 -62.17
N GLU G 18 9.92 -17.63 -62.40
CA GLU G 18 11.06 -17.23 -63.19
C GLU G 18 10.65 -16.95 -64.64
N LYS G 19 9.82 -17.83 -65.21
CA LYS G 19 9.44 -17.73 -66.63
C LYS G 19 8.51 -16.57 -66.96
N PHE G 20 7.52 -16.32 -66.09
CA PHE G 20 6.69 -15.12 -66.22
C PHE G 20 7.55 -13.85 -66.15
N ALA G 21 8.44 -13.76 -65.15
CA ALA G 21 9.28 -12.58 -64.95
C ALA G 21 10.10 -12.22 -66.20
N ALA G 22 10.73 -13.23 -66.82
CA ALA G 22 11.49 -13.06 -68.08
C ALA G 22 10.64 -12.67 -69.31
N ASP G 23 9.45 -13.28 -69.42
CA ASP G 23 8.50 -13.05 -70.51
C ASP G 23 8.35 -11.57 -70.85
N ASN G 24 8.69 -11.20 -72.10
CA ASN G 24 8.89 -9.82 -72.51
C ASN G 24 7.65 -9.11 -73.09
N ASN G 25 6.54 -9.83 -73.19
CA ASN G 25 5.21 -9.23 -73.50
C ASN G 25 4.89 -8.17 -72.43
N PRO G 26 4.51 -6.94 -72.82
CA PRO G 26 4.29 -6.05 -71.68
C PRO G 26 2.94 -6.29 -71.02
N ASP G 27 2.01 -6.95 -71.72
CA ASP G 27 0.61 -7.06 -71.28
C ASP G 27 0.30 -8.35 -70.45
N LYS G 28 1.35 -9.03 -70.02
CA LYS G 28 1.22 -10.31 -69.32
C LYS G 28 0.51 -10.26 -67.99
N VAL G 29 -0.20 -11.33 -67.63
CA VAL G 29 -0.80 -11.47 -66.32
C VAL G 29 -0.39 -12.78 -65.68
N ASN G 30 -0.07 -12.72 -64.38
CA ASN G 30 0.27 -13.89 -63.62
C ASN G 30 -0.84 -14.47 -62.73
N LEU G 31 -1.47 -15.58 -63.13
CA LEU G 31 -2.46 -16.23 -62.25
C LEU G 31 -2.08 -17.59 -61.75
N GLY G 32 -0.78 -17.87 -61.75
CA GLY G 32 -0.19 -19.17 -61.36
C GLY G 32 0.26 -19.27 -59.90
N ILE G 33 0.64 -18.13 -59.32
CA ILE G 33 0.84 -17.98 -57.87
C ILE G 33 -0.45 -18.27 -57.08
N GLY G 34 -0.32 -18.88 -55.91
CA GLY G 34 -1.48 -18.95 -55.04
C GLY G 34 -1.48 -18.02 -53.85
N ILE G 35 -1.56 -16.70 -54.07
CA ILE G 35 -1.64 -15.73 -52.94
C ILE G 35 -2.57 -14.56 -53.24
N TYR G 36 -3.13 -13.98 -52.18
CA TYR G 36 -4.02 -12.82 -52.30
C TYR G 36 -3.32 -11.47 -52.52
N TYR G 37 -3.78 -10.82 -53.58
CA TYR G 37 -3.27 -9.57 -54.04
C TYR G 37 -4.47 -8.62 -54.01
N ASP G 38 -4.25 -7.38 -53.57
CA ASP G 38 -5.34 -6.40 -53.51
C ASP G 38 -5.64 -5.73 -54.85
N GLU G 39 -6.42 -4.66 -54.81
CA GLU G 39 -7.03 -4.00 -55.99
C GLU G 39 -6.05 -3.51 -57.05
N SER G 40 -4.83 -3.25 -56.60
CA SER G 40 -3.75 -2.78 -57.47
C SER G 40 -2.74 -3.87 -57.73
N GLY G 41 -3.14 -5.10 -57.44
CA GLY G 41 -2.28 -6.27 -57.59
C GLY G 41 -1.00 -6.39 -56.71
N VAL G 42 -0.99 -5.81 -55.51
CA VAL G 42 0.13 -6.06 -54.61
C VAL G 42 -0.36 -6.78 -53.35
N MET G 43 0.59 -7.39 -52.62
CA MET G 43 0.28 -8.09 -51.37
C MET G 43 -0.02 -7.14 -50.19
N PRO G 44 -1.17 -7.37 -49.53
CA PRO G 44 -1.67 -6.38 -48.56
C PRO G 44 -1.04 -6.49 -47.17
N VAL G 45 -1.20 -5.45 -46.34
CA VAL G 45 -0.84 -5.53 -44.92
C VAL G 45 -2.02 -5.18 -44.04
N LEU G 46 -2.70 -6.18 -43.49
CA LEU G 46 -3.91 -5.92 -42.70
C LEU G 46 -3.80 -4.97 -41.51
N ASP G 47 -4.64 -3.96 -41.59
CA ASP G 47 -4.65 -2.90 -40.63
C ASP G 47 -4.54 -3.31 -39.21
N CYS G 48 -5.31 -4.32 -38.84
CA CYS G 48 -5.16 -5.05 -37.56
C CYS G 48 -3.75 -5.65 -37.32
N VAL G 49 -3.08 -6.08 -38.39
CA VAL G 49 -1.78 -6.72 -38.28
C VAL G 49 -0.71 -5.64 -37.96
N LYS G 50 -0.79 -4.54 -38.69
CA LYS G 50 0.10 -3.43 -38.45
C LYS G 50 0.04 -3.08 -36.95
N ILE G 51 -1.16 -3.16 -36.37
CA ILE G 51 -1.33 -2.73 -35.01
C ILE G 51 -0.66 -3.71 -34.08
N ALA G 52 -0.89 -4.98 -34.32
CA ALA G 52 -0.21 -5.99 -33.52
C ALA G 52 1.31 -5.85 -33.58
N GLU G 53 1.86 -5.68 -34.78
CA GLU G 53 3.29 -5.57 -34.94
C GLU G 53 3.85 -4.32 -34.30
N GLN G 54 3.09 -3.23 -34.39
CA GLN G 54 3.46 -2.03 -33.64
C GLN G 54 3.51 -2.30 -32.11
N ARG G 55 2.56 -3.07 -31.59
CA ARG G 55 2.68 -3.45 -30.18
C ARG G 55 3.88 -4.36 -29.83
N ILE G 56 4.26 -5.28 -30.74
CA ILE G 56 5.47 -6.15 -30.59
C ILE G 56 6.79 -5.36 -30.54
N ALA G 57 6.94 -4.41 -31.44
CA ALA G 57 8.01 -3.40 -31.41
C ALA G 57 7.98 -2.34 -30.25
N ASP G 58 6.88 -2.27 -29.49
CA ASP G 58 6.70 -1.27 -28.39
C ASP G 58 6.36 -1.90 -27.05
N PRO G 59 7.40 -2.33 -26.27
CA PRO G 59 8.81 -2.17 -26.57
C PRO G 59 9.35 -3.48 -27.12
N ILE G 60 10.44 -3.38 -27.86
CA ILE G 60 11.19 -4.55 -28.35
C ILE G 60 11.65 -5.39 -27.13
N SER G 61 11.22 -6.66 -27.05
CA SER G 61 11.36 -7.51 -25.84
C SER G 61 12.29 -8.75 -25.97
N PRO G 62 12.87 -9.26 -24.83
CA PRO G 62 13.59 -10.56 -24.84
C PRO G 62 12.74 -11.67 -25.48
N ARG G 63 13.42 -12.68 -25.99
CA ARG G 63 12.84 -13.59 -26.91
C ARG G 63 13.15 -15.02 -26.43
N PRO G 64 12.54 -15.45 -25.30
CA PRO G 64 12.86 -16.80 -24.88
C PRO G 64 12.24 -17.80 -25.84
N TYR G 65 12.48 -19.08 -25.68
CA TYR G 65 11.79 -20.04 -26.54
C TYR G 65 10.34 -20.01 -26.18
N LEU G 66 9.48 -20.03 -27.19
CA LEU G 66 8.03 -20.31 -26.99
C LEU G 66 7.83 -21.78 -26.50
N PRO G 67 6.79 -22.12 -25.67
CA PRO G 67 6.61 -23.54 -25.30
C PRO G 67 6.42 -24.31 -26.56
N MET G 68 6.87 -25.55 -26.58
CA MET G 68 6.68 -26.46 -27.70
C MET G 68 5.33 -26.37 -28.41
N ALA G 69 4.28 -26.36 -27.61
CA ALA G 69 2.92 -26.13 -28.14
C ALA G 69 2.63 -24.68 -28.54
N GLY G 70 3.63 -23.81 -28.62
CA GLY G 70 3.38 -22.36 -28.87
C GLY G 70 2.73 -21.51 -27.79
N LEU G 71 2.29 -20.28 -28.12
CA LEU G 71 1.66 -19.40 -27.08
C LEU G 71 0.30 -19.89 -26.71
N PRO G 72 -0.05 -19.80 -25.41
CA PRO G 72 -1.40 -20.22 -24.99
C PRO G 72 -2.53 -19.50 -25.78
N GLY G 73 -2.31 -18.21 -26.02
CA GLY G 73 -3.24 -17.39 -26.75
C GLY G 73 -3.39 -17.77 -28.19
N HIS G 74 -2.28 -18.15 -28.86
CA HIS G 74 -2.27 -18.52 -30.28
C HIS G 74 -3.13 -19.74 -30.36
N ARG G 75 -2.82 -20.66 -29.49
CA ARG G 75 -3.57 -21.88 -29.32
C ARG G 75 -5.07 -21.69 -29.13
N LYS G 76 -5.45 -20.90 -28.13
CA LYS G 76 -6.86 -20.47 -27.96
C LYS G 76 -7.51 -19.76 -29.22
N GLY G 77 -6.87 -18.73 -29.78
CA GLY G 77 -7.46 -18.10 -30.96
C GLY G 77 -7.85 -19.14 -32.04
N CYS G 78 -6.98 -20.13 -32.27
CA CYS G 78 -7.26 -21.24 -33.18
C CYS G 78 -8.53 -21.98 -32.77
N GLN G 79 -8.54 -22.48 -31.54
CA GLN G 79 -9.70 -23.18 -31.05
C GLN G 79 -11.00 -22.36 -31.15
N GLU G 80 -10.93 -21.10 -30.77
CA GLU G 80 -12.15 -20.29 -30.81
C GLU G 80 -12.57 -20.06 -32.29
N LEU G 81 -11.62 -19.77 -33.18
CA LEU G 81 -11.95 -19.49 -34.59
C LEU G 81 -12.59 -20.66 -35.20
N LEU G 82 -12.02 -21.80 -34.88
CA LEU G 82 -12.49 -23.03 -35.45
C LEU G 82 -13.77 -23.53 -34.80
N PHE G 83 -13.88 -23.51 -33.47
CA PHE G 83 -15.06 -24.13 -32.82
C PHE G 83 -16.05 -23.13 -32.27
N GLY G 84 -15.65 -21.87 -32.26
CA GLY G 84 -16.51 -20.75 -31.84
C GLY G 84 -16.15 -20.27 -30.47
N LYS G 85 -16.43 -18.99 -30.20
CA LYS G 85 -16.21 -18.42 -28.84
C LYS G 85 -16.81 -19.33 -27.72
N ASP G 86 -16.00 -19.76 -26.76
CA ASP G 86 -16.50 -20.58 -25.62
C ASP G 86 -17.37 -21.82 -25.97
N ALA G 87 -16.99 -22.63 -26.95
CA ALA G 87 -17.85 -23.76 -27.32
C ALA G 87 -17.69 -24.92 -26.37
N PRO G 88 -18.72 -25.75 -26.28
CA PRO G 88 -18.77 -26.68 -25.18
C PRO G 88 -17.53 -27.52 -25.16
N VAL G 89 -17.08 -27.91 -26.36
CA VAL G 89 -15.97 -28.85 -26.48
C VAL G 89 -14.65 -28.31 -25.97
N LEU G 90 -14.44 -27.01 -26.15
CA LEU G 90 -13.36 -26.26 -25.53
C LEU G 90 -13.55 -26.14 -24.00
N LYS G 91 -14.70 -25.62 -23.57
CA LYS G 91 -15.00 -25.55 -22.15
C LYS G 91 -14.77 -26.86 -21.43
N ASP G 92 -15.03 -27.98 -22.08
CA ASP G 92 -14.77 -29.26 -21.44
C ASP G 92 -13.32 -29.84 -21.56
N GLY G 93 -12.34 -29.01 -21.86
CA GLY G 93 -10.94 -29.47 -22.00
C GLY G 93 -10.67 -30.68 -22.90
N LEU G 94 -11.48 -30.89 -23.95
CA LEU G 94 -11.33 -32.05 -24.82
C LEU G 94 -10.67 -31.84 -26.21
N VAL G 95 -10.10 -30.67 -26.52
CA VAL G 95 -9.42 -30.45 -27.82
C VAL G 95 -7.95 -30.16 -27.55
N ALA G 96 -7.03 -30.98 -28.05
CA ALA G 96 -5.57 -30.71 -27.91
C ALA G 96 -5.06 -29.90 -29.11
N THR G 97 -4.41 -28.77 -28.83
CA THR G 97 -4.03 -27.86 -29.93
C THR G 97 -2.61 -27.40 -29.77
N ILE G 98 -1.97 -27.09 -30.91
CA ILE G 98 -0.64 -26.49 -30.91
C ILE G 98 -0.48 -25.55 -32.05
N ALA G 99 0.25 -24.49 -31.76
CA ALA G 99 0.78 -23.60 -32.80
C ALA G 99 1.69 -24.40 -33.71
N THR G 100 1.60 -24.20 -35.02
CA THR G 100 2.46 -24.93 -35.92
C THR G 100 3.03 -23.99 -36.95
N ILE G 101 4.00 -24.52 -37.72
CA ILE G 101 4.69 -23.78 -38.75
C ILE G 101 3.80 -23.81 -40.01
N GLY G 102 2.74 -22.97 -40.05
CA GLY G 102 1.79 -22.94 -41.16
C GLY G 102 0.87 -24.12 -41.03
N GLY G 103 -0.14 -24.20 -41.89
CA GLY G 103 -0.92 -25.41 -42.08
C GLY G 103 0.04 -26.58 -42.42
N SER G 104 0.98 -26.33 -43.35
CA SER G 104 2.00 -27.28 -43.70
C SER G 104 2.53 -27.96 -42.45
N GLY G 105 2.97 -27.20 -41.46
CA GLY G 105 3.62 -27.82 -40.30
C GLY G 105 2.60 -28.58 -39.45
N ALA G 106 1.35 -28.14 -39.47
CA ALA G 106 0.34 -28.81 -38.71
C ALA G 106 0.09 -30.11 -39.48
N LEU G 107 0.16 -30.07 -40.81
CA LEU G 107 -0.11 -31.29 -41.55
C LEU G 107 0.99 -32.30 -41.25
N LYS G 108 2.20 -31.78 -41.26
CA LYS G 108 3.39 -32.58 -40.90
C LYS G 108 3.26 -33.30 -39.53
N VAL G 109 2.83 -32.56 -38.51
CA VAL G 109 2.69 -33.16 -37.19
C VAL G 109 1.50 -34.10 -37.12
N GLY G 110 0.34 -33.67 -37.59
CA GLY G 110 -0.84 -34.55 -37.73
C GLY G 110 -0.49 -35.85 -38.42
N ALA G 111 0.16 -35.77 -39.57
CA ALA G 111 0.58 -37.00 -40.23
C ALA G 111 1.49 -37.85 -39.39
N GLU G 112 2.51 -37.22 -38.80
CA GLU G 112 3.60 -37.95 -38.11
C GLU G 112 3.07 -38.76 -36.94
N PHE G 113 2.31 -38.06 -36.13
CA PHE G 113 1.54 -38.62 -35.07
C PHE G 113 0.71 -39.84 -35.51
N ILE G 114 -0.09 -39.69 -36.59
CA ILE G 114 -0.87 -40.81 -37.18
C ILE G 114 0.13 -41.92 -37.59
N HIS G 115 1.18 -41.59 -38.32
CA HIS G 115 2.08 -42.64 -38.61
C HIS G 115 2.50 -43.46 -37.35
N GLU G 116 2.70 -42.76 -36.23
CA GLU G 116 3.27 -43.39 -35.03
C GLU G 116 2.27 -44.29 -34.26
N TRP G 117 1.04 -43.83 -34.12
CA TRP G 117 0.07 -44.50 -33.27
C TRP G 117 -1.00 -45.26 -34.04
N PHE G 118 -1.07 -45.06 -35.36
CA PHE G 118 -2.03 -45.70 -36.24
C PHE G 118 -1.31 -46.18 -37.46
N PRO G 119 -0.35 -47.09 -37.25
CA PRO G 119 0.63 -47.36 -38.31
C PRO G 119 0.04 -48.02 -39.51
N GLN G 120 -1.17 -48.58 -39.36
CA GLN G 120 -1.91 -49.26 -40.46
C GLN G 120 -2.76 -48.31 -41.31
N SER G 121 -2.94 -47.07 -40.90
CA SER G 121 -3.75 -46.18 -41.70
C SER G 121 -3.19 -45.68 -43.05
N LYS G 122 -4.04 -45.79 -44.06
CA LYS G 122 -3.76 -45.20 -45.32
C LYS G 122 -4.48 -43.88 -45.28
N CYS G 123 -3.92 -42.87 -45.92
CA CYS G 123 -4.54 -41.56 -45.93
C CYS G 123 -5.05 -41.34 -47.33
N TYR G 124 -6.22 -40.74 -47.43
CA TYR G 124 -6.85 -40.63 -48.70
C TYR G 124 -7.15 -39.21 -48.93
N VAL G 125 -6.88 -38.80 -50.14
CA VAL G 125 -6.85 -37.43 -50.51
C VAL G 125 -7.87 -37.19 -51.61
N SER G 126 -8.35 -35.95 -51.73
CA SER G 126 -9.29 -35.58 -52.82
C SER G 126 -8.62 -35.63 -54.20
N ASP G 127 -9.42 -35.88 -55.24
CA ASP G 127 -8.96 -35.90 -56.62
C ASP G 127 -9.52 -34.72 -57.37
N PRO G 128 -8.68 -33.74 -57.74
CA PRO G 128 -7.29 -33.53 -57.36
C PRO G 128 -7.18 -32.90 -55.95
N THR G 129 -5.96 -32.79 -55.42
CA THR G 129 -5.76 -31.99 -54.18
C THR G 129 -4.59 -30.97 -54.21
N TRP G 130 -4.39 -30.25 -53.12
CA TRP G 130 -3.16 -29.48 -52.98
C TRP G 130 -1.99 -30.43 -52.97
N GLY G 131 -1.06 -30.25 -53.90
CA GLY G 131 0.00 -31.25 -54.14
C GLY G 131 0.83 -31.55 -52.90
N ASN G 132 0.97 -30.53 -52.05
CA ASN G 132 1.76 -30.76 -50.86
C ASN G 132 1.04 -31.67 -49.84
N HIS G 133 -0.27 -31.80 -49.89
CA HIS G 133 -0.89 -32.85 -49.15
C HIS G 133 -0.25 -34.20 -49.40
N ILE G 134 0.02 -34.56 -50.64
CA ILE G 134 0.50 -35.89 -50.80
C ILE G 134 1.97 -35.91 -50.36
N ALA G 135 2.74 -34.89 -50.71
CA ALA G 135 4.19 -34.85 -50.38
C ALA G 135 4.42 -35.13 -48.89
N ILE G 136 3.61 -34.44 -48.08
CA ILE G 136 3.73 -34.44 -46.64
C ILE G 136 3.40 -35.79 -46.05
N PHE G 137 2.30 -36.42 -46.43
CA PHE G 137 1.92 -37.69 -45.81
C PHE G 137 2.81 -38.80 -46.27
N GLU G 138 3.06 -38.87 -47.56
CA GLU G 138 3.96 -39.86 -48.06
C GLU G 138 5.32 -39.60 -47.45
N GLY G 139 5.68 -38.34 -47.18
CA GLY G 139 6.99 -38.05 -46.58
C GLY G 139 7.15 -38.66 -45.21
N CYS G 140 6.06 -39.09 -44.61
CA CYS G 140 6.02 -39.69 -43.27
C CYS G 140 5.95 -41.21 -43.31
N ASP G 141 6.08 -41.79 -44.51
CA ASP G 141 5.85 -43.22 -44.68
C ASP G 141 4.44 -43.72 -44.61
N ILE G 142 3.46 -42.86 -44.72
CA ILE G 142 2.06 -43.26 -44.80
C ILE G 142 1.72 -43.58 -46.23
N GLU G 143 0.91 -44.60 -46.42
CA GLU G 143 0.38 -44.87 -47.78
C GLU G 143 -0.81 -43.99 -48.16
N VAL G 144 -0.73 -43.42 -49.36
CA VAL G 144 -1.70 -42.43 -49.80
C VAL G 144 -2.36 -42.74 -51.13
N GLY G 145 -3.68 -42.85 -51.10
CA GLY G 145 -4.52 -42.91 -52.31
C GLY G 145 -5.49 -41.72 -52.43
N LYS G 146 -6.34 -41.71 -53.45
CA LYS G 146 -7.32 -40.64 -53.50
C LYS G 146 -8.75 -41.10 -53.53
N TYR G 147 -9.63 -40.18 -53.19
CA TYR G 147 -11.05 -40.41 -53.34
C TYR G 147 -11.62 -39.56 -54.48
N PRO G 148 -12.78 -39.99 -54.98
CA PRO G 148 -13.40 -39.32 -56.10
C PRO G 148 -14.12 -38.01 -55.77
N TYR G 149 -13.62 -36.92 -56.33
CA TYR G 149 -14.23 -35.66 -56.04
C TYR G 149 -14.70 -34.87 -57.26
N TYR G 150 -13.77 -34.13 -57.84
CA TYR G 150 -14.03 -33.39 -59.05
C TYR G 150 -14.54 -34.22 -60.21
N ASP G 151 -15.67 -33.83 -60.76
CA ASP G 151 -16.19 -34.41 -62.00
C ASP G 151 -15.74 -33.54 -63.15
N THR G 152 -14.90 -34.08 -64.00
CA THR G 152 -14.33 -33.31 -65.09
C THR G 152 -15.41 -32.83 -66.04
N ALA G 153 -16.54 -33.53 -66.12
CA ALA G 153 -17.58 -33.24 -67.14
C ALA G 153 -18.61 -32.21 -66.70
N THR G 154 -19.24 -32.40 -65.52
CA THR G 154 -20.17 -31.43 -64.94
C THR G 154 -19.38 -30.26 -64.35
N GLY G 155 -18.30 -30.56 -63.62
CA GLY G 155 -17.47 -29.51 -63.01
C GLY G 155 -17.95 -29.23 -61.58
N GLY G 156 -18.69 -30.22 -61.08
CA GLY G 156 -19.21 -30.28 -59.73
C GLY G 156 -18.56 -31.48 -59.13
N ILE G 157 -19.11 -31.96 -58.02
CA ILE G 157 -18.54 -33.07 -57.28
C ILE G 157 -19.10 -34.38 -57.84
N LYS G 158 -18.31 -35.43 -58.00
CA LYS G 158 -18.87 -36.75 -58.26
C LYS G 158 -19.39 -37.34 -56.95
N PHE G 159 -20.41 -36.72 -56.39
CA PHE G 159 -20.81 -37.07 -55.02
C PHE G 159 -21.07 -38.55 -54.75
N ASP G 160 -21.79 -39.20 -55.64
CA ASP G 160 -22.31 -40.52 -55.37
C ASP G 160 -21.16 -41.54 -55.36
N GLU G 161 -20.21 -41.36 -56.28
CA GLU G 161 -18.98 -42.17 -56.34
C GLU G 161 -18.04 -41.98 -55.12
N MET G 162 -17.87 -40.74 -54.65
CA MET G 162 -17.14 -40.46 -53.43
C MET G 162 -17.72 -41.15 -52.20
N ILE G 163 -19.00 -40.94 -51.95
CA ILE G 163 -19.71 -41.62 -50.85
C ILE G 163 -19.51 -43.12 -50.95
N ALA G 164 -19.69 -43.60 -52.19
CA ALA G 164 -19.38 -44.98 -52.59
C ALA G 164 -17.98 -45.44 -52.16
N PHE G 165 -16.96 -44.65 -52.50
CA PHE G 165 -15.56 -44.95 -52.19
C PHE G 165 -15.27 -44.96 -50.68
N PHE G 166 -15.72 -43.92 -49.97
CA PHE G 166 -15.67 -43.97 -48.50
C PHE G 166 -16.35 -45.23 -47.92
N GLU G 167 -17.46 -45.69 -48.49
CA GLU G 167 -18.13 -46.90 -47.97
C GLU G 167 -17.18 -48.12 -47.78
N THR G 168 -16.11 -48.20 -48.57
CA THR G 168 -15.30 -49.41 -48.66
C THR G 168 -14.04 -49.45 -47.77
N LEU G 169 -13.75 -48.37 -47.06
CA LEU G 169 -12.55 -48.26 -46.24
C LEU G 169 -12.66 -48.83 -44.81
N ASN G 170 -11.49 -48.94 -44.18
CA ASN G 170 -11.30 -49.69 -42.95
C ASN G 170 -11.34 -48.76 -41.76
N LYS G 171 -11.72 -49.30 -40.60
CA LYS G 171 -11.69 -48.57 -39.32
C LYS G 171 -10.35 -47.86 -39.20
N ASP G 172 -10.39 -46.58 -38.88
CA ASP G 172 -9.16 -45.77 -38.66
C ASP G 172 -8.37 -45.28 -39.93
N ASP G 173 -8.91 -45.50 -41.12
CA ASP G 173 -8.37 -44.84 -42.30
C ASP G 173 -8.63 -43.36 -42.17
N VAL G 174 -7.70 -42.58 -42.75
CA VAL G 174 -7.69 -41.12 -42.69
C VAL G 174 -8.30 -40.49 -43.96
N LEU G 175 -9.21 -39.53 -43.81
CA LEU G 175 -9.68 -38.79 -44.97
C LEU G 175 -9.17 -37.38 -44.81
N LEU G 176 -8.53 -36.86 -45.84
CA LEU G 176 -8.04 -35.47 -45.79
C LEU G 176 -9.05 -34.63 -46.60
N LEU G 177 -9.88 -33.91 -45.83
CA LEU G 177 -11.07 -33.20 -46.29
C LEU G 177 -10.84 -31.70 -46.35
N HIS G 178 -11.24 -31.07 -47.44
CA HIS G 178 -11.24 -29.61 -47.45
C HIS G 178 -12.60 -29.01 -46.92
N PRO G 179 -12.57 -28.34 -45.76
CA PRO G 179 -13.88 -27.94 -45.19
C PRO G 179 -14.66 -26.91 -46.04
N CYS G 180 -13.96 -26.23 -46.93
CA CYS G 180 -14.50 -25.17 -47.81
C CYS G 180 -13.35 -24.74 -48.68
N CYS G 181 -13.65 -23.90 -49.68
CA CYS G 181 -12.64 -23.28 -50.58
C CYS G 181 -11.62 -24.29 -51.03
N HIS G 182 -12.10 -25.29 -51.76
CA HIS G 182 -11.25 -26.37 -52.21
C HIS G 182 -10.09 -25.82 -53.04
N ASN G 183 -8.94 -26.45 -52.87
CA ASN G 183 -7.74 -26.11 -53.63
C ASN G 183 -7.32 -27.39 -54.29
N PRO G 184 -7.26 -27.44 -55.62
CA PRO G 184 -7.33 -26.34 -56.61
C PRO G 184 -8.69 -26.00 -57.30
N THR G 185 -9.77 -26.69 -56.98
CA THR G 185 -10.93 -26.70 -57.86
C THR G 185 -11.89 -25.60 -57.46
N GLY G 186 -11.81 -25.19 -56.19
CA GLY G 186 -12.71 -24.17 -55.66
C GLY G 186 -14.15 -24.67 -55.56
N VAL G 187 -14.39 -25.93 -55.92
CA VAL G 187 -15.69 -26.58 -55.85
C VAL G 187 -15.92 -27.19 -54.47
N ASP G 188 -17.06 -26.86 -53.86
CA ASP G 188 -17.28 -27.12 -52.43
C ASP G 188 -18.49 -27.97 -52.15
N LEU G 189 -18.42 -28.82 -51.14
CA LEU G 189 -19.64 -29.50 -50.69
C LEU G 189 -20.66 -28.59 -50.01
N THR G 190 -21.93 -28.88 -50.26
CA THR G 190 -23.01 -28.16 -49.62
C THR G 190 -23.25 -28.71 -48.18
N ARG G 191 -23.82 -27.89 -47.28
CA ARG G 191 -24.22 -28.35 -45.94
CA ARG G 191 -24.17 -28.37 -45.93
C ARG G 191 -24.79 -29.77 -45.94
N GLU G 192 -25.70 -30.03 -46.87
CA GLU G 192 -26.45 -31.28 -46.88
C GLU G 192 -25.51 -32.36 -47.38
N GLN G 193 -24.69 -32.01 -48.37
CA GLN G 193 -23.63 -32.90 -48.82
C GLN G 193 -22.61 -33.17 -47.74
N TRP G 194 -22.21 -32.14 -46.97
CA TRP G 194 -21.39 -32.37 -45.75
C TRP G 194 -22.02 -33.38 -44.76
N ASP G 195 -23.30 -33.19 -44.45
CA ASP G 195 -24.07 -34.06 -43.56
C ASP G 195 -23.90 -35.53 -43.91
N THR G 196 -24.09 -35.88 -45.20
CA THR G 196 -24.04 -37.28 -45.61
C THR G 196 -22.64 -37.82 -45.37
N VAL G 197 -21.65 -37.08 -45.85
CA VAL G 197 -20.25 -37.46 -45.69
C VAL G 197 -19.81 -37.85 -44.27
N LEU G 198 -20.01 -36.93 -43.33
CA LEU G 198 -19.77 -37.17 -41.92
C LEU G 198 -20.50 -38.40 -41.43
N ASN G 199 -21.62 -38.69 -42.04
CA ASN G 199 -22.36 -39.84 -41.63
C ASN G 199 -21.62 -41.14 -41.94
N VAL G 200 -21.06 -41.23 -43.14
CA VAL G 200 -20.36 -42.45 -43.56
C VAL G 200 -19.12 -42.59 -42.71
N ILE G 201 -18.49 -41.44 -42.40
CA ILE G 201 -17.33 -41.42 -41.55
C ILE G 201 -17.62 -42.07 -40.20
N GLN G 202 -18.77 -41.77 -39.62
CA GLN G 202 -19.16 -42.34 -38.33
C GLN G 202 -19.29 -43.85 -38.46
N GLU G 203 -20.03 -44.24 -39.48
CA GLU G 203 -20.35 -45.61 -39.81
C GLU G 203 -19.11 -46.51 -39.87
N ARG G 204 -18.07 -46.09 -40.62
CA ARG G 204 -16.85 -46.93 -40.88
C ARG G 204 -15.67 -46.69 -39.91
N GLU G 205 -15.88 -45.81 -38.93
CA GLU G 205 -14.89 -45.48 -37.89
C GLU G 205 -13.62 -44.88 -38.50
N LEU G 206 -13.85 -43.98 -39.45
CA LEU G 206 -12.82 -43.29 -40.19
C LEU G 206 -12.35 -42.05 -39.42
N ILE G 207 -11.12 -41.61 -39.75
CA ILE G 207 -10.56 -40.41 -39.19
C ILE G 207 -10.60 -39.20 -40.11
N PRO G 208 -11.38 -38.20 -39.73
CA PRO G 208 -11.47 -37.03 -40.58
C PRO G 208 -10.29 -36.08 -40.32
N PHE G 209 -9.42 -35.89 -41.30
CA PHE G 209 -8.40 -34.87 -41.18
C PHE G 209 -8.85 -33.62 -41.91
N MET G 210 -9.23 -32.59 -41.17
CA MET G 210 -9.71 -31.40 -41.85
C MET G 210 -8.68 -30.28 -41.99
N ASP G 211 -8.34 -29.96 -43.25
CA ASP G 211 -7.30 -28.98 -43.54
C ASP G 211 -7.89 -27.68 -44.10
N ILE G 212 -7.87 -26.60 -43.31
CA ILE G 212 -8.51 -25.28 -43.66
C ILE G 212 -7.50 -24.11 -43.77
N ALA G 213 -7.40 -23.49 -44.94
CA ALA G 213 -6.34 -22.50 -45.15
C ALA G 213 -6.86 -21.18 -45.56
N TYR G 214 -8.18 -21.08 -45.71
CA TYR G 214 -8.86 -19.93 -46.33
C TYR G 214 -10.15 -19.62 -45.57
N GLN G 215 -10.14 -19.88 -44.25
CA GLN G 215 -11.35 -19.68 -43.44
C GLN G 215 -11.83 -18.22 -43.60
N GLY G 216 -13.08 -18.06 -43.95
CA GLY G 216 -13.59 -16.74 -44.21
C GLY G 216 -13.64 -16.34 -45.67
N PHE G 217 -12.93 -17.08 -46.52
CA PHE G 217 -12.90 -16.79 -47.95
C PHE G 217 -14.09 -17.36 -48.72
N GLY G 218 -14.78 -18.30 -48.12
CA GLY G 218 -15.82 -18.99 -48.86
C GLY G 218 -17.18 -18.33 -48.76
N GLU G 219 -17.73 -18.46 -47.57
CA GLU G 219 -19.03 -17.97 -47.18
C GLU G 219 -18.67 -17.00 -46.06
N ASP G 220 -18.36 -17.49 -44.87
CA ASP G 220 -17.94 -16.63 -43.74
C ASP G 220 -17.36 -17.46 -42.60
N MET G 221 -16.90 -16.80 -41.55
CA MET G 221 -16.11 -17.48 -40.52
C MET G 221 -16.89 -18.65 -39.95
N ASP G 222 -18.16 -18.47 -39.69
CA ASP G 222 -18.86 -19.57 -39.05
C ASP G 222 -19.26 -20.65 -40.06
N SER G 223 -19.69 -20.21 -41.23
CA SER G 223 -20.10 -21.13 -42.29
C SER G 223 -18.96 -21.99 -42.88
N ASP G 224 -17.82 -21.37 -43.09
CA ASP G 224 -16.67 -22.08 -43.56
C ASP G 224 -16.26 -23.21 -42.64
N ALA G 225 -16.77 -23.19 -41.41
CA ALA G 225 -16.44 -24.19 -40.37
C ALA G 225 -17.56 -25.16 -40.06
N TYR G 226 -18.59 -25.24 -40.90
CA TYR G 226 -19.69 -26.17 -40.66
C TYR G 226 -19.17 -27.61 -40.41
N ALA G 227 -18.43 -28.17 -41.37
CA ALA G 227 -17.91 -29.56 -41.30
C ALA G 227 -17.13 -29.90 -40.01
N ILE G 228 -16.20 -29.01 -39.67
CA ILE G 228 -15.51 -29.05 -38.40
C ILE G 228 -16.49 -29.15 -37.24
N ARG G 229 -17.41 -28.18 -37.12
CA ARG G 229 -18.28 -28.14 -35.94
C ARG G 229 -19.36 -29.24 -35.92
N LYS G 230 -19.89 -29.58 -37.10
CA LYS G 230 -20.88 -30.65 -37.19
C LYS G 230 -20.15 -31.93 -36.88
N ALA G 231 -18.88 -32.00 -37.30
CA ALA G 231 -17.98 -33.12 -36.96
C ALA G 231 -17.84 -33.32 -35.46
N VAL G 232 -17.63 -32.22 -34.74
CA VAL G 232 -17.49 -32.32 -33.35
C VAL G 232 -18.81 -32.80 -32.73
N ASP G 233 -19.92 -32.17 -33.13
CA ASP G 233 -21.25 -32.49 -32.55
C ASP G 233 -21.60 -33.93 -32.73
N MET G 234 -21.05 -34.56 -33.76
CA MET G 234 -21.13 -36.00 -33.93
C MET G 234 -20.04 -36.85 -33.25
N GLY G 235 -19.16 -36.26 -32.43
CA GLY G 235 -18.17 -37.01 -31.63
C GLY G 235 -17.02 -37.72 -32.34
N LEU G 236 -16.70 -37.28 -33.55
CA LEU G 236 -15.68 -37.94 -34.40
C LEU G 236 -14.32 -37.57 -33.86
N PRO G 237 -13.31 -38.45 -34.01
CA PRO G 237 -11.92 -38.10 -33.64
C PRO G 237 -11.36 -37.17 -34.74
N LEU G 238 -11.83 -35.94 -34.74
CA LEU G 238 -11.56 -35.11 -35.86
C LEU G 238 -10.13 -34.49 -35.71
N PHE G 239 -9.36 -34.41 -36.80
CA PHE G 239 -8.06 -33.72 -36.78
C PHE G 239 -8.17 -32.42 -37.56
N VAL G 240 -7.69 -31.31 -37.01
CA VAL G 240 -7.76 -30.08 -37.84
C VAL G 240 -6.44 -29.37 -38.03
N SER G 241 -6.05 -29.21 -39.27
CA SER G 241 -4.90 -28.29 -39.55
C SER G 241 -5.39 -26.97 -40.08
N ASN G 242 -4.90 -25.86 -39.53
CA ASN G 242 -5.37 -24.59 -40.04
C ASN G 242 -4.25 -23.60 -40.23
N SER G 243 -4.43 -22.72 -41.22
CA SER G 243 -3.38 -21.82 -41.59
C SER G 243 -3.83 -20.34 -41.52
N PHE G 244 -2.96 -19.44 -41.02
CA PHE G 244 -3.24 -18.01 -41.06
C PHE G 244 -2.58 -17.34 -42.24
N SER G 245 -2.17 -18.13 -43.24
CA SER G 245 -1.27 -17.55 -44.24
C SER G 245 -2.02 -16.59 -45.17
N LYS G 246 -3.17 -17.02 -45.67
CA LYS G 246 -3.93 -16.21 -46.62
C LYS G 246 -4.77 -15.27 -45.85
N ASN G 247 -5.35 -15.71 -44.74
CA ASN G 247 -6.30 -14.83 -44.07
C ASN G 247 -5.72 -13.74 -43.11
N LEU G 248 -4.44 -13.81 -42.86
CA LEU G 248 -3.80 -12.82 -42.03
C LEU G 248 -2.91 -12.04 -42.92
N SER G 249 -2.90 -12.45 -44.20
CA SER G 249 -1.94 -12.00 -45.17
C SER G 249 -0.55 -12.11 -44.56
N LEU G 250 -0.22 -13.28 -44.02
CA LEU G 250 1.03 -13.38 -43.19
C LEU G 250 1.92 -14.62 -43.53
N TYR G 251 1.83 -15.03 -44.79
CA TYR G 251 2.48 -16.18 -45.37
C TYR G 251 3.85 -16.51 -44.75
N GLY G 252 4.78 -15.59 -44.89
CA GLY G 252 6.15 -15.85 -44.43
C GLY G 252 6.48 -16.06 -42.98
N GLU G 253 5.65 -15.57 -42.07
CA GLU G 253 5.85 -15.83 -40.63
C GLU G 253 5.51 -17.28 -40.15
N ARG G 254 4.85 -18.04 -41.02
CA ARG G 254 4.65 -19.46 -40.79
C ARG G 254 3.76 -19.76 -39.54
N VAL G 255 2.51 -19.34 -39.63
CA VAL G 255 1.58 -19.48 -38.53
C VAL G 255 0.31 -20.23 -38.93
N GLY G 256 0.04 -21.25 -38.13
CA GLY G 256 -1.11 -22.11 -38.25
C GLY G 256 -1.16 -22.85 -36.92
N GLY G 257 -2.11 -23.78 -36.77
CA GLY G 257 -2.26 -24.61 -35.59
C GLY G 257 -2.77 -25.95 -36.05
N LEU G 258 -2.64 -26.95 -35.18
CA LEU G 258 -3.29 -28.23 -35.39
C LEU G 258 -4.04 -28.61 -34.12
N SER G 259 -5.16 -29.27 -34.37
CA SER G 259 -6.17 -29.48 -33.33
C SER G 259 -6.70 -30.91 -33.46
N VAL G 260 -6.65 -31.63 -32.34
CA VAL G 260 -7.19 -32.99 -32.24
C VAL G 260 -8.30 -33.12 -31.13
N VAL G 261 -9.43 -33.67 -31.53
CA VAL G 261 -10.60 -33.65 -30.69
C VAL G 261 -10.77 -35.04 -30.07
N CYS G 262 -10.65 -35.10 -28.75
CA CYS G 262 -10.72 -36.36 -28.04
C CYS G 262 -11.96 -36.56 -27.15
N PRO G 263 -12.49 -37.78 -27.10
CA PRO G 263 -13.61 -38.22 -26.26
C PRO G 263 -13.55 -37.88 -24.76
N THR G 264 -12.35 -37.85 -24.17
CA THR G 264 -12.20 -37.40 -22.77
C THR G 264 -10.93 -36.64 -22.45
N VAL G 265 -10.98 -35.95 -21.33
CA VAL G 265 -9.89 -35.17 -20.85
C VAL G 265 -8.59 -36.01 -20.72
N ASP G 266 -8.69 -37.29 -20.40
CA ASP G 266 -7.45 -38.08 -20.25
C ASP G 266 -6.77 -38.34 -21.60
N GLU G 267 -7.57 -38.80 -22.55
CA GLU G 267 -7.21 -38.83 -23.93
C GLU G 267 -6.66 -37.48 -24.44
N THR G 268 -7.21 -36.35 -24.04
CA THR G 268 -6.60 -35.09 -24.45
C THR G 268 -5.13 -35.00 -24.02
N GLU G 269 -4.86 -35.30 -22.75
CA GLU G 269 -3.54 -35.20 -22.14
C GLU G 269 -2.58 -36.03 -22.94
N ARG G 270 -3.07 -37.17 -23.37
CA ARG G 270 -2.20 -38.12 -24.08
C ARG G 270 -1.75 -37.63 -25.48
N VAL G 271 -2.75 -37.25 -26.27
CA VAL G 271 -2.52 -36.64 -27.57
C VAL G 271 -1.69 -35.36 -27.52
N PHE G 272 -2.16 -34.43 -26.71
CA PHE G 272 -1.42 -33.22 -26.42
C PHE G 272 0.08 -33.53 -26.17
N GLY G 273 0.33 -34.46 -25.26
CA GLY G 273 1.68 -34.86 -24.95
C GLY G 273 2.43 -35.32 -26.16
N GLN G 274 1.80 -36.15 -26.99
CA GLN G 274 2.53 -36.74 -28.11
C GLN G 274 2.74 -35.73 -29.24
N LEU G 275 1.80 -34.80 -29.37
CA LEU G 275 1.97 -33.68 -30.23
C LEU G 275 3.16 -32.85 -29.81
N ASN G 276 3.22 -32.39 -28.55
CA ASN G 276 4.44 -31.73 -28.05
C ASN G 276 5.71 -32.54 -28.36
N SER G 277 5.68 -33.84 -28.05
CA SER G 277 6.78 -34.77 -28.38
C SER G 277 7.23 -34.76 -29.84
N THR G 278 6.26 -34.74 -30.75
CA THR G 278 6.58 -34.70 -32.18
C THR G 278 7.20 -33.38 -32.51
N VAL G 279 6.74 -32.30 -31.89
CA VAL G 279 7.17 -31.00 -32.33
C VAL G 279 8.60 -30.92 -31.94
N ARG G 280 8.87 -31.46 -30.77
CA ARG G 280 10.22 -31.40 -30.21
C ARG G 280 11.25 -31.99 -31.17
N ARG G 281 10.88 -33.10 -31.80
CA ARG G 281 11.91 -33.83 -32.48
C ARG G 281 11.98 -33.39 -33.93
N ILE G 282 11.18 -32.37 -34.25
CA ILE G 282 11.33 -31.73 -35.53
C ILE G 282 12.01 -30.39 -35.46
N TYR G 283 11.56 -29.50 -34.59
CA TYR G 283 11.96 -28.08 -34.63
C TYR G 283 11.94 -27.42 -33.27
N SER G 284 11.72 -28.20 -32.21
CA SER G 284 11.78 -27.74 -30.80
C SER G 284 10.63 -26.90 -30.30
N SER G 285 10.36 -25.81 -31.02
CA SER G 285 9.30 -24.84 -30.66
C SER G 285 9.07 -23.81 -31.79
N PRO G 286 7.81 -23.32 -31.94
CA PRO G 286 7.42 -22.47 -33.07
C PRO G 286 7.88 -21.03 -32.99
N PRO G 287 7.91 -20.33 -34.15
CA PRO G 287 8.51 -18.95 -34.19
C PRO G 287 7.72 -17.86 -33.41
N SER G 288 8.41 -17.11 -32.54
CA SER G 288 7.81 -16.13 -31.63
C SER G 288 7.06 -15.03 -32.33
N HIS G 289 7.64 -14.47 -33.39
CA HIS G 289 7.05 -13.26 -33.89
C HIS G 289 5.65 -13.51 -34.38
N GLY G 290 5.54 -14.47 -35.30
CA GLY G 290 4.31 -14.91 -35.89
C GLY G 290 3.35 -15.32 -34.83
N GLY G 291 3.81 -16.07 -33.83
CA GLY G 291 3.02 -16.45 -32.69
C GLY G 291 2.35 -15.27 -32.01
N ARG G 292 3.11 -14.17 -31.81
CA ARG G 292 2.60 -13.01 -31.04
C ARG G 292 1.58 -12.33 -31.86
N VAL G 293 1.80 -12.22 -33.17
CA VAL G 293 0.74 -11.57 -34.02
C VAL G 293 -0.59 -12.27 -33.90
N VAL G 294 -0.56 -13.57 -34.16
CA VAL G 294 -1.74 -14.42 -34.01
C VAL G 294 -2.31 -14.29 -32.59
N ASP G 295 -1.46 -14.37 -31.58
CA ASP G 295 -1.94 -14.15 -30.22
C ASP G 295 -2.73 -12.80 -30.11
N ILE G 296 -2.18 -11.75 -30.69
CA ILE G 296 -2.67 -10.41 -30.46
C ILE G 296 -4.01 -10.22 -31.18
N VAL G 297 -3.99 -10.45 -32.47
CA VAL G 297 -5.15 -10.19 -33.31
C VAL G 297 -6.33 -11.07 -32.92
N MET G 298 -6.11 -12.35 -32.74
CA MET G 298 -7.23 -13.23 -32.45
C MET G 298 -7.86 -12.91 -31.11
N ASN G 299 -7.06 -12.42 -30.16
CA ASN G 299 -7.51 -12.26 -28.78
C ASN G 299 -8.00 -10.87 -28.40
N ASP G 300 -7.52 -9.82 -29.07
CA ASP G 300 -7.99 -8.45 -28.90
C ASP G 300 -9.34 -8.29 -29.60
N ALA G 301 -10.41 -8.16 -28.82
CA ALA G 301 -11.72 -8.19 -29.40
C ALA G 301 -11.86 -7.20 -30.52
N ALA G 302 -11.21 -6.04 -30.38
CA ALA G 302 -11.30 -4.97 -31.40
C ALA G 302 -10.56 -5.34 -32.66
N LEU G 303 -9.32 -5.72 -32.46
CA LEU G 303 -8.49 -6.07 -33.58
C LEU G 303 -9.06 -7.28 -34.29
N HIS G 304 -9.81 -8.11 -33.57
CA HIS G 304 -10.32 -9.35 -34.16
C HIS G 304 -11.47 -9.02 -35.15
N GLU G 305 -12.47 -8.30 -34.64
CA GLU G 305 -13.57 -7.80 -35.42
C GLU G 305 -13.06 -6.95 -36.57
N GLN G 306 -12.07 -6.08 -36.32
CA GLN G 306 -11.34 -5.42 -37.40
C GLN G 306 -10.82 -6.42 -38.44
N TRP G 307 -10.09 -7.45 -37.98
CA TRP G 307 -9.50 -8.48 -38.83
C TRP G 307 -10.54 -9.16 -39.67
N VAL G 308 -11.55 -9.74 -39.01
CA VAL G 308 -12.63 -10.44 -39.71
C VAL G 308 -13.22 -9.55 -40.82
N GLY G 309 -13.37 -8.26 -40.50
CA GLY G 309 -13.72 -7.25 -41.49
C GLY G 309 -12.81 -7.22 -42.71
N GLU G 310 -11.51 -7.26 -42.53
CA GLU G 310 -10.62 -7.11 -43.67
C GLU G 310 -10.69 -8.40 -44.52
N VAL G 311 -11.05 -9.49 -43.85
CA VAL G 311 -11.09 -10.80 -44.48
C VAL G 311 -12.23 -10.85 -45.48
N TYR G 312 -13.39 -10.37 -45.08
CA TYR G 312 -14.52 -10.40 -45.95
C TYR G 312 -14.28 -9.46 -47.14
N ALA G 313 -13.57 -8.37 -46.90
CA ALA G 313 -13.39 -7.40 -47.98
C ALA G 313 -12.54 -8.05 -49.08
N MET G 314 -11.58 -8.90 -48.67
CA MET G 314 -10.85 -9.72 -49.61
C MET G 314 -11.77 -10.75 -50.22
N ARG G 315 -12.55 -11.41 -49.38
CA ARG G 315 -13.47 -12.44 -49.82
C ARG G 315 -14.42 -11.90 -50.87
N ASP G 316 -14.99 -10.75 -50.59
CA ASP G 316 -15.88 -10.10 -51.55
C ASP G 316 -15.23 -9.66 -52.85
N ARG G 317 -13.98 -9.21 -52.81
CA ARG G 317 -13.29 -8.71 -54.01
C ARG G 317 -13.09 -9.82 -55.03
N ILE G 318 -12.63 -10.97 -54.53
CA ILE G 318 -12.51 -12.16 -55.34
C ILE G 318 -13.86 -12.51 -55.93
N LYS G 319 -14.95 -12.38 -55.17
CA LYS G 319 -16.24 -12.73 -55.71
C LYS G 319 -16.60 -11.81 -56.89
N SER G 320 -16.20 -10.56 -56.80
CA SER G 320 -16.70 -9.62 -57.73
C SER G 320 -15.89 -9.78 -58.99
N MET G 321 -14.60 -10.10 -58.84
CA MET G 321 -13.81 -10.55 -59.98
C MET G 321 -14.45 -11.77 -60.65
N ARG G 322 -15.07 -12.64 -59.86
CA ARG G 322 -15.69 -13.87 -60.39
C ARG G 322 -16.90 -13.50 -61.24
N THR G 323 -17.78 -12.65 -60.70
CA THR G 323 -19.02 -12.37 -61.38
C THR G 323 -18.76 -11.46 -62.58
N LYS G 324 -17.84 -10.52 -62.43
CA LYS G 324 -17.42 -9.70 -63.55
C LYS G 324 -16.81 -10.57 -64.64
N LEU G 325 -15.93 -11.51 -64.26
CA LEU G 325 -15.39 -12.45 -65.26
C LEU G 325 -16.43 -13.37 -65.98
N LYS G 326 -17.30 -14.05 -65.24
CA LYS G 326 -18.38 -14.82 -65.84
C LYS G 326 -19.25 -14.02 -66.81
N SER G 327 -19.57 -12.76 -66.50
CA SER G 327 -20.51 -11.99 -67.34
C SER G 327 -19.89 -11.64 -68.68
N VAL G 328 -18.67 -11.11 -68.72
CA VAL G 328 -17.89 -10.96 -69.97
C VAL G 328 -17.89 -12.24 -70.85
N LEU G 329 -17.66 -13.39 -70.21
CA LEU G 329 -17.79 -14.71 -70.88
C LEU G 329 -19.21 -15.07 -71.43
N GLU G 330 -20.24 -14.90 -70.60
CA GLU G 330 -21.65 -15.18 -70.97
C GLU G 330 -22.14 -14.32 -72.14
N ALA G 331 -21.67 -13.06 -72.17
CA ALA G 331 -21.89 -12.09 -73.26
C ALA G 331 -21.27 -12.52 -74.59
N LYS G 332 -19.99 -12.90 -74.60
CA LYS G 332 -19.31 -13.15 -75.89
C LYS G 332 -19.42 -14.57 -76.53
N ILE G 333 -20.05 -15.47 -75.77
CA ILE G 333 -20.14 -16.93 -76.05
C ILE G 333 -21.50 -17.43 -75.53
N SER G 334 -22.52 -17.31 -76.38
CA SER G 334 -23.94 -17.33 -75.98
C SER G 334 -24.46 -18.67 -75.40
N GLY G 335 -24.02 -19.76 -76.05
CA GLY G 335 -24.48 -21.12 -75.76
C GLY G 335 -23.86 -21.71 -74.51
N ARG G 336 -22.56 -21.49 -74.34
CA ARG G 336 -21.81 -22.02 -73.20
C ARG G 336 -22.34 -21.52 -71.86
N ASN G 337 -22.44 -22.47 -70.90
CA ASN G 337 -22.74 -22.20 -69.49
C ASN G 337 -21.50 -21.92 -68.63
N PHE G 338 -21.62 -20.99 -67.66
CA PHE G 338 -20.49 -20.57 -66.77
C PHE G 338 -20.76 -20.39 -65.27
N ASP G 339 -21.78 -21.05 -64.74
CA ASP G 339 -22.21 -20.73 -63.40
C ASP G 339 -21.22 -21.29 -62.37
N TYR G 340 -20.53 -22.36 -62.75
CA TYR G 340 -19.47 -22.92 -61.92
C TYR G 340 -18.44 -21.84 -61.55
N LEU G 341 -18.19 -20.91 -62.47
CA LEU G 341 -17.31 -19.80 -62.16
C LEU G 341 -17.75 -18.98 -60.91
N THR G 342 -19.04 -19.00 -60.57
CA THR G 342 -19.49 -18.35 -59.35
C THR G 342 -19.99 -19.35 -58.30
N ALA G 343 -20.25 -20.61 -58.66
CA ALA G 343 -20.66 -21.55 -57.62
C ALA G 343 -19.43 -21.87 -56.83
N GLN G 344 -18.27 -21.59 -57.41
CA GLN G 344 -16.94 -21.89 -56.77
C GLN G 344 -16.58 -20.90 -55.65
N ASN G 345 -15.68 -21.26 -54.77
CA ASN G 345 -15.41 -20.36 -53.70
C ASN G 345 -13.94 -20.25 -53.54
N GLY G 346 -13.47 -19.12 -53.06
CA GLY G 346 -12.11 -19.14 -52.62
C GLY G 346 -11.13 -18.63 -53.65
N MET G 347 -9.88 -18.98 -53.44
CA MET G 347 -8.85 -18.33 -54.18
C MET G 347 -8.61 -18.95 -55.52
N PHE G 348 -9.03 -20.20 -55.69
CA PHE G 348 -8.77 -20.87 -56.93
C PHE G 348 -9.99 -21.24 -57.67
N SER G 349 -9.86 -21.15 -58.99
CA SER G 349 -10.89 -21.66 -59.83
C SER G 349 -10.34 -22.68 -60.78
N PHE G 350 -11.10 -23.76 -60.99
CA PHE G 350 -10.80 -24.69 -62.09
C PHE G 350 -11.53 -24.17 -63.31
N THR G 351 -10.81 -23.43 -64.16
CA THR G 351 -11.41 -22.66 -65.24
C THR G 351 -12.01 -23.51 -66.33
N GLY G 352 -11.67 -24.80 -66.34
CA GLY G 352 -12.23 -25.73 -67.30
C GLY G 352 -11.70 -25.53 -68.69
N LEU G 353 -10.71 -24.66 -68.88
CA LEU G 353 -9.99 -24.60 -70.17
C LEU G 353 -9.15 -25.86 -70.43
N THR G 354 -9.14 -26.35 -71.67
CA THR G 354 -8.44 -27.59 -72.05
C THR G 354 -6.92 -27.30 -72.16
N PRO G 355 -6.02 -28.26 -71.77
CA PRO G 355 -4.63 -27.80 -71.52
C PRO G 355 -3.93 -27.05 -72.68
N GLU G 356 -4.29 -27.38 -73.93
CA GLU G 356 -3.76 -26.70 -75.11
C GLU G 356 -4.25 -25.24 -75.17
N GLN G 357 -5.49 -25.01 -74.75
CA GLN G 357 -6.05 -23.64 -74.63
C GLN G 357 -5.25 -22.84 -73.61
N VAL G 358 -4.85 -23.50 -72.52
CA VAL G 358 -3.97 -22.91 -71.53
C VAL G 358 -2.59 -22.63 -72.12
N GLU G 359 -2.06 -23.60 -72.87
CA GLU G 359 -0.77 -23.40 -73.54
C GLU G 359 -0.79 -22.21 -74.53
N ARG G 360 -1.90 -22.08 -75.26
CA ARG G 360 -2.16 -21.01 -76.22
C ARG G 360 -2.40 -19.67 -75.55
N LEU G 361 -3.30 -19.66 -74.57
CA LEU G 361 -3.49 -18.53 -73.64
C LEU G 361 -2.15 -18.03 -73.03
N GLN G 362 -1.36 -18.95 -72.48
CA GLN G 362 -0.02 -18.61 -72.04
C GLN G 362 0.85 -18.13 -73.24
N SER G 363 0.66 -18.68 -74.45
CA SER G 363 1.52 -18.33 -75.59
C SER G 363 1.24 -16.99 -76.35
N GLU G 364 0.03 -16.86 -76.92
CA GLU G 364 -0.39 -15.70 -77.72
C GLU G 364 -0.61 -14.45 -76.88
N PHE G 365 -0.83 -14.63 -75.57
CA PHE G 365 -1.29 -13.57 -74.65
C PHE G 365 -0.41 -13.24 -73.44
N GLY G 366 0.36 -14.20 -72.94
CA GLY G 366 1.22 -14.02 -71.77
C GLY G 366 0.45 -14.12 -70.48
N ILE G 367 -0.55 -14.99 -70.44
CA ILE G 367 -1.39 -15.18 -69.26
C ILE G 367 -1.15 -16.58 -68.70
N TYR G 368 -0.60 -16.62 -67.50
CA TYR G 368 -0.18 -17.90 -66.94
C TYR G 368 -1.14 -18.45 -65.85
N MET G 369 -1.83 -19.57 -66.14
CA MET G 369 -2.50 -20.44 -65.13
C MET G 369 -1.70 -21.73 -64.98
N ILE G 370 -2.07 -22.59 -64.04
CA ILE G 370 -1.58 -23.98 -64.04
C ILE G 370 -2.21 -24.83 -65.20
N SER G 371 -1.37 -25.65 -65.81
CA SER G 371 -1.75 -26.53 -66.92
C SER G 371 -3.04 -27.33 -66.67
N ASN G 372 -3.38 -27.46 -65.39
CA ASN G 372 -4.53 -28.25 -64.99
C ASN G 372 -5.76 -27.38 -64.92
N SER G 373 -5.61 -26.15 -65.40
CA SER G 373 -6.65 -25.14 -65.47
C SER G 373 -6.80 -24.31 -64.21
N ARG G 374 -5.96 -24.50 -63.21
CA ARG G 374 -6.17 -23.72 -62.00
C ARG G 374 -5.77 -22.28 -62.21
N MET G 375 -6.71 -21.37 -61.97
CA MET G 375 -6.39 -19.94 -61.94
C MET G 375 -6.55 -19.34 -60.55
N CYS G 376 -5.63 -18.46 -60.17
CA CYS G 376 -5.79 -17.77 -58.92
C CYS G 376 -6.56 -16.52 -59.13
N VAL G 377 -7.81 -16.51 -58.69
CA VAL G 377 -8.69 -15.38 -58.90
C VAL G 377 -8.13 -14.04 -58.41
N ALA G 378 -7.35 -14.08 -57.31
CA ALA G 378 -6.89 -12.85 -56.64
C ALA G 378 -5.93 -12.11 -57.56
N GLY G 379 -5.40 -12.88 -58.50
CA GLY G 379 -4.47 -12.38 -59.48
C GLY G 379 -5.08 -11.40 -60.47
N LEU G 380 -6.42 -11.41 -60.61
CA LEU G 380 -7.21 -10.46 -61.43
C LEU G 380 -7.56 -9.19 -60.65
N ASN G 381 -7.56 -8.08 -61.37
CA ASN G 381 -8.04 -6.84 -60.82
C ASN G 381 -8.59 -5.90 -61.93
N SER G 382 -9.18 -4.78 -61.55
CA SER G 382 -9.81 -3.86 -62.48
C SER G 382 -8.99 -3.56 -63.72
N SER G 383 -7.69 -3.81 -63.61
CA SER G 383 -6.74 -3.31 -64.60
C SER G 383 -6.43 -4.30 -65.71
N ASN G 384 -6.57 -5.59 -65.45
CA ASN G 384 -6.35 -6.59 -66.46
C ASN G 384 -7.61 -7.38 -66.71
N ILE G 385 -8.64 -7.23 -65.87
CA ILE G 385 -9.84 -8.12 -65.96
C ILE G 385 -10.44 -8.20 -67.33
N ASP G 386 -10.41 -7.09 -68.07
CA ASP G 386 -10.95 -7.08 -69.42
C ASP G 386 -9.99 -7.73 -70.39
N TYR G 387 -8.72 -7.34 -70.38
CA TYR G 387 -7.73 -8.07 -71.18
C TYR G 387 -7.81 -9.61 -71.09
N VAL G 388 -8.07 -10.13 -69.88
CA VAL G 388 -7.91 -11.56 -69.60
C VAL G 388 -9.13 -12.30 -70.06
N ALA G 389 -10.29 -11.85 -69.59
CA ALA G 389 -11.57 -12.32 -70.08
C ALA G 389 -11.73 -12.35 -71.64
N ASN G 390 -11.39 -11.25 -72.33
CA ASN G 390 -11.39 -11.20 -73.81
C ASN G 390 -10.37 -12.16 -74.51
N ALA G 391 -9.15 -12.26 -73.96
CA ALA G 391 -8.19 -13.32 -74.30
C ALA G 391 -8.81 -14.73 -74.12
N MET G 392 -9.29 -15.03 -72.92
CA MET G 392 -10.08 -16.24 -72.73
C MET G 392 -11.21 -16.47 -73.75
N VAL G 393 -11.92 -15.41 -74.15
CA VAL G 393 -12.99 -15.52 -75.14
C VAL G 393 -12.48 -16.07 -76.45
N ASP G 394 -11.46 -15.44 -77.03
CA ASP G 394 -10.84 -15.97 -78.24
C ASP G 394 -10.45 -17.44 -78.10
N VAL G 395 -9.82 -17.80 -76.98
CA VAL G 395 -9.19 -19.11 -76.88
C VAL G 395 -10.16 -20.32 -76.77
N LEU G 396 -11.39 -20.12 -76.30
CA LEU G 396 -12.37 -21.21 -76.31
C LEU G 396 -13.21 -21.32 -77.61
N LYS G 397 -13.47 -20.19 -78.29
CA LYS G 397 -14.08 -20.22 -79.64
C LYS G 397 -13.25 -21.13 -80.54
N ASP G 398 -11.95 -20.83 -80.63
CA ASP G 398 -10.91 -21.76 -81.11
C ASP G 398 -10.96 -21.99 -82.62
N MET H 1 -10.45 -44.14 -28.37
CA MET H 1 -9.77 -43.87 -29.65
C MET H 1 -8.29 -43.79 -29.35
N PHE H 2 -7.96 -42.94 -28.40
CA PHE H 2 -6.60 -42.60 -28.10
C PHE H 2 -6.10 -43.07 -26.75
N GLU H 3 -6.89 -43.86 -26.01
CA GLU H 3 -6.43 -44.33 -24.69
C GLU H 3 -5.22 -45.27 -24.78
N ARG H 4 -4.98 -45.84 -25.98
CA ARG H 4 -3.80 -46.65 -26.35
C ARG H 4 -2.45 -45.92 -26.21
N ILE H 5 -2.53 -44.61 -26.39
CA ILE H 5 -1.39 -43.73 -26.65
C ILE H 5 -0.70 -43.25 -25.38
N ASP H 6 0.63 -43.26 -25.37
CA ASP H 6 1.42 -43.07 -24.14
C ASP H 6 1.51 -41.64 -23.60
N TYR H 7 1.72 -41.53 -22.30
CA TYR H 7 1.96 -40.22 -21.69
C TYR H 7 3.29 -39.65 -22.11
N TYR H 8 3.39 -38.33 -22.32
CA TYR H 8 4.71 -37.82 -22.62
C TYR H 8 5.49 -37.36 -21.34
N ALA H 9 6.50 -38.16 -20.97
CA ALA H 9 7.53 -37.79 -19.98
C ALA H 9 8.05 -36.34 -20.10
N GLY H 10 8.44 -35.93 -21.31
CA GLY H 10 8.94 -34.56 -21.54
C GLY H 10 10.46 -34.45 -21.54
N ASP H 11 10.95 -33.22 -21.52
CA ASP H 11 12.31 -32.98 -21.12
C ASP H 11 12.26 -33.02 -19.61
N PRO H 12 13.15 -33.84 -18.98
CA PRO H 12 13.19 -33.81 -17.49
C PRO H 12 13.58 -32.40 -16.94
N ILE H 13 14.31 -31.66 -17.77
CA ILE H 13 14.73 -30.32 -17.46
C ILE H 13 13.57 -29.29 -17.46
N LEU H 14 12.48 -29.58 -18.15
CA LEU H 14 11.26 -28.75 -18.07
C LEU H 14 10.53 -28.84 -16.74
N GLY H 15 10.48 -30.07 -16.19
CA GLY H 15 9.77 -30.39 -14.95
C GLY H 15 10.48 -29.78 -13.77
N LEU H 16 11.80 -29.63 -13.90
CA LEU H 16 12.69 -28.90 -12.97
C LEU H 16 12.47 -27.36 -12.93
N VAL H 17 12.26 -26.74 -14.10
CA VAL H 17 11.89 -25.31 -14.23
C VAL H 17 10.64 -25.04 -13.38
N GLU H 18 9.73 -26.01 -13.37
CA GLU H 18 8.56 -25.89 -12.52
C GLU H 18 8.92 -26.00 -11.03
N LYS H 19 9.75 -26.97 -10.68
CA LYS H 19 10.19 -27.22 -9.29
C LYS H 19 10.93 -26.01 -8.63
N PHE H 20 11.70 -25.29 -9.45
CA PHE H 20 12.34 -24.06 -9.04
C PHE H 20 11.31 -22.96 -8.80
N ALA H 21 10.55 -22.68 -9.87
CA ALA H 21 9.45 -21.71 -9.88
C ALA H 21 8.56 -21.79 -8.63
N ALA H 22 8.24 -23.01 -8.23
CA ALA H 22 7.54 -23.31 -6.97
C ALA H 22 8.33 -22.99 -5.67
N ASP H 23 9.61 -23.38 -5.64
CA ASP H 23 10.45 -23.34 -4.44
C ASP H 23 10.45 -22.01 -3.68
N ASN H 24 10.28 -22.10 -2.36
CA ASN H 24 10.08 -20.93 -1.50
C ASN H 24 11.29 -20.19 -1.04
N ASN H 25 12.46 -20.85 -1.10
CA ASN H 25 13.72 -20.28 -0.64
C ASN H 25 13.93 -18.94 -1.32
N PRO H 26 14.04 -17.86 -0.52
CA PRO H 26 14.15 -16.52 -1.10
C PRO H 26 15.45 -16.37 -1.90
N ASP H 27 16.43 -17.23 -1.57
CA ASP H 27 17.83 -17.22 -2.02
C ASP H 27 18.10 -18.14 -3.20
N LYS H 28 17.08 -18.77 -3.72
CA LYS H 28 17.28 -19.74 -4.77
C LYS H 28 17.83 -19.16 -6.12
N VAL H 29 18.58 -20.02 -6.83
CA VAL H 29 19.15 -19.74 -8.16
C VAL H 29 18.86 -20.89 -9.15
N ASN H 30 18.53 -20.57 -10.40
CA ASN H 30 18.27 -21.61 -11.40
C ASN H 30 19.48 -21.73 -12.32
N LEU H 31 20.31 -22.75 -12.07
CA LEU H 31 21.45 -23.05 -12.93
C LEU H 31 21.19 -24.17 -13.95
N GLY H 32 19.91 -24.52 -14.12
CA GLY H 32 19.46 -25.56 -15.04
C GLY H 32 18.89 -25.15 -16.40
N ILE H 33 18.62 -23.89 -16.60
CA ILE H 33 18.11 -23.43 -17.92
C ILE H 33 19.28 -23.26 -18.84
N GLY H 34 19.09 -23.54 -20.11
CA GLY H 34 20.19 -23.40 -21.01
C GLY H 34 19.98 -22.14 -21.83
N ILE H 35 19.89 -20.98 -21.20
CA ILE H 35 19.88 -19.77 -21.99
C ILE H 35 20.89 -18.83 -21.40
N TYR H 36 21.33 -17.83 -22.16
CA TYR H 36 22.30 -16.87 -21.63
C TYR H 36 21.55 -15.72 -20.94
N TYR H 37 21.87 -15.48 -19.67
CA TYR H 37 21.34 -14.34 -18.90
C TYR H 37 22.52 -13.38 -18.67
N ASP H 38 22.31 -12.06 -18.75
CA ASP H 38 23.38 -11.06 -18.62
C ASP H 38 23.88 -10.80 -17.16
N GLU H 39 24.63 -9.73 -16.92
CA GLU H 39 25.14 -9.47 -15.55
C GLU H 39 24.11 -9.23 -14.46
N SER H 40 22.84 -9.04 -14.88
CA SER H 40 21.68 -8.83 -14.01
C SER H 40 20.69 -10.01 -14.00
N GLY H 41 21.12 -11.14 -14.56
CA GLY H 41 20.31 -12.34 -14.60
C GLY H 41 19.13 -12.20 -15.54
N VAL H 42 19.17 -11.18 -16.36
CA VAL H 42 18.09 -10.94 -17.30
C VAL H 42 18.49 -11.41 -18.72
N MET H 43 17.57 -11.91 -19.55
CA MET H 43 17.96 -12.23 -20.93
C MET H 43 18.09 -10.96 -21.78
N PRO H 44 19.29 -10.71 -22.38
CA PRO H 44 19.52 -9.46 -23.15
C PRO H 44 18.81 -9.38 -24.50
N VAL H 45 18.56 -8.16 -24.92
CA VAL H 45 18.23 -7.93 -26.31
C VAL H 45 19.47 -7.31 -26.96
N LEU H 46 20.05 -7.96 -27.97
CA LEU H 46 21.30 -7.45 -28.53
C LEU H 46 21.14 -6.11 -29.22
N ASP H 47 22.04 -5.19 -28.91
CA ASP H 47 22.04 -3.86 -29.48
C ASP H 47 21.88 -3.88 -31.03
N CYS H 48 22.53 -4.81 -31.70
CA CYS H 48 22.40 -4.91 -33.12
C CYS H 48 21.09 -5.55 -33.55
N VAL H 49 20.47 -6.37 -32.71
CA VAL H 49 19.23 -7.05 -33.00
C VAL H 49 18.15 -5.98 -32.92
N LYS H 50 18.28 -5.16 -31.88
CA LYS H 50 17.52 -3.92 -31.73
C LYS H 50 17.38 -3.08 -33.04
N ILE H 51 18.50 -2.65 -33.62
CA ILE H 51 18.53 -1.78 -34.78
C ILE H 51 17.86 -2.47 -35.96
N ALA H 52 18.34 -3.69 -36.17
CA ALA H 52 17.76 -4.60 -37.13
C ALA H 52 16.24 -4.67 -37.03
N GLU H 53 15.68 -4.87 -35.84
CA GLU H 53 14.25 -5.08 -35.74
C GLU H 53 13.47 -3.81 -36.06
N GLN H 54 14.11 -2.68 -35.81
CA GLN H 54 13.55 -1.42 -36.18
C GLN H 54 13.50 -1.27 -37.70
N ARG H 55 14.55 -1.62 -38.41
CA ARG H 55 14.52 -1.49 -39.85
C ARG H 55 13.42 -2.37 -40.41
N ILE H 56 13.10 -3.43 -39.67
CA ILE H 56 12.12 -4.40 -40.11
C ILE H 56 10.77 -3.78 -39.85
N ALA H 57 10.62 -3.12 -38.72
CA ALA H 57 9.31 -2.51 -38.42
C ALA H 57 9.03 -1.13 -39.05
N ASP H 58 9.98 -0.60 -39.82
CA ASP H 58 9.80 0.63 -40.56
C ASP H 58 10.52 0.56 -41.91
N PRO H 59 9.77 0.34 -43.01
CA PRO H 59 8.31 0.11 -43.10
C PRO H 59 7.91 -1.33 -42.73
N ILE H 60 6.82 -1.44 -41.96
CA ILE H 60 6.22 -2.75 -41.76
C ILE H 60 5.82 -3.28 -43.14
N SER H 61 6.35 -4.43 -43.55
CA SER H 61 6.26 -4.80 -44.96
C SER H 61 5.30 -5.92 -45.28
N PRO H 62 4.96 -6.10 -46.57
CA PRO H 62 4.24 -7.31 -46.98
C PRO H 62 5.08 -8.59 -46.75
N ARG H 63 4.42 -9.71 -46.46
CA ARG H 63 5.08 -10.89 -45.98
C ARG H 63 4.87 -12.13 -46.86
N PRO H 64 5.45 -12.13 -48.07
CA PRO H 64 5.32 -13.31 -48.96
C PRO H 64 6.06 -14.50 -48.39
N TYR H 65 6.01 -15.66 -49.06
CA TYR H 65 6.76 -16.83 -48.60
C TYR H 65 8.27 -16.61 -48.78
N LEU H 66 9.09 -17.14 -47.88
CA LEU H 66 10.47 -17.21 -48.17
C LEU H 66 10.70 -18.31 -49.16
N PRO H 67 11.80 -18.24 -49.95
CA PRO H 67 12.21 -19.44 -50.66
C PRO H 67 12.33 -20.67 -49.71
N MET H 68 12.21 -21.88 -50.25
CA MET H 68 12.38 -23.06 -49.42
C MET H 68 13.68 -23.06 -48.64
N ALA H 69 14.67 -22.37 -49.14
CA ALA H 69 16.00 -22.51 -48.59
C ALA H 69 16.27 -21.36 -47.69
N GLY H 70 15.27 -20.49 -47.53
CA GLY H 70 15.35 -19.30 -46.68
C GLY H 70 15.96 -18.15 -47.45
N LEU H 71 16.20 -17.03 -46.76
CA LEU H 71 16.69 -15.79 -47.37
C LEU H 71 18.09 -15.97 -47.94
N PRO H 72 18.37 -15.45 -49.19
CA PRO H 72 19.72 -15.57 -49.72
C PRO H 72 20.80 -15.06 -48.72
N GLY H 73 20.52 -13.91 -48.14
CA GLY H 73 21.47 -13.29 -47.24
C GLY H 73 21.71 -14.08 -45.99
N HIS H 74 20.66 -14.76 -45.54
CA HIS H 74 20.70 -15.51 -44.30
C HIS H 74 21.64 -16.66 -44.54
N ARG H 75 21.41 -17.33 -45.66
CA ARG H 75 22.26 -18.38 -46.14
C ARG H 75 23.67 -17.91 -46.31
N LYS H 76 23.87 -16.79 -47.04
CA LYS H 76 25.21 -16.16 -47.08
C LYS H 76 25.84 -15.93 -45.68
N GLY H 77 25.00 -15.54 -44.74
CA GLY H 77 25.44 -15.37 -43.37
C GLY H 77 26.03 -16.63 -42.77
N CYS H 78 25.27 -17.72 -42.86
CA CYS H 78 25.73 -18.98 -42.27
C CYS H 78 27.04 -19.38 -42.88
N GLN H 79 27.11 -19.27 -44.20
CA GLN H 79 28.27 -19.71 -44.94
C GLN H 79 29.50 -18.95 -44.45
N GLU H 80 29.37 -17.66 -44.29
CA GLU H 80 30.57 -16.91 -44.00
C GLU H 80 31.10 -17.17 -42.60
N LEU H 81 30.17 -17.14 -41.65
CA LEU H 81 30.48 -17.38 -40.26
C LEU H 81 31.11 -18.74 -40.08
N LEU H 82 30.61 -19.74 -40.77
CA LEU H 82 31.10 -21.07 -40.53
C LEU H 82 32.43 -21.32 -41.24
N PHE H 83 32.49 -20.86 -42.47
CA PHE H 83 33.57 -21.25 -43.33
C PHE H 83 34.63 -20.16 -43.58
N GLY H 84 34.31 -18.92 -43.22
CA GLY H 84 35.24 -17.77 -43.39
C GLY H 84 34.77 -16.94 -44.55
N LYS H 85 34.95 -15.63 -44.48
CA LYS H 85 34.56 -14.73 -45.61
C LYS H 85 35.42 -15.08 -46.81
N ASP H 86 34.83 -15.05 -48.00
CA ASP H 86 35.50 -15.44 -49.24
C ASP H 86 36.38 -16.69 -49.10
N ALA H 87 35.84 -17.69 -48.39
CA ALA H 87 36.55 -18.95 -48.25
C ALA H 87 36.66 -19.66 -49.63
N PRO H 88 37.81 -20.29 -49.93
CA PRO H 88 37.92 -21.14 -51.12
C PRO H 88 36.64 -22.00 -51.39
N VAL H 89 36.17 -22.67 -50.35
CA VAL H 89 35.03 -23.58 -50.52
C VAL H 89 33.73 -22.88 -50.95
N LEU H 90 33.57 -21.60 -50.63
CA LEU H 90 32.33 -20.91 -50.91
C LEU H 90 32.45 -20.37 -52.30
N LYS H 91 33.64 -19.80 -52.58
CA LYS H 91 33.97 -19.36 -53.92
CA LYS H 91 34.07 -19.39 -53.92
C LYS H 91 33.83 -20.46 -54.98
N ASP H 92 34.41 -21.65 -54.76
CA ASP H 92 34.11 -22.81 -55.68
C ASP H 92 32.62 -23.31 -55.77
N GLY H 93 31.67 -22.65 -55.10
CA GLY H 93 30.24 -23.05 -55.14
C GLY H 93 29.92 -24.45 -54.57
N LEU H 94 30.66 -24.85 -53.54
CA LEU H 94 30.77 -26.23 -53.18
C LEU H 94 30.01 -26.59 -51.91
N VAL H 95 29.30 -25.64 -51.32
CA VAL H 95 28.60 -25.83 -50.08
C VAL H 95 27.10 -25.52 -50.24
N ALA H 96 26.26 -26.54 -50.09
CA ALA H 96 24.83 -26.26 -50.07
C ALA H 96 24.33 -25.91 -48.65
N THR H 97 23.47 -24.90 -48.54
CA THR H 97 23.12 -24.28 -47.27
C THR H 97 21.65 -23.90 -47.41
N ILE H 98 20.84 -24.16 -46.39
CA ILE H 98 19.48 -23.60 -46.32
C ILE H 98 19.39 -22.92 -44.95
N ALA H 99 18.54 -21.89 -44.85
CA ALA H 99 18.01 -21.47 -43.54
C ALA H 99 17.15 -22.61 -42.89
N THR H 100 17.01 -22.63 -41.58
CA THR H 100 16.33 -23.75 -40.91
C THR H 100 15.68 -23.25 -39.66
N ILE H 101 14.85 -24.08 -39.05
CA ILE H 101 14.08 -23.64 -37.92
C ILE H 101 14.85 -23.96 -36.65
N GLY H 102 15.79 -23.08 -36.32
CA GLY H 102 16.76 -23.34 -35.25
C GLY H 102 17.78 -24.32 -35.76
N GLY H 103 18.79 -24.54 -34.96
CA GLY H 103 19.71 -25.63 -35.21
C GLY H 103 18.80 -26.86 -35.17
N SER H 104 17.63 -26.79 -34.51
CA SER H 104 16.89 -28.05 -34.33
C SER H 104 16.43 -28.59 -35.69
N GLY H 105 15.80 -27.68 -36.39
CA GLY H 105 15.42 -27.90 -37.79
C GLY H 105 16.56 -28.23 -38.69
N ALA H 106 17.71 -27.63 -38.42
CA ALA H 106 18.98 -27.97 -39.09
C ALA H 106 19.34 -29.39 -38.82
N LEU H 107 19.28 -29.83 -37.56
CA LEU H 107 19.45 -31.26 -37.28
C LEU H 107 18.41 -32.09 -38.01
N LYS H 108 17.16 -31.72 -37.87
CA LYS H 108 16.07 -32.50 -38.47
C LYS H 108 16.22 -32.65 -39.96
N VAL H 109 16.54 -31.56 -40.65
CA VAL H 109 16.63 -31.66 -42.11
C VAL H 109 17.81 -32.51 -42.54
N GLY H 110 19.00 -32.22 -41.99
CA GLY H 110 20.18 -33.13 -42.16
C GLY H 110 19.83 -34.60 -41.90
N ALA H 111 19.13 -34.87 -40.81
CA ALA H 111 18.79 -36.22 -40.45
C ALA H 111 17.91 -36.89 -41.49
N GLU H 112 16.83 -36.21 -41.86
CA GLU H 112 15.97 -36.76 -42.89
C GLU H 112 16.68 -37.03 -44.22
N PHE H 113 17.58 -36.14 -44.63
CA PHE H 113 18.27 -36.33 -45.87
C PHE H 113 19.16 -37.53 -45.77
N ILE H 114 19.87 -37.65 -44.66
CA ILE H 114 20.70 -38.81 -44.41
C ILE H 114 19.80 -40.04 -44.37
N HIS H 115 18.64 -39.97 -43.71
CA HIS H 115 17.76 -41.13 -43.72
C HIS H 115 17.31 -41.51 -45.14
N GLU H 116 17.17 -40.54 -46.00
CA GLU H 116 16.77 -40.92 -47.32
C GLU H 116 17.89 -41.43 -48.26
N TRP H 117 19.09 -40.89 -48.19
CA TRP H 117 20.09 -41.21 -49.18
C TRP H 117 21.25 -42.04 -48.67
N PHE H 118 21.35 -42.25 -47.37
CA PHE H 118 22.38 -43.09 -46.83
C PHE H 118 21.68 -43.93 -45.83
N PRO H 119 20.72 -44.72 -46.33
CA PRO H 119 19.78 -45.38 -45.43
C PRO H 119 20.41 -46.44 -44.58
N GLN H 120 21.64 -46.84 -44.91
CA GLN H 120 22.41 -47.87 -44.17
C GLN H 120 23.31 -47.31 -43.03
N SER H 121 23.27 -45.99 -42.79
CA SER H 121 24.15 -45.33 -41.83
C SER H 121 23.53 -45.36 -40.46
N LYS H 122 24.33 -45.57 -39.43
CA LYS H 122 23.87 -45.41 -38.08
C LYS H 122 24.46 -44.10 -37.65
N CYS H 123 23.91 -43.56 -36.59
CA CYS H 123 24.39 -42.32 -36.12
C CYS H 123 24.84 -42.45 -34.66
N TYR H 124 26.01 -41.89 -34.43
CA TYR H 124 26.58 -41.90 -33.11
C TYR H 124 26.74 -40.52 -32.53
N VAL H 125 26.22 -40.45 -31.31
CA VAL H 125 26.26 -39.24 -30.50
C VAL H 125 27.22 -39.37 -29.30
N SER H 126 27.72 -38.23 -28.79
CA SER H 126 28.74 -38.31 -27.75
C SER H 126 28.07 -38.70 -26.44
N ASP H 127 28.87 -39.34 -25.61
CA ASP H 127 28.47 -39.67 -24.27
C ASP H 127 29.11 -38.66 -23.31
N PRO H 128 28.28 -37.78 -22.66
CA PRO H 128 26.89 -37.60 -22.91
C PRO H 128 26.71 -36.51 -23.95
N THR H 129 25.44 -36.23 -24.33
CA THR H 129 25.18 -35.16 -25.26
C THR H 129 23.87 -34.51 -24.88
N TRP H 130 23.56 -33.38 -25.52
CA TRP H 130 22.23 -32.76 -25.51
C TRP H 130 21.22 -33.80 -25.96
N GLY H 131 20.33 -34.15 -25.06
CA GLY H 131 19.31 -35.14 -25.34
C GLY H 131 18.50 -34.99 -26.63
N ASN H 132 18.22 -33.76 -27.06
CA ASN H 132 17.40 -33.60 -28.26
C ASN H 132 18.11 -34.18 -29.52
N HIS H 133 19.42 -34.35 -29.46
CA HIS H 133 20.15 -34.96 -30.58
C HIS H 133 19.68 -36.33 -30.90
N ILE H 134 19.77 -37.25 -29.93
CA ILE H 134 19.14 -38.57 -29.95
C ILE H 134 17.69 -38.54 -30.46
N ALA H 135 16.81 -37.83 -29.76
CA ALA H 135 15.38 -37.81 -30.20
C ALA H 135 15.13 -37.43 -31.69
N ILE H 136 15.78 -36.35 -32.19
CA ILE H 136 15.66 -35.89 -33.60
C ILE H 136 16.05 -36.96 -34.63
N PHE H 137 17.29 -37.53 -34.52
CA PHE H 137 17.78 -38.61 -35.40
C PHE H 137 16.93 -39.88 -35.27
N GLU H 138 16.71 -40.32 -34.02
CA GLU H 138 15.84 -41.50 -33.75
C GLU H 138 14.42 -41.28 -34.29
N GLY H 139 13.92 -40.05 -34.18
CA GLY H 139 12.71 -39.62 -34.83
C GLY H 139 12.65 -39.77 -36.34
N CYS H 140 13.81 -39.79 -37.03
CA CYS H 140 13.82 -40.02 -38.49
C CYS H 140 13.90 -41.50 -38.89
N ASP H 141 13.92 -42.35 -37.86
CA ASP H 141 14.19 -43.79 -38.01
C ASP H 141 15.61 -44.15 -38.36
N ILE H 142 16.57 -43.29 -38.00
CA ILE H 142 17.97 -43.68 -37.99
C ILE H 142 18.28 -44.38 -36.68
N GLU H 143 19.26 -45.27 -36.71
CA GLU H 143 19.63 -45.98 -35.50
C GLU H 143 20.74 -45.20 -34.86
N VAL H 144 20.61 -44.98 -33.56
CA VAL H 144 21.56 -44.15 -32.84
C VAL H 144 22.34 -44.83 -31.70
N GLY H 145 23.64 -44.64 -31.68
CA GLY H 145 24.47 -45.27 -30.60
C GLY H 145 25.23 -44.16 -29.93
N LYS H 146 26.18 -44.53 -29.05
CA LYS H 146 26.97 -43.54 -28.30
C LYS H 146 28.48 -43.76 -28.40
N TYR H 147 29.27 -42.70 -28.64
CA TYR H 147 30.68 -42.89 -28.65
C TYR H 147 31.18 -42.36 -27.35
N PRO H 148 32.29 -42.95 -26.85
CA PRO H 148 32.89 -42.52 -25.58
C PRO H 148 33.39 -41.10 -25.63
N TYR H 149 33.02 -40.33 -24.63
CA TYR H 149 33.52 -39.00 -24.61
C TYR H 149 34.01 -38.50 -23.24
N TYR H 150 33.08 -38.22 -22.33
CA TYR H 150 33.45 -37.58 -21.10
C TYR H 150 33.91 -38.66 -20.15
N ASP H 151 35.00 -38.41 -19.44
CA ASP H 151 35.52 -39.35 -18.48
C ASP H 151 35.35 -38.78 -17.04
N THR H 152 34.46 -39.44 -16.26
CA THR H 152 34.14 -38.96 -14.93
C THR H 152 35.35 -38.92 -13.98
N ALA H 153 36.25 -39.91 -14.12
CA ALA H 153 37.48 -40.03 -13.34
C ALA H 153 38.46 -38.92 -13.55
N THR H 154 38.59 -38.42 -14.79
CA THR H 154 39.55 -37.35 -15.13
C THR H 154 38.98 -35.96 -15.38
N GLY H 155 37.68 -35.87 -15.67
CA GLY H 155 37.10 -34.55 -15.98
C GLY H 155 37.46 -34.11 -17.38
N GLY H 156 38.00 -35.04 -18.20
CA GLY H 156 38.42 -34.75 -19.56
C GLY H 156 37.82 -35.81 -20.50
N ILE H 157 38.36 -36.02 -21.71
CA ILE H 157 37.72 -36.91 -22.70
C ILE H 157 38.37 -38.28 -22.65
N LYS H 158 37.66 -39.37 -22.91
CA LYS H 158 38.32 -40.67 -22.95
C LYS H 158 39.01 -40.85 -24.30
N PHE H 159 39.76 -39.86 -24.73
CA PHE H 159 40.17 -39.79 -26.14
C PHE H 159 40.62 -41.13 -26.81
N ASP H 160 41.43 -41.92 -26.09
CA ASP H 160 41.97 -43.16 -26.67
C ASP H 160 40.85 -44.14 -26.93
N GLU H 161 39.95 -44.22 -25.98
CA GLU H 161 38.82 -45.09 -26.06
C GLU H 161 37.85 -44.60 -27.16
N MET H 162 37.78 -43.29 -27.39
CA MET H 162 36.89 -42.65 -28.40
C MET H 162 37.36 -43.09 -29.75
N ILE H 163 38.65 -42.89 -29.95
CA ILE H 163 39.27 -43.22 -31.23
C ILE H 163 39.13 -44.74 -31.53
N ALA H 164 39.28 -45.57 -30.49
CA ALA H 164 39.16 -46.99 -30.61
C ALA H 164 37.76 -47.28 -31.10
N PHE H 165 36.82 -46.47 -30.66
CA PHE H 165 35.47 -46.72 -31.09
C PHE H 165 35.16 -46.33 -32.56
N PHE H 166 35.55 -45.11 -32.95
CA PHE H 166 35.47 -44.70 -34.34
C PHE H 166 36.13 -45.70 -35.28
N GLU H 167 37.28 -46.26 -34.94
CA GLU H 167 37.85 -47.30 -35.82
C GLU H 167 36.84 -48.44 -36.08
N THR H 168 35.87 -48.68 -35.19
CA THR H 168 34.98 -49.83 -35.39
C THR H 168 33.74 -49.56 -36.24
N LEU H 169 33.56 -48.30 -36.66
CA LEU H 169 32.39 -47.91 -37.43
C LEU H 169 32.56 -48.18 -38.95
N ASN H 170 31.42 -48.28 -39.67
CA ASN H 170 31.35 -48.62 -41.11
C ASN H 170 31.46 -47.42 -41.99
N LYS H 171 31.73 -47.66 -43.24
CA LYS H 171 31.65 -46.60 -44.20
C LYS H 171 30.34 -45.90 -44.10
N ASP H 172 30.43 -44.58 -44.09
CA ASP H 172 29.34 -43.65 -44.23
C ASP H 172 28.48 -43.49 -42.97
N ASP H 173 28.87 -44.12 -41.88
CA ASP H 173 28.22 -43.83 -40.60
C ASP H 173 28.50 -42.41 -40.15
N VAL H 174 27.55 -41.85 -39.40
CA VAL H 174 27.55 -40.40 -39.09
C VAL H 174 28.01 -40.18 -37.68
N LEU H 175 28.93 -39.28 -37.48
CA LEU H 175 29.36 -38.95 -36.13
C LEU H 175 28.90 -37.55 -35.85
N LEU H 176 28.05 -37.44 -34.85
CA LEU H 176 27.48 -36.15 -34.44
C LEU H 176 28.44 -35.44 -33.46
N LEU H 177 29.16 -34.45 -33.94
CA LEU H 177 30.24 -33.84 -33.14
C LEU H 177 29.96 -32.37 -32.74
N HIS H 178 30.44 -31.91 -31.60
CA HIS H 178 30.29 -30.51 -31.21
C HIS H 178 31.65 -29.86 -31.46
N PRO H 179 31.75 -28.94 -32.46
CA PRO H 179 33.08 -28.50 -32.81
C PRO H 179 33.66 -27.65 -31.72
N CYS H 180 32.83 -27.14 -30.82
CA CYS H 180 33.27 -26.41 -29.65
C CYS H 180 32.12 -26.32 -28.62
N CYS H 181 32.43 -25.87 -27.40
CA CYS H 181 31.44 -25.68 -26.32
C CYS H 181 30.54 -26.86 -26.16
N HIS H 182 31.14 -27.97 -25.83
CA HIS H 182 30.34 -29.14 -25.67
C HIS H 182 29.19 -28.98 -24.65
N ASN H 183 28.05 -29.58 -25.00
CA ASN H 183 26.82 -29.60 -24.17
C ASN H 183 26.42 -31.06 -23.91
N PRO H 184 26.28 -31.49 -22.65
CA PRO H 184 26.33 -30.83 -21.34
C PRO H 184 27.70 -30.47 -20.68
N THR H 185 28.83 -30.96 -21.19
CA THR H 185 30.01 -31.04 -20.27
C THR H 185 30.95 -29.83 -20.29
N GLY H 186 30.90 -29.07 -21.37
CA GLY H 186 31.80 -27.95 -21.57
C GLY H 186 33.21 -28.42 -21.84
N VAL H 187 33.47 -29.72 -22.06
CA VAL H 187 34.87 -30.23 -22.15
C VAL H 187 35.12 -30.52 -23.59
N ASP H 188 36.21 -29.94 -24.10
CA ASP H 188 36.45 -29.76 -25.57
C ASP H 188 37.72 -30.47 -26.06
N LEU H 189 37.86 -30.72 -27.34
CA LEU H 189 39.09 -31.31 -27.82
C LEU H 189 39.98 -30.16 -28.16
N THR H 190 41.27 -30.48 -28.28
CA THR H 190 42.29 -29.53 -28.66
C THR H 190 42.46 -29.67 -30.14
N ARG H 191 43.33 -28.87 -30.72
CA ARG H 191 43.42 -28.83 -32.15
C ARG H 191 44.10 -30.13 -32.52
N GLU H 192 45.12 -30.51 -31.76
CA GLU H 192 45.87 -31.73 -32.09
C GLU H 192 44.95 -32.94 -32.03
N GLN H 193 44.01 -32.89 -31.08
CA GLN H 193 42.92 -33.87 -30.94
C GLN H 193 42.02 -33.89 -32.16
N TRP H 194 41.58 -32.70 -32.63
CA TRP H 194 40.68 -32.67 -33.77
C TRP H 194 41.36 -33.28 -34.98
N ASP H 195 42.67 -33.07 -35.11
CA ASP H 195 43.39 -33.48 -36.30
C ASP H 195 43.43 -34.96 -36.34
N THR H 196 43.75 -35.55 -35.20
CA THR H 196 43.64 -36.96 -35.05
C THR H 196 42.23 -37.51 -35.33
N VAL H 197 41.22 -36.96 -34.63
CA VAL H 197 39.80 -37.29 -34.90
C VAL H 197 39.51 -37.16 -36.40
N LEU H 198 39.89 -36.06 -37.01
CA LEU H 198 39.66 -35.86 -38.45
C LEU H 198 40.37 -36.86 -39.38
N ASN H 199 41.55 -37.32 -38.99
CA ASN H 199 42.25 -38.31 -39.79
C ASN H 199 41.57 -39.63 -39.80
N VAL H 200 41.13 -40.08 -38.64
CA VAL H 200 40.36 -41.35 -38.52
C VAL H 200 39.03 -41.29 -39.32
N ILE H 201 38.27 -40.22 -39.16
CA ILE H 201 37.08 -39.98 -39.95
C ILE H 201 37.41 -40.08 -41.45
N GLN H 202 38.56 -39.56 -41.89
CA GLN H 202 39.01 -39.77 -43.27
C GLN H 202 39.28 -41.26 -43.65
N GLU H 203 40.18 -41.90 -42.91
CA GLU H 203 40.49 -43.30 -43.09
C GLU H 203 39.24 -44.20 -42.96
N ARG H 204 38.37 -43.96 -41.98
CA ARG H 204 37.20 -44.83 -41.79
C ARG H 204 35.97 -44.54 -42.71
N GLU H 205 36.20 -43.60 -43.63
CA GLU H 205 35.21 -42.93 -44.51
C GLU H 205 33.88 -42.58 -43.83
N LEU H 206 33.95 -41.89 -42.71
CA LEU H 206 32.81 -41.58 -41.91
C LEU H 206 32.25 -40.22 -42.24
N ILE H 207 31.11 -39.90 -41.66
CA ILE H 207 30.43 -38.69 -42.02
C ILE H 207 30.42 -37.78 -40.81
N PRO H 208 31.05 -36.62 -40.92
CA PRO H 208 31.01 -35.78 -39.75
C PRO H 208 29.82 -34.90 -39.86
N PHE H 209 29.02 -34.89 -38.82
CA PHE H 209 27.89 -33.97 -38.77
C PHE H 209 28.20 -33.06 -37.61
N MET H 210 28.55 -31.83 -37.95
CA MET H 210 29.01 -30.83 -36.93
C MET H 210 27.89 -29.90 -36.57
N ASP H 211 27.56 -29.87 -35.28
CA ASP H 211 26.45 -29.09 -34.75
C ASP H 211 27.05 -27.99 -33.89
N ILE H 212 27.10 -26.77 -34.44
CA ILE H 212 27.68 -25.61 -33.75
C ILE H 212 26.58 -24.62 -33.23
N ALA H 213 26.29 -24.67 -31.92
CA ALA H 213 25.19 -23.91 -31.37
C ALA H 213 25.68 -22.69 -30.58
N TYR H 214 26.99 -22.71 -30.23
CA TYR H 214 27.65 -21.72 -29.33
C TYR H 214 28.86 -21.02 -29.97
N GLN H 215 28.87 -20.91 -31.32
CA GLN H 215 29.97 -20.26 -32.01
C GLN H 215 30.26 -18.82 -31.43
N GLY H 216 31.52 -18.55 -31.02
CA GLY H 216 31.91 -17.32 -30.38
C GLY H 216 31.93 -17.33 -28.85
N PHE H 217 31.32 -18.37 -28.24
CA PHE H 217 31.40 -18.56 -26.76
C PHE H 217 32.65 -19.32 -26.29
N GLY H 218 33.36 -19.95 -27.19
CA GLY H 218 34.54 -20.69 -26.78
C GLY H 218 35.80 -19.83 -26.81
N GLU H 219 36.30 -19.54 -27.99
CA GLU H 219 37.48 -18.71 -28.03
C GLU H 219 37.22 -17.42 -28.81
N ASP H 220 37.02 -17.56 -30.11
CA ASP H 220 36.48 -16.49 -30.91
C ASP H 220 35.88 -17.25 -32.03
N MET H 221 35.21 -16.51 -32.92
CA MET H 221 34.46 -17.09 -34.01
C MET H 221 35.30 -18.05 -34.83
N ASP H 222 36.45 -17.57 -35.31
CA ASP H 222 37.30 -18.33 -36.23
C ASP H 222 37.81 -19.55 -35.53
N SER H 223 38.27 -19.36 -34.30
N SER H 223 38.30 -19.38 -34.31
CA SER H 223 38.78 -20.46 -33.48
CA SER H 223 38.78 -20.52 -33.51
C SER H 223 37.77 -21.57 -33.12
C SER H 223 37.71 -21.60 -33.27
N ASP H 224 36.53 -21.21 -32.79
CA ASP H 224 35.46 -22.17 -32.57
C ASP H 224 35.14 -22.96 -33.82
N ALA H 225 35.30 -22.33 -35.01
CA ALA H 225 35.02 -23.03 -36.28
C ALA H 225 36.21 -23.90 -36.74
N TYR H 226 37.19 -24.15 -35.87
CA TYR H 226 38.43 -24.77 -36.32
C TYR H 226 38.13 -26.14 -36.92
N ALA H 227 37.39 -26.94 -36.18
CA ALA H 227 37.07 -28.29 -36.61
C ALA H 227 36.37 -28.35 -37.99
N ILE H 228 35.43 -27.43 -38.18
CA ILE H 228 34.60 -27.36 -39.34
C ILE H 228 35.49 -27.01 -40.48
N ARG H 229 36.21 -25.87 -40.41
CA ARG H 229 37.15 -25.46 -41.49
C ARG H 229 38.24 -26.52 -41.75
N LYS H 230 38.66 -27.21 -40.70
CA LYS H 230 39.59 -28.28 -40.91
C LYS H 230 38.99 -29.47 -41.68
N ALA H 231 37.73 -29.84 -41.41
CA ALA H 231 37.12 -30.94 -42.16
C ALA H 231 37.08 -30.46 -43.58
N VAL H 232 36.91 -29.16 -43.77
CA VAL H 232 36.88 -28.66 -45.12
C VAL H 232 38.20 -28.71 -45.84
N ASP H 233 39.29 -28.17 -45.30
CA ASP H 233 40.62 -28.34 -45.94
C ASP H 233 40.82 -29.83 -46.31
N MET H 234 40.27 -30.77 -45.52
CA MET H 234 40.56 -32.22 -45.68
C MET H 234 39.68 -32.99 -46.65
N GLY H 235 38.84 -32.32 -47.44
CA GLY H 235 37.95 -32.96 -48.41
C GLY H 235 36.86 -33.89 -47.89
N LEU H 236 36.57 -33.90 -46.57
CA LEU H 236 35.51 -34.74 -45.96
C LEU H 236 34.09 -34.26 -46.33
N PRO H 237 33.03 -35.15 -46.31
CA PRO H 237 31.69 -34.72 -46.72
C PRO H 237 30.93 -34.19 -45.51
N LEU H 238 31.18 -32.94 -45.18
CA LEU H 238 30.77 -32.39 -43.92
C LEU H 238 29.33 -31.92 -43.99
N PHE H 239 28.64 -32.16 -42.90
CA PHE H 239 27.32 -31.64 -42.59
C PHE H 239 27.52 -30.66 -41.46
N VAL H 240 26.93 -29.48 -41.51
CA VAL H 240 27.12 -28.55 -40.43
C VAL H 240 25.76 -27.90 -40.04
N SER H 241 25.24 -28.17 -38.84
CA SER H 241 24.03 -27.48 -38.40
C SER H 241 24.48 -26.40 -37.46
N ASN H 242 23.94 -25.20 -37.64
CA ASN H 242 24.35 -24.12 -36.80
C ASN H 242 23.15 -23.37 -36.33
N SER H 243 23.23 -22.85 -35.13
CA SER H 243 22.14 -22.03 -34.52
C SER H 243 22.53 -20.56 -34.23
N PHE H 244 21.55 -19.67 -34.34
CA PHE H 244 21.79 -18.38 -33.76
C PHE H 244 21.00 -18.20 -32.51
N SER H 245 20.32 -19.19 -31.97
CA SER H 245 19.54 -18.96 -30.74
C SER H 245 20.32 -18.26 -29.63
N LYS H 246 21.50 -18.77 -29.37
CA LYS H 246 22.21 -18.28 -28.23
C LYS H 246 23.07 -17.12 -28.58
N ASN H 247 23.67 -17.12 -29.76
CA ASN H 247 24.63 -16.04 -30.08
C ASN H 247 24.01 -14.74 -30.66
N LEU H 248 22.73 -14.78 -30.97
CA LEU H 248 22.01 -13.57 -31.36
C LEU H 248 21.00 -13.33 -30.26
N SER H 249 20.94 -14.29 -29.34
CA SER H 249 20.04 -14.14 -28.23
C SER H 249 18.63 -14.13 -28.85
N LEU H 250 18.37 -15.02 -29.81
CA LEU H 250 17.15 -15.01 -30.59
C LEU H 250 16.34 -16.30 -30.52
N TYR H 251 16.39 -16.95 -29.36
CA TYR H 251 15.82 -18.26 -29.13
C TYR H 251 14.48 -18.48 -29.81
N GLY H 252 13.47 -17.68 -29.47
CA GLY H 252 12.14 -17.82 -30.04
C GLY H 252 11.96 -17.68 -31.54
N GLU H 253 12.84 -16.98 -32.22
CA GLU H 253 12.62 -16.68 -33.66
C GLU H 253 12.98 -17.85 -34.58
N ARG H 254 13.67 -18.81 -33.98
CA ARG H 254 13.99 -20.08 -34.61
C ARG H 254 14.86 -19.88 -35.83
N VAL H 255 16.08 -19.43 -35.57
CA VAL H 255 17.02 -19.17 -36.66
C VAL H 255 18.32 -20.00 -36.58
N GLY H 256 18.61 -20.72 -37.67
CA GLY H 256 19.81 -21.53 -37.75
C GLY H 256 20.04 -21.78 -39.20
N GLY H 257 20.99 -22.64 -39.53
CA GLY H 257 21.26 -23.02 -40.92
C GLY H 257 21.77 -24.44 -40.99
N LEU H 258 21.76 -25.04 -42.19
CA LEU H 258 22.25 -26.39 -42.42
C LEU H 258 23.14 -26.31 -43.67
N SER H 259 24.36 -26.83 -43.59
CA SER H 259 25.31 -26.73 -44.70
C SER H 259 25.95 -28.07 -44.96
N VAL H 260 25.94 -28.54 -46.20
CA VAL H 260 26.58 -29.76 -46.62
C VAL H 260 27.71 -29.43 -47.61
N VAL H 261 28.93 -29.86 -47.28
CA VAL H 261 30.07 -29.58 -48.16
C VAL H 261 30.13 -30.69 -49.20
N CYS H 262 30.11 -30.34 -50.47
CA CYS H 262 30.17 -31.36 -51.55
C CYS H 262 31.50 -31.32 -52.32
N PRO H 263 31.85 -32.42 -53.03
CA PRO H 263 33.11 -32.51 -53.76
C PRO H 263 33.14 -31.73 -55.09
N THR H 264 32.01 -31.64 -55.80
CA THR H 264 31.94 -30.93 -57.07
C THR H 264 30.67 -30.06 -57.17
N VAL H 265 30.72 -29.03 -57.99
CA VAL H 265 29.50 -28.22 -58.23
C VAL H 265 28.30 -29.06 -58.62
N ASP H 266 28.52 -30.16 -59.32
CA ASP H 266 27.37 -30.94 -59.72
C ASP H 266 26.69 -31.62 -58.51
N GLU H 267 27.50 -32.22 -57.65
CA GLU H 267 27.01 -32.84 -56.46
C GLU H 267 26.34 -31.77 -55.58
N THR H 268 26.82 -30.53 -55.60
CA THR H 268 26.13 -29.52 -54.83
C THR H 268 24.65 -29.39 -55.23
N GLU H 269 24.37 -29.34 -56.53
CA GLU H 269 22.98 -29.15 -57.02
C GLU H 269 22.07 -30.24 -56.55
N ARG H 270 22.59 -31.47 -56.48
CA ARG H 270 21.73 -32.60 -56.11
C ARG H 270 21.25 -32.42 -54.68
N VAL H 271 22.21 -32.08 -53.85
CA VAL H 271 22.05 -32.00 -52.42
C VAL H 271 21.17 -30.79 -52.18
N PHE H 272 21.56 -29.66 -52.76
CA PHE H 272 20.85 -28.46 -52.42
C PHE H 272 19.36 -28.68 -52.75
N GLY H 273 19.20 -29.29 -53.92
CA GLY H 273 17.89 -29.58 -54.47
C GLY H 273 17.11 -30.50 -53.58
N GLN H 274 17.73 -31.59 -53.11
CA GLN H 274 17.07 -32.54 -52.21
C GLN H 274 16.79 -31.91 -50.88
N LEU H 275 17.66 -30.98 -50.51
CA LEU H 275 17.47 -30.30 -49.28
C LEU H 275 16.20 -29.44 -49.35
N ASN H 276 16.06 -28.70 -50.41
CA ASN H 276 14.82 -27.94 -50.62
C ASN H 276 13.59 -28.89 -50.44
N SER H 277 13.72 -30.07 -51.02
CA SER H 277 12.61 -30.97 -51.23
C SER H 277 12.11 -31.46 -49.89
N THR H 278 13.09 -31.81 -49.04
CA THR H 278 12.91 -32.13 -47.64
C THR H 278 12.15 -30.99 -46.91
N VAL H 279 12.54 -29.73 -47.16
CA VAL H 279 11.84 -28.65 -46.52
C VAL H 279 10.37 -28.60 -46.94
N ARG H 280 10.10 -28.72 -48.24
CA ARG H 280 8.75 -28.64 -48.77
C ARG H 280 7.87 -29.54 -47.97
N ARG H 281 8.44 -30.59 -47.46
CA ARG H 281 7.68 -31.76 -47.14
C ARG H 281 7.56 -31.87 -45.63
N ILE H 282 7.98 -30.79 -44.95
CA ILE H 282 7.93 -30.69 -43.47
C ILE H 282 7.19 -29.40 -43.05
N TYR H 283 7.58 -28.26 -43.61
CA TYR H 283 7.07 -26.99 -43.14
C TYR H 283 7.04 -25.93 -44.20
N SER H 284 7.38 -26.28 -45.43
CA SER H 284 7.28 -25.38 -46.63
C SER H 284 8.34 -24.30 -46.74
N SER H 285 8.37 -23.36 -45.77
CA SER H 285 9.39 -22.29 -45.78
C SER H 285 9.70 -21.79 -44.38
N PRO H 286 10.93 -21.27 -44.14
CA PRO H 286 11.29 -20.95 -42.77
C PRO H 286 10.80 -19.55 -42.45
N PRO H 287 10.80 -19.16 -41.15
CA PRO H 287 10.07 -17.95 -40.80
C PRO H 287 10.79 -16.68 -41.18
N SER H 288 10.01 -15.75 -41.70
CA SER H 288 10.50 -14.47 -42.21
C SER H 288 11.06 -13.58 -41.11
N HIS H 289 10.39 -13.47 -39.96
CA HIS H 289 10.83 -12.45 -39.03
C HIS H 289 12.28 -12.68 -38.67
N GLY H 290 12.55 -13.93 -38.24
CA GLY H 290 13.84 -14.45 -37.85
C GLY H 290 14.88 -14.31 -38.92
N GLY H 291 14.70 -14.95 -40.05
CA GLY H 291 15.64 -14.81 -41.14
C GLY H 291 15.96 -13.35 -41.52
N ARG H 292 14.98 -12.46 -41.40
CA ARG H 292 15.28 -11.07 -41.67
C ARG H 292 16.27 -10.44 -40.70
N VAL H 293 16.18 -10.77 -39.43
CA VAL H 293 17.16 -10.28 -38.54
C VAL H 293 18.55 -10.80 -38.94
N VAL H 294 18.65 -12.06 -39.36
CA VAL H 294 19.96 -12.64 -39.59
C VAL H 294 20.50 -11.98 -40.85
N ASP H 295 19.67 -11.92 -41.90
CA ASP H 295 20.03 -11.21 -43.15
C ASP H 295 20.59 -9.81 -42.82
N ILE H 296 19.90 -9.10 -41.93
CA ILE H 296 20.28 -7.78 -41.61
C ILE H 296 21.60 -7.70 -40.85
N VAL H 297 21.72 -8.43 -39.77
CA VAL H 297 22.87 -8.31 -38.88
C VAL H 297 24.07 -8.84 -39.59
N MET H 298 23.93 -10.01 -40.18
CA MET H 298 25.07 -10.63 -40.83
C MET H 298 25.67 -9.85 -42.00
N ASN H 299 24.82 -9.16 -42.78
CA ASN H 299 25.29 -8.57 -44.04
C ASN H 299 25.56 -7.08 -44.05
N ASP H 300 25.27 -6.44 -42.93
CA ASP H 300 25.59 -5.06 -42.74
C ASP H 300 26.89 -4.99 -41.94
N ALA H 301 27.97 -4.51 -42.60
CA ALA H 301 29.30 -4.55 -41.98
C ALA H 301 29.39 -3.82 -40.63
N ALA H 302 28.85 -2.60 -40.52
CA ALA H 302 28.74 -1.92 -39.17
C ALA H 302 27.95 -2.76 -38.06
N LEU H 303 26.84 -3.38 -38.48
CA LEU H 303 26.03 -4.17 -37.59
C LEU H 303 26.65 -5.52 -37.24
N HIS H 304 27.23 -6.21 -38.23
CA HIS H 304 28.03 -7.43 -38.00
C HIS H 304 29.17 -7.24 -36.96
N GLU H 305 30.01 -6.23 -37.15
CA GLU H 305 31.11 -5.94 -36.21
C GLU H 305 30.62 -5.66 -34.75
N GLN H 306 29.59 -4.83 -34.60
CA GLN H 306 28.90 -4.68 -33.31
C GLN H 306 28.52 -6.04 -32.73
N TRP H 307 27.89 -6.89 -33.57
CA TRP H 307 27.29 -8.20 -33.17
C TRP H 307 28.31 -9.10 -32.55
N VAL H 308 29.37 -9.34 -33.29
CA VAL H 308 30.61 -9.89 -32.75
C VAL H 308 31.08 -9.37 -31.35
N GLY H 309 31.22 -8.07 -31.16
CA GLY H 309 31.75 -7.50 -29.90
C GLY H 309 30.82 -7.91 -28.79
N GLU H 310 29.52 -7.95 -29.10
CA GLU H 310 28.50 -8.38 -28.17
C GLU H 310 28.59 -9.89 -27.79
N VAL H 311 28.79 -10.75 -28.78
CA VAL H 311 29.06 -12.14 -28.55
C VAL H 311 30.26 -12.23 -27.59
N TYR H 312 31.43 -11.82 -28.07
CA TYR H 312 32.65 -11.74 -27.22
C TYR H 312 32.44 -11.14 -25.80
N ALA H 313 31.54 -10.17 -25.63
CA ALA H 313 31.29 -9.74 -24.28
C ALA H 313 30.63 -10.83 -23.50
N MET H 314 29.70 -11.57 -24.10
CA MET H 314 29.06 -12.64 -23.38
C MET H 314 30.08 -13.74 -22.97
N ARG H 315 31.05 -13.95 -23.87
CA ARG H 315 32.00 -15.03 -23.77
C ARG H 315 32.86 -14.75 -22.56
N ASP H 316 33.26 -13.48 -22.53
CA ASP H 316 34.19 -13.00 -21.51
C ASP H 316 33.50 -13.03 -20.19
N ARG H 317 32.19 -12.74 -20.23
CA ARG H 317 31.34 -12.63 -19.01
C ARG H 317 31.30 -14.00 -18.42
N ILE H 318 31.10 -14.96 -19.30
CA ILE H 318 30.96 -16.30 -18.88
C ILE H 318 32.30 -16.77 -18.40
N LYS H 319 33.37 -16.37 -19.08
CA LYS H 319 34.68 -16.78 -18.54
C LYS H 319 34.95 -16.18 -17.17
N SER H 320 34.47 -14.97 -16.93
CA SER H 320 34.78 -14.32 -15.66
C SER H 320 33.99 -15.07 -14.56
N MET H 321 32.81 -15.60 -14.89
CA MET H 321 32.09 -16.40 -13.95
C MET H 321 32.84 -17.70 -13.61
N ARG H 322 33.57 -18.24 -14.59
CA ARG H 322 34.31 -19.49 -14.35
C ARG H 322 35.48 -19.25 -13.40
N THR H 323 36.29 -18.23 -13.71
CA THR H 323 37.43 -17.97 -12.85
C THR H 323 37.01 -17.59 -11.43
N LYS H 324 35.90 -16.88 -11.28
CA LYS H 324 35.39 -16.55 -9.97
C LYS H 324 34.91 -17.83 -9.20
N LEU H 325 34.01 -18.60 -9.77
CA LEU H 325 33.72 -19.90 -9.16
C LEU H 325 35.01 -20.63 -8.71
N LYS H 326 35.95 -20.79 -9.62
CA LYS H 326 37.18 -21.54 -9.25
C LYS H 326 37.94 -20.91 -8.11
N SER H 327 37.94 -19.59 -8.03
CA SER H 327 38.82 -19.02 -7.04
C SER H 327 38.21 -19.34 -5.71
N VAL H 328 36.88 -19.39 -5.66
CA VAL H 328 36.26 -19.60 -4.39
C VAL H 328 36.48 -21.04 -3.94
N LEU H 329 36.28 -21.97 -4.85
CA LEU H 329 36.49 -23.38 -4.59
C LEU H 329 37.97 -23.76 -4.32
N GLU H 330 38.89 -23.21 -5.07
CA GLU H 330 40.33 -23.41 -4.86
C GLU H 330 40.76 -22.85 -3.50
N ALA H 331 40.17 -21.74 -3.11
CA ALA H 331 40.60 -21.08 -1.89
C ALA H 331 39.96 -21.73 -0.67
N LYS H 332 38.67 -22.14 -0.73
CA LYS H 332 38.06 -22.80 0.46
C LYS H 332 38.44 -24.25 0.58
N ILE H 333 38.58 -24.97 -0.56
CA ILE H 333 39.06 -26.37 -0.61
C ILE H 333 40.45 -26.58 -1.26
N SER H 334 41.50 -26.52 -0.44
CA SER H 334 42.91 -26.40 -0.91
C SER H 334 43.51 -27.50 -1.81
N GLY H 335 43.21 -28.73 -1.48
CA GLY H 335 43.93 -29.85 -2.02
C GLY H 335 43.15 -30.56 -3.08
N ARG H 336 42.13 -29.88 -3.62
CA ARG H 336 41.35 -30.43 -4.71
C ARG H 336 41.61 -29.53 -5.86
N ASN H 337 41.78 -30.11 -7.04
CA ASN H 337 42.00 -29.34 -8.25
C ASN H 337 40.70 -28.95 -8.96
N PHE H 338 40.71 -27.85 -9.70
CA PHE H 338 39.47 -27.32 -10.27
C PHE H 338 39.64 -26.72 -11.62
N ASP H 339 40.89 -26.79 -12.09
CA ASP H 339 41.32 -26.24 -13.38
C ASP H 339 40.30 -26.61 -14.52
N TYR H 340 39.52 -27.68 -14.34
CA TYR H 340 38.50 -28.05 -15.32
C TYR H 340 37.47 -26.96 -15.51
N LEU H 341 37.06 -26.31 -14.42
CA LEU H 341 36.16 -25.17 -14.49
C LEU H 341 36.66 -24.10 -15.43
N THR H 342 37.96 -23.98 -15.59
CA THR H 342 38.43 -22.92 -16.45
C THR H 342 38.90 -23.52 -17.76
N ALA H 343 39.19 -24.82 -17.71
CA ALA H 343 39.63 -25.50 -18.92
C ALA H 343 38.42 -25.65 -19.88
N GLN H 344 37.22 -25.75 -19.30
CA GLN H 344 35.96 -25.94 -20.00
C GLN H 344 35.59 -24.69 -20.77
N ASN H 345 34.94 -24.81 -21.94
CA ASN H 345 34.45 -23.59 -22.65
C ASN H 345 32.98 -23.63 -22.86
N GLY H 346 32.39 -22.46 -23.10
CA GLY H 346 30.97 -22.39 -23.46
C GLY H 346 30.04 -22.22 -22.30
N MET H 347 28.77 -22.45 -22.54
CA MET H 347 27.74 -22.12 -21.54
C MET H 347 27.68 -23.09 -20.39
N PHE H 348 28.17 -24.29 -20.64
CA PHE H 348 27.91 -25.32 -19.63
C PHE H 348 29.17 -25.86 -19.05
N SER H 349 28.97 -26.46 -17.91
CA SER H 349 30.05 -27.00 -17.15
C SER H 349 29.53 -28.21 -16.47
N PHE H 350 30.28 -29.29 -16.62
CA PHE H 350 30.04 -30.50 -15.85
C PHE H 350 30.85 -30.20 -14.59
N THR H 351 30.18 -29.73 -13.55
CA THR H 351 30.82 -29.31 -12.29
C THR H 351 31.53 -30.40 -11.55
N GLY H 352 31.12 -31.62 -11.86
CA GLY H 352 31.72 -32.79 -11.27
C GLY H 352 31.13 -33.02 -9.90
N LEU H 353 29.95 -32.45 -9.62
CA LEU H 353 29.26 -32.78 -8.41
C LEU H 353 28.62 -34.12 -8.60
N THR H 354 28.52 -34.90 -7.53
CA THR H 354 27.79 -36.18 -7.54
C THR H 354 26.28 -35.98 -7.49
N PRO H 355 25.53 -36.99 -7.96
CA PRO H 355 24.06 -36.78 -8.05
C PRO H 355 23.34 -36.37 -6.69
N GLU H 356 23.86 -36.87 -5.57
CA GLU H 356 23.25 -36.54 -4.29
C GLU H 356 23.77 -35.21 -3.81
N GLN H 357 25.03 -34.91 -4.06
CA GLN H 357 25.49 -33.52 -3.92
C GLN H 357 24.61 -32.53 -4.71
N VAL H 358 24.11 -32.92 -5.88
CA VAL H 358 23.21 -32.00 -6.54
C VAL H 358 21.90 -31.88 -5.82
N GLU H 359 21.44 -32.99 -5.26
CA GLU H 359 20.20 -33.01 -4.50
C GLU H 359 20.33 -32.09 -3.24
N ARG H 360 21.47 -32.18 -2.53
CA ARG H 360 21.71 -31.35 -1.33
C ARG H 360 21.65 -29.81 -1.68
N LEU H 361 22.04 -29.49 -2.91
CA LEU H 361 22.28 -28.14 -3.26
C LEU H 361 20.95 -27.53 -3.41
N GLN H 362 20.05 -28.33 -3.98
CA GLN H 362 18.74 -27.93 -4.32
C GLN H 362 17.96 -27.84 -3.03
N SER H 363 18.07 -28.86 -2.18
CA SER H 363 17.15 -28.98 -1.02
C SER H 363 17.45 -27.97 0.10
N GLU H 364 18.75 -27.83 0.37
CA GLU H 364 19.30 -26.95 1.35
C GLU H 364 19.50 -25.51 0.87
N PHE H 365 19.92 -25.30 -0.38
CA PHE H 365 20.24 -23.97 -0.84
C PHE H 365 19.27 -23.36 -1.91
N GLY H 366 18.35 -24.14 -2.48
CA GLY H 366 17.45 -23.67 -3.53
C GLY H 366 18.16 -23.49 -4.86
N ILE H 367 19.28 -24.20 -5.06
CA ILE H 367 20.18 -24.09 -6.26
C ILE H 367 19.92 -25.26 -7.20
N TYR H 368 19.46 -24.96 -8.41
CA TYR H 368 19.02 -26.00 -9.34
C TYR H 368 20.02 -26.34 -10.45
N MET H 369 20.57 -27.56 -10.43
CA MET H 369 21.38 -28.10 -11.54
C MET H 369 20.81 -29.40 -12.05
N ILE H 370 21.39 -29.93 -13.13
CA ILE H 370 20.98 -31.22 -13.71
C ILE H 370 21.73 -32.28 -12.90
N SER H 371 21.08 -33.40 -12.58
CA SER H 371 21.65 -34.38 -11.67
C SER H 371 22.90 -35.02 -12.27
N ASN H 372 23.02 -34.96 -13.60
CA ASN H 372 24.27 -35.35 -14.29
C ASN H 372 25.46 -34.43 -13.96
N SER H 373 25.23 -33.40 -13.11
CA SER H 373 26.14 -32.30 -12.75
C SER H 373 26.28 -31.05 -13.67
N ARG H 374 25.43 -30.92 -14.68
CA ARG H 374 25.50 -29.79 -15.61
C ARG H 374 25.03 -28.54 -14.95
N MET H 375 25.82 -27.49 -15.14
CA MET H 375 25.47 -26.20 -14.62
C MET H 375 25.41 -25.30 -15.80
N CYS H 376 24.40 -24.41 -15.83
CA CYS H 376 24.52 -23.31 -16.79
C CYS H 376 25.29 -22.09 -16.22
N VAL H 377 26.55 -22.01 -16.61
CA VAL H 377 27.49 -20.96 -16.13
C VAL H 377 26.94 -19.55 -16.35
N ALA H 378 26.22 -19.31 -17.45
CA ALA H 378 25.61 -17.99 -17.61
C ALA H 378 24.53 -17.65 -16.53
N GLY H 379 23.97 -18.67 -15.91
CA GLY H 379 23.12 -18.36 -14.78
C GLY H 379 23.85 -17.69 -13.60
N LEU H 380 25.16 -17.51 -13.67
CA LEU H 380 25.89 -16.93 -12.55
C LEU H 380 26.17 -15.49 -12.90
N ASN H 381 26.12 -14.62 -11.88
CA ASN H 381 26.51 -13.22 -12.01
C ASN H 381 26.96 -12.73 -10.64
N SER H 382 27.55 -11.52 -10.63
CA SER H 382 28.15 -10.99 -9.43
C SER H 382 27.25 -10.98 -8.22
N SER H 383 25.99 -11.26 -8.38
CA SER H 383 25.09 -11.09 -7.27
C SER H 383 24.76 -12.43 -6.66
N ASN H 384 24.89 -13.54 -7.41
CA ASN H 384 24.62 -14.83 -6.75
C ASN H 384 25.89 -15.66 -6.64
N ILE H 385 26.93 -15.17 -7.29
CA ILE H 385 28.16 -15.92 -7.35
C ILE H 385 28.70 -16.41 -6.01
N ASP H 386 28.85 -15.54 -5.01
CA ASP H 386 29.47 -15.96 -3.75
C ASP H 386 28.58 -16.95 -3.05
N TYR H 387 27.30 -16.80 -3.25
CA TYR H 387 26.34 -17.67 -2.62
C TYR H 387 26.46 -19.10 -3.13
N VAL H 388 26.56 -19.22 -4.46
CA VAL H 388 26.59 -20.48 -5.16
C VAL H 388 27.92 -21.17 -4.81
N ALA H 389 29.03 -20.43 -4.84
CA ALA H 389 30.34 -21.04 -4.61
C ALA H 389 30.46 -21.62 -3.18
N ASN H 390 29.93 -20.85 -2.25
CA ASN H 390 29.96 -21.24 -0.85
C ASN H 390 28.97 -22.39 -0.57
N ALA H 391 27.86 -22.42 -1.31
CA ALA H 391 26.93 -23.55 -1.27
C ALA H 391 27.72 -24.76 -1.73
N MET H 392 28.47 -24.58 -2.81
CA MET H 392 29.19 -25.70 -3.37
C MET H 392 30.31 -26.22 -2.45
N VAL H 393 31.07 -25.30 -1.87
CA VAL H 393 32.12 -25.61 -0.92
C VAL H 393 31.53 -26.51 0.17
N ASP H 394 30.37 -26.10 0.70
CA ASP H 394 29.73 -26.78 1.81
C ASP H 394 29.34 -28.20 1.40
N VAL H 395 28.65 -28.34 0.28
CA VAL H 395 28.20 -29.63 -0.22
C VAL H 395 29.34 -30.62 -0.60
N LEU H 396 30.45 -30.06 -1.12
CA LEU H 396 31.65 -30.79 -1.48
C LEU H 396 32.45 -31.21 -0.25
N LYS H 397 32.22 -30.62 0.91
CA LYS H 397 32.83 -31.18 2.13
C LYS H 397 31.96 -32.29 2.78
N ASP H 398 30.70 -31.98 3.09
CA ASP H 398 29.69 -32.88 3.72
C ASP H 398 29.93 -33.11 5.22
#